data_3AB4
#
_entry.id   3AB4
#
_cell.length_a   99.033
_cell.length_b   112.874
_cell.length_c   120.009
_cell.angle_alpha   76.03
_cell.angle_beta   71.07
_cell.angle_gamma   74.50
#
_symmetry.space_group_name_H-M   'P 1'
#
loop_
_entity.id
_entity.type
_entity.pdbx_description
1 polymer Aspartokinase
2 polymer Aspartokinase
3 non-polymer THREONINE
4 non-polymer LYSINE
5 water water
#
loop_
_entity_poly.entity_id
_entity_poly.type
_entity_poly.pdbx_seq_one_letter_code
_entity_poly.pdbx_strand_id
1 'polypeptide(L)'
;MALVVQKYGGSSLESAERIRNVAERIVATKKAGNDVVVVCSAMGDTTDELLELAAAVNPVPPAREMDMLLTAGERISNAL
VAMAIESLGAEAQSFTGSQAGVLTTERHGNARIVDVTPGRVREALDEGKICIVAGFQGVNKETRDVTTLGRGGSDTTAVA
LAAALNADVCEIYSDVDGVYTADPRIVPNAQKLEKLSFEEMLELAAVGSKILVLRSVEYARAFNVPLRVRSSYSNDPGTL
IAGSMEDIPVEEAVLTGVATDKSEAKVTVLGISDKPGEAAKVFRALADAEINIDMVLQNVFSVEDGTTDITFTCPRSDGR
RAMEILKKLQVQGNWTNVLYDDQVGKVSLVGAGMKSHPGVTAEFMEALRDVNVNIELISTSEIRISVLIREDDLDAAARA
LHEQFQLGGEDEAVVYAGTGR
;
A,C,E,G,I,K,M,O
2 'polypeptide(L)'
;MEEAVLTGVATDKSEAKVTVLGISDKPGEAAKVFRALADAEINIDMVLQNVFSVEDGTTDITFTCPRSDGRRAMEILKKL
QVQGNWTNVLYDDQVGKVSLVGAGMKSHPGVTAEFMEALRDVNVNIELISTSEIRISVLIREDDLDAAARALHEQFQLGG
EDEAVVYAGTGRHHHHHH
;
B,D,F,H,J,L,N,P
#
# COMPACT_ATOMS: atom_id res chain seq x y z
N ALA A 2 -19.02 -13.29 -54.72
CA ALA A 2 -18.80 -13.74 -53.31
C ALA A 2 -18.38 -12.54 -52.47
N LEU A 3 -19.36 -11.74 -52.06
CA LEU A 3 -19.09 -10.47 -51.40
C LEU A 3 -19.40 -10.58 -49.91
N VAL A 4 -18.51 -10.04 -49.08
CA VAL A 4 -18.59 -10.21 -47.63
C VAL A 4 -18.21 -8.92 -46.91
N VAL A 5 -19.15 -8.37 -46.14
CA VAL A 5 -18.90 -7.18 -45.36
C VAL A 5 -18.49 -7.62 -43.98
N GLN A 6 -17.44 -6.98 -43.45
CA GLN A 6 -16.97 -7.32 -42.12
C GLN A 6 -16.89 -6.09 -41.27
N LYS A 7 -17.61 -6.09 -40.14
CA LYS A 7 -17.52 -5.02 -39.17
C LYS A 7 -16.70 -5.49 -37.98
N TYR A 8 -15.63 -4.75 -37.66
CA TYR A 8 -14.80 -5.08 -36.50
C TYR A 8 -15.05 -4.13 -35.33
N GLY A 9 -15.45 -4.71 -34.20
CA GLY A 9 -15.78 -3.96 -33.00
C GLY A 9 -14.54 -3.39 -32.40
N GLY A 10 -14.69 -2.59 -31.35
CA GLY A 10 -13.55 -1.91 -30.72
C GLY A 10 -12.66 -2.87 -29.95
N SER A 11 -13.26 -3.96 -29.45
CA SER A 11 -12.51 -5.03 -28.79
C SER A 11 -11.60 -5.79 -29.76
N SER A 12 -12.01 -5.90 -31.02
CA SER A 12 -11.23 -6.57 -32.05
C SER A 12 -10.01 -5.76 -32.50
N LEU A 13 -9.99 -4.47 -32.17
CA LEU A 13 -8.95 -3.55 -32.64
C LEU A 13 -8.33 -2.75 -31.49
N GLU A 14 -8.25 -3.35 -30.30
CA GLU A 14 -7.78 -2.60 -29.11
C GLU A 14 -6.27 -2.34 -29.08
N SER A 15 -5.50 -2.99 -29.94
CA SER A 15 -4.05 -2.75 -30.00
C SER A 15 -3.48 -3.06 -31.39
N ALA A 16 -2.25 -2.61 -31.63
CA ALA A 16 -1.54 -2.86 -32.88
C ALA A 16 -1.54 -4.34 -33.24
N GLU A 17 -1.18 -5.18 -32.27
CA GLU A 17 -1.24 -6.62 -32.45
C GLU A 17 -2.60 -7.09 -32.97
N ARG A 18 -3.68 -6.69 -32.32
CA ARG A 18 -5.02 -7.12 -32.74
C ARG A 18 -5.41 -6.54 -34.11
N ILE A 19 -4.98 -5.32 -34.39
CA ILE A 19 -5.21 -4.71 -35.71
C ILE A 19 -4.52 -5.52 -36.82
N ARG A 20 -3.25 -5.86 -36.64
CA ARG A 20 -2.53 -6.67 -37.61
C ARG A 20 -3.25 -8.02 -37.78
N ASN A 21 -3.65 -8.58 -36.65
CA ASN A 21 -4.30 -9.87 -36.63
C ASN A 21 -5.66 -9.81 -37.33
N VAL A 22 -6.34 -8.68 -37.26
CA VAL A 22 -7.56 -8.45 -38.06
C VAL A 22 -7.29 -8.28 -39.57
N ALA A 23 -6.26 -7.51 -39.92
CA ALA A 23 -5.83 -7.34 -41.31
C ALA A 23 -5.57 -8.69 -42.02
N GLU A 24 -4.88 -9.61 -41.35
CA GLU A 24 -4.68 -10.96 -41.90
C GLU A 24 -6.01 -11.69 -42.14
N ARG A 25 -6.96 -11.56 -41.22
CA ARG A 25 -8.26 -12.21 -41.38
C ARG A 25 -9.00 -11.61 -42.58
N ILE A 26 -8.86 -10.29 -42.75
CA ILE A 26 -9.47 -9.58 -43.86
C ILE A 26 -8.88 -10.07 -45.18
N VAL A 27 -7.55 -9.98 -45.25
CA VAL A 27 -6.80 -10.41 -46.40
C VAL A 27 -6.96 -11.90 -46.68
N ALA A 28 -7.10 -12.73 -45.65
CA ALA A 28 -7.43 -14.16 -45.85
C ALA A 28 -8.83 -14.37 -46.45
N THR A 29 -9.79 -13.56 -46.03
CA THR A 29 -11.14 -13.66 -46.55
C THR A 29 -11.17 -13.35 -48.05
N LYS A 30 -10.30 -12.46 -48.49
CA LYS A 30 -10.22 -12.08 -49.90
C LYS A 30 -9.58 -13.20 -50.70
N LYS A 31 -8.40 -13.64 -50.26
CA LYS A 31 -7.68 -14.73 -50.90
C LYS A 31 -8.57 -15.95 -51.09
N ALA A 32 -9.58 -16.12 -50.24
CA ALA A 32 -10.54 -17.22 -50.39
C ALA A 32 -11.54 -16.98 -51.53
N GLY A 33 -11.29 -15.96 -52.36
CA GLY A 33 -12.08 -15.72 -53.56
C GLY A 33 -13.16 -14.66 -53.43
N ASN A 34 -13.21 -13.99 -52.28
CA ASN A 34 -14.28 -13.02 -51.99
C ASN A 34 -13.81 -11.57 -52.19
N ASP A 35 -14.72 -10.68 -52.57
CA ASP A 35 -14.48 -9.22 -52.50
C ASP A 35 -14.93 -8.80 -51.10
N VAL A 36 -14.13 -7.99 -50.42
CA VAL A 36 -14.38 -7.67 -49.03
C VAL A 36 -14.46 -6.17 -48.76
N VAL A 37 -15.52 -5.76 -48.06
CA VAL A 37 -15.64 -4.38 -47.58
C VAL A 37 -15.64 -4.43 -46.07
N VAL A 38 -14.87 -3.53 -45.44
CA VAL A 38 -14.72 -3.58 -43.98
C VAL A 38 -15.08 -2.27 -43.29
N VAL A 39 -15.73 -2.42 -42.14
CA VAL A 39 -16.18 -1.30 -41.33
C VAL A 39 -15.55 -1.41 -39.95
N CYS A 40 -14.97 -0.33 -39.47
CA CYS A 40 -14.25 -0.36 -38.19
C CYS A 40 -14.82 0.60 -37.17
N SER A 41 -15.04 0.10 -35.95
CA SER A 41 -15.26 0.95 -34.80
C SER A 41 -13.95 1.58 -34.35
N ALA A 42 -14.00 2.50 -33.39
CA ALA A 42 -12.79 3.10 -32.87
C ALA A 42 -12.14 2.08 -31.95
N MET A 43 -10.85 2.26 -31.68
CA MET A 43 -10.07 1.27 -30.95
C MET A 43 -10.51 1.12 -29.50
N GLY A 44 -10.86 -0.11 -29.11
CA GLY A 44 -11.10 -0.39 -27.71
C GLY A 44 -12.17 0.51 -27.18
N ASP A 45 -11.88 1.19 -26.08
CA ASP A 45 -12.85 2.06 -25.43
C ASP A 45 -12.64 3.52 -25.81
N THR A 46 -12.24 3.78 -27.07
CA THR A 46 -11.95 5.14 -27.53
C THR A 46 -13.22 6.00 -27.62
N THR A 47 -14.31 5.45 -28.13
CA THR A 47 -15.54 6.25 -28.28
C THR A 47 -16.05 6.73 -26.91
N ASP A 48 -16.15 5.82 -25.95
CA ASP A 48 -16.54 6.17 -24.58
C ASP A 48 -15.64 7.28 -24.05
N GLU A 49 -14.33 7.11 -24.22
CA GLU A 49 -13.38 8.14 -23.81
C GLU A 49 -13.68 9.48 -24.51
N LEU A 50 -13.92 9.44 -25.81
CA LEU A 50 -14.31 10.65 -26.57
C LEU A 50 -15.60 11.26 -26.04
N LEU A 51 -16.59 10.41 -25.77
CA LEU A 51 -17.89 10.85 -25.22
C LEU A 51 -17.72 11.48 -23.84
N GLU A 52 -16.92 10.86 -22.97
CA GLU A 52 -16.65 11.44 -21.65
C GLU A 52 -16.01 12.83 -21.79
N LEU A 53 -15.06 12.98 -22.70
CA LEU A 53 -14.37 14.26 -22.92
C LEU A 53 -15.31 15.33 -23.48
N ALA A 54 -16.20 14.92 -24.38
CA ALA A 54 -17.26 15.80 -24.89
C ALA A 54 -18.16 16.29 -23.76
N ALA A 55 -18.67 15.33 -22.96
CA ALA A 55 -19.59 15.63 -21.87
C ALA A 55 -18.95 16.44 -20.75
N ALA A 56 -17.62 16.46 -20.69
CA ALA A 56 -16.91 17.30 -19.72
C ALA A 56 -16.82 18.74 -20.22
N VAL A 57 -16.83 18.90 -21.54
CA VAL A 57 -16.50 20.17 -22.18
C VAL A 57 -17.74 21.00 -22.54
N ASN A 58 -18.88 20.34 -22.72
CA ASN A 58 -20.08 20.97 -23.25
C ASN A 58 -21.21 19.97 -23.16
N PRO A 59 -21.93 19.94 -22.02
CA PRO A 59 -23.08 19.03 -21.95
C PRO A 59 -24.07 19.40 -23.05
N VAL A 60 -24.88 18.46 -23.50
CA VAL A 60 -25.71 18.65 -24.70
C VAL A 60 -24.92 19.33 -25.84
N PRO A 61 -23.82 18.72 -26.29
CA PRO A 61 -22.98 19.34 -27.34
C PRO A 61 -23.59 19.21 -28.73
N PRO A 62 -23.21 20.10 -29.66
CA PRO A 62 -23.80 20.01 -31.00
C PRO A 62 -23.49 18.70 -31.73
N ALA A 63 -24.38 18.32 -32.64
CA ALA A 63 -24.26 17.08 -33.40
C ALA A 63 -23.17 17.16 -34.48
N ARG A 64 -22.92 18.36 -35.00
CA ARG A 64 -21.89 18.58 -36.02
C ARG A 64 -20.49 18.72 -35.43
N GLU A 65 -20.41 18.70 -34.11
CA GLU A 65 -19.14 18.56 -33.40
C GLU A 65 -19.04 17.14 -32.82
N MET A 66 -20.17 16.48 -32.56
CA MET A 66 -20.16 15.07 -32.15
C MET A 66 -19.88 14.16 -33.34
N ASP A 67 -20.43 14.48 -34.50
CA ASP A 67 -20.13 13.74 -35.73
C ASP A 67 -18.64 13.83 -36.07
N MET A 68 -18.05 15.00 -35.85
CA MET A 68 -16.63 15.22 -36.15
C MET A 68 -15.73 14.50 -35.13
N LEU A 69 -16.19 14.39 -33.90
CA LEU A 69 -15.41 13.77 -32.84
C LEU A 69 -15.37 12.24 -32.98
N LEU A 70 -16.52 11.62 -33.26
CA LEU A 70 -16.61 10.16 -33.33
C LEU A 70 -16.16 9.59 -34.68
N THR A 71 -16.28 10.38 -35.75
CA THR A 71 -15.69 10.02 -37.04
C THR A 71 -14.15 9.97 -36.96
N ALA A 72 -13.55 10.86 -36.17
CA ALA A 72 -12.10 10.91 -36.02
C ALA A 72 -11.62 9.69 -35.24
N GLY A 73 -12.35 9.29 -34.21
CA GLY A 73 -12.01 8.08 -33.48
C GLY A 73 -12.03 6.87 -34.41
N GLU A 74 -13.07 6.80 -35.25
CA GLU A 74 -13.19 5.73 -36.24
C GLU A 74 -12.10 5.81 -37.29
N ARG A 75 -11.70 7.02 -37.66
CA ARG A 75 -10.69 7.23 -38.69
C ARG A 75 -9.33 6.66 -38.27
N ILE A 76 -9.00 6.74 -36.98
CA ILE A 76 -7.76 6.17 -36.48
C ILE A 76 -7.69 4.69 -36.85
N SER A 77 -8.72 3.93 -36.47
CA SER A 77 -8.80 2.49 -36.80
C SER A 77 -8.68 2.20 -38.29
N ASN A 78 -9.53 2.83 -39.09
CA ASN A 78 -9.50 2.74 -40.56
C ASN A 78 -8.11 2.96 -41.16
N ALA A 79 -7.39 3.98 -40.68
CA ALA A 79 -6.05 4.23 -41.17
C ALA A 79 -5.10 3.09 -40.78
N LEU A 80 -5.15 2.69 -39.51
CA LEU A 80 -4.30 1.62 -39.01
C LEU A 80 -4.59 0.28 -39.71
N VAL A 81 -5.86 -0.11 -39.77
CA VAL A 81 -6.23 -1.33 -40.49
C VAL A 81 -5.74 -1.30 -41.96
N ALA A 82 -5.88 -0.16 -42.63
CA ALA A 82 -5.41 0.02 -44.01
C ALA A 82 -3.91 -0.17 -44.12
N MET A 83 -3.13 0.42 -43.22
CA MET A 83 -1.69 0.21 -43.17
C MET A 83 -1.38 -1.27 -42.95
N ALA A 84 -2.16 -1.91 -42.09
CA ALA A 84 -1.94 -3.31 -41.74
C ALA A 84 -2.14 -4.22 -42.96
N ILE A 85 -3.26 -4.02 -43.64
CA ILE A 85 -3.62 -4.78 -44.82
C ILE A 85 -2.52 -4.65 -45.86
N GLU A 86 -2.03 -3.42 -46.04
CA GLU A 86 -0.99 -3.12 -47.02
C GLU A 86 0.36 -3.79 -46.71
N SER A 87 0.69 -3.98 -45.43
CA SER A 87 1.86 -4.81 -45.07
C SER A 87 1.68 -6.29 -45.44
N LEU A 88 0.45 -6.73 -45.58
CA LEU A 88 0.14 -8.09 -46.00
C LEU A 88 -0.03 -8.19 -47.53
N GLY A 89 0.29 -7.12 -48.27
CA GLY A 89 0.31 -7.15 -49.73
C GLY A 89 -1.05 -7.11 -50.44
N ALA A 90 -2.00 -6.40 -49.86
CA ALA A 90 -3.31 -6.19 -50.50
C ALA A 90 -3.51 -4.70 -50.66
N GLU A 91 -4.43 -4.32 -51.54
CA GLU A 91 -4.71 -2.90 -51.78
C GLU A 91 -5.95 -2.48 -51.00
N ALA A 92 -5.89 -1.30 -50.40
CA ALA A 92 -7.03 -0.77 -49.68
C ALA A 92 -7.31 0.69 -50.06
N GLN A 93 -8.57 0.99 -50.37
CA GLN A 93 -9.04 2.36 -50.52
C GLN A 93 -10.03 2.65 -49.41
N SER A 94 -9.78 3.73 -48.67
CA SER A 94 -10.63 4.14 -47.60
C SER A 94 -11.82 4.94 -48.12
N PHE A 95 -12.85 5.08 -47.31
CA PHE A 95 -14.01 5.88 -47.68
C PHE A 95 -14.62 6.55 -46.46
N THR A 96 -15.29 7.67 -46.71
CA THR A 96 -16.26 8.23 -45.78
C THR A 96 -17.65 8.09 -46.40
N GLY A 97 -18.66 8.02 -45.54
CA GLY A 97 -20.07 8.03 -45.99
C GLY A 97 -20.35 9.12 -47.00
N SER A 98 -19.75 10.29 -46.80
CA SER A 98 -19.86 11.42 -47.75
C SER A 98 -19.26 11.06 -49.11
N VAL A 116 -18.57 6.02 -49.80
CA VAL A 116 -19.55 6.99 -50.26
C VAL A 116 -20.89 6.30 -50.57
N THR A 117 -20.89 5.46 -51.61
CA THR A 117 -22.11 4.86 -52.17
C THR A 117 -21.82 3.41 -52.58
N PRO A 118 -22.86 2.67 -53.05
CA PRO A 118 -22.54 1.45 -53.77
C PRO A 118 -21.58 1.70 -54.95
N GLY A 119 -21.89 2.72 -55.73
CA GLY A 119 -21.15 3.04 -56.96
C GLY A 119 -19.65 3.01 -56.82
N ARG A 120 -19.10 3.98 -56.08
CA ARG A 120 -17.63 4.13 -55.96
C ARG A 120 -16.98 2.96 -55.22
N VAL A 121 -17.72 2.30 -54.33
CA VAL A 121 -17.26 1.09 -53.64
C VAL A 121 -17.12 -0.07 -54.64
N ARG A 122 -18.21 -0.38 -55.33
CA ARG A 122 -18.27 -1.48 -56.30
C ARG A 122 -17.20 -1.34 -57.39
N GLU A 123 -16.87 -0.09 -57.71
CA GLU A 123 -15.78 0.23 -58.64
C GLU A 123 -14.45 -0.26 -58.08
N ALA A 124 -14.17 0.10 -56.82
CA ALA A 124 -12.92 -0.31 -56.17
C ALA A 124 -12.87 -1.84 -55.94
N LEU A 125 -14.02 -2.44 -55.62
CA LEU A 125 -14.12 -3.89 -55.48
C LEU A 125 -13.75 -4.62 -56.78
N ASP A 126 -14.21 -4.12 -57.91
CA ASP A 126 -13.92 -4.76 -59.20
C ASP A 126 -12.43 -4.71 -59.53
N GLU A 127 -11.73 -3.69 -59.04
CA GLU A 127 -10.28 -3.60 -59.17
C GLU A 127 -9.56 -4.53 -58.19
N GLY A 128 -10.33 -5.21 -57.34
CA GLY A 128 -9.78 -6.10 -56.32
C GLY A 128 -9.22 -5.35 -55.12
N LYS A 129 -9.75 -4.15 -54.87
CA LYS A 129 -9.34 -3.40 -53.69
C LYS A 129 -10.24 -3.77 -52.52
N ILE A 130 -9.64 -3.98 -51.35
CA ILE A 130 -10.36 -4.12 -50.10
C ILE A 130 -10.78 -2.72 -49.65
N CYS A 131 -12.08 -2.51 -49.47
CA CYS A 131 -12.61 -1.19 -49.17
C CYS A 131 -12.97 -0.98 -47.70
N ILE A 132 -12.26 -0.08 -47.01
CA ILE A 132 -12.61 0.30 -45.64
C ILE A 132 -13.42 1.60 -45.67
N VAL A 133 -14.63 1.58 -45.10
CA VAL A 133 -15.52 2.73 -45.10
C VAL A 133 -15.85 3.17 -43.67
N GLY A 152 -25.56 7.27 -38.49
CA GLY A 152 -24.18 7.09 -38.94
C GLY A 152 -23.36 6.18 -38.04
N GLY A 153 -24.01 5.14 -37.50
CA GLY A 153 -23.36 4.14 -36.61
C GLY A 153 -22.69 2.99 -37.35
N SER A 154 -21.69 2.39 -36.71
CA SER A 154 -20.83 1.40 -37.37
C SER A 154 -21.58 0.13 -37.74
N ASP A 155 -22.31 -0.44 -36.79
CA ASP A 155 -23.14 -1.63 -37.05
C ASP A 155 -24.12 -1.37 -38.20
N THR A 156 -24.74 -0.18 -38.19
CA THR A 156 -25.75 0.17 -39.16
C THR A 156 -25.13 0.43 -40.53
N THR A 157 -23.94 1.03 -40.53
CA THR A 157 -23.25 1.30 -41.79
C THR A 157 -22.89 -0.02 -42.47
N ALA A 158 -22.35 -0.97 -41.71
CA ALA A 158 -21.96 -2.26 -42.25
C ALA A 158 -23.16 -2.97 -42.87
N VAL A 159 -24.27 -3.00 -42.15
CA VAL A 159 -25.47 -3.68 -42.67
C VAL A 159 -26.07 -2.91 -43.85
N ALA A 160 -26.07 -1.59 -43.75
CA ALA A 160 -26.49 -0.73 -44.87
C ALA A 160 -25.71 -1.07 -46.13
N LEU A 161 -24.38 -1.16 -46.00
CA LEU A 161 -23.53 -1.44 -47.14
C LEU A 161 -23.82 -2.79 -47.75
N ALA A 162 -23.72 -3.85 -46.95
CA ALA A 162 -24.08 -5.19 -47.39
C ALA A 162 -25.37 -5.14 -48.20
N ALA A 163 -26.38 -4.46 -47.65
CA ALA A 163 -27.65 -4.30 -48.35
C ALA A 163 -27.44 -3.66 -49.73
N ALA A 164 -26.84 -2.48 -49.76
CA ALA A 164 -26.69 -1.75 -51.02
C ALA A 164 -25.87 -2.55 -52.03
N LEU A 165 -24.71 -3.06 -51.59
CA LEU A 165 -23.85 -3.86 -52.45
C LEU A 165 -24.40 -5.26 -52.73
N ASN A 166 -25.48 -5.66 -52.05
CA ASN A 166 -26.07 -6.99 -52.26
C ASN A 166 -25.14 -8.14 -51.84
N ALA A 167 -24.63 -8.05 -50.61
CA ALA A 167 -23.65 -8.99 -50.05
C ALA A 167 -24.24 -10.32 -49.60
N ASP A 168 -23.42 -11.37 -49.65
CA ASP A 168 -23.82 -12.69 -49.17
C ASP A 168 -23.94 -12.72 -47.65
N VAL A 169 -22.99 -12.07 -46.98
CA VAL A 169 -23.03 -11.91 -45.52
C VAL A 169 -22.46 -10.58 -45.10
N CYS A 170 -22.93 -10.12 -43.95
CA CYS A 170 -22.30 -9.07 -43.17
C CYS A 170 -21.93 -9.71 -41.85
N GLU A 171 -20.62 -9.84 -41.63
CA GLU A 171 -20.07 -10.46 -40.41
C GLU A 171 -19.74 -9.40 -39.38
N ILE A 172 -20.18 -9.62 -38.15
CA ILE A 172 -19.97 -8.70 -37.05
C ILE A 172 -18.97 -9.32 -36.08
N TYR A 173 -17.76 -8.78 -36.05
CA TYR A 173 -16.69 -9.34 -35.22
C TYR A 173 -16.54 -8.58 -33.90
N SER A 174 -16.26 -9.32 -32.85
CA SER A 174 -16.07 -8.75 -31.54
C SER A 174 -15.31 -9.79 -30.68
N ASP A 175 -15.42 -9.68 -29.36
CA ASP A 175 -14.83 -10.68 -28.47
C ASP A 175 -15.83 -11.73 -27.99
N VAL A 176 -17.08 -11.68 -28.46
CA VAL A 176 -18.05 -12.75 -28.16
C VAL A 176 -18.23 -13.57 -29.43
N ASP A 177 -18.07 -14.88 -29.30
CA ASP A 177 -18.05 -15.77 -30.46
C ASP A 177 -19.42 -16.23 -30.97
N GLY A 178 -20.49 -15.61 -30.49
CA GLY A 178 -21.83 -15.96 -30.93
C GLY A 178 -22.92 -15.43 -30.03
N VAL A 179 -24.16 -15.73 -30.39
CA VAL A 179 -25.28 -15.41 -29.52
C VAL A 179 -25.70 -16.69 -28.85
N TYR A 180 -25.98 -16.60 -27.55
CA TYR A 180 -26.18 -17.76 -26.70
C TYR A 180 -27.62 -17.92 -26.26
N THR A 181 -27.94 -19.11 -25.75
CA THR A 181 -29.30 -19.43 -25.33
C THR A 181 -29.71 -18.68 -24.07
N ALA A 182 -28.73 -18.06 -23.39
CA ALA A 182 -28.96 -17.22 -22.22
C ALA A 182 -27.64 -16.55 -21.82
N ASP A 183 -27.68 -15.62 -20.87
CA ASP A 183 -26.46 -15.02 -20.30
C ASP A 183 -25.64 -16.07 -19.54
N PRO A 184 -24.45 -16.42 -20.04
CA PRO A 184 -23.64 -17.51 -19.42
C PRO A 184 -23.24 -17.31 -17.94
N ARG A 185 -23.10 -16.06 -17.51
CA ARG A 185 -22.82 -15.81 -16.10
C ARG A 185 -23.96 -16.28 -15.20
N ILE A 186 -25.20 -16.12 -15.69
CA ILE A 186 -26.40 -16.37 -14.92
C ILE A 186 -26.81 -17.83 -15.10
N VAL A 187 -26.97 -18.24 -16.36
CA VAL A 187 -27.28 -19.62 -16.69
C VAL A 187 -25.95 -20.24 -17.15
N PRO A 188 -25.44 -21.23 -16.40
CA PRO A 188 -24.07 -21.69 -16.67
C PRO A 188 -23.93 -22.64 -17.86
N ASN A 189 -24.95 -23.45 -18.13
CA ASN A 189 -24.94 -24.39 -19.26
C ASN A 189 -25.67 -23.85 -20.51
N ALA A 190 -25.53 -22.53 -20.72
CA ALA A 190 -26.04 -21.86 -21.90
C ALA A 190 -25.13 -22.12 -23.12
N GLN A 191 -25.76 -22.45 -24.24
CA GLN A 191 -25.08 -22.90 -25.46
C GLN A 191 -25.06 -21.80 -26.51
N LYS A 192 -24.02 -21.81 -27.35
CA LYS A 192 -23.96 -20.93 -28.52
C LYS A 192 -25.00 -21.41 -29.54
N LEU A 193 -25.77 -20.48 -30.10
CA LEU A 193 -26.73 -20.81 -31.13
C LEU A 193 -26.00 -20.99 -32.45
N GLU A 194 -26.34 -22.05 -33.19
CA GLU A 194 -25.84 -22.20 -34.56
C GLU A 194 -26.46 -21.14 -35.47
N LYS A 195 -27.77 -21.01 -35.44
CA LYS A 195 -28.43 -20.06 -36.33
C LYS A 195 -29.71 -19.55 -35.71
N LEU A 196 -30.19 -18.43 -36.23
CA LEU A 196 -31.28 -17.68 -35.65
C LEU A 196 -31.95 -16.88 -36.76
N SER A 197 -33.26 -16.66 -36.67
CA SER A 197 -33.95 -15.80 -37.62
C SER A 197 -33.85 -14.32 -37.27
N PHE A 198 -34.05 -13.45 -38.25
CA PHE A 198 -33.97 -12.01 -38.03
C PHE A 198 -34.83 -11.59 -36.88
N GLU A 199 -36.09 -11.97 -36.92
CA GLU A 199 -37.00 -11.50 -35.90
C GLU A 199 -36.69 -12.15 -34.55
N GLU A 200 -36.24 -13.39 -34.52
CA GLU A 200 -35.81 -13.99 -33.25
C GLU A 200 -34.65 -13.19 -32.62
N MET A 201 -33.67 -12.79 -33.43
CA MET A 201 -32.58 -11.94 -32.94
C MET A 201 -33.09 -10.56 -32.52
N LEU A 202 -33.99 -10.03 -33.32
CA LEU A 202 -34.60 -8.73 -33.04
C LEU A 202 -35.30 -8.76 -31.70
N GLU A 203 -36.03 -9.85 -31.47
CA GLU A 203 -36.90 -9.97 -30.32
C GLU A 203 -36.05 -10.10 -29.04
N LEU A 204 -35.07 -11.01 -29.05
CA LEU A 204 -34.11 -11.11 -27.94
C LEU A 204 -33.44 -9.77 -27.65
N ALA A 205 -32.96 -9.07 -28.67
CA ALA A 205 -32.34 -7.73 -28.47
C ALA A 205 -33.26 -6.72 -27.82
N ALA A 206 -34.57 -6.86 -28.06
CA ALA A 206 -35.55 -5.91 -27.52
C ALA A 206 -35.73 -6.03 -26.01
N VAL A 207 -35.40 -7.19 -25.42
CA VAL A 207 -35.70 -7.41 -24.02
C VAL A 207 -34.52 -7.83 -23.14
N GLY A 208 -33.30 -7.55 -23.57
CA GLY A 208 -32.14 -7.80 -22.71
C GLY A 208 -30.83 -7.88 -23.45
N SER A 209 -30.82 -8.61 -24.57
CA SER A 209 -29.58 -8.79 -25.33
C SER A 209 -29.04 -7.47 -25.88
N LYS A 210 -27.72 -7.33 -25.92
CA LYS A 210 -27.07 -6.10 -26.37
C LYS A 210 -25.89 -6.35 -27.32
N ILE A 211 -25.92 -7.48 -28.03
CA ILE A 211 -24.85 -7.86 -28.95
C ILE A 211 -24.83 -6.98 -30.19
N LEU A 212 -25.88 -7.05 -30.99
CA LEU A 212 -26.01 -6.17 -32.14
C LEU A 212 -26.88 -4.99 -31.77
N VAL A 213 -26.62 -3.83 -32.36
CA VAL A 213 -27.51 -2.69 -32.17
C VAL A 213 -28.80 -2.97 -32.93
N LEU A 214 -29.94 -2.66 -32.31
CA LEU A 214 -31.25 -3.07 -32.82
C LEU A 214 -31.50 -2.65 -34.25
N ARG A 215 -31.23 -1.38 -34.57
CA ARG A 215 -31.60 -0.87 -35.88
C ARG A 215 -30.82 -1.53 -36.99
N SER A 216 -29.63 -2.05 -36.67
CA SER A 216 -28.85 -2.76 -37.69
C SER A 216 -29.51 -4.11 -37.99
N VAL A 217 -29.96 -4.83 -36.97
CA VAL A 217 -30.68 -6.10 -37.23
C VAL A 217 -31.96 -5.84 -38.02
N GLU A 218 -32.66 -4.77 -37.70
CA GLU A 218 -33.88 -4.41 -38.44
C GLU A 218 -33.57 -4.11 -39.90
N TYR A 219 -32.46 -3.42 -40.15
CA TYR A 219 -32.00 -3.17 -41.51
C TYR A 219 -31.76 -4.50 -42.22
N ALA A 220 -31.11 -5.43 -41.54
CA ALA A 220 -30.85 -6.75 -42.10
C ALA A 220 -32.15 -7.50 -42.46
N ARG A 221 -33.14 -7.43 -41.58
CA ARG A 221 -34.45 -8.03 -41.82
C ARG A 221 -35.13 -7.49 -43.10
N ALA A 222 -35.14 -6.17 -43.23
CA ALA A 222 -35.82 -5.51 -44.35
C ALA A 222 -35.12 -5.76 -45.67
N PHE A 223 -33.80 -5.60 -45.69
CA PHE A 223 -33.03 -5.82 -46.90
C PHE A 223 -32.51 -7.25 -47.00
N ASN A 224 -32.99 -8.12 -46.10
CA ASN A 224 -32.69 -9.54 -46.14
C ASN A 224 -31.19 -9.86 -46.24
N VAL A 225 -30.40 -9.25 -45.34
CA VAL A 225 -28.93 -9.38 -45.33
C VAL A 225 -28.43 -10.34 -44.22
N PRO A 226 -27.99 -11.55 -44.60
CA PRO A 226 -27.52 -12.49 -43.58
C PRO A 226 -26.36 -11.94 -42.72
N LEU A 227 -26.51 -12.08 -41.40
CA LEU A 227 -25.50 -11.66 -40.43
C LEU A 227 -24.80 -12.86 -39.79
N ARG A 228 -23.52 -12.68 -39.48
CA ARG A 228 -22.73 -13.66 -38.77
C ARG A 228 -22.14 -12.99 -37.55
N VAL A 229 -22.60 -13.36 -36.36
CA VAL A 229 -21.97 -12.89 -35.12
C VAL A 229 -20.83 -13.86 -34.76
N ARG A 230 -19.60 -13.37 -34.74
CA ARG A 230 -18.45 -14.26 -34.52
C ARG A 230 -17.28 -13.54 -33.88
N SER A 231 -16.35 -14.32 -33.34
CA SER A 231 -15.18 -13.76 -32.66
C SER A 231 -14.02 -13.46 -33.61
N SER A 232 -13.32 -12.34 -33.37
CA SER A 232 -12.05 -12.02 -34.03
C SER A 232 -10.87 -12.57 -33.25
N TYR A 233 -11.14 -13.27 -32.15
CA TYR A 233 -10.09 -13.83 -31.31
C TYR A 233 -10.01 -15.33 -31.48
N SER A 234 -10.87 -15.90 -32.34
CA SER A 234 -10.86 -17.33 -32.61
C SER A 234 -11.28 -17.66 -34.06
N ASN A 235 -11.46 -18.95 -34.34
CA ASN A 235 -11.85 -19.45 -35.66
C ASN A 235 -13.26 -20.05 -35.68
N ASP A 236 -13.92 -19.99 -34.52
CA ASP A 236 -15.27 -20.50 -34.37
C ASP A 236 -16.21 -19.76 -35.32
N PRO A 237 -17.00 -20.50 -36.10
CA PRO A 237 -17.87 -19.88 -37.11
C PRO A 237 -19.04 -19.03 -36.58
N GLY A 238 -19.22 -18.98 -35.27
CA GLY A 238 -20.19 -18.08 -34.67
C GLY A 238 -21.62 -18.47 -34.97
N THR A 239 -22.49 -17.47 -35.06
CA THR A 239 -23.92 -17.68 -35.19
C THR A 239 -24.46 -16.95 -36.41
N LEU A 240 -25.28 -17.65 -37.20
CA LEU A 240 -25.90 -17.08 -38.38
C LEU A 240 -27.24 -16.46 -37.96
N ILE A 241 -27.43 -15.17 -38.21
CA ILE A 241 -28.77 -14.57 -38.20
C ILE A 241 -29.21 -14.43 -39.65
N ALA A 242 -30.07 -15.30 -40.15
CA ALA A 242 -30.33 -15.37 -41.60
C ALA A 242 -31.79 -15.27 -42.06
N GLY A 243 -32.63 -16.25 -41.80
CA GLY A 243 -33.94 -16.22 -42.48
C GLY A 243 -34.95 -15.32 -41.82
N SER A 244 -36.15 -15.24 -42.41
CA SER A 244 -37.32 -14.75 -41.72
C SER A 244 -38.01 -15.96 -41.09
N MET A 245 -38.42 -15.83 -39.83
CA MET A 245 -39.19 -16.90 -39.17
C MET A 245 -40.52 -17.16 -39.85
N GLU A 246 -40.95 -16.24 -40.72
CA GLU A 246 -42.07 -16.52 -41.60
C GLU A 246 -41.79 -17.75 -42.45
N ASP A 247 -40.56 -17.88 -42.94
CA ASP A 247 -40.18 -18.97 -43.86
C ASP A 247 -39.39 -20.12 -43.19
N ILE A 248 -39.50 -20.22 -41.87
CA ILE A 248 -39.04 -21.42 -41.15
C ILE A 248 -40.21 -22.41 -41.17
N PRO A 249 -39.99 -23.64 -41.68
CA PRO A 249 -41.10 -24.59 -41.62
C PRO A 249 -41.48 -24.89 -40.17
N VAL A 250 -42.79 -24.98 -39.91
CA VAL A 250 -43.33 -25.20 -38.57
C VAL A 250 -42.57 -26.28 -37.79
N GLU A 251 -42.15 -27.34 -38.50
CA GLU A 251 -41.44 -28.48 -37.89
C GLU A 251 -39.99 -28.15 -37.50
N GLU A 252 -39.35 -27.21 -38.21
CA GLU A 252 -37.99 -26.78 -37.83
C GLU A 252 -38.01 -25.63 -36.85
N ALA A 253 -39.18 -25.06 -36.59
CA ALA A 253 -39.29 -23.91 -35.70
C ALA A 253 -39.07 -24.33 -34.24
N VAL A 254 -38.19 -23.61 -33.54
CA VAL A 254 -37.79 -24.01 -32.20
C VAL A 254 -37.71 -22.82 -31.21
N LEU A 255 -37.38 -23.10 -29.95
CA LEU A 255 -37.17 -22.06 -28.94
C LEU A 255 -35.70 -21.67 -28.94
N THR A 256 -35.43 -20.38 -28.87
CA THR A 256 -34.13 -19.83 -29.19
C THR A 256 -33.33 -19.37 -27.99
N GLY A 257 -33.94 -18.57 -27.12
CA GLY A 257 -33.19 -17.99 -26.01
C GLY A 257 -34.01 -17.53 -24.81
N VAL A 258 -33.32 -17.28 -23.70
CA VAL A 258 -33.90 -16.66 -22.51
C VAL A 258 -33.14 -15.38 -22.24
N ALA A 259 -33.85 -14.29 -22.01
CA ALA A 259 -33.19 -12.99 -21.80
C ALA A 259 -33.67 -12.31 -20.53
N THR A 260 -32.82 -11.47 -19.98
CA THR A 260 -32.99 -10.91 -18.66
C THR A 260 -32.69 -9.42 -18.69
N ASP A 261 -33.51 -8.64 -18.00
CA ASP A 261 -33.26 -7.22 -17.85
C ASP A 261 -33.58 -6.78 -16.43
N LYS A 262 -32.57 -6.20 -15.77
CA LYS A 262 -32.69 -5.69 -14.41
C LYS A 262 -32.39 -4.19 -14.34
N SER A 263 -32.49 -3.50 -15.46
CA SER A 263 -32.20 -2.07 -15.53
C SER A 263 -33.44 -1.18 -15.60
N GLU A 264 -34.64 -1.76 -15.48
CA GLU A 264 -35.89 -1.00 -15.67
C GLU A 264 -36.60 -0.70 -14.37
N ALA A 265 -37.34 0.40 -14.36
CA ALA A 265 -38.33 0.67 -13.32
C ALA A 265 -39.70 0.56 -13.95
N LYS A 266 -40.71 0.28 -13.14
CA LYS A 266 -42.07 0.11 -13.61
C LYS A 266 -42.91 1.25 -13.03
N VAL A 267 -43.53 2.03 -13.91
CA VAL A 267 -44.37 3.14 -13.49
C VAL A 267 -45.78 2.79 -13.89
N THR A 268 -46.73 2.94 -12.98
CA THR A 268 -48.13 2.64 -13.23
C THR A 268 -48.97 3.87 -12.98
N VAL A 269 -49.84 4.21 -13.92
CA VAL A 269 -50.73 5.37 -13.84
C VAL A 269 -52.15 4.87 -13.69
N LEU A 270 -52.81 5.24 -12.60
CA LEU A 270 -54.13 4.68 -12.27
C LEU A 270 -55.23 5.68 -12.62
N GLY A 271 -56.43 5.17 -12.90
CA GLY A 271 -57.60 6.02 -13.13
C GLY A 271 -57.47 6.98 -14.31
N ILE A 272 -57.04 6.47 -15.46
CA ILE A 272 -57.05 7.26 -16.69
C ILE A 272 -58.42 7.07 -17.33
N SER A 273 -59.06 8.15 -17.75
CA SER A 273 -60.42 8.04 -18.32
C SER A 273 -60.36 7.38 -19.70
N ASP A 274 -61.29 6.47 -19.94
CA ASP A 274 -61.34 5.73 -21.20
C ASP A 274 -61.94 6.57 -22.33
N LYS A 275 -61.13 7.48 -22.86
CA LYS A 275 -61.55 8.38 -23.91
C LYS A 275 -60.34 8.69 -24.81
N PRO A 276 -60.56 8.94 -26.11
CA PRO A 276 -59.46 9.24 -27.04
C PRO A 276 -58.60 10.40 -26.58
N GLY A 277 -57.29 10.26 -26.68
CA GLY A 277 -56.35 11.33 -26.34
C GLY A 277 -55.81 11.29 -24.93
N GLU A 278 -56.37 10.42 -24.10
CA GLU A 278 -55.91 10.34 -22.71
C GLU A 278 -54.55 9.64 -22.63
N ALA A 279 -54.38 8.53 -23.37
CA ALA A 279 -53.06 7.91 -23.48
C ALA A 279 -51.99 8.92 -23.92
N ALA A 280 -52.32 9.80 -24.87
CA ALA A 280 -51.39 10.80 -25.44
C ALA A 280 -50.82 11.79 -24.40
N LYS A 281 -51.67 12.19 -23.47
CA LYS A 281 -51.24 13.11 -22.42
C LYS A 281 -50.04 12.52 -21.70
N VAL A 282 -50.17 11.25 -21.32
CA VAL A 282 -49.10 10.56 -20.60
C VAL A 282 -47.78 10.59 -21.34
N PHE A 283 -47.80 10.21 -22.61
CA PHE A 283 -46.56 9.98 -23.36
C PHE A 283 -45.95 11.21 -23.99
N ARG A 284 -46.77 12.20 -24.35
CA ARG A 284 -46.24 13.48 -24.78
C ARG A 284 -45.38 14.06 -23.66
N ALA A 285 -45.95 14.06 -22.46
CA ALA A 285 -45.28 14.59 -21.27
C ALA A 285 -44.01 13.80 -20.94
N LEU A 286 -44.01 12.49 -21.14
CA LEU A 286 -42.78 11.73 -20.93
C LEU A 286 -41.78 11.99 -22.06
N ALA A 287 -42.26 12.06 -23.30
CA ALA A 287 -41.39 12.33 -24.44
C ALA A 287 -40.81 13.75 -24.36
N ASP A 288 -41.63 14.73 -24.01
CA ASP A 288 -41.13 16.10 -23.89
C ASP A 288 -39.98 16.20 -22.86
N ALA A 289 -39.94 15.24 -21.92
CA ALA A 289 -38.86 15.14 -20.93
C ALA A 289 -37.81 14.09 -21.32
N GLU A 290 -37.86 13.63 -22.57
CA GLU A 290 -36.89 12.67 -23.09
C GLU A 290 -36.78 11.39 -22.26
N ILE A 291 -37.90 10.94 -21.69
CA ILE A 291 -37.91 9.70 -20.91
C ILE A 291 -38.11 8.50 -21.82
N ASN A 292 -37.17 7.55 -21.74
CA ASN A 292 -37.17 6.39 -22.59
C ASN A 292 -38.23 5.38 -22.21
N ILE A 293 -39.22 5.22 -23.07
CA ILE A 293 -40.32 4.31 -22.79
C ILE A 293 -40.05 2.99 -23.49
N ASP A 294 -39.86 1.98 -22.68
CA ASP A 294 -39.79 0.62 -23.13
C ASP A 294 -41.16 0.06 -22.78
N MET A 295 -41.58 -1.02 -23.40
CA MET A 295 -42.80 -1.74 -22.96
C MET A 295 -43.85 -0.84 -22.28
N VAL A 296 -45.02 -0.71 -22.89
CA VAL A 296 -46.16 -0.06 -22.26
C VAL A 296 -47.32 -0.99 -22.38
N LEU A 297 -48.14 -1.03 -21.34
CA LEU A 297 -49.17 -2.02 -21.22
C LEU A 297 -50.42 -1.38 -20.68
N GLN A 298 -51.54 -1.66 -21.35
CA GLN A 298 -52.85 -1.23 -20.92
C GLN A 298 -53.80 -2.38 -21.20
N ASN A 299 -54.53 -2.80 -20.18
CA ASN A 299 -55.48 -3.87 -20.34
C ASN A 299 -56.88 -3.32 -20.40
N VAL A 300 -57.83 -4.15 -20.82
CA VAL A 300 -59.22 -3.75 -21.03
C VAL A 300 -59.86 -2.96 -19.85
N PHE A 301 -60.62 -1.93 -20.20
CA PHE A 301 -61.45 -1.22 -19.24
C PHE A 301 -62.44 -2.19 -18.57
N SER A 302 -62.59 -2.04 -17.25
CA SER A 302 -63.45 -2.95 -16.49
C SER A 302 -64.20 -2.18 -15.39
N ASP A 305 -64.86 1.58 -12.10
CA ASP A 305 -65.26 2.89 -12.60
C ASP A 305 -64.95 3.01 -14.08
N GLY A 306 -65.32 4.16 -14.68
CA GLY A 306 -65.16 4.38 -16.12
C GLY A 306 -63.73 4.72 -16.49
N THR A 307 -62.80 3.87 -16.06
CA THR A 307 -61.38 4.20 -16.10
C THR A 307 -60.49 2.97 -16.35
N THR A 308 -59.30 3.22 -16.89
CA THR A 308 -58.31 2.18 -17.08
C THR A 308 -57.04 2.68 -16.42
N ASP A 309 -55.98 1.88 -16.55
CA ASP A 309 -54.68 2.16 -15.96
C ASP A 309 -53.63 1.90 -17.02
N ILE A 310 -52.49 2.57 -16.91
CA ILE A 310 -51.42 2.33 -17.87
C ILE A 310 -50.11 2.15 -17.13
N THR A 311 -49.36 1.09 -17.44
CA THR A 311 -48.04 0.93 -16.87
C THR A 311 -46.98 0.99 -17.96
N PHE A 312 -45.77 1.35 -17.59
CA PHE A 312 -44.70 1.33 -18.55
C PHE A 312 -43.39 1.19 -17.83
N THR A 313 -42.43 0.56 -18.48
CA THR A 313 -41.09 0.45 -17.90
C THR A 313 -40.18 1.53 -18.48
N CYS A 314 -39.20 1.97 -17.69
CA CYS A 314 -38.20 2.93 -18.18
C CYS A 314 -36.86 2.62 -17.52
N PRO A 315 -35.74 3.09 -18.11
CA PRO A 315 -34.48 2.92 -17.39
C PRO A 315 -34.64 3.45 -15.97
N ARG A 316 -34.03 2.77 -15.01
CA ARG A 316 -34.04 3.23 -13.63
C ARG A 316 -33.51 4.68 -13.45
N SER A 317 -32.59 5.13 -14.32
CA SER A 317 -32.14 6.53 -14.31
C SER A 317 -33.30 7.49 -14.56
N ASP A 318 -34.25 7.08 -15.39
CA ASP A 318 -35.33 7.97 -15.78
C ASP A 318 -36.49 7.94 -14.82
N GLY A 319 -36.52 6.93 -13.96
CA GLY A 319 -37.68 6.67 -13.11
C GLY A 319 -38.09 7.85 -12.26
N ARG A 320 -37.09 8.60 -11.82
CA ARG A 320 -37.31 9.72 -10.94
C ARG A 320 -37.96 10.92 -11.65
N ARG A 321 -37.36 11.35 -12.76
CA ARG A 321 -37.96 12.38 -13.61
C ARG A 321 -39.36 11.98 -14.08
N ALA A 322 -39.54 10.70 -14.42
CA ALA A 322 -40.85 10.24 -14.91
C ALA A 322 -41.92 10.41 -13.86
N MET A 323 -41.59 10.10 -12.61
CA MET A 323 -42.53 10.24 -11.51
C MET A 323 -42.85 11.69 -11.21
N GLU A 324 -41.86 12.57 -11.30
CA GLU A 324 -42.11 14.00 -11.02
C GLU A 324 -43.09 14.57 -12.04
N ILE A 325 -42.79 14.39 -13.32
CA ILE A 325 -43.68 14.86 -14.38
C ILE A 325 -45.09 14.33 -14.15
N LEU A 326 -45.22 13.03 -13.99
CA LEU A 326 -46.54 12.39 -13.89
C LEU A 326 -47.27 12.77 -12.60
N LYS A 327 -46.54 12.83 -11.49
CA LYS A 327 -47.17 13.14 -10.20
C LYS A 327 -47.73 14.57 -10.14
N LYS A 328 -47.11 15.51 -10.84
CA LYS A 328 -47.62 16.89 -10.84
C LYS A 328 -48.72 17.12 -11.89
N LEU A 329 -48.88 16.19 -12.84
CA LEU A 329 -50.07 16.15 -13.69
C LEU A 329 -51.20 15.31 -13.09
N GLN A 330 -50.92 14.60 -11.99
CA GLN A 330 -51.97 13.88 -11.24
C GLN A 330 -52.93 14.91 -10.63
N VAL A 331 -52.35 15.95 -10.01
CA VAL A 331 -53.05 17.20 -9.79
C VAL A 331 -53.64 17.64 -11.13
N GLN A 332 -54.73 18.39 -11.12
CA GLN A 332 -55.43 18.75 -12.36
C GLN A 332 -56.29 17.59 -12.90
N GLY A 333 -56.43 16.51 -12.12
CA GLY A 333 -57.47 15.50 -12.36
C GLY A 333 -57.24 14.48 -13.47
N ASN A 334 -56.08 14.55 -14.13
CA ASN A 334 -55.79 13.61 -15.22
C ASN A 334 -55.69 12.12 -14.79
N TRP A 335 -55.46 11.87 -13.50
CA TRP A 335 -55.40 10.48 -12.99
C TRP A 335 -55.37 10.40 -11.45
N THR A 336 -55.99 9.35 -10.88
CA THR A 336 -56.16 9.21 -9.42
C THR A 336 -54.89 8.92 -8.59
N ASN A 337 -53.85 8.40 -9.22
CA ASN A 337 -52.61 8.04 -8.51
C ASN A 337 -51.53 7.65 -9.51
N VAL A 338 -50.29 7.55 -9.07
CA VAL A 338 -49.20 7.10 -9.95
C VAL A 338 -48.12 6.36 -9.14
N LEU A 339 -48.00 5.05 -9.39
CA LEU A 339 -47.13 4.15 -8.62
C LEU A 339 -45.73 4.07 -9.22
N TYR A 340 -44.72 3.85 -8.37
CA TYR A 340 -43.33 3.69 -8.80
C TYR A 340 -42.69 2.44 -8.18
N ASP A 341 -41.97 1.68 -9.00
CA ASP A 341 -41.35 0.42 -8.56
C ASP A 341 -40.03 0.19 -9.31
N ASP A 342 -38.90 0.38 -8.64
CA ASP A 342 -37.58 0.19 -9.24
C ASP A 342 -36.83 -1.07 -8.80
N GLN A 343 -37.55 -2.14 -8.45
CA GLN A 343 -36.90 -3.40 -8.06
C GLN A 343 -37.47 -4.55 -8.87
N VAL A 344 -37.83 -4.20 -10.10
CA VAL A 344 -38.49 -5.09 -11.02
C VAL A 344 -37.48 -5.65 -12.03
N GLY A 345 -37.55 -6.94 -12.28
CA GLY A 345 -36.73 -7.57 -13.30
C GLY A 345 -37.63 -8.17 -14.37
N LYS A 346 -37.09 -8.22 -15.59
CA LYS A 346 -37.78 -8.71 -16.77
C LYS A 346 -37.11 -9.99 -17.27
N VAL A 347 -37.91 -11.06 -17.46
CA VAL A 347 -37.37 -12.30 -17.99
C VAL A 347 -38.23 -12.73 -19.15
N SER A 348 -37.60 -13.03 -20.28
CA SER A 348 -38.32 -13.39 -21.49
C SER A 348 -37.85 -14.72 -22.08
N LEU A 349 -38.73 -15.33 -22.85
CA LEU A 349 -38.41 -16.51 -23.65
C LEU A 349 -38.75 -16.13 -25.07
N VAL A 350 -37.81 -16.32 -26.01
CA VAL A 350 -38.11 -16.09 -27.42
C VAL A 350 -37.85 -17.31 -28.29
N GLY A 351 -38.60 -17.40 -29.39
CA GLY A 351 -38.44 -18.52 -30.32
C GLY A 351 -39.62 -18.66 -31.25
N ALA A 352 -39.33 -18.68 -32.55
CA ALA A 352 -40.38 -18.89 -33.57
C ALA A 352 -41.25 -20.11 -33.25
N GLY A 353 -40.68 -21.05 -32.49
CA GLY A 353 -41.37 -22.25 -32.04
C GLY A 353 -42.74 -22.03 -31.41
N MET A 354 -42.87 -20.96 -30.65
CA MET A 354 -44.11 -20.71 -29.93
C MET A 354 -45.21 -20.13 -30.81
N LYS A 355 -44.86 -19.64 -32.00
CA LYS A 355 -45.87 -19.06 -32.88
C LYS A 355 -47.03 -20.03 -33.19
N SER A 356 -46.71 -21.25 -33.58
CA SER A 356 -47.72 -22.21 -33.99
C SER A 356 -48.02 -23.28 -32.96
N HIS A 357 -47.40 -23.16 -31.79
CA HIS A 357 -47.48 -24.21 -30.79
C HIS A 357 -48.18 -23.77 -29.51
N PRO A 358 -49.38 -24.35 -29.25
CA PRO A 358 -50.24 -24.06 -28.10
C PRO A 358 -49.66 -24.26 -26.68
N GLY A 359 -48.65 -25.09 -26.49
CA GLY A 359 -48.26 -25.40 -25.11
C GLY A 359 -47.34 -24.47 -24.32
N VAL A 360 -46.79 -23.44 -24.96
CA VAL A 360 -45.57 -22.79 -24.41
C VAL A 360 -45.83 -21.84 -23.26
N THR A 361 -46.79 -20.95 -23.40
CA THR A 361 -47.18 -20.11 -22.25
C THR A 361 -47.42 -20.94 -20.99
N ALA A 362 -48.16 -22.05 -21.14
CA ALA A 362 -48.44 -23.00 -20.05
C ALA A 362 -47.18 -23.49 -19.33
N GLU A 363 -46.24 -24.06 -20.10
CA GLU A 363 -44.93 -24.51 -19.58
C GLU A 363 -44.17 -23.38 -18.87
N PHE A 364 -44.12 -22.23 -19.53
CA PHE A 364 -43.45 -21.03 -19.04
C PHE A 364 -44.00 -20.66 -17.67
N MET A 365 -45.32 -20.49 -17.57
CA MET A 365 -45.95 -20.12 -16.31
C MET A 365 -45.70 -21.19 -15.27
N GLU A 366 -45.90 -22.45 -15.67
CA GLU A 366 -45.68 -23.58 -14.81
C GLU A 366 -44.24 -23.66 -14.28
N ALA A 367 -43.27 -23.39 -15.14
CA ALA A 367 -41.87 -23.44 -14.71
C ALA A 367 -41.63 -22.47 -13.56
N LEU A 368 -42.14 -21.26 -13.68
CA LEU A 368 -41.96 -20.21 -12.67
C LEU A 368 -42.74 -20.52 -11.40
N ARG A 369 -43.93 -21.08 -11.55
CA ARG A 369 -44.69 -21.47 -10.38
C ARG A 369 -43.94 -22.53 -9.56
N ASP A 370 -43.16 -23.40 -10.21
CA ASP A 370 -42.61 -24.56 -9.53
C ASP A 370 -41.32 -24.27 -8.78
N VAL A 371 -40.62 -23.24 -9.21
CA VAL A 371 -39.78 -22.46 -8.31
C VAL A 371 -40.82 -21.46 -7.85
N ASN A 372 -40.58 -20.65 -6.82
CA ASN A 372 -41.74 -19.97 -6.21
C ASN A 372 -41.88 -18.50 -6.59
N VAL A 373 -41.89 -18.22 -7.88
CA VAL A 373 -41.91 -16.84 -8.36
C VAL A 373 -43.27 -16.46 -8.92
N ASN A 374 -43.72 -15.29 -8.51
CA ASN A 374 -45.05 -14.78 -8.80
C ASN A 374 -44.97 -13.90 -10.03
N ILE A 375 -45.94 -14.06 -10.93
CA ILE A 375 -45.97 -13.31 -12.19
C ILE A 375 -46.70 -12.00 -11.91
N GLU A 376 -46.00 -10.89 -12.02
CA GLU A 376 -46.61 -9.59 -11.74
C GLU A 376 -47.21 -8.98 -12.99
N LEU A 377 -46.52 -9.12 -14.11
CA LEU A 377 -46.97 -8.54 -15.35
C LEU A 377 -46.65 -9.51 -16.48
N ILE A 378 -47.46 -9.47 -17.51
CA ILE A 378 -47.19 -10.26 -18.71
C ILE A 378 -47.39 -9.41 -19.96
N SER A 379 -46.45 -9.54 -20.88
CA SER A 379 -46.60 -8.93 -22.18
C SER A 379 -46.04 -9.90 -23.18
N THR A 380 -46.38 -9.71 -24.45
CA THR A 380 -45.97 -10.63 -25.47
C THR A 380 -45.73 -9.99 -26.83
N SER A 381 -45.04 -10.75 -27.67
CA SER A 381 -45.08 -10.58 -29.10
C SER A 381 -45.40 -11.96 -29.64
N GLU A 382 -45.61 -12.03 -30.94
CA GLU A 382 -45.96 -13.29 -31.59
C GLU A 382 -45.03 -14.46 -31.19
N ILE A 383 -43.75 -14.17 -30.97
CA ILE A 383 -42.75 -15.20 -30.71
C ILE A 383 -41.97 -14.94 -29.42
N ARG A 384 -42.57 -14.25 -28.47
CA ARG A 384 -41.90 -13.93 -27.21
C ARG A 384 -42.88 -13.77 -26.06
N ILE A 385 -42.53 -14.37 -24.92
CA ILE A 385 -43.22 -14.14 -23.67
C ILE A 385 -42.27 -13.36 -22.78
N SER A 386 -42.74 -12.21 -22.27
CA SER A 386 -42.02 -11.42 -21.28
C SER A 386 -42.83 -11.30 -20.01
N VAL A 387 -42.15 -11.31 -18.87
CA VAL A 387 -42.81 -11.22 -17.60
C VAL A 387 -42.01 -10.37 -16.64
N LEU A 388 -42.71 -9.58 -15.84
CA LEU A 388 -42.06 -8.82 -14.78
C LEU A 388 -42.21 -9.57 -13.47
N ILE A 389 -41.09 -9.66 -12.74
CA ILE A 389 -41.06 -10.36 -11.45
C ILE A 389 -40.12 -9.58 -10.55
N ARG A 390 -39.96 -9.98 -9.28
CA ARG A 390 -38.99 -9.31 -8.41
C ARG A 390 -37.64 -9.58 -8.98
N GLU A 391 -36.81 -8.54 -9.05
CA GLU A 391 -35.40 -8.68 -9.44
C GLU A 391 -34.66 -9.75 -8.64
N ASP A 392 -35.01 -9.93 -7.37
CA ASP A 392 -34.40 -10.99 -6.54
C ASP A 392 -34.65 -12.39 -7.10
N ASP A 393 -35.81 -12.58 -7.75
CA ASP A 393 -36.20 -13.86 -8.32
C ASP A 393 -35.67 -14.07 -9.74
N LEU A 394 -34.95 -13.09 -10.26
CA LEU A 394 -34.65 -13.03 -11.70
C LEU A 394 -33.74 -14.14 -12.24
N ASP A 395 -32.57 -14.29 -11.62
CA ASP A 395 -31.60 -15.33 -11.98
C ASP A 395 -32.23 -16.71 -11.95
N ALA A 396 -32.92 -17.02 -10.86
CA ALA A 396 -33.55 -18.33 -10.71
C ALA A 396 -34.66 -18.52 -11.74
N ALA A 397 -35.33 -17.43 -12.11
CA ALA A 397 -36.38 -17.49 -13.14
C ALA A 397 -35.79 -17.88 -14.50
N ALA A 398 -34.69 -17.26 -14.88
CA ALA A 398 -34.03 -17.56 -16.15
C ALA A 398 -33.54 -19.01 -16.15
N ARG A 399 -33.01 -19.41 -15.00
CA ARG A 399 -32.48 -20.75 -14.81
C ARG A 399 -33.59 -21.77 -14.98
N ALA A 400 -34.70 -21.54 -14.26
CA ALA A 400 -35.90 -22.36 -14.39
C ALA A 400 -36.42 -22.43 -15.84
N LEU A 401 -36.61 -21.28 -16.49
CA LEU A 401 -37.10 -21.28 -17.90
C LEU A 401 -36.17 -22.07 -18.81
N HIS A 402 -34.87 -21.74 -18.73
CA HIS A 402 -33.85 -22.39 -19.53
C HIS A 402 -33.87 -23.92 -19.49
N GLU A 403 -33.98 -24.49 -18.30
CA GLU A 403 -34.00 -25.95 -18.14
C GLU A 403 -35.32 -26.56 -18.55
N GLN A 404 -36.43 -25.87 -18.28
CA GLN A 404 -37.73 -26.42 -18.62
C GLN A 404 -37.87 -26.59 -20.14
N PHE A 405 -37.30 -25.66 -20.90
CA PHE A 405 -37.29 -25.76 -22.36
C PHE A 405 -35.98 -26.38 -22.86
N GLN A 406 -35.17 -26.90 -21.95
CA GLN A 406 -33.96 -27.63 -22.28
C GLN A 406 -33.16 -26.91 -23.32
N LEU A 407 -32.91 -25.63 -23.10
CA LEU A 407 -32.14 -24.86 -24.06
C LEU A 407 -30.65 -25.28 -24.01
N GLY A 408 -30.26 -26.07 -23.01
CA GLY A 408 -28.86 -26.51 -22.87
C GLY A 408 -28.42 -27.62 -23.81
N VAL B 5 -35.90 4.23 -36.72
CA VAL B 5 -36.27 3.39 -37.89
C VAL B 5 -37.70 2.82 -37.80
N LEU B 6 -38.57 3.28 -38.69
CA LEU B 6 -39.96 2.87 -38.71
C LEU B 6 -40.22 2.22 -40.06
N THR B 7 -40.54 0.93 -40.03
CA THR B 7 -40.61 0.10 -41.21
C THR B 7 -41.99 0.10 -41.83
N GLY B 8 -43.01 -0.04 -41.01
CA GLY B 8 -44.37 -0.15 -41.52
C GLY B 8 -45.47 -0.20 -40.47
N VAL B 9 -46.71 -0.27 -40.97
CA VAL B 9 -47.86 -0.43 -40.10
C VAL B 9 -48.73 -1.61 -40.54
N ALA B 10 -49.06 -2.49 -39.59
CA ALA B 10 -49.77 -3.76 -39.87
C ALA B 10 -51.15 -3.73 -39.25
N THR B 11 -52.13 -4.35 -39.91
CA THR B 11 -53.47 -4.55 -39.29
C THR B 11 -53.87 -6.03 -39.29
N ASP B 12 -54.85 -6.37 -38.47
CA ASP B 12 -55.28 -7.76 -38.27
C ASP B 12 -56.71 -7.76 -37.74
N LYS B 13 -57.64 -8.44 -38.42
CA LYS B 13 -59.01 -8.63 -37.90
C LYS B 13 -59.31 -10.12 -37.72
N SER B 14 -58.26 -10.92 -37.53
CA SER B 14 -58.37 -12.37 -37.51
C SER B 14 -58.57 -12.94 -36.10
N GLU B 15 -58.43 -12.12 -35.07
CA GLU B 15 -58.37 -12.59 -33.67
C GLU B 15 -59.59 -12.24 -32.81
N ALA B 16 -59.92 -13.15 -31.90
CA ALA B 16 -60.85 -12.88 -30.83
C ALA B 16 -60.03 -12.40 -29.64
N LYS B 17 -60.67 -11.82 -28.66
CA LYS B 17 -60.03 -11.37 -27.43
C LYS B 17 -60.84 -11.94 -26.28
N VAL B 18 -60.18 -12.59 -25.33
CA VAL B 18 -60.87 -13.05 -24.17
C VAL B 18 -60.11 -12.68 -22.91
N THR B 19 -60.87 -12.43 -21.85
CA THR B 19 -60.36 -11.89 -20.59
C THR B 19 -60.88 -12.68 -19.42
N VAL B 20 -60.00 -13.03 -18.50
CA VAL B 20 -60.44 -13.57 -17.22
C VAL B 20 -60.29 -12.47 -16.19
N LEU B 21 -61.37 -12.12 -15.49
CA LEU B 21 -61.38 -11.02 -14.52
C LEU B 21 -61.32 -11.55 -13.10
N GLY B 22 -60.49 -10.92 -12.27
CA GLY B 22 -60.39 -11.29 -10.86
C GLY B 22 -59.62 -12.55 -10.54
N ILE B 23 -58.51 -12.78 -11.24
CA ILE B 23 -57.57 -13.88 -10.95
C ILE B 23 -56.68 -13.46 -9.79
N SER B 24 -56.59 -14.35 -8.80
CA SER B 24 -55.81 -14.10 -7.59
C SER B 24 -54.35 -14.07 -7.96
N ASP B 25 -53.66 -13.06 -7.42
CA ASP B 25 -52.31 -12.77 -7.80
C ASP B 25 -51.37 -13.54 -6.89
N LYS B 26 -51.13 -14.78 -7.28
CA LYS B 26 -50.55 -15.81 -6.45
C LYS B 26 -49.90 -16.81 -7.42
N PRO B 27 -48.73 -17.36 -7.06
CA PRO B 27 -48.11 -18.34 -7.95
C PRO B 27 -49.05 -19.50 -8.36
N GLY B 28 -49.03 -19.84 -9.63
CA GLY B 28 -49.74 -20.97 -10.15
C GLY B 28 -51.02 -20.56 -10.83
N GLU B 29 -51.55 -19.38 -10.53
CA GLU B 29 -52.86 -19.02 -11.05
C GLU B 29 -52.89 -18.80 -12.57
N ALA B 30 -51.93 -18.08 -13.13
CA ALA B 30 -51.79 -17.96 -14.60
C ALA B 30 -51.65 -19.34 -15.27
N ALA B 31 -50.84 -20.21 -14.69
CA ALA B 31 -50.63 -21.56 -15.19
C ALA B 31 -51.94 -22.30 -15.39
N LYS B 32 -52.84 -22.20 -14.42
CA LYS B 32 -54.14 -22.85 -14.50
C LYS B 32 -54.93 -22.39 -15.72
N VAL B 33 -54.96 -21.08 -15.96
CA VAL B 33 -55.64 -20.55 -17.14
C VAL B 33 -55.07 -21.15 -18.42
N PHE B 34 -53.75 -21.03 -18.60
CA PHE B 34 -53.12 -21.38 -19.88
C PHE B 34 -52.98 -22.89 -20.15
N ARG B 35 -52.73 -23.67 -19.10
CA ARG B 35 -52.80 -25.13 -19.19
C ARG B 35 -54.09 -25.58 -19.85
N ALA B 36 -55.20 -25.01 -19.39
CA ALA B 36 -56.54 -25.40 -19.86
C ALA B 36 -56.72 -25.08 -21.33
N LEU B 37 -56.27 -23.89 -21.75
CA LEU B 37 -56.25 -23.54 -23.16
C LEU B 37 -55.32 -24.48 -23.94
N ALA B 38 -54.16 -24.77 -23.37
CA ALA B 38 -53.18 -25.60 -24.05
C ALA B 38 -53.74 -27.00 -24.28
N ASP B 39 -54.31 -27.60 -23.24
CA ASP B 39 -54.92 -28.94 -23.31
C ASP B 39 -56.06 -29.05 -24.32
N ALA B 40 -56.73 -27.93 -24.57
CA ALA B 40 -57.82 -27.88 -25.55
C ALA B 40 -57.29 -27.40 -26.91
N GLU B 41 -55.97 -27.41 -27.07
CA GLU B 41 -55.28 -27.13 -28.34
C GLU B 41 -55.60 -25.76 -28.90
N ILE B 42 -55.74 -24.77 -28.02
CA ILE B 42 -56.02 -23.41 -28.44
C ILE B 42 -54.70 -22.65 -28.48
N ASN B 43 -54.33 -22.19 -29.68
CA ASN B 43 -53.07 -21.47 -29.91
C ASN B 43 -53.26 -19.99 -29.72
N ILE B 44 -52.72 -19.45 -28.63
CA ILE B 44 -52.93 -18.06 -28.28
C ILE B 44 -51.82 -17.20 -28.87
N ASP B 45 -52.03 -15.88 -28.90
CA ASP B 45 -51.01 -14.96 -29.37
C ASP B 45 -50.70 -13.90 -28.33
N MET B 46 -51.51 -12.84 -28.25
CA MET B 46 -51.26 -11.79 -27.27
C MET B 46 -51.67 -12.27 -25.87
N VAL B 47 -50.98 -11.72 -24.88
CA VAL B 47 -51.30 -11.91 -23.49
C VAL B 47 -50.91 -10.65 -22.74
N LEU B 48 -51.81 -10.18 -21.90
CA LEU B 48 -51.63 -8.97 -21.14
C LEU B 48 -52.17 -9.17 -19.72
N GLN B 49 -51.32 -8.84 -18.76
CA GLN B 49 -51.69 -8.81 -17.36
C GLN B 49 -50.92 -7.63 -16.85
N ASN B 50 -51.63 -6.67 -16.27
CA ASN B 50 -51.00 -5.47 -15.80
C ASN B 50 -51.24 -5.21 -14.31
N VAL B 51 -52.36 -4.58 -13.99
CA VAL B 51 -52.57 -3.98 -12.67
C VAL B 51 -53.23 -4.96 -11.73
N PHE B 52 -52.91 -4.85 -10.43
CA PHE B 52 -53.67 -5.50 -9.36
C PHE B 52 -54.32 -4.38 -8.60
N SER B 53 -55.39 -4.69 -7.87
CA SER B 53 -55.92 -3.76 -6.89
C SER B 53 -55.23 -4.02 -5.56
N ASP B 56 -58.65 -5.79 -3.77
CA ASP B 56 -58.97 -7.20 -3.96
C ASP B 56 -57.71 -8.03 -4.02
N GLY B 57 -56.64 -7.41 -4.48
CA GLY B 57 -55.39 -8.10 -4.75
C GLY B 57 -55.49 -9.10 -5.88
N THR B 58 -56.44 -8.88 -6.77
CA THR B 58 -56.65 -9.74 -7.91
C THR B 58 -56.39 -8.90 -9.14
N THR B 59 -56.15 -9.58 -10.26
CA THR B 59 -55.87 -8.90 -11.51
C THR B 59 -56.67 -9.56 -12.62
N ASP B 60 -56.56 -9.07 -13.84
CA ASP B 60 -57.19 -9.70 -15.00
C ASP B 60 -56.13 -10.11 -16.02
N ILE B 61 -56.45 -11.12 -16.83
CA ILE B 61 -55.56 -11.54 -17.89
C ILE B 61 -56.36 -11.55 -19.16
N THR B 62 -55.91 -10.83 -20.16
CA THR B 62 -56.57 -10.90 -21.44
C THR B 62 -55.63 -11.61 -22.42
N PHE B 63 -56.19 -12.37 -23.36
CA PHE B 63 -55.37 -12.96 -24.40
C PHE B 63 -56.09 -12.91 -25.74
N THR B 64 -55.36 -13.15 -26.82
CA THR B 64 -55.99 -13.28 -28.14
C THR B 64 -55.69 -14.64 -28.74
N CYS B 65 -56.61 -15.11 -29.57
CA CYS B 65 -56.48 -16.39 -30.23
C CYS B 65 -57.30 -16.29 -31.50
N PRO B 66 -57.16 -17.26 -32.42
CA PRO B 66 -57.89 -17.15 -33.67
C PRO B 66 -59.38 -17.11 -33.41
N ARG B 67 -60.10 -16.34 -34.22
CA ARG B 67 -61.55 -16.19 -34.08
C ARG B 67 -62.33 -17.53 -34.07
N SER B 68 -61.83 -18.54 -34.77
CA SER B 68 -62.54 -19.82 -34.84
C SER B 68 -62.40 -20.60 -33.54
N ASP B 69 -61.46 -20.19 -32.69
CA ASP B 69 -61.26 -20.81 -31.38
C ASP B 69 -61.83 -20.00 -30.21
N GLY B 70 -62.34 -18.80 -30.48
CA GLY B 70 -62.83 -17.90 -29.44
C GLY B 70 -63.93 -18.50 -28.57
N ARG B 71 -64.92 -19.10 -29.20
CA ARG B 71 -66.08 -19.63 -28.51
C ARG B 71 -65.72 -20.83 -27.65
N ARG B 72 -64.84 -21.71 -28.18
CA ARG B 72 -64.24 -22.79 -27.41
C ARG B 72 -63.40 -22.25 -26.24
N ALA B 73 -62.56 -21.26 -26.51
CA ALA B 73 -61.68 -20.67 -25.50
C ALA B 73 -62.46 -20.16 -24.29
N MET B 74 -63.54 -19.42 -24.55
CA MET B 74 -64.34 -18.85 -23.48
C MET B 74 -65.16 -19.95 -22.75
N GLU B 75 -65.53 -21.01 -23.44
CA GLU B 75 -66.23 -22.11 -22.79
C GLU B 75 -65.30 -22.87 -21.82
N ILE B 76 -64.06 -23.11 -22.25
CA ILE B 76 -63.08 -23.79 -21.40
C ILE B 76 -62.92 -23.02 -20.11
N LEU B 77 -62.72 -21.71 -20.23
CA LEU B 77 -62.53 -20.85 -19.09
C LEU B 77 -63.78 -20.72 -18.22
N LYS B 78 -64.95 -20.65 -18.81
CA LYS B 78 -66.19 -20.57 -18.02
C LYS B 78 -66.41 -21.83 -17.18
N LYS B 79 -66.03 -23.00 -17.70
CA LYS B 79 -66.11 -24.24 -16.94
C LYS B 79 -65.09 -24.36 -15.78
N LEU B 80 -64.18 -23.39 -15.65
CA LEU B 80 -63.23 -23.33 -14.54
C LEU B 80 -63.40 -22.10 -13.64
N GLN B 81 -64.45 -21.32 -13.86
CA GLN B 81 -64.71 -20.14 -13.04
C GLN B 81 -65.26 -20.53 -11.67
N VAL B 82 -64.73 -19.89 -10.63
CA VAL B 82 -65.14 -20.10 -9.24
C VAL B 82 -65.13 -21.59 -8.85
N GLY B 84 -61.44 -22.03 -8.66
CA GLY B 84 -60.56 -20.87 -8.87
C GLY B 84 -60.93 -19.66 -8.03
N ASN B 85 -61.19 -18.54 -8.70
CA ASN B 85 -61.27 -17.21 -8.06
C ASN B 85 -62.12 -16.14 -8.81
N TRP B 86 -62.36 -16.36 -10.10
CA TRP B 86 -62.70 -15.29 -11.06
C TRP B 86 -64.08 -14.64 -10.93
N THR B 87 -64.13 -13.35 -11.21
CA THR B 87 -65.37 -12.56 -11.28
C THR B 87 -66.25 -12.99 -12.46
N ASN B 88 -65.61 -13.28 -13.60
CA ASN B 88 -66.31 -13.34 -14.88
C ASN B 88 -65.30 -13.53 -16.02
N VAL B 89 -65.71 -14.20 -17.11
CA VAL B 89 -64.88 -14.23 -18.33
C VAL B 89 -65.58 -13.57 -19.52
N LEU B 90 -64.87 -12.67 -20.20
CA LEU B 90 -65.39 -11.89 -21.32
C LEU B 90 -64.91 -12.45 -22.64
N TYR B 91 -65.70 -12.22 -23.69
CA TYR B 91 -65.37 -12.66 -25.06
C TYR B 91 -65.75 -11.62 -26.11
N ASP B 92 -64.75 -11.16 -26.86
CA ASP B 92 -64.92 -10.13 -27.89
C ASP B 92 -64.51 -10.70 -29.24
N ASP B 93 -65.43 -10.72 -30.18
CA ASP B 93 -65.19 -11.27 -31.50
C ASP B 93 -65.02 -10.17 -32.54
N GLN B 94 -64.97 -8.90 -32.11
CA GLN B 94 -64.84 -7.77 -33.06
C GLN B 94 -63.67 -6.83 -32.77
N VAL B 95 -62.56 -7.41 -32.29
CA VAL B 95 -61.37 -6.64 -31.96
C VAL B 95 -60.42 -6.50 -33.17
N GLY B 96 -59.92 -5.30 -33.37
CA GLY B 96 -58.96 -5.01 -34.42
C GLY B 96 -57.62 -4.71 -33.81
N LYS B 97 -56.55 -5.03 -34.52
CA LYS B 97 -55.18 -4.80 -34.03
C LYS B 97 -54.37 -4.01 -35.05
N VAL B 98 -53.90 -2.82 -34.66
CA VAL B 98 -52.95 -2.03 -35.47
C VAL B 98 -51.59 -1.95 -34.78
N SER B 99 -50.53 -2.07 -35.56
CA SER B 99 -49.16 -2.07 -35.04
C SER B 99 -48.27 -1.20 -35.88
N LEU B 100 -47.43 -0.40 -35.21
CA LEU B 100 -46.28 0.23 -35.85
C LEU B 100 -45.09 -0.66 -35.60
N VAL B 101 -44.45 -1.12 -36.67
CA VAL B 101 -43.28 -1.97 -36.58
C VAL B 101 -42.03 -1.19 -36.91
N GLY B 102 -40.96 -1.46 -36.18
CA GLY B 102 -39.70 -0.76 -36.38
C GLY B 102 -38.60 -1.26 -35.46
N ALA B 103 -37.70 -0.37 -35.09
CA ALA B 103 -36.59 -0.72 -34.23
C ALA B 103 -36.07 0.51 -33.52
N GLY B 104 -35.60 0.32 -32.30
CA GLY B 104 -34.88 1.35 -31.55
C GLY B 104 -35.78 2.43 -31.01
N MET B 105 -36.97 2.05 -30.57
CA MET B 105 -38.00 3.00 -30.16
C MET B 105 -37.89 3.49 -28.70
N LYS B 106 -37.19 2.74 -27.85
CA LYS B 106 -36.98 3.11 -26.44
C LYS B 106 -36.38 4.51 -26.33
N SER B 107 -35.30 4.74 -27.06
CA SER B 107 -34.58 6.01 -26.99
C SER B 107 -35.24 7.13 -27.80
N HIS B 108 -36.43 6.84 -28.36
CA HIS B 108 -37.23 7.85 -29.06
C HIS B 108 -38.68 7.76 -28.60
N PRO B 109 -38.99 8.33 -27.42
CA PRO B 109 -40.34 8.30 -26.85
C PRO B 109 -41.37 9.15 -27.59
N GLY B 110 -40.89 10.03 -28.48
CA GLY B 110 -41.76 10.73 -29.42
C GLY B 110 -42.66 9.79 -30.22
N VAL B 111 -42.11 8.64 -30.62
CA VAL B 111 -42.83 7.72 -31.49
C VAL B 111 -44.11 7.21 -30.84
N THR B 112 -43.97 6.77 -29.59
CA THR B 112 -45.10 6.27 -28.84
C THR B 112 -46.10 7.37 -28.62
N ALA B 113 -45.61 8.60 -28.40
CA ALA B 113 -46.49 9.74 -28.17
C ALA B 113 -47.19 10.11 -29.47
N GLU B 114 -46.46 10.07 -30.56
CA GLU B 114 -47.05 10.33 -31.86
C GLU B 114 -48.03 9.24 -32.27
N PHE B 115 -47.80 8.02 -31.80
CA PHE B 115 -48.74 6.93 -32.06
C PHE B 115 -50.12 7.28 -31.46
N MET B 116 -50.11 7.66 -30.18
CA MET B 116 -51.36 7.91 -29.44
C MET B 116 -52.05 9.20 -29.93
N GLU B 117 -51.24 10.19 -30.31
CA GLU B 117 -51.76 11.45 -30.86
C GLU B 117 -52.45 11.25 -32.20
N ALA B 118 -51.88 10.36 -33.01
CA ALA B 118 -52.45 10.08 -34.32
C ALA B 118 -53.86 9.55 -34.15
N LEU B 119 -54.03 8.57 -33.27
CA LEU B 119 -55.33 7.92 -33.06
C LEU B 119 -56.37 8.81 -32.38
N ARG B 120 -55.94 9.72 -31.50
CA ARG B 120 -56.92 10.61 -30.87
C ARG B 120 -57.39 11.68 -31.83
N ASP B 121 -56.50 12.13 -32.70
CA ASP B 121 -56.83 13.15 -33.70
C ASP B 121 -57.77 12.58 -34.75
N VAL B 122 -57.87 11.26 -34.81
CA VAL B 122 -58.88 10.59 -35.62
C VAL B 122 -60.02 10.02 -34.76
N ASN B 123 -59.96 10.34 -33.46
CA ASN B 123 -61.02 10.00 -32.51
C ASN B 123 -61.30 8.50 -32.41
N VAL B 124 -60.25 7.67 -32.54
CA VAL B 124 -60.34 6.24 -32.21
C VAL B 124 -59.80 6.01 -30.81
N ASN B 125 -60.58 5.29 -30.04
CA ASN B 125 -60.28 5.01 -28.67
C ASN B 125 -59.39 3.77 -28.58
N ILE B 126 -58.34 3.86 -27.78
CA ILE B 126 -57.40 2.76 -27.68
C ILE B 126 -57.82 1.91 -26.51
N GLU B 127 -58.19 0.65 -26.78
CA GLU B 127 -58.70 -0.26 -25.72
C GLU B 127 -57.60 -0.99 -24.97
N LEU B 128 -56.62 -1.53 -25.68
CA LEU B 128 -55.48 -2.18 -25.05
C LEU B 128 -54.22 -1.73 -25.74
N ILE B 129 -53.13 -1.68 -24.99
CA ILE B 129 -51.82 -1.32 -25.53
C ILE B 129 -50.81 -2.39 -25.09
N SER B 130 -49.89 -2.68 -25.98
CA SER B 130 -48.78 -3.54 -25.66
C SER B 130 -47.68 -3.17 -26.62
N THR B 131 -46.56 -2.71 -26.07
CA THR B 131 -45.45 -2.21 -26.88
C THR B 131 -44.10 -2.78 -26.44
N SER B 132 -43.07 -2.49 -27.22
CA SER B 132 -41.70 -2.95 -26.98
C SER B 132 -40.77 -2.06 -27.82
N GLU B 133 -39.47 -2.34 -27.82
CA GLU B 133 -38.51 -1.56 -28.63
C GLU B 133 -38.69 -1.65 -30.13
N ILE B 134 -39.39 -2.68 -30.60
CA ILE B 134 -39.50 -2.97 -32.02
C ILE B 134 -40.97 -3.01 -32.48
N ARG B 135 -41.92 -2.72 -31.61
CA ARG B 135 -43.32 -2.75 -32.00
C ARG B 135 -44.19 -1.95 -31.04
N ILE B 136 -45.11 -1.13 -31.59
CA ILE B 136 -46.17 -0.51 -30.82
C ILE B 136 -47.47 -1.10 -31.35
N SER B 137 -48.22 -1.81 -30.51
CA SER B 137 -49.46 -2.48 -30.92
C SER B 137 -50.64 -1.98 -30.09
N VAL B 138 -51.77 -1.69 -30.71
CA VAL B 138 -52.98 -1.44 -29.91
C VAL B 138 -54.13 -2.33 -30.37
N LEU B 139 -55.11 -2.54 -29.50
CA LEU B 139 -56.31 -3.22 -29.92
C LEU B 139 -57.43 -2.20 -29.86
N ILE B 140 -58.26 -2.21 -30.91
CA ILE B 140 -59.36 -1.28 -31.05
C ILE B 140 -60.61 -1.99 -31.61
N ARG B 141 -61.66 -1.24 -31.88
CA ARG B 141 -62.80 -1.77 -32.60
C ARG B 141 -62.32 -2.05 -34.00
N GLU B 142 -62.65 -3.21 -34.55
CA GLU B 142 -62.19 -3.50 -35.93
C GLU B 142 -62.78 -2.41 -36.83
N ASP B 143 -64.00 -2.06 -36.53
CA ASP B 143 -64.61 -0.80 -36.91
C ASP B 143 -63.67 0.39 -37.18
N ASP B 144 -62.68 0.59 -36.30
CA ASP B 144 -61.76 1.74 -36.35
C ASP B 144 -60.44 1.44 -37.09
N LEU B 145 -60.32 0.26 -37.69
CA LEU B 145 -59.07 -0.15 -38.34
C LEU B 145 -58.63 0.82 -39.44
N ASP B 146 -59.49 1.04 -40.44
CA ASP B 146 -59.19 1.93 -41.56
C ASP B 146 -58.66 3.26 -41.09
N ALA B 147 -59.45 3.91 -40.23
CA ALA B 147 -59.10 5.25 -39.73
C ALA B 147 -57.80 5.22 -38.93
N ALA B 148 -57.55 4.14 -38.19
CA ALA B 148 -56.35 4.04 -37.36
C ALA B 148 -55.12 3.86 -38.22
N ALA B 149 -55.21 2.92 -39.17
CA ALA B 149 -54.15 2.67 -40.15
C ALA B 149 -53.80 3.93 -40.90
N ARG B 150 -54.80 4.53 -41.54
CA ARG B 150 -54.60 5.74 -42.35
C ARG B 150 -53.89 6.79 -41.52
N ALA B 151 -54.36 6.96 -40.29
CA ALA B 151 -53.81 7.98 -39.42
C ALA B 151 -52.31 7.74 -39.13
N LEU B 152 -51.92 6.48 -38.97
CA LEU B 152 -50.53 6.15 -38.66
C LEU B 152 -49.64 6.24 -39.92
N HIS B 153 -50.14 5.76 -41.06
CA HIS B 153 -49.45 5.98 -42.33
C HIS B 153 -49.09 7.46 -42.51
N GLU B 154 -50.05 8.35 -42.27
CA GLU B 154 -49.81 9.79 -42.43
C GLU B 154 -48.89 10.37 -41.37
N GLN B 155 -48.96 9.87 -40.14
CA GLN B 155 -48.16 10.46 -39.06
C GLN B 155 -46.68 10.14 -39.24
N PHE B 156 -46.36 8.90 -39.59
CA PHE B 156 -44.98 8.44 -39.61
C PHE B 156 -44.39 8.39 -41.01
N GLN B 157 -45.11 8.94 -41.98
CA GLN B 157 -44.59 9.09 -43.34
C GLN B 157 -44.16 7.75 -43.90
N LEU B 158 -45.08 6.78 -43.89
CA LEU B 158 -44.73 5.39 -44.19
C LEU B 158 -45.49 4.85 -45.39
N GLY B 159 -46.77 4.56 -45.25
CA GLY B 159 -47.53 3.92 -46.35
C GLY B 159 -47.18 2.46 -46.65
N GLY B 160 -46.14 1.93 -45.99
CA GLY B 160 -45.75 0.53 -46.14
C GLY B 160 -46.34 -0.32 -45.04
N GLU B 161 -46.99 -1.41 -45.42
CA GLU B 161 -47.53 -2.37 -44.46
C GLU B 161 -46.56 -3.55 -44.25
N ASP B 162 -45.50 -3.58 -45.08
CA ASP B 162 -44.48 -4.64 -45.08
C ASP B 162 -44.05 -5.14 -43.72
N GLU B 163 -44.25 -4.32 -42.69
CA GLU B 163 -43.83 -4.62 -41.34
C GLU B 163 -44.37 -5.94 -40.79
N ALA B 164 -45.68 -5.97 -40.51
CA ALA B 164 -46.40 -7.10 -39.88
C ALA B 164 -45.51 -8.23 -39.35
N ALA C 2 -8.26 43.61 -33.45
CA ALA C 2 -7.28 43.12 -34.44
C ALA C 2 -7.65 41.74 -34.96
N LEU C 3 -6.83 41.19 -35.85
CA LEU C 3 -6.92 39.77 -36.20
C LEU C 3 -5.73 39.05 -35.57
N VAL C 4 -6.03 38.01 -34.79
CA VAL C 4 -4.99 37.26 -34.13
C VAL C 4 -5.21 35.79 -34.37
N VAL C 5 -4.13 35.12 -34.75
CA VAL C 5 -4.13 33.68 -34.90
C VAL C 5 -3.45 33.10 -33.69
N GLN C 6 -3.94 31.94 -33.26
CA GLN C 6 -3.41 31.26 -32.10
C GLN C 6 -3.13 29.81 -32.42
N LYS C 7 -1.98 29.34 -31.99
CA LYS C 7 -1.65 27.94 -32.03
C LYS C 7 -1.52 27.40 -30.60
N TYR C 8 -2.16 26.26 -30.36
CA TYR C 8 -2.03 25.57 -29.09
C TYR C 8 -1.44 24.18 -29.32
N GLY C 9 -0.31 23.92 -28.66
CA GLY C 9 0.33 22.59 -28.67
C GLY C 9 -0.40 21.58 -27.80
N GLY C 10 0.10 20.34 -27.80
CA GLY C 10 -0.57 19.21 -27.15
C GLY C 10 -0.67 19.31 -25.64
N SER C 11 0.39 19.80 -25.01
CA SER C 11 0.40 20.08 -23.55
C SER C 11 -0.80 20.95 -23.13
N SER C 12 -0.96 22.08 -23.82
CA SER C 12 -2.09 22.98 -23.56
C SER C 12 -3.46 22.33 -23.72
N LEU C 13 -3.52 21.24 -24.49
CA LEU C 13 -4.78 20.53 -24.76
C LEU C 13 -4.84 19.12 -24.14
N GLU C 14 -4.08 18.90 -23.06
CA GLU C 14 -3.94 17.55 -22.46
C GLU C 14 -5.25 16.91 -22.08
N SER C 15 -6.07 17.65 -21.34
CA SER C 15 -7.30 17.11 -20.75
C SER C 15 -8.44 18.10 -20.95
N ALA C 16 -9.67 17.65 -20.69
CA ALA C 16 -10.85 18.51 -20.79
C ALA C 16 -10.65 19.82 -20.02
N GLU C 17 -10.03 19.72 -18.84
CA GLU C 17 -9.71 20.87 -18.00
C GLU C 17 -8.80 21.90 -18.70
N ARG C 18 -7.74 21.42 -19.33
CA ARG C 18 -6.83 22.31 -20.08
C ARG C 18 -7.53 22.84 -21.34
N ILE C 19 -8.41 22.02 -21.91
CA ILE C 19 -9.21 22.41 -23.09
C ILE C 19 -10.20 23.52 -22.74
N ARG C 20 -10.63 23.58 -21.49
CA ARG C 20 -11.49 24.67 -21.07
C ARG C 20 -10.65 25.94 -20.81
N ASN C 21 -9.51 25.78 -20.13
CA ASN C 21 -8.56 26.87 -19.97
C ASN C 21 -8.27 27.53 -21.31
N VAL C 22 -8.00 26.70 -22.33
CA VAL C 22 -7.73 27.21 -23.67
C VAL C 22 -8.97 27.90 -24.25
N ALA C 23 -10.13 27.27 -24.13
CA ALA C 23 -11.36 27.87 -24.68
C ALA C 23 -11.69 29.22 -24.04
N GLU C 24 -11.34 29.36 -22.76
CA GLU C 24 -11.53 30.62 -22.03
C GLU C 24 -10.64 31.72 -22.62
N ARG C 25 -9.41 31.37 -22.97
CA ARG C 25 -8.48 32.30 -23.61
C ARG C 25 -8.93 32.71 -25.00
N ILE C 26 -9.41 31.73 -25.76
CA ILE C 26 -9.89 31.97 -27.12
C ILE C 26 -10.96 33.06 -27.09
N VAL C 27 -11.96 32.82 -26.25
CA VAL C 27 -13.14 33.67 -26.18
C VAL C 27 -12.82 35.05 -25.58
N ALA C 28 -11.89 35.09 -24.61
CA ALA C 28 -11.41 36.36 -24.07
C ALA C 28 -10.83 37.21 -25.18
N THR C 29 -10.09 36.58 -26.09
CA THR C 29 -9.44 37.27 -27.19
C THR C 29 -10.47 37.81 -28.18
N LYS C 30 -11.49 37.01 -28.48
CA LYS C 30 -12.66 37.45 -29.25
C LYS C 30 -13.36 38.63 -28.58
N LYS C 31 -13.59 38.51 -27.27
CA LYS C 31 -14.39 39.49 -26.50
C LYS C 31 -13.71 40.85 -26.34
N ALA C 32 -12.38 40.89 -26.45
CA ALA C 32 -11.64 42.13 -26.45
C ALA C 32 -11.74 42.84 -27.81
N GLY C 33 -12.44 42.22 -28.76
CA GLY C 33 -12.69 42.83 -30.06
C GLY C 33 -11.64 42.49 -31.11
N ASN C 34 -11.24 41.23 -31.14
CA ASN C 34 -10.35 40.73 -32.19
C ASN C 34 -11.08 39.69 -33.02
N ASP C 35 -10.74 39.62 -34.30
CA ASP C 35 -11.05 38.44 -35.09
C ASP C 35 -10.08 37.39 -34.61
N VAL C 36 -10.53 36.14 -34.55
CA VAL C 36 -9.73 35.08 -33.93
C VAL C 36 -9.80 33.76 -34.71
N VAL C 37 -8.61 33.25 -35.04
CA VAL C 37 -8.47 31.97 -35.71
C VAL C 37 -7.49 31.09 -34.95
N VAL C 38 -7.93 29.87 -34.63
CA VAL C 38 -7.19 28.98 -33.75
C VAL C 38 -6.74 27.74 -34.51
N VAL C 39 -5.48 27.36 -34.29
CA VAL C 39 -4.93 26.13 -34.82
C VAL C 39 -4.57 25.25 -33.61
N CYS C 40 -5.06 24.01 -33.61
CA CYS C 40 -4.83 23.12 -32.48
C CYS C 40 -3.99 21.91 -32.89
N SER C 41 -3.06 21.51 -32.01
CA SER C 41 -2.40 20.21 -32.13
C SER C 41 -3.34 19.18 -31.53
N ALA C 42 -2.99 17.91 -31.71
CA ALA C 42 -3.69 16.82 -31.03
C ALA C 42 -3.38 16.83 -29.54
N MET C 43 -4.24 16.19 -28.75
CA MET C 43 -4.12 16.18 -27.29
C MET C 43 -2.84 15.48 -26.81
N GLY C 44 -2.21 16.08 -25.80
CA GLY C 44 -0.95 15.61 -25.21
C GLY C 44 -0.40 14.24 -25.57
N ASP C 45 0.62 14.25 -26.42
CA ASP C 45 1.34 13.04 -26.87
C ASP C 45 0.59 12.20 -27.90
N THR C 46 -0.70 12.46 -28.10
CA THR C 46 -1.48 11.71 -29.09
C THR C 46 -0.71 11.51 -30.41
N THR C 47 -0.11 12.56 -30.95
CA THR C 47 0.49 12.45 -32.29
C THR C 47 1.60 11.42 -32.31
N ASP C 48 2.49 11.44 -31.32
CA ASP C 48 3.56 10.43 -31.31
C ASP C 48 3.10 9.09 -30.74
N GLU C 49 1.95 9.04 -30.07
CA GLU C 49 1.29 7.76 -29.80
C GLU C 49 0.76 7.19 -31.11
N LEU C 50 0.19 8.05 -31.94
CA LEU C 50 -0.25 7.64 -33.27
C LEU C 50 0.92 7.25 -34.18
N LEU C 51 2.08 7.87 -34.00
CA LEU C 51 3.29 7.49 -34.74
C LEU C 51 3.82 6.14 -34.27
N GLU C 52 3.79 5.88 -32.96
CA GLU C 52 4.13 4.55 -32.46
C GLU C 52 3.21 3.49 -33.05
N LEU C 53 1.90 3.66 -32.88
CA LEU C 53 0.93 2.68 -33.38
C LEU C 53 1.07 2.39 -34.87
N ALA C 54 1.18 3.44 -35.67
CA ALA C 54 1.33 3.27 -37.10
C ALA C 54 2.51 2.35 -37.40
N ALA C 55 3.63 2.62 -36.74
CA ALA C 55 4.88 1.90 -36.99
C ALA C 55 4.80 0.44 -36.54
N ALA C 56 4.03 0.17 -35.47
CA ALA C 56 3.80 -1.20 -34.99
C ALA C 56 2.87 -1.96 -35.92
N VAL C 57 1.90 -1.24 -36.47
CA VAL C 57 0.94 -1.81 -37.42
C VAL C 57 1.58 -2.06 -38.79
N ASN C 58 2.58 -1.23 -39.13
CA ASN C 58 3.24 -1.28 -40.42
C ASN C 58 4.57 -0.55 -40.32
N PRO C 59 5.69 -1.28 -40.39
CA PRO C 59 6.97 -0.63 -40.09
C PRO C 59 7.29 0.58 -40.97
N VAL C 60 6.92 0.53 -42.25
CA VAL C 60 7.05 1.71 -43.12
C VAL C 60 5.67 2.21 -43.52
N PRO C 61 5.05 3.06 -42.70
CA PRO C 61 3.68 3.42 -42.99
C PRO C 61 3.54 4.27 -44.25
N PRO C 62 2.60 3.91 -45.15
CA PRO C 62 2.37 4.77 -46.31
C PRO C 62 1.87 6.16 -45.94
N ALA C 63 2.60 7.18 -46.37
CA ALA C 63 2.22 8.57 -46.14
C ALA C 63 0.73 8.85 -46.38
N ARG C 64 0.11 8.18 -47.35
CA ARG C 64 -1.31 8.40 -47.64
C ARG C 64 -2.24 7.96 -46.51
N GLU C 65 -1.84 6.97 -45.71
CA GLU C 65 -2.65 6.51 -44.57
C GLU C 65 -2.18 7.25 -43.32
N MET C 66 -0.94 7.68 -43.33
CA MET C 66 -0.42 8.51 -42.23
C MET C 66 -1.04 9.89 -42.17
N ASP C 67 -1.50 10.38 -43.33
CA ASP C 67 -2.17 11.68 -43.38
C ASP C 67 -3.54 11.57 -42.74
N MET C 68 -4.15 10.40 -42.87
CA MET C 68 -5.47 10.16 -42.27
C MET C 68 -5.33 10.04 -40.77
N LEU C 69 -4.26 9.38 -40.32
CA LEU C 69 -4.10 9.07 -38.91
C LEU C 69 -3.91 10.35 -38.11
N LEU C 70 -2.92 11.15 -38.52
CA LEU C 70 -2.57 12.40 -37.83
C LEU C 70 -3.63 13.49 -38.00
N THR C 71 -4.24 13.56 -39.18
CA THR C 71 -5.40 14.44 -39.39
C THR C 71 -6.55 14.10 -38.42
N ALA C 72 -6.81 12.81 -38.24
CA ALA C 72 -7.91 12.35 -37.37
C ALA C 72 -7.65 12.65 -35.90
N GLY C 73 -6.40 12.48 -35.49
CA GLY C 73 -6.02 12.77 -34.11
C GLY C 73 -6.15 14.24 -33.77
N GLU C 74 -5.99 15.10 -34.79
CA GLU C 74 -6.11 16.53 -34.60
C GLU C 74 -7.56 16.97 -34.67
N ARG C 75 -8.35 16.26 -35.46
CA ARG C 75 -9.78 16.54 -35.54
C ARG C 75 -10.48 16.39 -34.20
N ILE C 76 -10.01 15.49 -33.33
CA ILE C 76 -10.70 15.32 -32.05
C ILE C 76 -10.34 16.53 -31.16
N SER C 77 -9.19 17.13 -31.42
CA SER C 77 -8.80 18.33 -30.72
C SER C 77 -9.59 19.54 -31.22
N ASN C 78 -9.85 19.56 -32.53
CA ASN C 78 -10.64 20.59 -33.21
C ASN C 78 -12.09 20.63 -32.69
N ALA C 79 -12.73 19.46 -32.63
CA ALA C 79 -14.10 19.36 -32.13
C ALA C 79 -14.19 19.77 -30.66
N LEU C 80 -13.30 19.23 -29.82
CA LEU C 80 -13.35 19.47 -28.37
C LEU C 80 -13.12 20.91 -27.99
N VAL C 81 -12.23 21.59 -28.72
CA VAL C 81 -12.05 23.02 -28.51
C VAL C 81 -13.30 23.75 -29.00
N ALA C 82 -13.81 23.35 -30.17
CA ALA C 82 -15.02 23.95 -30.74
C ALA C 82 -16.20 23.87 -29.77
N MET C 83 -16.48 22.68 -29.26
CA MET C 83 -17.56 22.49 -28.29
C MET C 83 -17.34 23.33 -27.04
N ALA C 84 -16.07 23.51 -26.66
CA ALA C 84 -15.73 24.26 -25.47
C ALA C 84 -15.96 25.77 -25.66
N ILE C 85 -15.55 26.29 -26.82
CA ILE C 85 -15.76 27.70 -27.13
C ILE C 85 -17.27 28.00 -27.12
N GLU C 86 -18.04 27.09 -27.73
CA GLU C 86 -19.50 27.21 -27.79
C GLU C 86 -20.16 27.20 -26.42
N SER C 87 -19.59 26.41 -25.50
CA SER C 87 -20.04 26.39 -24.11
C SER C 87 -19.91 27.76 -23.42
N LEU C 88 -18.93 28.55 -23.86
CA LEU C 88 -18.70 29.89 -23.29
C LEU C 88 -19.37 31.01 -24.10
N GLY C 89 -20.29 30.62 -25.00
CA GLY C 89 -21.14 31.58 -25.70
C GLY C 89 -20.75 31.92 -27.12
N ALA C 90 -19.47 31.77 -27.44
CA ALA C 90 -18.94 32.18 -28.74
C ALA C 90 -19.30 31.17 -29.80
N GLU C 91 -19.12 31.54 -31.06
CA GLU C 91 -19.46 30.66 -32.17
C GLU C 91 -18.18 30.16 -32.83
N ALA C 92 -18.18 28.88 -33.21
CA ALA C 92 -17.00 28.24 -33.79
C ALA C 92 -17.29 27.69 -35.19
N GLN C 93 -16.26 27.70 -36.02
CA GLN C 93 -16.34 27.18 -37.38
C GLN C 93 -15.09 26.36 -37.62
N SER C 94 -15.30 25.07 -37.90
CA SER C 94 -14.20 24.14 -38.06
C SER C 94 -13.81 23.97 -39.53
N PHE C 95 -12.51 23.85 -39.75
CA PHE C 95 -11.94 23.75 -41.07
C PHE C 95 -10.94 22.62 -41.08
N THR C 96 -11.08 21.69 -42.01
CA THR C 96 -10.06 20.67 -42.23
C THR C 96 -9.76 20.62 -43.72
N THR C 117 -8.16 27.31 -47.15
CA THR C 117 -7.65 28.55 -47.74
C THR C 117 -8.17 29.82 -47.04
N PRO C 118 -7.39 30.92 -47.10
CA PRO C 118 -7.74 32.22 -46.49
C PRO C 118 -9.09 32.80 -46.94
N GLY C 119 -9.49 32.55 -48.19
CA GLY C 119 -10.73 33.12 -48.74
C GLY C 119 -12.05 32.68 -48.09
N ARG C 120 -12.10 31.47 -47.55
CA ARG C 120 -13.32 30.96 -46.90
C ARG C 120 -13.28 31.18 -45.38
N VAL C 121 -12.08 31.20 -44.82
CA VAL C 121 -11.88 31.58 -43.42
C VAL C 121 -12.32 33.04 -43.20
N ARG C 122 -11.97 33.89 -44.16
CA ARG C 122 -12.29 35.32 -44.12
C ARG C 122 -13.79 35.58 -44.04
N GLU C 123 -14.59 34.77 -44.76
CA GLU C 123 -16.05 34.88 -44.70
C GLU C 123 -16.55 34.59 -43.29
N ALA C 124 -16.16 33.43 -42.76
CA ALA C 124 -16.53 33.04 -41.40
C ALA C 124 -16.07 34.11 -40.39
N LEU C 125 -14.85 34.60 -40.59
CA LEU C 125 -14.32 35.75 -39.84
C LEU C 125 -15.28 36.94 -39.89
N ASP C 126 -15.73 37.30 -41.08
CA ASP C 126 -16.66 38.43 -41.25
C ASP C 126 -18.02 38.17 -40.57
N GLU C 127 -18.45 36.91 -40.50
CA GLU C 127 -19.65 36.53 -39.76
C GLU C 127 -19.44 36.56 -38.25
N GLY C 128 -18.18 36.58 -37.80
CA GLY C 128 -17.87 36.71 -36.37
C GLY C 128 -17.64 35.40 -35.63
N LYS C 129 -17.49 34.31 -36.38
CA LYS C 129 -17.21 33.01 -35.79
C LYS C 129 -15.72 32.91 -35.49
N ILE C 130 -15.35 32.16 -34.46
CA ILE C 130 -13.95 31.81 -34.22
C ILE C 130 -13.60 30.60 -35.08
N CYS C 131 -12.63 30.78 -35.98
CA CYS C 131 -12.25 29.74 -36.93
C CYS C 131 -11.20 28.80 -36.35
N ILE C 132 -11.50 27.50 -36.38
CA ILE C 132 -10.61 26.47 -35.86
C ILE C 132 -10.16 25.57 -37.02
N VAL C 133 -8.84 25.53 -37.25
CA VAL C 133 -8.28 24.87 -38.44
C VAL C 133 -7.23 23.81 -38.07
N ALA C 134 -7.41 22.59 -38.60
CA ALA C 134 -6.43 21.52 -38.40
C ALA C 134 -5.04 21.96 -38.87
N GLY C 135 -4.03 21.63 -38.06
CA GLY C 135 -2.63 21.98 -38.36
C GLY C 135 -2.08 21.39 -39.65
N GLY C 153 2.41 20.57 -40.25
CA GLY C 153 2.53 21.01 -38.86
C GLY C 153 1.62 22.17 -38.47
N SER C 154 1.18 22.14 -37.22
CA SER C 154 0.34 23.18 -36.63
C SER C 154 0.97 24.56 -36.73
N ASP C 155 2.21 24.68 -36.28
CA ASP C 155 2.93 25.94 -36.28
C ASP C 155 2.96 26.59 -37.66
N THR C 156 3.30 25.80 -38.67
CA THR C 156 3.34 26.30 -40.04
C THR C 156 1.94 26.61 -40.56
N THR C 157 0.97 25.81 -40.16
CA THR C 157 -0.41 26.09 -40.53
C THR C 157 -0.78 27.47 -40.01
N ALA C 158 -0.49 27.71 -38.73
CA ALA C 158 -0.78 29.00 -38.08
C ALA C 158 -0.09 30.19 -38.74
N VAL C 159 1.23 30.10 -38.94
CA VAL C 159 1.99 31.22 -39.53
C VAL C 159 1.54 31.52 -40.95
N ALA C 160 1.33 30.46 -41.74
CA ALA C 160 0.75 30.57 -43.07
C ALA C 160 -0.58 31.33 -43.03
N LEU C 161 -1.51 30.88 -42.18
CA LEU C 161 -2.82 31.53 -42.02
C LEU C 161 -2.69 33.00 -41.61
N ALA C 162 -1.77 33.29 -40.71
CA ALA C 162 -1.48 34.68 -40.35
C ALA C 162 -0.88 35.47 -41.52
N ALA C 163 -0.06 34.81 -42.34
CA ALA C 163 0.51 35.43 -43.53
C ALA C 163 -0.59 35.80 -44.53
N ALA C 164 -1.46 34.84 -44.81
CA ALA C 164 -2.49 35.00 -45.84
C ALA C 164 -3.54 36.04 -45.45
N LEU C 165 -3.94 36.05 -44.18
CA LEU C 165 -4.97 36.98 -43.68
C LEU C 165 -4.42 38.35 -43.26
N ASN C 166 -3.11 38.53 -43.28
CA ASN C 166 -2.48 39.74 -42.77
C ASN C 166 -2.85 39.96 -41.29
N ALA C 167 -2.76 38.89 -40.49
CA ALA C 167 -3.04 38.96 -39.06
C ALA C 167 -2.04 39.87 -38.37
N ASP C 168 -2.47 40.52 -37.29
CA ASP C 168 -1.61 41.46 -36.57
C ASP C 168 -0.53 40.74 -35.76
N VAL C 169 -0.86 39.54 -35.27
CA VAL C 169 0.05 38.70 -34.49
C VAL C 169 -0.36 37.23 -34.59
N CYS C 170 0.61 36.33 -34.38
CA CYS C 170 0.35 34.90 -34.28
C CYS C 170 0.92 34.40 -32.96
N GLU C 171 0.02 34.02 -32.05
CA GLU C 171 0.39 33.59 -30.71
C GLU C 171 0.59 32.07 -30.64
N ILE C 172 1.70 31.65 -30.06
CA ILE C 172 2.02 30.24 -29.87
C ILE C 172 1.92 29.92 -28.39
N TYR C 173 1.02 29.00 -28.05
CA TYR C 173 0.73 28.69 -26.66
C TYR C 173 1.25 27.31 -26.30
N SER C 174 2.23 27.28 -25.41
CA SER C 174 2.70 26.02 -24.84
C SER C 174 2.82 26.22 -23.33
N ASP C 175 3.62 25.38 -22.69
CA ASP C 175 3.85 25.44 -21.25
C ASP C 175 4.93 26.46 -20.88
N VAL C 176 5.59 27.06 -21.86
CA VAL C 176 6.60 28.08 -21.57
C VAL C 176 5.96 29.46 -21.75
N ASP C 177 6.27 30.35 -20.82
CA ASP C 177 5.69 31.70 -20.82
C ASP C 177 6.53 32.68 -21.62
N GLY C 178 7.68 32.25 -22.14
CA GLY C 178 8.51 33.11 -22.97
C GLY C 178 9.74 32.40 -23.52
N VAL C 179 10.59 33.14 -24.21
CA VAL C 179 11.92 32.67 -24.56
C VAL C 179 12.89 33.42 -23.67
N TYR C 180 13.62 32.69 -22.83
CA TYR C 180 14.47 33.31 -21.81
C TYR C 180 15.88 33.51 -22.32
N THR C 181 16.61 34.37 -21.62
CA THR C 181 18.02 34.63 -21.92
C THR C 181 18.92 33.41 -21.65
N ALA C 182 18.39 32.42 -20.92
CA ALA C 182 19.05 31.13 -20.69
C ALA C 182 18.01 30.27 -20.00
N ASP C 183 18.26 28.96 -19.89
CA ASP C 183 17.36 28.07 -19.15
C ASP C 183 17.38 28.44 -17.66
N PRO C 184 16.21 28.82 -17.10
CA PRO C 184 16.21 29.21 -15.68
C PRO C 184 16.48 28.07 -14.70
N ARG C 185 16.16 26.83 -15.09
CA ARG C 185 16.53 25.66 -14.29
C ARG C 185 18.06 25.52 -14.19
N ILE C 186 18.79 26.21 -15.08
CA ILE C 186 20.26 26.20 -15.12
C ILE C 186 20.88 27.54 -14.72
N VAL C 187 20.33 28.65 -15.22
CA VAL C 187 20.86 29.98 -14.93
C VAL C 187 19.89 30.76 -14.04
N PRO C 188 20.20 30.87 -12.73
CA PRO C 188 19.34 31.66 -11.84
C PRO C 188 19.02 33.07 -12.34
N ASN C 189 19.97 33.75 -12.98
CA ASN C 189 19.76 35.12 -13.49
C ASN C 189 19.13 35.22 -14.89
N ALA C 190 18.73 34.08 -15.45
CA ALA C 190 18.03 34.08 -16.74
C ALA C 190 16.75 34.89 -16.62
N GLN C 191 16.52 35.80 -17.56
CA GLN C 191 15.26 36.55 -17.58
C GLN C 191 14.53 36.50 -18.91
N LYS C 192 13.24 36.82 -18.87
CA LYS C 192 12.39 36.76 -20.05
C LYS C 192 12.68 37.91 -20.99
N LEU C 193 12.91 37.60 -22.27
CA LEU C 193 12.96 38.60 -23.30
C LEU C 193 11.55 39.11 -23.54
N GLU C 194 11.44 40.38 -23.88
CA GLU C 194 10.18 40.93 -24.37
C GLU C 194 10.20 41.08 -25.89
N LYS C 195 11.37 41.35 -26.46
CA LYS C 195 11.49 41.45 -27.90
C LYS C 195 12.74 40.73 -28.44
N LEU C 196 12.60 40.21 -29.65
CA LEU C 196 13.60 39.40 -30.30
C LEU C 196 13.34 39.44 -31.81
N SER C 197 14.40 39.49 -32.62
CA SER C 197 14.23 39.51 -34.06
C SER C 197 13.93 38.13 -34.63
N PHE C 198 13.56 38.09 -35.90
CA PHE C 198 13.26 36.84 -36.59
C PHE C 198 14.50 35.94 -36.62
N GLU C 199 15.60 36.45 -37.17
CA GLU C 199 16.78 35.60 -37.31
C GLU C 199 17.37 35.20 -35.95
N GLU C 200 17.37 36.11 -34.99
CA GLU C 200 17.80 35.79 -33.62
C GLU C 200 17.09 34.53 -33.07
N MET C 201 15.79 34.46 -33.29
CA MET C 201 14.98 33.35 -32.82
C MET C 201 15.31 32.08 -33.57
N LEU C 202 15.41 32.18 -34.90
CA LEU C 202 15.76 31.04 -35.76
C LEU C 202 17.06 30.41 -35.28
N GLU C 203 17.98 31.28 -34.91
CA GLU C 203 19.32 30.87 -34.53
C GLU C 203 19.26 30.09 -33.23
N LEU C 204 18.53 30.63 -32.25
CA LEU C 204 18.27 29.92 -31.01
C LEU C 204 17.48 28.63 -31.24
N ALA C 205 16.44 28.71 -32.04
CA ALA C 205 15.64 27.53 -32.46
C ALA C 205 16.51 26.44 -33.10
N ALA C 206 17.58 26.85 -33.77
CA ALA C 206 18.49 25.94 -34.45
C ALA C 206 19.46 25.18 -33.53
N VAL C 207 19.70 25.71 -32.32
CA VAL C 207 20.87 25.34 -31.54
C VAL C 207 20.57 24.97 -30.10
N GLY C 208 19.30 24.66 -29.82
CA GLY C 208 18.86 24.35 -28.47
C GLY C 208 17.36 24.53 -28.27
N SER C 209 16.92 25.78 -28.34
CA SER C 209 15.52 26.14 -28.09
C SER C 209 14.56 25.25 -28.86
N LYS C 210 13.65 24.57 -28.16
CA LYS C 210 12.66 23.71 -28.80
C LYS C 210 11.27 24.37 -28.82
N ILE C 211 11.24 25.69 -28.64
CA ILE C 211 10.00 26.45 -28.44
C ILE C 211 9.10 26.54 -29.68
N LEU C 212 9.71 26.80 -30.84
CA LEU C 212 8.99 26.83 -32.12
C LEU C 212 9.66 25.91 -33.13
N VAL C 213 8.91 25.40 -34.11
CA VAL C 213 9.53 24.64 -35.19
C VAL C 213 10.16 25.66 -36.15
N LEU C 214 11.44 25.49 -36.44
CA LEU C 214 12.17 26.42 -37.30
C LEU C 214 11.42 26.80 -38.56
N ARG C 215 10.85 25.79 -39.20
CA ARG C 215 10.11 25.95 -40.44
C ARG C 215 9.12 27.10 -40.31
N SER C 216 8.33 27.05 -39.23
CA SER C 216 7.26 28.01 -38.99
C SER C 216 7.79 29.45 -38.83
N VAL C 217 8.98 29.56 -38.24
CA VAL C 217 9.64 30.85 -38.02
C VAL C 217 10.18 31.41 -39.32
N GLU C 218 10.67 30.54 -40.21
CA GLU C 218 11.19 30.99 -41.51
C GLU C 218 10.06 31.62 -42.31
N TYR C 219 8.90 30.98 -42.31
CA TYR C 219 7.73 31.56 -42.95
C TYR C 219 7.38 32.85 -42.23
N ALA C 220 7.49 32.82 -40.90
CA ALA C 220 7.28 34.03 -40.11
C ALA C 220 8.08 35.15 -40.69
N ARG C 221 9.38 34.95 -40.85
CA ARG C 221 10.27 36.00 -41.36
C ARG C 221 10.14 36.22 -42.86
N ALA C 222 9.91 35.13 -43.60
CA ALA C 222 9.76 35.19 -45.05
C ALA C 222 8.76 36.28 -45.39
N PHE C 223 7.58 36.17 -44.79
CA PHE C 223 6.61 37.26 -44.79
C PHE C 223 6.93 38.07 -43.54
N ASN C 224 6.14 39.08 -43.22
CA ASN C 224 6.44 39.88 -42.03
C ASN C 224 5.41 39.57 -40.94
N VAL C 225 5.47 38.35 -40.40
CA VAL C 225 4.47 37.87 -39.44
C VAL C 225 5.00 37.88 -38.00
N PRO C 226 4.55 38.86 -37.18
CA PRO C 226 4.94 38.84 -35.78
C PRO C 226 4.41 37.61 -35.03
N LEU C 227 5.28 37.01 -34.24
CA LEU C 227 4.91 35.92 -33.36
C LEU C 227 4.99 36.38 -31.92
N ARG C 228 4.27 35.74 -31.02
CA ARG C 228 4.62 35.87 -29.61
C ARG C 228 4.38 34.62 -28.78
N VAL C 229 5.37 34.29 -27.96
CA VAL C 229 5.42 33.08 -27.19
C VAL C 229 4.78 33.35 -25.85
N ARG C 230 3.69 32.66 -25.57
CA ARG C 230 2.88 32.91 -24.37
C ARG C 230 2.45 31.61 -23.71
N SER C 231 1.98 31.72 -22.47
CA SER C 231 1.52 30.58 -21.69
C SER C 231 0.00 30.53 -21.67
N SER C 232 -0.53 29.31 -21.64
CA SER C 232 -1.98 29.08 -21.65
C SER C 232 -2.61 29.46 -20.31
N TYR C 233 -1.77 29.74 -19.30
CA TYR C 233 -2.19 29.93 -17.92
C TYR C 233 -1.60 31.19 -17.29
N SER C 234 -1.64 32.31 -18.01
CA SER C 234 -1.00 33.54 -17.52
C SER C 234 -1.49 34.80 -18.24
N ASN C 235 -1.44 35.92 -17.54
CA ASN C 235 -1.77 37.24 -18.10
C ASN C 235 -0.57 37.87 -18.81
N ASP C 236 0.61 37.27 -18.61
CA ASP C 236 1.89 37.80 -19.12
C ASP C 236 1.88 37.90 -20.65
N PRO C 237 2.26 39.06 -21.20
CA PRO C 237 2.33 39.30 -22.65
C PRO C 237 3.19 38.29 -23.40
N GLY C 238 4.30 37.88 -22.80
CA GLY C 238 5.20 36.93 -23.41
C GLY C 238 6.23 37.65 -24.26
N THR C 239 6.88 36.89 -25.12
CA THR C 239 8.01 37.38 -25.87
C THR C 239 7.58 37.64 -27.30
N LEU C 240 7.72 38.88 -27.72
CA LEU C 240 7.40 39.26 -29.08
C LEU C 240 8.58 38.90 -29.98
N ILE C 241 8.32 38.08 -30.99
CA ILE C 241 9.32 37.84 -32.02
C ILE C 241 8.79 38.53 -33.28
N ALA C 242 9.37 39.70 -33.60
CA ALA C 242 8.74 40.63 -34.53
C ALA C 242 9.68 41.31 -35.52
N GLY C 243 10.91 41.62 -35.12
CA GLY C 243 11.78 42.37 -36.01
C GLY C 243 12.52 41.52 -37.01
N SER C 244 12.72 42.03 -38.22
CA SER C 244 13.85 41.60 -39.00
C SER C 244 15.02 42.34 -38.38
N MET C 245 16.14 41.64 -38.21
CA MET C 245 17.29 42.21 -37.52
C MET C 245 17.97 43.30 -38.33
N GLU C 246 17.79 43.29 -39.65
CA GLU C 246 18.29 44.38 -40.50
C GLU C 246 17.60 45.70 -40.17
N ASP C 247 16.28 45.64 -39.93
CA ASP C 247 15.47 46.82 -39.59
C ASP C 247 15.65 47.29 -38.15
N ILE C 248 16.41 46.53 -37.34
CA ILE C 248 16.62 46.88 -35.94
C ILE C 248 17.44 48.17 -35.80
N PRO C 249 16.99 49.09 -34.92
CA PRO C 249 17.83 50.26 -34.61
C PRO C 249 19.07 49.82 -33.83
N VAL C 250 20.26 50.20 -34.28
CA VAL C 250 21.53 49.72 -33.70
C VAL C 250 21.47 49.43 -32.18
N GLU C 251 21.22 50.47 -31.39
CA GLU C 251 21.05 50.36 -29.93
C GLU C 251 20.36 49.07 -29.46
N GLU C 252 19.24 48.72 -30.10
CA GLU C 252 18.49 47.52 -29.74
C GLU C 252 19.15 46.24 -30.25
N ALA C 253 20.14 46.37 -31.14
CA ALA C 253 20.93 45.24 -31.63
C ALA C 253 21.96 44.88 -30.57
N VAL C 254 21.55 44.00 -29.66
CA VAL C 254 22.32 43.67 -28.48
C VAL C 254 22.64 42.17 -28.51
N LEU C 255 23.29 41.65 -27.47
CA LEU C 255 23.40 40.20 -27.31
C LEU C 255 22.10 39.69 -26.69
N THR C 256 21.49 38.71 -27.32
CA THR C 256 20.11 38.33 -27.00
C THR C 256 20.01 37.21 -25.97
N GLY C 257 20.72 36.11 -26.20
CA GLY C 257 20.54 34.92 -25.38
C GLY C 257 21.58 33.83 -25.54
N VAL C 258 21.49 32.85 -24.67
CA VAL C 258 22.43 31.74 -24.57
C VAL C 258 21.64 30.45 -24.59
N ALA C 259 21.97 29.55 -25.52
CA ALA C 259 21.22 28.30 -25.66
C ALA C 259 22.11 27.09 -25.43
N THR C 260 21.46 25.99 -25.06
CA THR C 260 22.11 24.79 -24.59
C THR C 260 21.49 23.60 -25.29
N ASP C 261 22.33 22.68 -25.74
CA ASP C 261 21.87 21.43 -26.34
C ASP C 261 22.78 20.27 -25.93
N LYS C 262 22.18 19.30 -25.24
CA LYS C 262 22.85 18.08 -24.76
C LYS C 262 22.22 16.83 -25.38
N SER C 263 21.45 17.01 -26.45
CA SER C 263 20.75 15.90 -27.09
C SER C 263 21.47 15.28 -28.30
N GLU C 264 22.72 15.68 -28.57
CA GLU C 264 23.40 15.27 -29.79
C GLU C 264 24.70 14.50 -29.57
N ALA C 265 25.05 13.69 -30.56
CA ALA C 265 26.31 12.96 -30.61
C ALA C 265 27.17 13.61 -31.67
N LYS C 266 28.48 13.50 -31.52
CA LYS C 266 29.43 13.96 -32.50
C LYS C 266 30.07 12.77 -33.17
N VAL C 267 29.98 12.72 -34.50
CA VAL C 267 30.74 11.74 -35.26
C VAL C 267 31.81 12.43 -36.12
N THR C 268 32.99 11.83 -36.18
CA THR C 268 34.12 12.42 -36.86
C THR C 268 34.72 11.40 -37.80
N VAL C 269 34.90 11.78 -39.06
CA VAL C 269 35.46 10.90 -40.07
C VAL C 269 36.84 11.43 -40.41
N LEU C 270 37.85 10.59 -40.26
CA LEU C 270 39.25 10.98 -40.49
C LEU C 270 39.78 10.49 -41.84
N GLY C 271 40.70 11.25 -42.44
CA GLY C 271 41.45 10.80 -43.61
C GLY C 271 40.63 10.71 -44.89
N ILE C 272 39.86 11.75 -45.15
CA ILE C 272 39.03 11.87 -46.34
C ILE C 272 39.83 12.62 -47.37
N SER C 273 40.00 12.02 -48.54
CA SER C 273 40.78 12.65 -49.60
C SER C 273 40.11 13.96 -50.03
N ASP C 274 40.92 14.98 -50.28
CA ASP C 274 40.41 16.30 -50.60
C ASP C 274 40.07 16.36 -52.09
N LYS C 275 38.96 15.71 -52.44
CA LYS C 275 38.54 15.50 -53.82
C LYS C 275 37.07 15.83 -53.92
N PRO C 276 36.66 16.45 -55.02
CA PRO C 276 35.23 16.62 -55.21
C PRO C 276 34.50 15.29 -55.06
N GLY C 277 33.33 15.31 -54.42
CA GLY C 277 32.49 14.11 -54.31
C GLY C 277 32.77 13.20 -53.12
N GLU C 278 33.84 13.48 -52.38
CA GLU C 278 34.16 12.69 -51.19
C GLU C 278 33.20 13.00 -50.06
N ALA C 279 32.87 14.28 -49.91
CA ALA C 279 31.87 14.71 -48.94
C ALA C 279 30.51 14.13 -49.29
N ALA C 280 30.20 14.07 -50.58
CA ALA C 280 28.92 13.49 -51.02
C ALA C 280 28.84 12.02 -50.66
N LYS C 281 29.99 11.36 -50.63
CA LYS C 281 30.07 9.95 -50.29
C LYS C 281 29.57 9.69 -48.86
N VAL C 282 29.88 10.59 -47.93
CA VAL C 282 29.55 10.37 -46.51
C VAL C 282 28.10 10.69 -46.21
N PHE C 283 27.60 11.78 -46.75
CA PHE C 283 26.26 12.28 -46.43
C PHE C 283 25.15 11.71 -47.30
N ARG C 284 25.51 11.13 -48.43
CA ARG C 284 24.57 10.31 -49.18
C ARG C 284 24.35 9.01 -48.39
N ALA C 285 25.42 8.45 -47.82
CA ALA C 285 25.30 7.25 -47.01
C ALA C 285 24.40 7.51 -45.80
N LEU C 286 24.62 8.62 -45.12
CA LEU C 286 23.84 8.94 -43.93
C LEU C 286 22.39 9.31 -44.26
N ALA C 287 22.19 10.02 -45.38
CA ALA C 287 20.86 10.39 -45.83
C ALA C 287 20.01 9.16 -46.15
N ASP C 288 20.62 8.15 -46.74
CA ASP C 288 19.90 6.92 -47.08
C ASP C 288 19.40 6.22 -45.82
N ALA C 289 20.18 6.28 -44.74
CA ALA C 289 19.80 5.62 -43.48
C ALA C 289 19.04 6.54 -42.53
N GLU C 290 18.41 7.56 -43.09
CA GLU C 290 17.59 8.55 -42.35
C GLU C 290 18.22 9.09 -41.04
N ILE C 291 19.53 9.30 -41.07
CA ILE C 291 20.20 9.93 -39.93
C ILE C 291 20.06 11.43 -40.04
N ASN C 292 19.48 12.03 -39.02
CA ASN C 292 19.31 13.47 -38.96
C ASN C 292 20.66 14.16 -38.74
N ILE C 293 21.01 15.07 -39.64
CA ILE C 293 22.26 15.82 -39.53
C ILE C 293 21.92 17.24 -39.09
N ASP C 294 22.55 17.69 -38.00
CA ASP C 294 22.34 19.05 -37.50
C ASP C 294 23.46 19.96 -37.92
N MET C 295 24.69 19.51 -37.70
CA MET C 295 25.83 20.37 -37.89
C MET C 295 26.96 19.55 -38.46
N VAL C 296 27.64 20.11 -39.46
CA VAL C 296 28.83 19.51 -40.03
C VAL C 296 29.92 20.57 -40.10
N LEU C 297 31.14 20.20 -39.75
CA LEU C 297 32.28 21.11 -39.83
C LEU C 297 33.45 20.45 -40.53
N GLN C 298 34.01 21.18 -41.50
CA GLN C 298 35.23 20.77 -42.20
C GLN C 298 36.16 21.97 -42.34
N ASN C 299 37.40 21.81 -41.89
CA ASN C 299 38.46 22.81 -42.06
C ASN C 299 39.52 22.16 -42.94
N VAL C 300 40.75 22.68 -42.94
CA VAL C 300 41.88 22.00 -43.58
C VAL C 300 43.19 22.12 -42.77
N ASP C 305 48.35 14.65 -45.03
CA ASP C 305 48.43 13.59 -46.02
C ASP C 305 47.56 13.86 -47.26
N GLY C 306 47.36 15.14 -47.58
CA GLY C 306 46.43 15.55 -48.66
C GLY C 306 44.97 15.22 -48.36
N THR C 307 44.66 15.00 -47.09
CA THR C 307 43.35 14.54 -46.66
C THR C 307 42.85 15.48 -45.57
N THR C 308 41.53 15.51 -45.38
CA THR C 308 40.94 16.29 -44.31
C THR C 308 40.00 15.42 -43.47
N ASP C 309 39.37 16.04 -42.47
CA ASP C 309 38.44 15.36 -41.58
C ASP C 309 37.08 16.04 -41.62
N ILE C 310 36.02 15.25 -41.54
CA ILE C 310 34.66 15.78 -41.44
C ILE C 310 34.03 15.34 -40.11
N THR C 311 33.61 16.32 -39.32
CA THR C 311 32.85 16.09 -38.11
C THR C 311 31.41 16.49 -38.35
N PHE C 312 30.49 15.75 -37.76
CA PHE C 312 29.07 16.10 -37.81
C PHE C 312 28.35 15.74 -36.53
N THR C 313 27.14 16.27 -36.38
CA THR C 313 26.37 16.12 -35.16
C THR C 313 25.00 15.53 -35.53
N CYS C 314 24.55 14.54 -34.75
CA CYS C 314 23.26 13.89 -34.98
C CYS C 314 22.59 13.56 -33.65
N PRO C 315 21.25 13.34 -33.64
CA PRO C 315 20.61 12.91 -32.39
C PRO C 315 21.31 11.68 -31.81
N ARG C 316 21.40 11.57 -30.49
CA ARG C 316 22.05 10.41 -29.88
C ARG C 316 21.50 9.04 -30.33
N SER C 317 20.18 8.92 -30.51
CA SER C 317 19.58 7.64 -30.94
C SER C 317 19.96 7.25 -32.37
N ASP C 318 20.35 8.24 -33.17
CA ASP C 318 20.91 8.00 -34.50
C ASP C 318 22.39 7.64 -34.48
N GLY C 319 23.10 8.09 -33.45
CA GLY C 319 24.53 7.89 -33.37
C GLY C 319 25.02 6.50 -33.72
N ARG C 320 24.40 5.50 -33.11
CA ARG C 320 24.82 4.09 -33.24
C ARG C 320 24.71 3.60 -34.68
N ARG C 321 23.56 3.88 -35.30
CA ARG C 321 23.34 3.49 -36.68
C ARG C 321 24.19 4.32 -37.63
N ALA C 322 24.50 5.55 -37.25
CA ALA C 322 25.46 6.37 -37.98
C ALA C 322 26.86 5.74 -37.99
N MET C 323 27.28 5.22 -36.84
CA MET C 323 28.55 4.51 -36.72
C MET C 323 28.59 3.19 -37.47
N GLU C 324 27.47 2.45 -37.42
CA GLU C 324 27.38 1.14 -38.09
C GLU C 324 27.53 1.34 -39.59
N ILE C 325 26.83 2.34 -40.13
CA ILE C 325 26.90 2.68 -41.54
C ILE C 325 28.31 3.03 -41.97
N LEU C 326 28.91 3.98 -41.28
CA LEU C 326 30.19 4.58 -41.69
C LEU C 326 31.39 3.67 -41.48
N LYS C 327 31.33 2.78 -40.49
CA LYS C 327 32.39 1.80 -40.29
C LYS C 327 32.53 0.85 -41.49
N LYS C 328 31.40 0.45 -42.08
CA LYS C 328 31.40 -0.37 -43.29
C LYS C 328 32.25 0.27 -44.37
N LEU C 329 31.87 1.50 -44.76
CA LEU C 329 32.53 2.21 -45.85
C LEU C 329 34.03 2.43 -45.60
N GLN C 330 34.41 2.47 -44.33
CA GLN C 330 35.83 2.61 -43.96
C GLN C 330 36.68 1.49 -44.56
N VAL C 331 36.17 0.26 -44.51
CA VAL C 331 36.91 -0.91 -45.01
C VAL C 331 37.27 -0.74 -46.49
N GLN C 332 36.28 -0.37 -47.29
CA GLN C 332 36.51 -0.08 -48.71
C GLN C 332 37.41 1.16 -48.83
N GLY C 333 38.27 1.18 -49.86
CA GLY C 333 39.39 2.13 -49.97
C GLY C 333 39.08 3.62 -49.81
N ASN C 334 38.66 4.01 -48.60
CA ASN C 334 38.19 5.36 -48.32
C ASN C 334 38.88 5.92 -47.06
N TRP C 335 38.13 6.10 -45.96
CA TRP C 335 38.66 6.84 -44.79
C TRP C 335 39.46 5.97 -43.80
N THR C 336 40.35 6.62 -43.05
CA THR C 336 41.28 5.93 -42.15
C THR C 336 40.65 5.55 -40.80
N ASN C 337 39.68 6.32 -40.33
CA ASN C 337 39.00 6.03 -39.06
C ASN C 337 37.70 6.84 -38.94
N VAL C 338 36.79 6.37 -38.10
CA VAL C 338 35.57 7.11 -37.80
C VAL C 338 35.28 7.02 -36.29
N LEU C 339 35.04 8.16 -35.67
CA LEU C 339 35.02 8.28 -34.19
C LEU C 339 33.62 8.57 -33.68
N TYR C 340 33.39 8.17 -32.42
CA TYR C 340 32.07 8.33 -31.79
C TYR C 340 32.15 8.98 -30.40
N ASP C 341 31.20 9.88 -30.12
CA ASP C 341 31.16 10.67 -28.88
C ASP C 341 29.73 11.07 -28.54
N ASP C 342 29.16 10.48 -27.49
CA ASP C 342 27.79 10.79 -27.09
C ASP C 342 27.68 11.57 -25.77
N GLN C 343 28.76 12.23 -25.37
CA GLN C 343 28.74 13.08 -24.18
C GLN C 343 29.04 14.54 -24.57
N VAL C 344 28.85 14.89 -25.84
CA VAL C 344 29.12 16.23 -26.30
C VAL C 344 27.97 17.12 -25.87
N GLY C 345 28.29 18.38 -25.62
CA GLY C 345 27.28 19.38 -25.36
C GLY C 345 27.53 20.58 -26.24
N LYS C 346 26.46 21.21 -26.71
CA LYS C 346 26.58 22.44 -27.47
C LYS C 346 26.07 23.61 -26.63
N VAL C 347 26.90 24.64 -26.51
CA VAL C 347 26.52 25.89 -25.87
C VAL C 347 26.80 27.04 -26.84
N SER C 348 25.81 27.94 -26.98
CA SER C 348 25.83 28.99 -27.99
C SER C 348 25.46 30.36 -27.44
N LEU C 349 25.95 31.40 -28.11
CA LEU C 349 25.53 32.77 -27.86
C LEU C 349 24.98 33.31 -29.16
N VAL C 350 23.74 33.78 -29.16
CA VAL C 350 23.16 34.39 -30.35
C VAL C 350 22.80 35.83 -30.05
N GLY C 351 22.95 36.70 -31.05
CA GLY C 351 22.62 38.10 -30.87
C GLY C 351 22.96 38.95 -32.06
N ALA C 352 21.97 39.67 -32.58
CA ALA C 352 22.18 40.61 -33.68
C ALA C 352 23.34 41.57 -33.40
N GLY C 353 23.60 41.84 -32.13
CA GLY C 353 24.69 42.72 -31.73
C GLY C 353 26.12 42.27 -32.07
N MET C 354 26.31 40.97 -32.34
CA MET C 354 27.68 40.50 -32.63
C MET C 354 28.07 40.70 -34.09
N LYS C 355 27.13 41.04 -34.93
CA LYS C 355 27.39 41.16 -36.37
C LYS C 355 28.41 42.24 -36.70
N SER C 356 28.28 43.42 -36.08
CA SER C 356 29.15 44.57 -36.35
C SER C 356 30.04 45.01 -35.17
N HIS C 357 30.21 44.14 -34.17
CA HIS C 357 30.98 44.46 -32.97
C HIS C 357 32.17 43.52 -32.79
N PRO C 358 33.39 44.03 -33.02
CA PRO C 358 34.67 43.34 -32.87
C PRO C 358 34.98 42.63 -31.55
N GLY C 359 34.18 42.83 -30.51
CA GLY C 359 34.53 42.23 -29.22
C GLY C 359 34.11 40.79 -28.87
N VAL C 360 33.03 40.28 -29.45
CA VAL C 360 32.27 39.21 -28.75
C VAL C 360 32.91 37.81 -28.71
N THR C 361 33.65 37.43 -29.75
CA THR C 361 34.28 36.12 -29.78
C THR C 361 35.28 35.97 -28.65
N ALA C 362 36.15 36.97 -28.51
CA ALA C 362 37.16 37.01 -27.46
C ALA C 362 36.54 36.98 -26.05
N GLU C 363 35.41 37.66 -25.86
CA GLU C 363 34.66 37.55 -24.60
C GLU C 363 34.06 36.16 -24.37
N PHE C 364 33.49 35.57 -25.42
CA PHE C 364 32.98 34.21 -25.35
C PHE C 364 34.11 33.31 -24.84
N MET C 365 35.20 33.28 -25.59
CA MET C 365 36.42 32.52 -25.26
C MET C 365 36.90 32.75 -23.83
N GLU C 366 37.13 34.01 -23.47
CA GLU C 366 37.63 34.36 -22.14
C GLU C 366 36.70 33.88 -21.02
N ALA C 367 35.40 33.85 -21.29
CA ALA C 367 34.39 33.42 -20.31
C ALA C 367 34.52 31.94 -19.96
N LEU C 368 34.64 31.11 -20.98
CA LEU C 368 34.87 29.67 -20.80
C LEU C 368 36.26 29.39 -20.21
N ARG C 369 37.26 30.19 -20.57
CA ARG C 369 38.60 30.00 -20.01
C ARG C 369 38.60 30.19 -18.49
N ASP C 370 37.92 31.23 -18.02
CA ASP C 370 37.94 31.61 -16.61
C ASP C 370 37.13 30.69 -15.73
N VAL C 371 36.32 29.83 -16.35
CA VAL C 371 35.68 28.71 -15.66
C VAL C 371 36.29 27.38 -16.12
N ASN C 372 37.48 27.43 -16.70
CA ASN C 372 38.27 26.23 -16.97
C ASN C 372 37.55 25.15 -17.81
N VAL C 373 36.77 25.57 -18.81
CA VAL C 373 36.19 24.61 -19.77
C VAL C 373 36.90 24.72 -21.11
N ASN C 374 37.15 23.56 -21.73
CA ASN C 374 37.97 23.46 -22.91
C ASN C 374 37.12 23.43 -24.15
N ILE C 375 37.36 24.39 -25.04
CA ILE C 375 36.61 24.50 -26.29
C ILE C 375 37.10 23.43 -27.28
N GLU C 376 36.22 22.51 -27.64
CA GLU C 376 36.62 21.37 -28.48
C GLU C 376 36.35 21.67 -29.94
N LEU C 377 35.24 22.34 -30.21
CA LEU C 377 34.80 22.61 -31.58
C LEU C 377 34.13 24.00 -31.61
N ILE C 378 34.27 24.70 -32.73
CA ILE C 378 33.70 26.05 -32.88
C ILE C 378 32.91 26.16 -34.18
N SER C 379 31.62 26.46 -34.05
CA SER C 379 30.70 26.65 -35.19
C SER C 379 30.20 28.09 -35.12
N THR C 380 29.97 28.76 -36.25
CA THR C 380 29.38 30.10 -36.20
C THR C 380 28.40 30.40 -37.33
N SER C 381 27.61 31.44 -37.09
CA SER C 381 26.95 32.15 -38.18
C SER C 381 27.19 33.62 -37.93
N GLU C 382 26.68 34.47 -38.81
CA GLU C 382 26.90 35.92 -38.72
C GLU C 382 26.56 36.45 -37.32
N ILE C 383 25.59 35.79 -36.68
CA ILE C 383 24.89 36.30 -35.53
C ILE C 383 24.95 35.34 -34.34
N ARG C 384 25.73 34.26 -34.44
CA ARG C 384 25.80 33.23 -33.40
C ARG C 384 27.20 32.62 -33.32
N ILE C 385 27.63 32.35 -32.11
CA ILE C 385 28.82 31.57 -31.83
C ILE C 385 28.34 30.31 -31.11
N SER C 386 28.83 29.15 -31.52
CA SER C 386 28.47 27.86 -30.91
C SER C 386 29.72 27.05 -30.69
N VAL C 387 29.87 26.49 -29.49
CA VAL C 387 31.02 25.66 -29.19
C VAL C 387 30.55 24.30 -28.71
N LEU C 388 31.33 23.26 -29.02
CA LEU C 388 31.10 21.94 -28.44
C LEU C 388 32.09 21.69 -27.30
N ILE C 389 31.57 21.27 -26.14
CA ILE C 389 32.39 20.88 -24.99
C ILE C 389 31.80 19.62 -24.33
N ARG C 390 32.37 19.21 -23.18
CA ARG C 390 31.82 18.08 -22.44
C ARG C 390 30.45 18.49 -21.91
N GLU C 391 29.50 17.57 -21.92
CA GLU C 391 28.18 17.84 -21.34
C GLU C 391 28.24 18.26 -19.87
N ASP C 392 29.18 17.69 -19.11
CA ASP C 392 29.31 18.01 -17.69
C ASP C 392 29.71 19.46 -17.44
N ASP C 393 30.32 20.10 -18.44
CA ASP C 393 30.72 21.53 -18.38
C ASP C 393 29.67 22.50 -18.91
N LEU C 394 28.54 21.98 -19.37
CA LEU C 394 27.56 22.78 -20.09
C LEU C 394 26.86 23.79 -19.18
N ASP C 395 26.40 23.32 -18.02
CA ASP C 395 25.77 24.19 -17.03
C ASP C 395 26.72 25.29 -16.58
N ALA C 396 27.97 24.92 -16.27
CA ALA C 396 28.96 25.91 -15.83
C ALA C 396 29.25 26.93 -16.94
N ALA C 397 29.28 26.45 -18.19
CA ALA C 397 29.56 27.30 -19.33
C ALA C 397 28.42 28.29 -19.57
N ALA C 398 27.17 27.80 -19.56
CA ALA C 398 26.00 28.66 -19.73
C ALA C 398 26.00 29.79 -18.69
N ARG C 399 26.23 29.44 -17.43
CA ARG C 399 26.39 30.47 -16.39
C ARG C 399 27.47 31.51 -16.75
N ALA C 400 28.66 31.03 -17.12
CA ALA C 400 29.78 31.92 -17.44
C ALA C 400 29.45 32.87 -18.60
N LEU C 401 29.06 32.34 -19.75
CA LEU C 401 28.67 33.23 -20.84
C LEU C 401 27.61 34.20 -20.36
N HIS C 402 26.52 33.65 -19.80
CA HIS C 402 25.43 34.48 -19.31
C HIS C 402 25.90 35.58 -18.37
N GLU C 403 26.89 35.29 -17.54
CA GLU C 403 27.41 36.28 -16.58
C GLU C 403 28.30 37.28 -17.29
N GLN C 404 29.24 36.77 -18.09
CA GLN C 404 30.18 37.62 -18.83
C GLN C 404 29.44 38.70 -19.62
N PHE C 405 28.57 38.29 -20.54
CA PHE C 405 27.74 39.22 -21.30
C PHE C 405 26.56 39.57 -20.42
N GLN C 406 26.24 40.84 -20.26
CA GLN C 406 25.38 41.23 -19.13
C GLN C 406 23.90 40.86 -19.33
N LEU C 407 23.66 39.59 -19.63
CA LEU C 407 22.32 39.05 -19.69
C LEU C 407 21.88 38.92 -18.24
N GLY C 408 20.59 39.09 -17.98
CA GLY C 408 20.09 39.11 -16.60
C GLY C 408 20.34 40.45 -15.92
N GLY C 409 20.25 41.53 -16.68
CA GLY C 409 20.51 42.89 -16.15
C GLY C 409 21.99 43.17 -15.91
N GLU D 3 8.33 19.91 -42.22
CA GLU D 3 9.57 19.70 -41.39
C GLU D 3 10.69 20.65 -41.82
N ALA D 4 10.86 20.84 -43.12
CA ALA D 4 11.94 21.70 -43.65
C ALA D 4 11.47 22.66 -44.76
N VAL D 5 12.32 23.63 -45.07
CA VAL D 5 12.05 24.60 -46.14
C VAL D 5 13.36 25.22 -46.64
N LEU D 6 13.42 25.48 -47.95
CA LEU D 6 14.64 25.95 -48.61
C LEU D 6 14.33 27.18 -49.47
N THR D 7 14.79 28.36 -49.04
CA THR D 7 14.34 29.62 -49.65
C THR D 7 15.32 30.27 -50.64
N GLY D 8 16.62 30.06 -50.49
CA GLY D 8 17.58 30.65 -51.45
C GLY D 8 19.07 30.38 -51.26
N VAL D 9 19.86 30.85 -52.23
CA VAL D 9 21.32 30.71 -52.17
C VAL D 9 22.01 32.07 -52.15
N ALA D 10 23.14 32.13 -51.46
CA ALA D 10 23.92 33.35 -51.31
C ALA D 10 25.38 33.08 -51.68
N THR D 11 26.03 34.10 -52.21
CA THR D 11 27.44 34.03 -52.56
C THR D 11 28.13 35.26 -51.99
N ASP D 12 29.46 35.19 -51.84
CA ASP D 12 30.23 36.28 -51.23
C ASP D 12 31.72 36.14 -51.53
N LYS D 13 32.35 37.23 -51.95
CA LYS D 13 33.77 37.24 -52.26
C LYS D 13 34.40 38.49 -51.65
N SER D 14 33.94 38.85 -50.46
CA SER D 14 34.42 40.03 -49.74
C SER D 14 35.30 39.68 -48.55
N GLU D 15 35.41 38.39 -48.24
CA GLU D 15 36.15 37.95 -47.07
C GLU D 15 37.50 37.39 -47.44
N ALA D 16 38.37 37.34 -46.43
CA ALA D 16 39.63 36.63 -46.50
C ALA D 16 39.58 35.56 -45.41
N LYS D 17 40.41 34.54 -45.57
CA LYS D 17 40.46 33.40 -44.66
C LYS D 17 41.83 33.39 -44.00
N VAL D 18 41.88 33.34 -42.67
CA VAL D 18 43.16 33.17 -41.99
C VAL D 18 43.13 31.95 -41.05
N THR D 19 44.16 31.12 -41.18
CA THR D 19 44.23 29.86 -40.47
C THR D 19 45.44 29.90 -39.57
N VAL D 20 45.20 29.65 -38.29
CA VAL D 20 46.24 29.53 -37.29
C VAL D 20 46.39 28.05 -37.00
N LEU D 21 47.54 27.49 -37.38
CA LEU D 21 47.80 26.07 -37.21
C LEU D 21 48.51 25.80 -35.89
N GLY D 22 48.26 24.63 -35.34
CA GLY D 22 49.00 24.15 -34.18
C GLY D 22 48.77 24.97 -32.92
N ILE D 23 47.50 25.20 -32.59
CA ILE D 23 47.16 25.82 -31.30
C ILE D 23 46.96 24.69 -30.30
N SER D 24 47.67 24.73 -29.18
CA SER D 24 47.57 23.65 -28.19
C SER D 24 46.18 23.62 -27.55
N ASP D 25 45.52 22.46 -27.63
CA ASP D 25 44.16 22.25 -27.16
C ASP D 25 44.07 22.33 -25.63
N LYS D 26 43.84 23.54 -25.13
CA LYS D 26 43.91 23.83 -23.72
C LYS D 26 43.03 25.06 -23.47
N PRO D 27 42.36 25.13 -22.30
CA PRO D 27 41.55 26.31 -22.01
C PRO D 27 42.31 27.62 -22.17
N GLY D 28 41.71 28.59 -22.87
CA GLY D 28 42.28 29.93 -23.00
C GLY D 28 43.04 30.27 -24.26
N GLU D 29 43.41 29.26 -25.05
CA GLU D 29 44.28 29.47 -26.19
C GLU D 29 43.54 30.08 -27.38
N ALA D 30 42.32 29.63 -27.65
CA ALA D 30 41.48 30.29 -28.64
C ALA D 30 41.36 31.78 -28.33
N ALA D 31 41.10 32.08 -27.06
CA ALA D 31 40.99 33.43 -26.55
C ALA D 31 42.17 34.32 -26.96
N LYS D 32 43.39 33.79 -26.86
CA LYS D 32 44.58 34.58 -27.16
C LYS D 32 44.57 35.12 -28.58
N VAL D 33 44.08 34.33 -29.54
CA VAL D 33 44.01 34.72 -30.94
C VAL D 33 42.95 35.80 -31.18
N PHE D 34 41.81 35.69 -30.49
CA PHE D 34 40.71 36.62 -30.69
C PHE D 34 40.81 37.92 -29.88
N ARG D 35 41.45 37.88 -28.71
CA ARG D 35 41.71 39.09 -27.95
C ARG D 35 42.48 40.06 -28.85
N ALA D 36 43.65 39.63 -29.32
CA ALA D 36 44.51 40.43 -30.18
C ALA D 36 43.69 41.07 -31.30
N LEU D 37 43.04 40.23 -32.10
CA LEU D 37 42.22 40.70 -33.19
C LEU D 37 41.20 41.72 -32.71
N ALA D 38 40.47 41.37 -31.65
CA ALA D 38 39.41 42.24 -31.13
C ALA D 38 39.96 43.60 -30.73
N ASP D 39 41.08 43.62 -30.01
CA ASP D 39 41.69 44.88 -29.55
C ASP D 39 42.15 45.77 -30.70
N ALA D 40 42.44 45.17 -31.85
CA ALA D 40 42.80 45.93 -33.06
C ALA D 40 41.58 46.30 -33.89
N GLU D 41 40.40 45.93 -33.40
CA GLU D 41 39.10 46.27 -34.01
C GLU D 41 38.86 45.65 -35.40
N ILE D 42 39.29 44.41 -35.56
CA ILE D 42 38.97 43.61 -36.74
C ILE D 42 37.71 42.84 -36.43
N ASN D 43 36.62 43.22 -37.07
CA ASN D 43 35.35 42.53 -36.92
C ASN D 43 35.35 41.20 -37.69
N ILE D 44 35.31 40.09 -36.97
CA ILE D 44 35.43 38.77 -37.57
C ILE D 44 34.04 38.17 -37.87
N ASP D 45 33.98 37.21 -38.80
CA ASP D 45 32.73 36.52 -39.13
C ASP D 45 32.80 34.98 -38.83
N MET D 46 33.18 34.17 -39.81
CA MET D 46 33.19 32.72 -39.62
C MET D 46 34.33 32.37 -38.69
N VAL D 47 34.08 31.39 -37.83
CA VAL D 47 35.11 30.83 -36.98
C VAL D 47 34.91 29.32 -36.99
N LEU D 48 36.01 28.60 -37.17
CA LEU D 48 35.93 27.18 -37.33
C LEU D 48 37.12 26.48 -36.68
N GLN D 49 36.85 25.42 -35.96
CA GLN D 49 37.87 24.58 -35.37
C GLN D 49 37.32 23.17 -35.33
N ASN D 50 38.12 22.20 -35.78
CA ASN D 50 37.80 20.80 -35.49
C ASN D 50 38.68 20.30 -34.34
N VAL D 51 38.69 18.99 -34.11
CA VAL D 51 39.01 18.40 -32.78
C VAL D 51 40.47 17.96 -32.49
N PHE D 52 41.29 17.77 -33.53
CA PHE D 52 42.72 17.43 -33.33
C PHE D 52 43.09 16.05 -33.83
N ASP D 56 50.17 15.37 -31.73
CA ASP D 56 50.50 16.48 -30.82
C ASP D 56 49.32 16.84 -29.93
N GLY D 57 48.14 16.36 -30.29
CA GLY D 57 46.89 16.72 -29.62
C GLY D 57 46.65 18.20 -29.73
N THR D 58 47.01 18.74 -30.88
CA THR D 58 46.90 20.15 -31.17
C THR D 58 45.81 20.27 -32.18
N THR D 59 45.25 21.47 -32.33
CA THR D 59 44.26 21.71 -33.37
C THR D 59 44.45 23.07 -34.02
N ASP D 60 43.61 23.36 -35.02
CA ASP D 60 43.73 24.55 -35.85
C ASP D 60 42.44 25.32 -35.86
N ILE D 61 42.56 26.66 -35.91
CA ILE D 61 41.40 27.54 -35.99
C ILE D 61 41.53 28.36 -37.25
N THR D 62 40.43 28.50 -37.97
CA THR D 62 40.37 29.38 -39.14
C THR D 62 39.25 30.36 -38.92
N PHE D 63 39.44 31.61 -39.37
CA PHE D 63 38.37 32.61 -39.31
C PHE D 63 38.37 33.42 -40.59
N THR D 64 37.22 33.99 -40.93
CA THR D 64 37.15 34.89 -42.05
C THR D 64 36.95 36.31 -41.56
N CYS D 65 37.46 37.27 -42.31
CA CYS D 65 37.23 38.67 -42.02
C CYS D 65 37.20 39.43 -43.35
N PRO D 66 36.78 40.70 -43.34
CA PRO D 66 36.84 41.45 -44.58
C PRO D 66 38.26 41.44 -45.17
N ARG D 67 38.36 41.33 -46.48
CA ARG D 67 39.65 41.34 -47.15
C ARG D 67 40.40 42.63 -46.86
N SER D 68 39.66 43.74 -46.72
CA SER D 68 40.25 45.05 -46.42
C SER D 68 41.07 45.02 -45.13
N ASP D 69 40.70 44.13 -44.22
CA ASP D 69 41.33 44.01 -42.91
C ASP D 69 42.36 42.87 -42.83
N GLY D 70 42.44 42.06 -43.87
CA GLY D 70 43.26 40.84 -43.89
C GLY D 70 44.73 40.99 -43.55
N ARG D 71 45.51 41.63 -44.42
CA ARG D 71 46.93 41.84 -44.18
C ARG D 71 47.20 42.34 -42.76
N ARG D 72 46.32 43.22 -42.29
CA ARG D 72 46.44 43.86 -40.97
C ARG D 72 46.13 42.86 -39.86
N ALA D 73 45.18 41.96 -40.12
CA ALA D 73 44.89 40.84 -39.23
C ALA D 73 46.08 39.89 -39.10
N MET D 74 46.81 39.71 -40.20
CA MET D 74 48.02 38.91 -40.20
C MET D 74 49.09 39.56 -39.35
N GLU D 75 49.31 40.85 -39.55
CA GLU D 75 50.35 41.59 -38.83
C GLU D 75 50.18 41.43 -37.32
N ILE D 76 48.96 41.59 -36.84
CA ILE D 76 48.66 41.48 -35.41
C ILE D 76 48.94 40.04 -34.93
N LEU D 77 48.62 39.05 -35.75
CA LEU D 77 48.91 37.65 -35.43
C LEU D 77 50.40 37.31 -35.62
N LYS D 78 51.03 37.88 -36.65
CA LYS D 78 52.44 37.61 -36.96
C LYS D 78 53.33 38.11 -35.83
N LYS D 79 53.22 39.41 -35.54
CA LYS D 79 54.07 40.10 -34.56
C LYS D 79 53.82 39.62 -33.14
N LEU D 80 52.77 38.82 -32.96
CA LEU D 80 52.45 38.22 -31.68
C LEU D 80 52.26 36.70 -31.88
N GLN D 81 53.30 36.03 -32.39
CA GLN D 81 53.27 34.58 -32.64
C GLN D 81 54.18 33.80 -31.68
N VAL D 82 54.64 34.45 -30.60
CA VAL D 82 55.58 33.80 -29.67
C VAL D 82 55.05 33.75 -28.24
N ASN D 85 53.42 30.39 -29.52
CA ASN D 85 52.28 29.59 -29.08
C ASN D 85 51.34 29.14 -30.20
N TRP D 86 51.65 29.54 -31.45
CA TRP D 86 51.09 28.91 -32.66
C TRP D 86 52.24 28.64 -33.61
N THR D 87 52.06 27.66 -34.48
CA THR D 87 53.12 27.22 -35.38
C THR D 87 53.08 27.98 -36.70
N ASN D 88 51.89 28.21 -37.23
CA ASN D 88 51.70 28.98 -38.47
C ASN D 88 50.46 29.82 -38.45
N VAL D 89 50.45 30.81 -39.34
CA VAL D 89 49.26 31.57 -39.66
C VAL D 89 49.28 31.88 -41.15
N LEU D 90 48.30 31.34 -41.87
CA LEU D 90 48.19 31.49 -43.32
C LEU D 90 47.21 32.59 -43.69
N TYR D 91 47.43 33.20 -44.86
CA TYR D 91 46.49 34.14 -45.46
C TYR D 91 46.07 33.64 -46.84
N ASP D 92 44.79 33.75 -47.16
CA ASP D 92 44.27 33.23 -48.43
C ASP D 92 43.80 34.32 -49.41
N ASP D 93 42.81 35.12 -49.00
CA ASP D 93 42.35 36.32 -49.75
C ASP D 93 41.81 36.11 -51.17
N GLN D 94 41.68 34.86 -51.60
CA GLN D 94 41.04 34.53 -52.87
C GLN D 94 39.89 33.55 -52.65
N VAL D 95 39.31 33.60 -51.44
CA VAL D 95 38.28 32.64 -51.01
C VAL D 95 36.87 33.14 -51.34
N GLY D 96 35.92 32.22 -51.41
CA GLY D 96 34.53 32.57 -51.69
C GLY D 96 33.56 31.72 -50.91
N LYS D 97 32.48 32.32 -50.45
CA LYS D 97 31.49 31.67 -49.59
C LYS D 97 30.16 31.49 -50.32
N VAL D 98 29.66 30.26 -50.36
CA VAL D 98 28.34 29.95 -50.92
C VAL D 98 27.47 29.29 -49.86
N SER D 99 26.29 29.84 -49.62
CA SER D 99 25.39 29.33 -48.58
C SER D 99 24.03 28.95 -49.19
N LEU D 100 23.51 27.79 -48.79
CA LEU D 100 22.10 27.45 -49.02
C LEU D 100 21.32 27.84 -47.77
N VAL D 101 20.25 28.58 -47.94
CA VAL D 101 19.45 29.08 -46.80
C VAL D 101 18.13 28.33 -46.76
N GLY D 102 17.60 28.19 -45.55
CA GLY D 102 16.42 27.39 -45.33
C GLY D 102 16.10 27.29 -43.85
N ALA D 103 15.45 26.20 -43.46
CA ALA D 103 14.97 26.02 -42.09
C ALA D 103 14.32 24.66 -41.93
N GLY D 104 14.89 23.84 -41.04
CA GLY D 104 14.40 22.49 -40.76
C GLY D 104 15.12 21.38 -41.50
N MET D 105 16.37 21.63 -41.88
CA MET D 105 17.15 20.72 -42.71
C MET D 105 17.63 19.46 -41.96
N LYS D 106 17.60 19.48 -40.63
CA LYS D 106 18.05 18.34 -39.81
C LYS D 106 17.27 17.05 -40.02
N SER D 107 15.96 17.16 -40.27
CA SER D 107 15.10 16.00 -40.50
C SER D 107 15.14 15.55 -41.97
N HIS D 108 15.69 16.39 -42.84
CA HIS D 108 15.85 16.07 -44.25
C HIS D 108 17.34 16.08 -44.62
N PRO D 109 18.08 15.03 -44.20
CA PRO D 109 19.53 14.96 -44.43
C PRO D 109 19.89 14.87 -45.91
N GLY D 110 18.92 14.49 -46.74
CA GLY D 110 19.10 14.48 -48.19
C GLY D 110 19.53 15.83 -48.71
N VAL D 111 19.07 16.90 -48.07
CA VAL D 111 19.45 18.24 -48.50
C VAL D 111 20.97 18.42 -48.47
N THR D 112 21.57 18.10 -47.33
CA THR D 112 23.03 18.22 -47.17
C THR D 112 23.80 17.32 -48.16
N ALA D 113 23.27 16.13 -48.40
CA ALA D 113 23.86 15.20 -49.36
C ALA D 113 23.81 15.79 -50.76
N GLU D 114 22.63 16.29 -51.13
CA GLU D 114 22.43 16.94 -52.43
C GLU D 114 23.26 18.20 -52.63
N PHE D 115 23.51 18.94 -51.54
CA PHE D 115 24.32 20.16 -51.62
C PHE D 115 25.71 19.76 -52.12
N MET D 116 26.30 18.77 -51.43
CA MET D 116 27.60 18.19 -51.78
C MET D 116 27.65 17.65 -53.20
N GLU D 117 26.69 16.78 -53.52
CA GLU D 117 26.60 16.15 -54.84
C GLU D 117 26.42 17.17 -55.97
N ALA D 118 25.75 18.28 -55.67
CA ALA D 118 25.62 19.39 -56.62
C ALA D 118 26.96 19.98 -57.02
N LEU D 119 27.90 20.09 -56.08
CA LEU D 119 29.25 20.62 -56.35
C LEU D 119 30.21 19.57 -56.93
N ARG D 120 29.96 18.30 -56.62
CA ARG D 120 30.66 17.18 -57.26
C ARG D 120 30.44 17.19 -58.78
N ASP D 121 29.20 17.46 -59.19
CA ASP D 121 28.81 17.34 -60.58
C ASP D 121 29.25 18.51 -61.47
N VAL D 122 29.59 19.64 -60.85
CA VAL D 122 30.22 20.76 -61.55
C VAL D 122 31.73 20.77 -61.26
N ASN D 123 32.20 19.73 -60.57
CA ASN D 123 33.61 19.54 -60.26
C ASN D 123 34.19 20.73 -59.52
N VAL D 124 33.61 21.04 -58.37
CA VAL D 124 34.15 22.08 -57.51
C VAL D 124 34.44 21.51 -56.12
N ASN D 125 35.67 21.74 -55.66
CA ASN D 125 36.19 21.15 -54.44
C ASN D 125 35.82 21.99 -53.24
N ILE D 126 35.31 21.32 -52.21
CA ILE D 126 34.89 21.96 -50.97
C ILE D 126 36.07 22.04 -50.02
N GLU D 127 36.49 23.26 -49.71
CA GLU D 127 37.63 23.47 -48.82
C GLU D 127 37.19 23.49 -47.36
N LEU D 128 36.06 24.15 -47.11
CA LEU D 128 35.53 24.32 -45.75
C LEU D 128 34.01 24.16 -45.75
N ILE D 129 33.49 23.65 -44.63
CA ILE D 129 32.07 23.41 -44.44
C ILE D 129 31.69 23.80 -43.02
N SER D 130 30.57 24.51 -42.87
CA SER D 130 29.93 24.73 -41.56
C SER D 130 28.43 24.91 -41.75
N THR D 131 27.67 23.95 -41.25
CA THR D 131 26.25 23.92 -41.45
C THR D 131 25.50 24.01 -40.12
N SER D 132 24.19 24.25 -40.23
CA SER D 132 23.28 24.21 -39.11
C SER D 132 21.94 23.83 -39.71
N GLU D 133 20.92 23.74 -38.86
CA GLU D 133 19.56 23.50 -39.31
C GLU D 133 19.03 24.57 -40.26
N ILE D 134 19.63 25.75 -40.30
CA ILE D 134 19.07 26.83 -41.10
C ILE D 134 19.98 27.30 -42.24
N ARG D 135 21.20 26.74 -42.32
CA ARG D 135 22.21 27.23 -43.25
C ARG D 135 23.32 26.21 -43.54
N ILE D 136 23.54 25.93 -44.83
CA ILE D 136 24.67 25.11 -45.26
C ILE D 136 25.67 25.97 -46.03
N SER D 137 26.82 26.23 -45.43
CA SER D 137 27.83 27.13 -46.00
C SER D 137 29.11 26.37 -46.31
N VAL D 138 29.72 26.69 -47.45
CA VAL D 138 31.04 26.14 -47.76
C VAL D 138 31.92 27.26 -48.26
N LEU D 139 33.21 27.20 -47.92
CA LEU D 139 34.20 28.05 -48.59
C LEU D 139 34.76 27.28 -49.78
N ILE D 140 34.88 27.96 -50.91
CA ILE D 140 35.51 27.37 -52.11
C ILE D 140 36.41 28.42 -52.75
N ARG D 141 37.09 28.07 -53.84
CA ARG D 141 37.83 29.07 -54.60
C ARG D 141 36.84 30.10 -55.13
N GLU D 142 37.20 31.38 -55.02
CA GLU D 142 36.28 32.47 -55.42
C GLU D 142 35.84 32.32 -56.87
N ASP D 143 36.67 31.71 -57.69
CA ASP D 143 36.40 31.58 -59.11
C ASP D 143 35.39 30.46 -59.38
N ASP D 144 35.17 29.61 -58.39
CA ASP D 144 34.19 28.53 -58.49
C ASP D 144 32.79 28.96 -58.08
N LEU D 145 32.66 30.15 -57.50
CA LEU D 145 31.37 30.69 -57.04
C LEU D 145 30.21 30.57 -58.03
N ASP D 146 30.38 31.17 -59.21
CA ASP D 146 29.28 31.26 -60.16
C ASP D 146 28.76 29.87 -60.54
N ALA D 147 29.69 28.95 -60.79
CA ALA D 147 29.35 27.55 -61.02
C ALA D 147 28.65 26.97 -59.78
N ALA D 148 29.34 27.05 -58.64
CA ALA D 148 28.82 26.56 -57.36
C ALA D 148 27.37 26.98 -57.16
N ALA D 149 27.14 28.28 -57.27
CA ALA D 149 25.81 28.88 -57.07
C ALA D 149 24.81 28.37 -58.10
N ARG D 150 25.18 28.43 -59.37
CA ARG D 150 24.34 27.92 -60.45
C ARG D 150 23.89 26.49 -60.15
N ALA D 151 24.85 25.62 -59.82
CA ALA D 151 24.59 24.20 -59.64
C ALA D 151 23.56 23.92 -58.54
N LEU D 152 23.66 24.67 -57.43
CA LEU D 152 22.71 24.57 -56.32
C LEU D 152 21.27 24.89 -56.73
N HIS D 153 21.10 25.90 -57.59
CA HIS D 153 19.77 26.26 -58.11
C HIS D 153 19.14 25.13 -58.92
N GLU D 154 19.94 24.46 -59.75
CA GLU D 154 19.44 23.34 -60.54
C GLU D 154 19.08 22.16 -59.64
N GLN D 155 19.96 21.87 -58.68
CA GLN D 155 19.73 20.77 -57.78
C GLN D 155 18.44 20.96 -57.01
N PHE D 156 18.31 22.11 -56.36
CA PHE D 156 17.22 22.34 -55.42
C PHE D 156 16.02 23.05 -56.03
N GLN D 157 16.26 23.88 -57.04
CA GLN D 157 15.20 24.65 -57.73
C GLN D 157 14.69 25.82 -56.88
N ALA E 2 36.06 -43.73 -17.31
CA ALA E 2 35.74 -43.04 -18.60
C ALA E 2 36.24 -41.59 -18.56
N LEU E 3 36.21 -40.94 -19.71
CA LEU E 3 36.58 -39.53 -19.82
C LEU E 3 35.34 -38.75 -20.23
N VAL E 4 34.88 -37.89 -19.32
CA VAL E 4 33.67 -37.11 -19.56
C VAL E 4 33.97 -35.63 -19.36
N VAL E 5 33.77 -34.85 -20.42
CA VAL E 5 33.82 -33.38 -20.34
C VAL E 5 32.43 -32.94 -19.91
N GLN E 6 32.36 -31.88 -19.10
CA GLN E 6 31.07 -31.34 -18.63
C GLN E 6 30.98 -29.82 -18.76
N LYS E 7 29.89 -29.35 -19.39
CA LYS E 7 29.62 -27.90 -19.51
C LYS E 7 28.38 -27.53 -18.72
N TYR E 8 28.52 -26.46 -17.93
CA TYR E 8 27.43 -25.97 -17.10
C TYR E 8 27.08 -24.54 -17.47
N GLY E 9 25.79 -24.29 -17.67
CA GLY E 9 25.32 -22.97 -18.07
C GLY E 9 25.05 -22.02 -16.92
N GLY E 10 24.77 -20.77 -17.29
CA GLY E 10 24.59 -19.69 -16.33
C GLY E 10 23.48 -19.94 -15.34
N SER E 11 22.38 -20.50 -15.85
CA SER E 11 21.27 -20.96 -15.00
C SER E 11 21.85 -21.74 -13.83
N SER E 12 22.57 -22.79 -14.19
CA SER E 12 23.12 -23.73 -13.23
C SER E 12 24.23 -23.19 -12.34
N LEU E 13 24.78 -22.03 -12.67
CA LEU E 13 25.82 -21.40 -11.87
C LEU E 13 25.39 -20.02 -11.37
N GLU E 14 24.10 -19.83 -11.15
CA GLU E 14 23.55 -18.51 -10.86
C GLU E 14 23.79 -17.97 -9.43
N SER E 15 24.28 -18.82 -8.52
CA SER E 15 24.53 -18.41 -7.14
C SER E 15 25.58 -19.30 -6.51
N ALA E 16 26.08 -18.89 -5.34
CA ALA E 16 27.05 -19.68 -4.56
C ALA E 16 26.56 -21.11 -4.26
N GLU E 17 25.30 -21.22 -3.82
CA GLU E 17 24.68 -22.51 -3.52
C GLU E 17 24.71 -23.43 -4.75
N ARG E 18 24.32 -22.89 -5.90
CA ARG E 18 24.27 -23.69 -7.12
C ARG E 18 25.67 -24.03 -7.66
N ILE E 19 26.65 -23.17 -7.40
CA ILE E 19 28.04 -23.45 -7.78
C ILE E 19 28.57 -24.59 -6.91
N ARG E 20 28.24 -24.57 -5.62
CA ARG E 20 28.62 -25.67 -4.74
C ARG E 20 27.86 -26.95 -5.09
N ASN E 21 26.60 -26.81 -5.47
CA ASN E 21 25.82 -27.97 -5.88
C ASN E 21 26.45 -28.63 -7.10
N VAL E 22 26.72 -27.81 -8.11
CA VAL E 22 27.46 -28.21 -9.31
C VAL E 22 28.83 -28.78 -8.96
N ALA E 23 29.60 -28.05 -8.14
CA ALA E 23 30.95 -28.50 -7.78
C ALA E 23 30.95 -29.92 -7.21
N GLU E 24 29.90 -30.24 -6.44
CA GLU E 24 29.73 -31.58 -5.91
C GLU E 24 29.44 -32.58 -7.02
N ARG E 25 28.74 -32.16 -8.06
CA ARG E 25 28.44 -33.05 -9.17
C ARG E 25 29.72 -33.37 -9.91
N ILE E 26 30.55 -32.34 -10.15
CA ILE E 26 31.87 -32.52 -10.73
C ILE E 26 32.66 -33.56 -9.94
N VAL E 27 32.75 -33.38 -8.62
CA VAL E 27 33.57 -34.26 -7.79
C VAL E 27 33.02 -35.69 -7.74
N ALA E 28 31.69 -35.82 -7.74
CA ALA E 28 31.03 -37.12 -7.81
C ALA E 28 31.41 -37.86 -9.10
N THR E 29 31.42 -37.14 -10.21
CA THR E 29 31.78 -37.72 -11.51
C THR E 29 33.26 -38.15 -11.53
N LYS E 30 34.12 -37.33 -10.93
CA LYS E 30 35.51 -37.72 -10.67
C LYS E 30 35.62 -38.99 -9.80
N LYS E 31 34.81 -39.07 -8.75
CA LYS E 31 34.87 -40.18 -7.79
C LYS E 31 34.18 -41.45 -8.25
N ALA E 32 33.69 -41.47 -9.50
CA ALA E 32 33.16 -42.70 -10.12
C ALA E 32 34.21 -43.34 -11.04
N GLY E 33 35.38 -42.73 -11.13
CA GLY E 33 36.50 -43.29 -11.89
C GLY E 33 36.62 -42.67 -13.26
N ASN E 34 36.39 -41.36 -13.35
CA ASN E 34 36.46 -40.66 -14.62
C ASN E 34 37.46 -39.51 -14.57
N ASP E 35 38.19 -39.32 -15.66
CA ASP E 35 38.83 -38.04 -15.90
C ASP E 35 37.72 -37.07 -16.28
N VAL E 36 37.66 -35.92 -15.63
CA VAL E 36 36.67 -34.91 -15.98
C VAL E 36 37.33 -33.58 -16.30
N VAL E 37 36.72 -32.88 -17.26
CA VAL E 37 37.11 -31.53 -17.56
C VAL E 37 35.84 -30.71 -17.68
N VAL E 38 35.82 -29.55 -17.04
CA VAL E 38 34.61 -28.76 -17.00
C VAL E 38 34.79 -27.45 -17.74
N VAL E 39 33.68 -26.97 -18.29
CA VAL E 39 33.63 -25.67 -18.92
C VAL E 39 32.43 -24.94 -18.35
N CYS E 40 32.57 -23.64 -18.12
CA CYS E 40 31.55 -22.87 -17.44
C CYS E 40 31.15 -21.63 -18.21
N SER E 41 29.85 -21.40 -18.31
CA SER E 41 29.34 -20.13 -18.76
C SER E 41 29.53 -19.15 -17.63
N ALA E 42 29.55 -17.86 -17.96
CA ALA E 42 29.43 -16.84 -16.94
C ALA E 42 28.12 -17.04 -16.15
N MET E 43 28.14 -16.72 -14.86
CA MET E 43 26.99 -16.93 -13.98
C MET E 43 25.73 -16.25 -14.56
N GLY E 44 24.63 -17.01 -14.61
CA GLY E 44 23.39 -16.63 -15.30
C GLY E 44 23.10 -15.18 -15.54
N ASP E 45 22.75 -14.87 -16.78
CA ASP E 45 22.47 -13.50 -17.23
C ASP E 45 23.67 -12.54 -17.29
N THR E 46 24.85 -12.93 -16.79
CA THR E 46 26.01 -12.02 -16.83
C THR E 46 26.46 -11.73 -18.26
N THR E 47 26.47 -12.74 -19.11
CA THR E 47 26.90 -12.57 -20.50
C THR E 47 26.00 -11.58 -21.21
N ASP E 48 24.68 -11.76 -21.06
CA ASP E 48 23.71 -10.79 -21.56
C ASP E 48 24.10 -9.40 -21.11
N GLU E 49 24.34 -9.26 -19.80
CA GLU E 49 24.70 -7.97 -19.21
C GLU E 49 26.03 -7.43 -19.74
N LEU E 50 27.02 -8.30 -19.86
CA LEU E 50 28.29 -7.91 -20.49
C LEU E 50 28.09 -7.48 -21.96
N LEU E 51 27.20 -8.15 -22.68
CA LEU E 51 26.85 -7.78 -24.05
C LEU E 51 26.16 -6.40 -24.16
N GLU E 52 25.25 -6.09 -23.23
CA GLU E 52 24.57 -4.79 -23.24
C GLU E 52 25.55 -3.66 -22.90
N LEU E 53 26.36 -3.90 -21.87
CA LEU E 53 27.37 -2.96 -21.41
C LEU E 53 28.31 -2.55 -22.54
N ALA E 54 28.73 -3.53 -23.33
CA ALA E 54 29.65 -3.29 -24.44
C ALA E 54 29.00 -2.45 -25.51
N ALA E 55 27.75 -2.77 -25.82
CA ALA E 55 26.96 -1.99 -26.79
C ALA E 55 26.82 -0.55 -26.31
N ALA E 56 26.55 -0.38 -25.02
CA ALA E 56 26.46 0.96 -24.43
C ALA E 56 27.79 1.71 -24.46
N VAL E 57 28.91 1.00 -24.49
CA VAL E 57 30.22 1.65 -24.40
C VAL E 57 30.84 1.93 -25.77
N ASN E 58 30.40 1.23 -26.81
CA ASN E 58 30.90 1.42 -28.17
C ASN E 58 29.90 0.83 -29.17
N PRO E 59 29.29 1.67 -30.02
CA PRO E 59 28.16 1.18 -30.85
C PRO E 59 28.52 0.01 -31.76
N VAL E 60 29.79 -0.06 -32.15
CA VAL E 60 30.39 -1.18 -32.87
C VAL E 60 31.57 -1.72 -32.04
N PRO E 61 31.33 -2.75 -31.22
CA PRO E 61 32.41 -3.31 -30.41
C PRO E 61 33.37 -4.21 -31.20
N PRO E 62 34.68 -3.89 -31.24
CA PRO E 62 35.69 -4.69 -31.95
C PRO E 62 35.94 -6.03 -31.28
N ALA E 63 36.12 -7.09 -32.06
CA ALA E 63 36.01 -8.45 -31.55
C ALA E 63 37.09 -8.83 -30.53
N ARG E 64 38.24 -8.15 -30.56
CA ARG E 64 39.29 -8.45 -29.60
C ARG E 64 38.80 -8.28 -28.16
N GLU E 65 38.38 -7.06 -27.82
CA GLU E 65 38.00 -6.74 -26.44
C GLU E 65 36.70 -7.47 -26.07
N MET E 66 35.83 -7.70 -27.04
CA MET E 66 34.66 -8.57 -26.81
C MET E 66 35.06 -9.95 -26.30
N ASP E 67 36.14 -10.49 -26.84
CA ASP E 67 36.66 -11.78 -26.42
C ASP E 67 37.18 -11.63 -25.00
N MET E 68 38.01 -10.62 -24.76
CA MET E 68 38.49 -10.34 -23.40
C MET E 68 37.31 -10.23 -22.41
N LEU E 69 36.27 -9.52 -22.83
CA LEU E 69 35.12 -9.23 -21.98
C LEU E 69 34.40 -10.51 -21.59
N LEU E 70 34.11 -11.37 -22.57
CA LEU E 70 33.31 -12.57 -22.30
C LEU E 70 34.15 -13.67 -21.66
N THR E 71 35.44 -13.70 -21.97
CA THR E 71 36.37 -14.59 -21.29
C THR E 71 36.49 -14.24 -19.81
N ALA E 72 36.56 -12.95 -19.49
CA ALA E 72 36.52 -12.50 -18.08
C ALA E 72 35.24 -12.97 -17.38
N GLY E 73 34.09 -12.78 -18.02
CA GLY E 73 32.82 -13.29 -17.50
C GLY E 73 32.85 -14.76 -17.12
N GLU E 74 33.34 -15.60 -18.04
CA GLU E 74 33.51 -17.04 -17.78
C GLU E 74 34.57 -17.32 -16.74
N ARG E 75 35.59 -16.48 -16.70
CA ARG E 75 36.73 -16.70 -15.79
C ARG E 75 36.29 -16.54 -14.33
N ILE E 76 35.22 -15.79 -14.11
CA ILE E 76 34.67 -15.62 -12.77
C ILE E 76 34.02 -16.91 -12.27
N SER E 77 33.27 -17.58 -13.14
CA SER E 77 32.66 -18.87 -12.82
C SER E 77 33.74 -19.93 -12.56
N ASN E 78 34.68 -20.03 -13.49
CA ASN E 78 35.85 -20.90 -13.37
C ASN E 78 36.52 -20.81 -12.00
N ALA E 79 36.87 -19.60 -11.59
CA ALA E 79 37.49 -19.37 -10.29
C ALA E 79 36.62 -19.91 -9.15
N LEU E 80 35.34 -19.59 -9.18
CA LEU E 80 34.41 -19.97 -8.11
C LEU E 80 34.17 -21.48 -8.10
N VAL E 81 34.00 -22.07 -9.28
CA VAL E 81 33.82 -23.52 -9.37
C VAL E 81 35.08 -24.22 -8.87
N ALA E 82 36.24 -23.73 -9.29
CA ALA E 82 37.53 -24.18 -8.79
C ALA E 82 37.58 -24.18 -7.26
N MET E 83 37.30 -23.05 -6.64
CA MET E 83 37.29 -22.96 -5.18
C MET E 83 36.34 -24.01 -4.61
N ALA E 84 35.17 -24.15 -5.24
CA ALA E 84 34.14 -25.04 -4.74
C ALA E 84 34.60 -26.48 -4.81
N ILE E 85 35.16 -26.91 -5.93
CA ILE E 85 35.55 -28.30 -6.03
C ILE E 85 36.68 -28.60 -5.02
N GLU E 86 37.58 -27.64 -4.79
CA GLU E 86 38.71 -27.86 -3.88
C GLU E 86 38.27 -28.04 -2.43
N SER E 87 37.17 -27.42 -2.04
CA SER E 87 36.62 -27.60 -0.69
C SER E 87 35.93 -28.95 -0.54
N LEU E 88 35.68 -29.64 -1.64
CA LEU E 88 35.29 -31.06 -1.62
C LEU E 88 36.49 -32.00 -1.76
N GLY E 89 37.70 -31.47 -1.62
CA GLY E 89 38.91 -32.29 -1.56
C GLY E 89 39.41 -32.86 -2.87
N ALA E 90 38.95 -32.33 -4.00
CA ALA E 90 39.54 -32.66 -5.29
C ALA E 90 40.54 -31.58 -5.72
N GLU E 91 41.46 -31.94 -6.61
CA GLU E 91 42.41 -30.98 -7.15
C GLU E 91 41.88 -30.39 -8.46
N ALA E 92 42.24 -29.14 -8.75
CA ALA E 92 41.70 -28.45 -9.92
C ALA E 92 42.69 -27.47 -10.54
N GLN E 93 42.90 -27.60 -11.86
CA GLN E 93 43.75 -26.66 -12.61
C GLN E 93 42.91 -25.88 -13.61
N SER E 94 43.31 -24.63 -13.85
CA SER E 94 42.56 -23.70 -14.70
C SER E 94 43.37 -23.25 -15.92
N PHE E 95 42.72 -23.26 -17.08
CA PHE E 95 43.35 -22.97 -18.36
C PHE E 95 42.56 -21.93 -19.14
N THR E 96 43.25 -21.15 -19.98
CA THR E 96 42.60 -20.13 -20.79
C THR E 96 43.39 -19.84 -22.07
N GLY E 97 43.00 -20.49 -23.16
CA GLY E 97 43.58 -20.20 -24.47
C GLY E 97 43.03 -21.08 -25.58
N THR E 117 45.96 -25.84 -25.53
CA THR E 117 45.33 -26.35 -24.32
C THR E 117 45.38 -27.88 -24.20
N PRO E 118 44.87 -28.62 -25.21
CA PRO E 118 44.70 -30.08 -25.14
C PRO E 118 45.89 -30.86 -24.55
N GLY E 119 47.10 -30.58 -25.04
CA GLY E 119 48.29 -31.26 -24.54
C GLY E 119 48.59 -30.92 -23.08
N ARG E 120 48.55 -29.63 -22.77
CA ARG E 120 48.75 -29.16 -21.41
C ARG E 120 47.59 -29.56 -20.49
N VAL E 121 46.44 -29.89 -21.09
CA VAL E 121 45.29 -30.44 -20.35
C VAL E 121 45.45 -31.95 -20.13
N ARG E 122 45.95 -32.68 -21.13
CA ARG E 122 46.10 -34.14 -21.01
C ARG E 122 46.98 -34.53 -19.82
N GLU E 123 48.12 -33.86 -19.69
CA GLU E 123 48.86 -33.88 -18.42
C GLU E 123 48.12 -32.92 -17.50
N ALA E 124 48.00 -33.30 -16.23
CA ALA E 124 47.05 -32.66 -15.31
C ALA E 124 45.91 -33.64 -15.12
N LEU E 125 45.31 -34.04 -16.22
CA LEU E 125 44.29 -35.09 -16.21
C LEU E 125 44.94 -36.42 -15.85
N ASP E 126 46.13 -36.66 -16.41
CA ASP E 126 46.97 -37.81 -16.01
C ASP E 126 47.40 -37.69 -14.55
N GLU E 127 47.68 -36.46 -14.13
CA GLU E 127 48.03 -36.18 -12.73
C GLU E 127 46.86 -36.49 -11.79
N GLY E 128 45.62 -36.26 -12.26
CA GLY E 128 44.41 -36.51 -11.47
C GLY E 128 43.53 -35.28 -11.25
N LYS E 129 43.92 -34.17 -11.87
CA LYS E 129 43.25 -32.90 -11.68
C LYS E 129 41.98 -32.81 -12.51
N ILE E 130 40.91 -32.26 -11.92
CA ILE E 130 39.75 -31.85 -12.68
C ILE E 130 40.13 -30.56 -13.39
N CYS E 131 40.16 -30.59 -14.72
CA CYS E 131 40.62 -29.42 -15.50
C CYS E 131 39.46 -28.56 -15.99
N ILE E 132 39.32 -27.38 -15.42
CA ILE E 132 38.30 -26.44 -15.89
C ILE E 132 38.95 -25.52 -16.92
N VAL E 133 38.25 -25.27 -18.03
CA VAL E 133 38.84 -24.58 -19.18
C VAL E 133 37.97 -23.44 -19.68
N ALA E 134 38.61 -22.34 -20.10
CA ALA E 134 37.89 -21.16 -20.59
C ALA E 134 38.41 -20.64 -21.95
N GLY E 135 38.98 -21.54 -22.76
CA GLY E 135 39.69 -21.16 -23.97
C GLY E 135 39.02 -21.47 -25.29
N PHE E 136 39.37 -22.62 -25.88
CA PHE E 136 38.85 -23.05 -27.20
C PHE E 136 38.76 -24.58 -27.33
N LEU E 149 33.01 -18.48 -37.78
CA LEU E 149 32.97 -17.04 -37.99
C LEU E 149 32.86 -16.27 -36.66
N GLY E 150 32.04 -16.76 -35.73
CA GLY E 150 31.89 -16.08 -34.45
C GLY E 150 33.03 -16.31 -33.47
N ARG E 151 32.76 -16.04 -32.19
CA ARG E 151 33.66 -16.39 -31.11
C ARG E 151 33.17 -17.72 -30.52
N GLY E 152 34.11 -18.61 -30.19
CA GLY E 152 33.78 -19.87 -29.53
C GLY E 152 33.23 -19.65 -28.13
N GLY E 153 31.98 -20.06 -27.91
CA GLY E 153 31.30 -19.94 -26.62
C GLY E 153 31.61 -21.13 -25.73
N SER E 154 30.99 -21.15 -24.55
CA SER E 154 31.26 -22.23 -23.58
C SER E 154 30.90 -23.62 -24.11
N ASP E 155 29.81 -23.71 -24.88
CA ASP E 155 29.39 -25.01 -25.42
C ASP E 155 30.35 -25.54 -26.48
N THR E 156 30.76 -24.68 -27.42
CA THR E 156 31.63 -25.15 -28.50
C THR E 156 33.00 -25.52 -27.95
N THR E 157 33.53 -24.73 -27.02
CA THR E 157 34.83 -25.07 -26.42
C THR E 157 34.75 -26.39 -25.63
N ALA E 158 33.60 -26.66 -25.03
CA ALA E 158 33.37 -27.95 -24.37
C ALA E 158 33.49 -29.08 -25.38
N VAL E 159 32.74 -28.99 -26.48
CA VAL E 159 32.76 -30.02 -27.52
C VAL E 159 34.13 -30.11 -28.20
N ALA E 160 34.69 -28.96 -28.56
CA ALA E 160 36.04 -28.87 -29.15
C ALA E 160 37.07 -29.60 -28.32
N LEU E 161 37.02 -29.41 -27.00
CA LEU E 161 37.90 -30.14 -26.09
C LEU E 161 37.63 -31.65 -26.14
N ALA E 162 36.36 -32.03 -26.17
CA ALA E 162 35.99 -33.45 -26.18
C ALA E 162 36.59 -34.20 -27.38
N ALA E 163 36.64 -33.55 -28.53
CA ALA E 163 37.22 -34.14 -29.74
C ALA E 163 38.73 -34.13 -29.63
N ALA E 164 39.30 -32.94 -29.44
CA ALA E 164 40.73 -32.77 -29.24
C ALA E 164 41.29 -33.91 -28.39
N LEU E 165 40.66 -34.16 -27.25
CA LEU E 165 41.13 -35.21 -26.33
C LEU E 165 40.38 -36.54 -26.50
N ASN E 166 39.52 -36.64 -27.51
CA ASN E 166 38.74 -37.86 -27.76
C ASN E 166 38.08 -38.39 -26.48
N ALA E 167 37.08 -37.65 -26.01
CA ALA E 167 36.35 -38.01 -24.82
C ALA E 167 35.23 -38.97 -25.16
N ASP E 168 34.80 -39.74 -24.16
CA ASP E 168 33.68 -40.65 -24.28
C ASP E 168 32.35 -39.89 -24.45
N VAL E 169 32.22 -38.77 -23.75
CA VAL E 169 30.99 -37.99 -23.80
C VAL E 169 31.21 -36.51 -23.48
N CYS E 170 30.35 -35.65 -24.01
CA CYS E 170 30.30 -34.26 -23.62
C CYS E 170 28.92 -33.93 -23.03
N GLU E 171 28.89 -33.71 -21.71
CA GLU E 171 27.63 -33.49 -20.99
C GLU E 171 27.27 -32.00 -20.98
N ILE E 172 26.04 -31.68 -21.41
CA ILE E 172 25.58 -30.29 -21.44
C ILE E 172 24.52 -30.09 -20.39
N TYR E 173 24.86 -29.36 -19.33
CA TYR E 173 23.99 -29.18 -18.17
C TYR E 173 23.27 -27.83 -18.21
N SER E 174 21.95 -27.87 -18.06
CA SER E 174 21.14 -26.65 -17.93
C SER E 174 19.93 -26.99 -17.04
N ASP E 175 18.93 -26.12 -16.99
CA ASP E 175 17.70 -26.44 -16.26
C ASP E 175 16.79 -27.43 -17.01
N VAL E 176 17.12 -27.73 -18.27
CA VAL E 176 16.37 -28.73 -19.04
C VAL E 176 17.00 -30.11 -18.87
N ASP E 177 16.14 -31.12 -18.66
CA ASP E 177 16.58 -32.46 -18.30
C ASP E 177 16.61 -33.47 -19.45
N GLY E 178 16.45 -32.98 -20.68
CA GLY E 178 16.57 -33.82 -21.87
C GLY E 178 15.89 -33.15 -23.05
N VAL E 179 15.89 -33.81 -24.20
CA VAL E 179 15.19 -33.27 -25.36
C VAL E 179 13.95 -34.13 -25.58
N TYR E 180 12.84 -33.48 -25.94
CA TYR E 180 11.52 -34.11 -25.92
C TYR E 180 10.88 -34.15 -27.31
N THR E 181 10.00 -35.13 -27.49
CA THR E 181 9.24 -35.32 -28.73
C THR E 181 8.35 -34.10 -29.05
N ALA E 182 7.97 -33.36 -28.01
CA ALA E 182 7.29 -32.08 -28.16
C ALA E 182 7.49 -31.25 -26.89
N ASP E 183 7.09 -29.99 -26.93
CA ASP E 183 7.10 -29.18 -25.72
C ASP E 183 5.97 -29.65 -24.82
N PRO E 184 6.30 -30.17 -23.62
CA PRO E 184 5.27 -30.76 -22.75
C PRO E 184 4.31 -29.74 -22.13
N ARG E 185 4.73 -28.48 -22.09
CA ARG E 185 3.84 -27.39 -21.68
C ARG E 185 2.66 -27.30 -22.65
N ILE E 186 2.97 -27.23 -23.94
CA ILE E 186 1.95 -27.19 -24.99
C ILE E 186 1.24 -28.52 -25.16
N VAL E 187 2.03 -29.58 -25.38
CA VAL E 187 1.50 -30.90 -25.75
C VAL E 187 1.30 -31.77 -24.51
N PRO E 188 0.11 -32.39 -24.37
CA PRO E 188 -0.16 -33.13 -23.13
C PRO E 188 0.77 -34.33 -22.95
N ASN E 189 0.65 -35.34 -23.83
CA ASN E 189 1.69 -36.34 -23.96
C ASN E 189 2.97 -35.60 -24.39
N ALA E 190 4.03 -36.36 -24.65
CA ALA E 190 5.34 -35.81 -24.96
C ALA E 190 6.27 -36.49 -24.00
N GLN E 191 7.32 -37.09 -24.54
CA GLN E 191 8.20 -37.92 -23.76
C GLN E 191 9.65 -37.54 -24.03
N LYS E 192 10.44 -37.59 -22.97
CA LYS E 192 11.88 -37.41 -23.07
C LYS E 192 12.43 -38.46 -24.01
N LEU E 193 13.34 -38.05 -24.90
CA LEU E 193 14.03 -38.99 -25.79
C LEU E 193 15.21 -39.61 -25.08
N GLU E 194 15.36 -40.93 -25.23
CA GLU E 194 16.55 -41.63 -24.77
C GLU E 194 17.76 -41.30 -25.65
N LYS E 195 17.57 -41.36 -26.96
CA LYS E 195 18.67 -41.11 -27.91
C LYS E 195 18.14 -40.43 -29.16
N LEU E 196 19.03 -39.74 -29.87
CA LEU E 196 18.74 -39.28 -31.24
C LEU E 196 20.06 -38.96 -31.93
N SER E 197 20.11 -39.07 -33.25
CA SER E 197 21.35 -38.82 -34.00
C SER E 197 21.75 -37.36 -34.02
N PHE E 198 23.03 -37.07 -34.26
CA PHE E 198 23.53 -35.69 -34.39
C PHE E 198 22.65 -34.83 -35.28
N GLU E 199 22.31 -35.33 -36.46
CA GLU E 199 21.61 -34.51 -37.47
C GLU E 199 20.15 -34.28 -37.16
N GLU E 200 19.52 -35.18 -36.42
CA GLU E 200 18.17 -34.96 -35.91
C GLU E 200 18.18 -33.88 -34.83
N MET E 201 19.24 -33.85 -34.03
CA MET E 201 19.41 -32.77 -33.05
C MET E 201 19.72 -31.44 -33.71
N LEU E 202 20.61 -31.44 -34.71
CA LEU E 202 20.90 -30.22 -35.49
C LEU E 202 19.62 -29.63 -36.03
N GLU E 203 18.76 -30.51 -36.52
CA GLU E 203 17.57 -30.09 -37.25
C GLU E 203 16.51 -29.52 -36.31
N LEU E 204 16.31 -30.17 -35.15
CA LEU E 204 15.40 -29.65 -34.13
C LEU E 204 15.94 -28.34 -33.58
N ALA E 205 17.25 -28.28 -33.37
CA ALA E 205 17.90 -27.06 -32.90
C ALA E 205 17.93 -25.94 -33.97
N ALA E 206 17.63 -26.26 -35.22
CA ALA E 206 17.57 -25.25 -36.28
C ALA E 206 16.19 -24.60 -36.35
N VAL E 207 15.16 -25.30 -35.88
CA VAL E 207 13.80 -24.81 -36.04
C VAL E 207 13.02 -24.67 -34.74
N GLY E 208 13.72 -24.22 -33.69
CA GLY E 208 13.09 -23.69 -32.47
C GLY E 208 13.60 -24.26 -31.16
N SER E 209 13.72 -25.58 -31.11
CA SER E 209 14.04 -26.31 -29.88
C SER E 209 15.49 -26.10 -29.46
N LYS E 210 15.87 -24.87 -29.11
CA LYS E 210 17.30 -24.53 -28.96
C LYS E 210 17.84 -24.71 -27.53
N ILE E 211 18.08 -25.99 -27.19
CA ILE E 211 18.70 -26.41 -25.94
C ILE E 211 20.22 -26.19 -25.99
N LEU E 212 20.81 -26.61 -27.11
CA LEU E 212 22.24 -26.50 -27.38
C LEU E 212 22.48 -25.41 -28.42
N VAL E 213 23.74 -24.97 -28.53
CA VAL E 213 24.12 -24.07 -29.61
C VAL E 213 24.50 -24.92 -30.83
N LEU E 214 23.80 -24.68 -31.94
CA LEU E 214 24.01 -25.37 -33.24
C LEU E 214 25.45 -25.64 -33.61
N ARG E 215 26.31 -24.73 -33.20
CA ARG E 215 27.68 -24.67 -33.68
C ARG E 215 28.43 -25.84 -33.04
N SER E 216 28.10 -26.10 -31.77
CA SER E 216 28.72 -27.19 -31.01
C SER E 216 28.17 -28.57 -31.36
N VAL E 217 26.90 -28.66 -31.70
CA VAL E 217 26.32 -29.91 -32.17
C VAL E 217 26.95 -30.27 -33.51
N GLU E 218 27.35 -29.26 -34.28
CA GLU E 218 28.05 -29.47 -35.55
C GLU E 218 29.47 -30.00 -35.32
N TYR E 219 30.19 -29.39 -34.37
CA TYR E 219 31.51 -29.87 -33.99
C TYR E 219 31.37 -31.30 -33.50
N ALA E 220 30.33 -31.55 -32.72
CA ALA E 220 30.10 -32.89 -32.18
C ALA E 220 29.85 -33.91 -33.31
N ARG E 221 29.21 -33.46 -34.38
CA ARG E 221 28.95 -34.32 -35.52
C ARG E 221 30.23 -34.65 -36.28
N ALA E 222 31.04 -33.64 -36.57
CA ALA E 222 32.25 -33.81 -37.38
C ALA E 222 33.38 -34.62 -36.71
N PHE E 223 33.37 -34.69 -35.38
CA PHE E 223 34.40 -35.47 -34.68
C PHE E 223 33.78 -36.64 -33.90
N ASN E 224 32.50 -36.92 -34.19
CA ASN E 224 31.78 -38.00 -33.53
C ASN E 224 31.89 -37.94 -31.99
N VAL E 225 31.63 -36.75 -31.45
CA VAL E 225 31.63 -36.52 -30.00
C VAL E 225 30.21 -36.71 -29.46
N PRO E 226 29.95 -37.84 -28.77
CA PRO E 226 28.60 -38.00 -28.23
C PRO E 226 28.31 -36.91 -27.19
N LEU E 227 27.10 -36.35 -27.24
CA LEU E 227 26.69 -35.32 -26.30
C LEU E 227 25.55 -35.84 -25.42
N ARG E 228 25.51 -35.38 -24.18
CA ARG E 228 24.40 -35.74 -23.29
C ARG E 228 23.77 -34.47 -22.73
N VAL E 229 22.49 -34.28 -23.04
CA VAL E 229 21.70 -33.15 -22.56
C VAL E 229 21.06 -33.55 -21.23
N ARG E 230 21.47 -32.87 -20.16
CA ARG E 230 21.06 -33.21 -18.80
C ARG E 230 20.71 -32.01 -17.93
N SER E 231 20.03 -32.30 -16.82
CA SER E 231 19.63 -31.32 -15.83
C SER E 231 20.63 -31.28 -14.67
N SER E 232 21.00 -30.08 -14.25
CA SER E 232 21.93 -29.91 -13.14
C SER E 232 21.19 -29.88 -11.82
N TYR E 233 19.86 -29.87 -11.91
CA TYR E 233 19.00 -29.90 -10.73
C TYR E 233 18.60 -31.31 -10.35
N SER E 234 18.64 -32.26 -11.29
CA SER E 234 18.27 -33.64 -10.98
C SER E 234 19.35 -34.63 -11.43
N ASN E 235 19.15 -35.89 -11.10
CA ASN E 235 20.06 -36.97 -11.51
C ASN E 235 19.47 -37.87 -12.59
N ASP E 236 18.49 -37.37 -13.34
CA ASP E 236 18.00 -38.08 -14.53
C ASP E 236 19.11 -38.07 -15.59
N PRO E 237 19.35 -39.21 -16.27
CA PRO E 237 20.41 -39.32 -17.29
C PRO E 237 20.23 -38.45 -18.54
N GLY E 238 19.00 -38.01 -18.81
CA GLY E 238 18.75 -37.12 -19.92
C GLY E 238 18.78 -37.82 -21.27
N THR E 239 19.05 -37.05 -22.32
CA THR E 239 19.01 -37.55 -23.68
C THR E 239 20.41 -37.70 -24.24
N LEU E 240 20.65 -38.82 -24.92
CA LEU E 240 21.90 -39.02 -25.65
C LEU E 240 21.79 -38.47 -27.06
N ILE E 241 22.72 -37.62 -27.47
CA ILE E 241 22.82 -37.21 -28.89
C ILE E 241 23.90 -38.06 -29.57
N ALA E 242 23.41 -39.00 -30.38
CA ALA E 242 24.07 -40.29 -30.67
C ALA E 242 25.25 -40.23 -31.63
N GLY E 243 25.19 -41.09 -32.64
CA GLY E 243 26.11 -41.07 -33.78
C GLY E 243 25.34 -40.59 -35.00
N SER E 244 25.87 -40.87 -36.18
CA SER E 244 25.29 -40.35 -37.41
C SER E 244 24.04 -41.14 -37.82
N MET E 245 23.13 -40.46 -38.53
CA MET E 245 21.90 -41.10 -39.04
C MET E 245 22.21 -42.04 -40.20
N GLU E 246 23.35 -41.84 -40.85
CA GLU E 246 23.84 -42.76 -41.87
C GLU E 246 24.24 -44.11 -41.28
N ASP E 247 24.52 -44.18 -39.97
CA ASP E 247 24.86 -45.43 -39.30
C ASP E 247 23.72 -46.01 -38.45
N ILE E 248 22.53 -45.41 -38.52
CA ILE E 248 21.37 -45.93 -37.80
C ILE E 248 20.92 -47.25 -38.45
N PRO E 249 20.58 -48.26 -37.62
CA PRO E 249 19.93 -49.43 -38.21
C PRO E 249 18.64 -49.01 -38.94
N VAL E 250 18.50 -49.44 -40.19
CA VAL E 250 17.53 -48.83 -41.14
C VAL E 250 16.06 -48.86 -40.70
N GLU E 251 15.62 -49.97 -40.13
CA GLU E 251 14.24 -50.14 -39.69
C GLU E 251 14.02 -49.56 -38.29
N GLU E 252 15.10 -49.10 -37.67
CA GLU E 252 15.00 -48.30 -36.45
C GLU E 252 14.74 -46.83 -36.81
N ALA E 253 15.30 -46.37 -37.93
CA ALA E 253 15.23 -44.97 -38.33
C ALA E 253 13.80 -44.43 -38.34
N VAL E 254 13.46 -43.61 -37.35
CA VAL E 254 12.07 -43.16 -37.17
C VAL E 254 11.90 -41.63 -37.15
N LEU E 255 10.68 -41.20 -36.87
CA LEU E 255 10.35 -39.81 -36.63
C LEU E 255 10.58 -39.46 -35.19
N THR E 256 11.34 -38.38 -34.97
CA THR E 256 11.90 -38.07 -33.65
C THR E 256 11.02 -37.10 -32.87
N GLY E 257 10.58 -36.01 -33.47
CA GLY E 257 9.93 -34.98 -32.69
C GLY E 257 9.34 -33.82 -33.45
N VAL E 258 8.37 -33.18 -32.80
CA VAL E 258 7.79 -31.95 -33.29
C VAL E 258 8.48 -30.79 -32.56
N ALA E 259 8.78 -29.73 -33.29
CA ALA E 259 9.35 -28.52 -32.68
C ALA E 259 8.49 -27.35 -33.04
N THR E 260 8.77 -26.20 -32.42
CA THR E 260 7.96 -25.03 -32.66
C THR E 260 8.77 -23.75 -32.46
N ASP E 261 8.29 -22.65 -33.04
CA ASP E 261 8.98 -21.37 -32.95
C ASP E 261 8.06 -20.21 -33.24
N LYS E 262 7.94 -19.30 -32.29
CA LYS E 262 7.09 -18.13 -32.48
C LYS E 262 7.87 -16.81 -32.42
N SER E 263 9.19 -16.90 -32.57
CA SER E 263 10.11 -15.77 -32.48
C SER E 263 10.35 -15.03 -33.79
N GLU E 264 9.75 -15.50 -34.88
CA GLU E 264 10.09 -14.99 -36.23
C GLU E 264 9.03 -14.10 -36.91
N ALA E 265 9.52 -13.23 -37.79
CA ALA E 265 8.69 -12.48 -38.72
C ALA E 265 9.02 -12.96 -40.10
N LYS E 266 8.06 -12.92 -41.01
CA LYS E 266 8.26 -13.33 -42.39
C LYS E 266 8.23 -12.10 -43.26
N VAL E 267 9.28 -11.91 -44.06
CA VAL E 267 9.41 -10.76 -44.95
C VAL E 267 9.46 -11.29 -46.38
N THR E 268 8.64 -10.72 -47.25
CA THR E 268 8.58 -11.16 -48.65
C THR E 268 8.87 -10.01 -49.60
N VAL E 269 9.87 -10.21 -50.48
CA VAL E 269 10.22 -9.24 -51.50
C VAL E 269 9.64 -9.72 -52.81
N LEU E 270 8.74 -8.92 -53.39
CA LEU E 270 8.01 -9.30 -54.59
C LEU E 270 8.62 -8.70 -55.87
N GLY E 271 8.67 -9.49 -56.93
CA GLY E 271 9.08 -9.01 -58.25
C GLY E 271 10.56 -8.73 -58.48
N ILE E 272 11.43 -9.52 -57.87
CA ILE E 272 12.87 -9.37 -58.10
C ILE E 272 13.17 -9.98 -59.47
N SER E 273 13.98 -9.29 -60.27
CA SER E 273 14.32 -9.79 -61.60
C SER E 273 15.11 -11.09 -61.51
N ASP E 274 14.66 -12.09 -62.27
CA ASP E 274 15.25 -13.43 -62.25
C ASP E 274 16.55 -13.45 -63.05
N LYS E 275 17.51 -12.63 -62.62
CA LYS E 275 18.79 -12.45 -63.28
C LYS E 275 19.88 -12.53 -62.19
N PRO E 276 21.07 -13.04 -62.53
CA PRO E 276 22.19 -13.11 -61.58
C PRO E 276 22.54 -11.78 -60.93
N GLY E 277 22.99 -11.81 -59.67
CA GLY E 277 23.36 -10.61 -58.92
C GLY E 277 22.29 -10.03 -57.99
N GLU E 278 21.06 -10.53 -58.10
CA GLU E 278 19.90 -9.89 -57.45
C GLU E 278 19.62 -10.32 -56.00
N ALA E 279 19.56 -11.63 -55.74
CA ALA E 279 19.43 -12.09 -54.36
C ALA E 279 20.52 -11.46 -53.52
N ALA E 280 21.76 -11.52 -54.02
CA ALA E 280 22.92 -10.90 -53.37
C ALA E 280 22.64 -9.47 -52.91
N LYS E 281 22.04 -8.67 -53.80
CA LYS E 281 21.73 -7.27 -53.52
C LYS E 281 20.80 -7.14 -52.31
N VAL E 282 19.78 -7.99 -52.27
CA VAL E 282 18.85 -8.08 -51.14
C VAL E 282 19.56 -8.43 -49.84
N PHE E 283 20.41 -9.46 -49.89
CA PHE E 283 21.02 -9.98 -48.65
C PHE E 283 22.30 -9.27 -48.22
N ARG E 284 22.97 -8.57 -49.15
CA ARG E 284 24.11 -7.71 -48.78
C ARG E 284 23.56 -6.62 -47.89
N ALA E 285 22.49 -6.00 -48.39
CA ALA E 285 21.79 -4.91 -47.71
C ALA E 285 21.29 -5.34 -46.33
N LEU E 286 20.82 -6.58 -46.21
CA LEU E 286 20.40 -7.12 -44.92
C LEU E 286 21.63 -7.44 -44.08
N ALA E 287 22.60 -8.14 -44.67
CA ALA E 287 23.90 -8.38 -44.03
C ALA E 287 24.54 -7.09 -43.52
N ASP E 288 24.37 -6.01 -44.27
CA ASP E 288 24.90 -4.70 -43.87
C ASP E 288 24.33 -4.22 -42.56
N ALA E 289 23.01 -4.34 -42.41
CA ALA E 289 22.30 -3.92 -41.19
C ALA E 289 22.33 -4.98 -40.07
N GLU E 290 23.08 -6.06 -40.25
CA GLU E 290 23.23 -7.11 -39.23
C GLU E 290 21.91 -7.79 -38.85
N ILE E 291 20.92 -7.76 -39.75
CA ILE E 291 19.66 -8.43 -39.45
C ILE E 291 19.82 -9.91 -39.76
N ASN E 292 19.46 -10.74 -38.79
CA ASN E 292 19.66 -12.19 -38.89
C ASN E 292 18.62 -12.82 -39.81
N ILE E 293 19.02 -13.88 -40.51
CA ILE E 293 18.16 -14.59 -41.45
C ILE E 293 18.05 -16.03 -41.00
N ASP E 294 16.83 -16.51 -40.76
CA ASP E 294 16.61 -17.86 -40.20
C ASP E 294 16.29 -18.88 -41.26
N MET E 295 15.73 -18.43 -42.38
CA MET E 295 15.20 -19.33 -43.42
C MET E 295 14.83 -18.46 -44.62
N VAL E 296 15.34 -18.78 -45.80
CA VAL E 296 14.93 -18.05 -46.99
C VAL E 296 14.35 -19.01 -48.02
N LEU E 297 13.40 -18.49 -48.79
CA LEU E 297 12.64 -19.28 -49.73
C LEU E 297 12.48 -18.49 -51.02
N GLN E 298 12.82 -19.14 -52.14
CA GLN E 298 12.60 -18.61 -53.49
C GLN E 298 12.15 -19.75 -54.39
N ASN E 299 11.31 -19.45 -55.36
CA ASN E 299 10.69 -20.48 -56.17
C ASN E 299 10.07 -19.90 -57.45
N THR E 307 10.95 -12.22 -63.59
CA THR E 307 10.94 -11.80 -62.19
C THR E 307 10.31 -12.85 -61.28
N THR E 308 10.76 -12.93 -60.04
CA THR E 308 10.16 -13.85 -59.05
C THR E 308 10.19 -13.22 -57.65
N ASP E 309 9.86 -14.03 -56.64
CA ASP E 309 9.69 -13.55 -55.28
C ASP E 309 10.58 -14.29 -54.30
N ILE E 310 11.17 -13.52 -53.38
CA ILE E 310 12.05 -14.06 -52.34
C ILE E 310 11.44 -13.77 -50.98
N THR E 311 11.32 -14.80 -50.16
CA THR E 311 10.75 -14.64 -48.84
C THR E 311 11.79 -15.08 -47.80
N PHE E 312 11.89 -14.33 -46.71
CA PHE E 312 12.74 -14.74 -45.61
C PHE E 312 12.11 -14.50 -44.24
N THR E 313 12.73 -15.09 -43.24
CA THR E 313 12.21 -15.16 -41.92
C THR E 313 13.32 -14.60 -41.03
N CYS E 314 12.97 -13.71 -40.09
CA CYS E 314 13.99 -13.07 -39.27
C CYS E 314 13.44 -12.82 -37.87
N PRO E 315 14.34 -12.68 -36.87
CA PRO E 315 13.88 -12.38 -35.51
C PRO E 315 12.88 -11.24 -35.52
N ARG E 316 11.83 -11.38 -34.72
CA ARG E 316 10.77 -10.40 -34.68
C ARG E 316 11.36 -8.99 -34.43
N SER E 317 12.41 -8.91 -33.61
CA SER E 317 13.04 -7.62 -33.28
C SER E 317 13.81 -6.97 -34.43
N ASP E 318 14.17 -7.74 -35.45
CA ASP E 318 14.89 -7.20 -36.60
C ASP E 318 13.93 -6.78 -37.71
N GLY E 319 12.69 -7.24 -37.63
CA GLY E 319 11.71 -7.03 -38.67
C GLY E 319 11.62 -5.60 -39.16
N ARG E 320 11.49 -4.65 -38.24
CA ARG E 320 11.29 -3.25 -38.59
C ARG E 320 12.49 -2.70 -39.34
N ARG E 321 13.69 -3.03 -38.88
CA ARG E 321 14.91 -2.62 -39.59
C ARG E 321 14.95 -3.21 -40.99
N ALA E 322 14.61 -4.50 -41.11
CA ALA E 322 14.68 -5.20 -42.39
C ALA E 322 13.76 -4.57 -43.40
N MET E 323 12.58 -4.17 -42.93
CA MET E 323 11.62 -3.46 -43.76
C MET E 323 12.12 -2.08 -44.19
N GLU E 324 12.59 -1.31 -43.21
CA GLU E 324 13.19 0.00 -43.48
C GLU E 324 14.19 -0.09 -44.65
N ILE E 325 15.03 -1.13 -44.65
CA ILE E 325 16.08 -1.29 -45.66
C ILE E 325 15.51 -1.63 -47.04
N LEU E 326 14.67 -2.66 -47.09
CA LEU E 326 14.18 -3.22 -48.34
C LEU E 326 13.19 -2.30 -49.04
N LYS E 327 12.24 -1.77 -48.28
CA LYS E 327 11.24 -0.82 -48.81
C LYS E 327 11.94 0.42 -49.36
N LYS E 328 13.11 0.73 -48.79
CA LYS E 328 13.94 1.83 -49.29
C LYS E 328 14.69 1.48 -50.59
N LEU E 329 14.99 0.20 -50.80
CA LEU E 329 15.55 -0.24 -52.09
C LEU E 329 14.47 -0.32 -53.18
N GLN E 330 13.21 -0.35 -52.74
CA GLN E 330 12.07 -0.33 -53.65
C GLN E 330 11.88 1.06 -54.25
N GLY E 333 13.97 1.57 -57.19
CA GLY E 333 13.80 0.84 -58.45
C GLY E 333 14.59 -0.46 -58.48
N ASN E 334 13.93 -1.55 -58.10
CA ASN E 334 14.57 -2.87 -57.99
C ASN E 334 13.53 -4.00 -57.88
N TRP E 335 12.52 -3.80 -57.03
CA TRP E 335 11.40 -4.73 -56.90
C TRP E 335 10.07 -3.98 -56.70
N THR E 336 8.95 -4.69 -56.81
CA THR E 336 7.62 -4.06 -56.84
C THR E 336 6.96 -3.77 -55.47
N ASN E 337 7.38 -4.50 -54.43
CA ASN E 337 6.81 -4.37 -53.08
C ASN E 337 7.58 -5.23 -52.08
N VAL E 338 7.51 -4.91 -50.80
CA VAL E 338 8.00 -5.82 -49.77
C VAL E 338 6.98 -5.90 -48.63
N LEU E 339 6.77 -7.11 -48.14
CA LEU E 339 5.66 -7.44 -47.25
C LEU E 339 6.18 -7.85 -45.88
N TYR E 340 5.36 -7.64 -44.86
CA TYR E 340 5.76 -7.88 -43.47
C TYR E 340 4.69 -8.63 -42.69
N ASP E 341 5.11 -9.71 -42.06
CA ASP E 341 4.21 -10.53 -41.26
C ASP E 341 4.90 -11.01 -39.96
N ASP E 342 4.66 -10.30 -38.87
CA ASP E 342 5.20 -10.66 -37.55
C ASP E 342 4.27 -11.55 -36.68
N GLN E 343 3.37 -12.29 -37.30
CA GLN E 343 2.49 -13.17 -36.53
C GLN E 343 2.55 -14.63 -37.00
N VAL E 344 3.68 -15.00 -37.62
CA VAL E 344 3.86 -16.35 -38.14
C VAL E 344 4.36 -17.29 -37.06
N GLY E 345 3.91 -18.54 -37.12
CA GLY E 345 4.48 -19.63 -36.33
C GLY E 345 5.11 -20.66 -37.24
N LYS E 346 6.21 -21.25 -36.80
CA LYS E 346 6.91 -22.28 -37.58
C LYS E 346 6.77 -23.57 -36.80
N VAL E 347 6.06 -24.53 -37.38
CA VAL E 347 5.86 -25.85 -36.77
C VAL E 347 6.52 -26.88 -37.69
N SER E 348 7.30 -27.79 -37.09
CA SER E 348 8.17 -28.68 -37.85
C SER E 348 8.15 -30.09 -37.30
N LEU E 349 8.34 -31.06 -38.19
CA LEU E 349 8.55 -32.46 -37.82
C LEU E 349 9.95 -32.90 -38.28
N VAL E 350 10.69 -33.59 -37.40
CA VAL E 350 12.07 -33.99 -37.67
C VAL E 350 12.23 -35.49 -37.44
N GLY E 351 12.92 -36.15 -38.34
CA GLY E 351 13.11 -37.60 -38.25
C GLY E 351 13.96 -38.17 -39.36
N ALA E 352 14.93 -39.00 -38.97
CA ALA E 352 15.74 -39.73 -39.96
C ALA E 352 14.85 -40.69 -40.73
N GLY E 353 13.82 -41.19 -40.06
CA GLY E 353 12.80 -42.02 -40.69
C GLY E 353 12.12 -41.49 -41.93
N MET E 354 12.03 -40.17 -42.10
CA MET E 354 11.29 -39.62 -43.25
C MET E 354 12.10 -39.62 -44.57
N LYS E 355 13.42 -39.70 -44.45
CA LYS E 355 14.34 -39.66 -45.61
C LYS E 355 14.07 -40.75 -46.63
N SER E 356 13.76 -41.95 -46.12
CA SER E 356 13.62 -43.15 -46.94
C SER E 356 12.18 -43.43 -47.35
N HIS E 357 11.26 -43.23 -46.41
CA HIS E 357 9.85 -43.58 -46.61
C HIS E 357 9.11 -42.47 -47.35
N PRO E 358 8.29 -42.81 -48.35
CA PRO E 358 7.31 -41.83 -48.84
C PRO E 358 6.03 -41.82 -47.98
N GLY E 359 5.30 -40.72 -48.00
CA GLY E 359 4.03 -40.63 -47.26
C GLY E 359 4.02 -39.74 -46.03
N VAL E 360 5.18 -39.49 -45.43
CA VAL E 360 5.22 -38.67 -44.21
C VAL E 360 4.74 -37.24 -44.53
N THR E 361 5.16 -36.70 -45.66
CA THR E 361 4.79 -35.35 -46.05
C THR E 361 3.29 -35.22 -46.20
N ALA E 362 2.69 -36.23 -46.82
CA ALA E 362 1.26 -36.29 -47.03
C ALA E 362 0.55 -36.41 -45.70
N GLU E 363 1.13 -37.20 -44.79
CA GLU E 363 0.55 -37.46 -43.48
C GLU E 363 0.63 -36.21 -42.60
N PHE E 364 1.69 -35.43 -42.80
CA PHE E 364 1.88 -34.13 -42.16
C PHE E 364 0.78 -33.17 -42.62
N MET E 365 0.63 -33.05 -43.94
CA MET E 365 -0.41 -32.23 -44.57
C MET E 365 -1.84 -32.54 -44.12
N GLU E 366 -2.14 -33.83 -43.94
CA GLU E 366 -3.46 -34.30 -43.55
C GLU E 366 -3.74 -34.05 -42.08
N ALA E 367 -2.73 -34.22 -41.26
CA ALA E 367 -2.79 -33.90 -39.83
C ALA E 367 -3.31 -32.49 -39.62
N LEU E 368 -2.76 -31.57 -40.38
CA LEU E 368 -3.12 -30.17 -40.26
C LEU E 368 -4.45 -29.88 -40.92
N ARG E 369 -4.78 -30.58 -42.00
CA ARG E 369 -6.11 -30.48 -42.60
C ARG E 369 -7.23 -30.85 -41.60
N ASP E 370 -7.03 -31.88 -40.79
CA ASP E 370 -8.12 -32.44 -39.98
C ASP E 370 -8.44 -31.59 -38.77
N VAL E 371 -7.51 -30.72 -38.42
CA VAL E 371 -7.83 -29.52 -37.67
C VAL E 371 -7.82 -28.48 -38.78
N ASN E 372 -8.37 -27.29 -38.56
CA ASN E 372 -8.61 -26.43 -39.71
C ASN E 372 -7.49 -25.40 -39.87
N VAL E 373 -6.24 -25.89 -39.96
CA VAL E 373 -5.09 -25.00 -40.20
C VAL E 373 -4.63 -25.06 -41.66
N ASN E 374 -4.57 -23.90 -42.28
CA ASN E 374 -4.16 -23.70 -43.66
C ASN E 374 -2.65 -23.53 -43.67
N ILE E 375 -1.96 -24.24 -44.55
CA ILE E 375 -0.50 -24.13 -44.65
C ILE E 375 -0.10 -22.96 -45.55
N GLU E 376 0.84 -22.14 -45.08
CA GLU E 376 1.17 -20.90 -45.76
C GLU E 376 2.51 -20.93 -46.50
N LEU E 377 3.51 -21.57 -45.89
CA LEU E 377 4.77 -21.86 -46.58
C LEU E 377 5.24 -23.23 -46.14
N ILE E 378 5.90 -23.94 -47.06
CA ILE E 378 6.55 -25.20 -46.73
C ILE E 378 8.05 -25.00 -46.95
N SER E 379 8.83 -25.62 -46.08
CA SER E 379 10.28 -25.57 -46.14
C SER E 379 10.78 -26.96 -45.77
N THR E 380 11.96 -27.34 -46.26
CA THR E 380 12.36 -28.73 -46.23
C THR E 380 13.87 -28.93 -46.07
N SER E 381 14.21 -29.96 -45.31
CA SER E 381 15.54 -30.55 -45.36
C SER E 381 15.26 -32.02 -45.55
N GLU E 382 16.28 -32.77 -45.90
CA GLU E 382 16.14 -34.19 -46.16
C GLU E 382 15.38 -34.94 -45.04
N ILE E 383 15.48 -34.45 -43.79
CA ILE E 383 14.84 -35.11 -42.64
C ILE E 383 13.99 -34.16 -41.82
N ARG E 384 13.44 -33.14 -42.47
CA ARG E 384 12.57 -32.23 -41.77
C ARG E 384 11.55 -31.59 -42.69
N ILE E 385 10.34 -31.45 -42.17
CA ILE E 385 9.25 -30.73 -42.80
C ILE E 385 8.95 -29.56 -41.86
N SER E 386 9.04 -28.33 -42.36
CA SER E 386 8.68 -27.17 -41.59
C SER E 386 7.58 -26.43 -42.33
N VAL E 387 6.70 -25.81 -41.58
CA VAL E 387 5.54 -25.16 -42.14
C VAL E 387 5.30 -23.85 -41.37
N LEU E 388 5.05 -22.76 -42.09
CA LEU E 388 4.61 -21.52 -41.46
C LEU E 388 3.09 -21.45 -41.48
N ILE E 389 2.52 -21.04 -40.36
CA ILE E 389 1.09 -20.91 -40.19
C ILE E 389 0.86 -19.74 -39.22
N ARG E 390 -0.41 -19.47 -38.87
CA ARG E 390 -0.73 -18.46 -37.87
C ARG E 390 -0.13 -18.89 -36.55
N GLU E 391 0.46 -17.94 -35.86
CA GLU E 391 0.90 -18.12 -34.50
C GLU E 391 -0.19 -18.68 -33.56
N ASP E 392 -1.42 -18.18 -33.70
CA ASP E 392 -2.54 -18.61 -32.88
C ASP E 392 -2.85 -20.12 -33.03
N ASP E 393 -2.48 -20.74 -34.16
CA ASP E 393 -2.75 -22.17 -34.40
C ASP E 393 -1.59 -23.10 -34.03
N LEU E 394 -0.52 -22.56 -33.45
CA LEU E 394 0.72 -23.31 -33.31
C LEU E 394 0.58 -24.46 -32.34
N ASP E 395 -0.03 -24.17 -31.20
CA ASP E 395 -0.32 -25.19 -30.24
C ASP E 395 -1.17 -26.32 -30.84
N ALA E 396 -2.24 -25.98 -31.55
CA ALA E 396 -3.13 -27.01 -32.10
C ALA E 396 -2.48 -27.79 -33.25
N ALA E 397 -1.60 -27.14 -34.01
CA ALA E 397 -0.80 -27.82 -35.02
C ALA E 397 0.15 -28.84 -34.40
N ALA E 398 0.85 -28.42 -33.35
CA ALA E 398 1.81 -29.26 -32.65
C ALA E 398 1.15 -30.53 -32.11
N ARG E 399 0.02 -30.38 -31.43
CA ARG E 399 -0.73 -31.53 -30.92
C ARG E 399 -1.15 -32.47 -32.04
N ALA E 400 -1.60 -31.91 -33.16
CA ALA E 400 -2.07 -32.71 -34.30
C ALA E 400 -0.94 -33.54 -34.90
N LEU E 401 0.20 -32.89 -35.15
CA LEU E 401 1.37 -33.58 -35.72
C LEU E 401 1.83 -34.67 -34.78
N HIS E 402 1.90 -34.35 -33.49
CA HIS E 402 2.39 -35.30 -32.51
C HIS E 402 1.62 -36.61 -32.49
N GLU E 403 0.29 -36.51 -32.34
CA GLU E 403 -0.52 -37.72 -32.14
C GLU E 403 -0.74 -38.46 -33.45
N GLN E 404 -0.83 -37.73 -34.55
CA GLN E 404 -0.85 -38.34 -35.88
C GLN E 404 0.30 -39.32 -36.01
N PHE E 405 1.50 -38.87 -35.67
CA PHE E 405 2.70 -39.69 -35.81
C PHE E 405 3.04 -40.48 -34.54
N GLN E 406 2.27 -40.25 -33.48
CA GLN E 406 2.23 -41.15 -32.31
C GLN E 406 3.50 -41.10 -31.47
N LEU E 407 4.09 -39.93 -31.37
CA LEU E 407 5.35 -39.74 -30.64
C LEU E 407 5.18 -39.86 -29.13
N GLY E 408 3.94 -39.67 -28.66
CA GLY E 408 3.71 -39.45 -27.22
C GLY E 408 3.54 -40.74 -26.44
N GLY E 409 2.28 -41.04 -26.11
CA GLY E 409 1.90 -42.28 -25.48
C GLY E 409 1.07 -43.09 -26.46
N ALA F 4 29.11 -19.14 -35.65
CA ALA F 4 28.75 -19.94 -36.87
C ALA F 4 29.93 -20.78 -37.37
N VAL F 5 29.61 -21.86 -38.09
CA VAL F 5 30.60 -22.76 -38.66
C VAL F 5 30.21 -23.14 -40.08
N LEU F 6 31.20 -23.50 -40.88
CA LEU F 6 30.97 -23.86 -42.27
C LEU F 6 31.87 -25.03 -42.56
N THR F 7 31.28 -26.21 -42.74
CA THR F 7 32.07 -27.46 -42.85
C THR F 7 32.28 -27.98 -44.27
N GLY F 8 31.47 -27.56 -45.24
CA GLY F 8 31.67 -27.98 -46.63
C GLY F 8 30.64 -27.53 -47.66
N VAL F 9 30.88 -27.89 -48.93
CA VAL F 9 29.92 -27.70 -50.04
C VAL F 9 29.63 -29.03 -50.73
N ALA F 10 28.35 -29.40 -50.77
CA ALA F 10 27.92 -30.67 -51.35
C ALA F 10 27.17 -30.39 -52.64
N THR F 11 27.24 -31.34 -53.57
CA THR F 11 26.50 -31.24 -54.82
C THR F 11 25.70 -32.50 -55.10
N ASP F 12 24.68 -32.34 -55.94
CA ASP F 12 23.79 -33.42 -56.29
C ASP F 12 23.23 -33.09 -57.68
N LYS F 13 23.09 -34.12 -58.51
CA LYS F 13 22.51 -33.99 -59.84
C LYS F 13 21.57 -35.17 -60.14
N SER F 14 21.05 -35.79 -59.07
CA SER F 14 20.25 -37.00 -59.18
C SER F 14 18.75 -36.76 -59.28
N GLU F 15 18.29 -35.51 -59.17
CA GLU F 15 16.85 -35.25 -59.08
C GLU F 15 16.26 -34.25 -60.09
N ALA F 16 14.95 -34.35 -60.26
CA ALA F 16 14.19 -33.41 -61.09
C ALA F 16 13.42 -32.45 -60.19
N LYS F 17 12.97 -31.35 -60.80
CA LYS F 17 12.22 -30.31 -60.12
C LYS F 17 10.84 -30.29 -60.76
N VAL F 18 9.80 -30.49 -59.97
CA VAL F 18 8.43 -30.47 -60.51
C VAL F 18 7.51 -29.51 -59.75
N THR F 19 6.95 -28.56 -60.49
CA THR F 19 6.11 -27.50 -59.93
C THR F 19 4.64 -27.71 -60.31
N VAL F 20 3.77 -27.82 -59.32
CA VAL F 20 2.33 -27.76 -59.56
C VAL F 20 1.88 -26.30 -59.39
N LEU F 21 1.39 -25.70 -60.47
CA LEU F 21 0.96 -24.30 -60.47
C LEU F 21 -0.53 -24.15 -60.20
N GLY F 22 -0.88 -23.26 -59.27
CA GLY F 22 -2.26 -22.82 -59.09
C GLY F 22 -3.08 -23.67 -58.13
N ILE F 23 -2.47 -24.10 -57.02
CA ILE F 23 -3.19 -24.83 -55.99
C ILE F 23 -4.04 -23.82 -55.25
N SER F 24 -5.32 -24.13 -55.06
CA SER F 24 -6.21 -23.25 -54.30
C SER F 24 -5.81 -23.29 -52.82
N ASP F 25 -5.56 -22.12 -52.25
CA ASP F 25 -4.88 -21.97 -50.98
C ASP F 25 -5.83 -22.20 -49.81
N LYS F 26 -6.36 -23.41 -49.70
CA LYS F 26 -7.29 -23.74 -48.63
C LYS F 26 -6.80 -25.02 -47.96
N PRO F 27 -7.16 -25.24 -46.68
CA PRO F 27 -6.63 -26.40 -45.99
C PRO F 27 -7.00 -27.71 -46.69
N GLY F 28 -6.03 -28.61 -46.83
CA GLY F 28 -6.27 -29.93 -47.41
C GLY F 28 -5.87 -30.13 -48.85
N GLU F 29 -5.48 -29.05 -49.53
CA GLU F 29 -5.15 -29.13 -50.95
C GLU F 29 -3.73 -29.62 -51.22
N ALA F 30 -2.77 -29.19 -50.41
CA ALA F 30 -1.41 -29.71 -50.51
C ALA F 30 -1.37 -31.24 -50.26
N ALA F 31 -2.27 -31.73 -49.41
CA ALA F 31 -2.33 -33.15 -49.05
C ALA F 31 -2.69 -34.04 -50.24
N LYS F 32 -3.47 -33.50 -51.19
CA LYS F 32 -3.85 -34.20 -52.41
C LYS F 32 -2.65 -34.42 -53.34
N VAL F 33 -1.81 -33.40 -53.47
CA VAL F 33 -0.59 -33.49 -54.25
C VAL F 33 0.33 -34.60 -53.72
N PHE F 34 0.55 -34.61 -52.40
CA PHE F 34 1.51 -35.50 -51.76
C PHE F 34 0.98 -36.88 -51.38
N ARG F 35 -0.34 -37.03 -51.25
CA ARG F 35 -0.93 -38.36 -51.06
C ARG F 35 -0.91 -39.11 -52.38
N ALA F 36 -1.21 -38.40 -53.47
CA ALA F 36 -1.15 -39.01 -54.80
C ALA F 36 0.25 -39.54 -55.05
N LEU F 37 1.25 -38.73 -54.76
CA LEU F 37 2.64 -39.15 -54.94
C LEU F 37 3.01 -40.31 -54.01
N ALA F 38 2.55 -40.28 -52.76
CA ALA F 38 2.91 -41.34 -51.79
C ALA F 38 2.02 -42.60 -51.87
N ASP F 39 0.84 -42.50 -52.49
CA ASP F 39 0.02 -43.67 -52.81
C ASP F 39 0.84 -44.59 -53.71
N ALA F 40 1.46 -43.99 -54.73
CA ALA F 40 2.62 -44.61 -55.41
C ALA F 40 3.76 -44.58 -54.40
N GLU F 41 5.01 -44.68 -54.84
CA GLU F 41 6.11 -44.65 -53.87
C GLU F 41 7.27 -43.78 -54.32
N ILE F 42 6.94 -42.62 -54.89
CA ILE F 42 7.96 -41.62 -55.14
C ILE F 42 8.36 -40.95 -53.81
N ASN F 43 9.55 -41.26 -53.35
CA ASN F 43 10.06 -40.68 -52.12
C ASN F 43 10.61 -39.28 -52.42
N ILE F 44 9.90 -38.26 -51.96
CA ILE F 44 10.24 -36.88 -52.30
C ILE F 44 11.27 -36.30 -51.33
N ASP F 45 12.02 -35.32 -51.82
CA ASP F 45 13.01 -34.61 -51.04
C ASP F 45 12.57 -33.16 -50.75
N MET F 46 12.83 -32.23 -51.66
CA MET F 46 12.51 -30.83 -51.38
C MET F 46 11.04 -30.57 -51.59
N VAL F 47 10.50 -29.66 -50.79
CA VAL F 47 9.20 -29.09 -51.02
C VAL F 47 9.35 -27.61 -50.69
N LEU F 48 8.69 -26.78 -51.49
CA LEU F 48 8.73 -25.32 -51.32
C LEU F 48 7.41 -24.75 -51.79
N GLN F 49 6.70 -24.10 -50.88
CA GLN F 49 5.56 -23.27 -51.20
C GLN F 49 5.97 -21.91 -50.68
N ASN F 50 5.83 -20.86 -51.51
CA ASN F 50 6.32 -19.54 -51.10
C ASN F 50 5.25 -18.49 -50.86
N VAL F 51 4.65 -17.95 -51.93
CA VAL F 51 3.78 -16.77 -51.79
C VAL F 51 2.64 -16.74 -52.81
N PHE F 52 1.63 -15.94 -52.50
CA PHE F 52 0.33 -15.97 -53.20
C PHE F 52 0.23 -15.01 -54.37
N ASP F 56 -6.14 -13.83 -57.09
CA ASP F 56 -6.07 -15.21 -57.55
C ASP F 56 -6.65 -16.16 -56.52
N GLY F 57 -6.01 -16.23 -55.36
CA GLY F 57 -6.40 -17.15 -54.30
C GLY F 57 -5.70 -18.49 -54.45
N THR F 58 -4.49 -18.45 -55.00
CA THR F 58 -3.75 -19.67 -55.26
C THR F 58 -2.27 -19.45 -54.95
N THR F 59 -1.58 -20.57 -54.79
CA THR F 59 -0.14 -20.57 -54.61
C THR F 59 0.44 -21.67 -55.49
N ASP F 60 1.75 -21.77 -55.51
CA ASP F 60 2.44 -22.78 -56.29
C ASP F 60 3.29 -23.64 -55.36
N ILE F 61 3.28 -24.95 -55.59
CA ILE F 61 4.12 -25.88 -54.84
C ILE F 61 5.14 -26.51 -55.79
N THR F 62 6.40 -26.57 -55.37
CA THR F 62 7.45 -27.20 -56.16
C THR F 62 8.19 -28.18 -55.29
N PHE F 63 8.29 -29.44 -55.73
CA PHE F 63 9.06 -30.43 -54.98
C PHE F 63 10.20 -30.99 -55.82
N THR F 64 11.02 -31.86 -55.25
CA THR F 64 12.02 -32.56 -56.03
C THR F 64 11.95 -34.05 -55.72
N CYS F 65 12.47 -34.84 -56.65
CA CYS F 65 12.39 -36.29 -56.60
C CYS F 65 13.48 -36.86 -57.49
N PRO F 66 13.89 -38.11 -57.25
CA PRO F 66 14.91 -38.70 -58.13
C PRO F 66 14.46 -38.68 -59.58
N ARG F 67 15.36 -38.29 -60.49
CA ARG F 67 15.02 -38.22 -61.92
C ARG F 67 14.38 -39.51 -62.39
N SER F 68 14.81 -40.63 -61.80
CA SER F 68 14.21 -41.96 -62.05
C SER F 68 12.68 -41.89 -62.11
N ASP F 69 12.08 -41.32 -61.07
CA ASP F 69 10.62 -41.30 -60.94
C ASP F 69 9.97 -40.01 -61.44
N GLY F 70 10.74 -39.20 -62.16
CA GLY F 70 10.30 -37.88 -62.60
C GLY F 70 9.29 -37.88 -63.73
N ARG F 71 9.36 -38.89 -64.59
CA ARG F 71 8.36 -39.06 -65.64
C ARG F 71 7.05 -39.59 -65.05
N ARG F 72 7.14 -40.58 -64.16
CA ARG F 72 5.96 -41.17 -63.55
C ARG F 72 5.30 -40.16 -62.64
N ALA F 73 6.04 -39.70 -61.64
CA ALA F 73 5.53 -38.65 -60.75
C ALA F 73 5.49 -37.35 -61.52
N MET F 74 4.44 -37.20 -62.33
CA MET F 74 4.31 -36.20 -63.38
C MET F 74 3.20 -36.70 -64.30
N GLU F 75 3.23 -38.00 -64.60
CA GLU F 75 2.07 -38.71 -65.16
C GLU F 75 0.94 -38.67 -64.13
N ILE F 76 1.25 -39.07 -62.90
CA ILE F 76 0.37 -38.78 -61.76
C ILE F 76 0.63 -37.32 -61.40
N LEU F 77 -0.40 -36.47 -61.52
CA LEU F 77 -0.34 -35.00 -61.29
C LEU F 77 -0.73 -34.25 -62.56
N LYS F 78 -0.58 -34.90 -63.71
CA LYS F 78 -1.23 -34.48 -64.96
C LYS F 78 -2.69 -34.93 -64.89
N LYS F 79 -2.90 -36.19 -64.48
CA LYS F 79 -4.20 -36.58 -63.91
C LYS F 79 -4.35 -35.81 -62.61
N LEU F 80 -5.58 -35.53 -62.21
CA LEU F 80 -5.88 -34.60 -61.11
C LEU F 80 -5.93 -33.17 -61.64
N GLN F 81 -5.02 -32.79 -62.52
CA GLN F 81 -5.21 -31.57 -63.32
C GLN F 81 -6.37 -31.78 -64.31
N VAL F 82 -6.56 -33.02 -64.75
CA VAL F 82 -7.77 -33.42 -65.47
C VAL F 82 -8.93 -33.67 -64.50
N GLN F 83 -8.63 -33.66 -63.19
CA GLN F 83 -9.56 -34.04 -62.11
C GLN F 83 -10.03 -35.49 -62.24
N TRP F 86 -5.57 -27.99 -61.05
CA TRP F 86 -4.82 -26.75 -60.95
C TRP F 86 -4.43 -26.21 -62.35
N THR F 87 -3.64 -25.13 -62.39
CA THR F 87 -3.33 -24.44 -63.66
C THR F 87 -2.48 -25.29 -64.61
N ASN F 88 -1.34 -25.76 -64.11
CA ASN F 88 -0.31 -26.36 -64.97
C ASN F 88 0.72 -27.08 -64.11
N VAL F 89 1.32 -28.13 -64.66
CA VAL F 89 2.36 -28.91 -63.96
C VAL F 89 3.67 -28.84 -64.73
N LEU F 90 4.67 -28.19 -64.15
CA LEU F 90 5.99 -28.03 -64.79
C LEU F 90 7.00 -29.12 -64.34
N TYR F 91 7.95 -29.43 -65.22
CA TYR F 91 9.00 -30.41 -64.93
C TYR F 91 10.36 -29.94 -65.47
N ASP F 92 11.42 -30.36 -64.79
CA ASP F 92 12.78 -29.99 -65.14
C ASP F 92 13.72 -31.02 -64.51
N ASP F 93 14.51 -31.69 -65.35
CA ASP F 93 15.47 -32.68 -64.88
C ASP F 93 16.89 -32.34 -65.35
N GLN F 94 17.14 -31.05 -65.55
CA GLN F 94 18.49 -30.52 -65.73
C GLN F 94 18.80 -29.63 -64.54
N VAL F 95 18.48 -30.15 -63.35
CA VAL F 95 18.50 -29.37 -62.12
C VAL F 95 19.71 -29.73 -61.29
N GLY F 96 20.40 -28.71 -60.79
CA GLY F 96 21.65 -28.89 -60.04
C GLY F 96 21.59 -28.27 -58.66
N LYS F 97 21.73 -29.11 -57.63
CA LYS F 97 21.62 -28.70 -56.24
C LYS F 97 22.97 -28.50 -55.57
N VAL F 98 23.28 -27.26 -55.21
CA VAL F 98 24.48 -26.95 -54.43
C VAL F 98 24.05 -26.52 -53.02
N SER F 99 24.67 -27.11 -51.99
CA SER F 99 24.37 -26.78 -50.60
C SER F 99 25.64 -26.30 -49.90
N LEU F 100 25.51 -25.33 -49.00
CA LEU F 100 26.58 -25.01 -48.08
C LEU F 100 26.16 -25.55 -46.73
N VAL F 101 27.00 -26.38 -46.12
CA VAL F 101 26.65 -27.03 -44.86
C VAL F 101 27.42 -26.39 -43.71
N GLY F 102 26.77 -26.28 -42.56
CA GLY F 102 27.31 -25.57 -41.42
C GLY F 102 26.34 -25.47 -40.26
N ALA F 103 26.42 -24.37 -39.52
CA ALA F 103 25.66 -24.21 -38.27
C ALA F 103 25.91 -22.83 -37.69
N GLY F 104 24.89 -22.21 -37.12
CA GLY F 104 25.00 -20.86 -36.57
C GLY F 104 24.95 -19.74 -37.61
N MET F 105 24.52 -20.06 -38.82
CA MET F 105 24.47 -19.10 -39.92
C MET F 105 23.47 -17.94 -39.68
N LYS F 106 22.50 -18.12 -38.79
CA LYS F 106 21.48 -17.10 -38.55
C LYS F 106 22.07 -15.76 -38.10
N SER F 107 23.06 -15.82 -37.21
CA SER F 107 23.78 -14.63 -36.73
C SER F 107 24.85 -14.09 -37.70
N HIS F 108 24.99 -14.71 -38.87
CA HIS F 108 25.97 -14.25 -39.85
C HIS F 108 25.31 -14.10 -41.21
N PRO F 109 24.44 -13.10 -41.36
CA PRO F 109 23.76 -12.88 -42.64
C PRO F 109 24.75 -12.67 -43.79
N GLY F 110 25.96 -12.22 -43.45
CA GLY F 110 27.08 -12.20 -44.40
C GLY F 110 27.23 -13.51 -45.12
N VAL F 111 27.16 -14.63 -44.39
CA VAL F 111 27.25 -15.97 -44.97
C VAL F 111 26.32 -16.10 -46.17
N THR F 112 25.05 -15.84 -45.95
CA THR F 112 24.05 -15.94 -47.00
C THR F 112 24.29 -14.90 -48.08
N ALA F 113 24.75 -13.71 -47.71
CA ALA F 113 25.07 -12.65 -48.68
C ALA F 113 26.25 -13.04 -49.57
N GLU F 114 27.26 -13.66 -48.97
CA GLU F 114 28.45 -14.10 -49.68
C GLU F 114 28.18 -15.31 -50.59
N PHE F 115 27.37 -16.26 -50.08
CA PHE F 115 26.87 -17.37 -50.89
C PHE F 115 26.28 -16.83 -52.19
N MET F 116 25.45 -15.79 -52.08
CA MET F 116 24.77 -15.21 -53.23
C MET F 116 25.73 -14.42 -54.15
N GLU F 117 26.70 -13.72 -53.54
CA GLU F 117 27.70 -12.93 -54.28
C GLU F 117 28.72 -13.82 -55.00
N ALA F 118 29.10 -14.90 -54.33
CA ALA F 118 30.01 -15.89 -54.90
C ALA F 118 29.49 -16.40 -56.25
N LEU F 119 28.20 -16.72 -56.29
CA LEU F 119 27.57 -17.30 -57.48
C LEU F 119 27.31 -16.29 -58.58
N ARG F 120 26.98 -15.05 -58.21
CA ARG F 120 26.76 -14.01 -59.22
C ARG F 120 28.08 -13.59 -59.88
N ASP F 121 29.16 -13.58 -59.11
CA ASP F 121 30.50 -13.35 -59.65
C ASP F 121 31.01 -14.48 -60.57
N VAL F 122 30.27 -15.58 -60.64
CA VAL F 122 30.52 -16.67 -61.58
C VAL F 122 29.32 -16.77 -62.56
N ASN F 123 28.52 -15.71 -62.60
CA ASN F 123 27.37 -15.61 -63.50
C ASN F 123 26.45 -16.84 -63.51
N VAL F 124 26.14 -17.34 -62.32
CA VAL F 124 25.23 -18.47 -62.15
C VAL F 124 23.89 -17.96 -61.59
N ASN F 125 22.81 -18.18 -62.33
CA ASN F 125 21.50 -17.71 -61.92
C ASN F 125 20.86 -18.69 -60.95
N ILE F 126 20.36 -18.16 -59.83
CA ILE F 126 19.76 -18.98 -58.77
C ILE F 126 18.29 -19.15 -59.06
N GLU F 127 17.90 -20.36 -59.44
CA GLU F 127 16.54 -20.62 -59.87
C GLU F 127 15.65 -20.88 -58.70
N LEU F 128 16.23 -21.38 -57.61
CA LEU F 128 15.47 -21.66 -56.38
C LEU F 128 16.42 -21.57 -55.17
N ILE F 129 15.86 -21.20 -54.01
CA ILE F 129 16.63 -21.07 -52.76
C ILE F 129 15.84 -21.69 -51.61
N SER F 130 16.54 -22.38 -50.72
CA SER F 130 15.93 -22.93 -49.51
C SER F 130 17.01 -23.11 -48.46
N THR F 131 16.92 -22.34 -47.38
CA THR F 131 18.00 -22.28 -46.41
C THR F 131 17.47 -22.48 -45.01
N SER F 132 18.43 -22.71 -44.10
CA SER F 132 18.16 -22.80 -42.67
C SER F 132 19.43 -22.43 -41.91
N GLU F 133 19.36 -22.56 -40.58
CA GLU F 133 20.51 -22.34 -39.72
C GLU F 133 21.69 -23.26 -40.04
N ILE F 134 21.39 -24.46 -40.53
CA ILE F 134 22.43 -25.47 -40.75
C ILE F 134 22.63 -25.83 -42.22
N ARG F 135 22.05 -25.06 -43.12
CA ARG F 135 22.13 -25.34 -44.55
C ARG F 135 21.65 -24.18 -45.41
N ILE F 136 22.37 -23.90 -46.49
CA ILE F 136 21.92 -23.00 -47.53
C ILE F 136 21.93 -23.84 -48.80
N SER F 137 20.75 -24.03 -49.40
CA SER F 137 20.60 -24.83 -50.60
C SER F 137 19.96 -23.99 -51.71
N VAL F 138 20.41 -24.20 -52.94
CA VAL F 138 19.81 -23.56 -54.11
C VAL F 138 19.70 -24.60 -55.20
N LEU F 139 18.77 -24.42 -56.13
CA LEU F 139 18.78 -25.18 -57.39
C LEU F 139 19.20 -24.25 -58.52
N ILE F 140 20.08 -24.74 -59.37
CA ILE F 140 20.61 -23.93 -60.47
C ILE F 140 20.70 -24.80 -61.72
N ARG F 141 21.18 -24.22 -62.80
CA ARG F 141 21.39 -24.98 -64.04
C ARG F 141 22.41 -26.09 -63.76
N GLU F 142 22.05 -27.32 -64.12
CA GLU F 142 22.95 -28.46 -63.97
C GLU F 142 24.35 -28.15 -64.46
N ASP F 143 24.42 -27.53 -65.64
CA ASP F 143 25.69 -27.08 -66.21
C ASP F 143 26.46 -26.17 -65.26
N ASP F 144 25.74 -25.31 -64.54
CA ASP F 144 26.35 -24.40 -63.56
C ASP F 144 26.71 -25.09 -62.23
N LEU F 145 26.28 -26.34 -62.04
CA LEU F 145 26.48 -27.06 -60.77
C LEU F 145 27.95 -27.04 -60.32
N ASP F 146 28.86 -27.38 -61.22
CA ASP F 146 30.26 -27.43 -60.83
C ASP F 146 30.87 -26.04 -60.67
N ALA F 147 30.33 -25.06 -61.40
CA ALA F 147 30.76 -23.66 -61.25
C ALA F 147 30.35 -23.12 -59.87
N ALA F 148 29.14 -23.46 -59.44
CA ALA F 148 28.68 -23.06 -58.13
C ALA F 148 29.58 -23.67 -57.06
N ALA F 149 29.78 -24.98 -57.09
CA ALA F 149 30.60 -25.64 -56.09
C ALA F 149 31.99 -25.03 -56.00
N ARG F 150 32.60 -24.73 -57.16
CA ARG F 150 33.96 -24.17 -57.19
C ARG F 150 34.04 -22.79 -56.51
N ALA F 151 33.14 -21.87 -56.86
CA ALA F 151 33.13 -20.53 -56.26
C ALA F 151 32.84 -20.56 -54.75
N LEU F 152 31.94 -21.44 -54.33
CA LEU F 152 31.64 -21.62 -52.92
C LEU F 152 32.88 -22.11 -52.18
N HIS F 153 33.62 -23.02 -52.79
CA HIS F 153 34.89 -23.50 -52.22
C HIS F 153 35.91 -22.38 -52.01
N GLU F 154 36.09 -21.50 -53.00
CA GLU F 154 37.02 -20.36 -52.87
C GLU F 154 36.54 -19.30 -51.88
N GLN F 155 35.23 -19.01 -51.87
CA GLN F 155 34.65 -18.11 -50.86
C GLN F 155 34.99 -18.54 -49.43
N PHE F 156 35.15 -19.85 -49.23
CA PHE F 156 35.75 -20.39 -48.00
C PHE F 156 37.18 -20.90 -48.27
N ALA G 2 54.91 13.95 -20.04
CA ALA G 2 55.25 13.04 -18.91
C ALA G 2 54.70 11.64 -19.18
N LEU G 3 55.12 10.68 -18.35
CA LEU G 3 54.64 9.31 -18.43
C LEU G 3 53.68 9.14 -17.27
N VAL G 4 52.38 9.15 -17.55
CA VAL G 4 51.40 9.12 -16.47
C VAL G 4 50.71 7.77 -16.38
N VAL G 5 50.75 7.19 -15.18
CA VAL G 5 49.91 6.05 -14.85
C VAL G 5 48.64 6.60 -14.23
N GLN G 6 47.49 6.09 -14.66
CA GLN G 6 46.20 6.50 -14.11
C GLN G 6 45.46 5.28 -13.55
N LYS G 7 45.00 5.36 -12.29
CA LYS G 7 44.19 4.29 -11.72
C LYS G 7 42.72 4.75 -11.47
N TYR G 8 41.76 3.97 -11.95
CA TYR G 8 40.34 4.36 -11.83
C TYR G 8 39.63 3.40 -10.90
N GLY G 9 39.02 3.95 -9.86
CA GLY G 9 38.30 3.13 -8.89
C GLY G 9 37.00 2.61 -9.46
N GLY G 10 36.33 1.75 -8.68
CA GLY G 10 35.03 1.19 -9.06
C GLY G 10 33.92 2.21 -9.21
N SER G 11 33.90 3.21 -8.33
CA SER G 11 32.95 4.30 -8.42
C SER G 11 33.01 4.98 -9.80
N SER G 12 34.24 5.31 -10.21
CA SER G 12 34.51 5.97 -11.48
C SER G 12 34.13 5.13 -12.70
N LEU G 13 33.92 3.83 -12.53
CA LEU G 13 33.61 2.92 -13.62
C LEU G 13 32.30 2.17 -13.37
N GLU G 14 31.33 2.84 -12.74
CA GLU G 14 30.08 2.20 -12.28
C GLU G 14 29.13 1.81 -13.39
N SER G 15 29.27 2.43 -14.56
CA SER G 15 28.34 2.22 -15.68
C SER G 15 29.02 2.49 -16.99
N ALA G 16 28.39 2.05 -18.07
CA ALA G 16 28.85 2.31 -19.43
C ALA G 16 29.13 3.81 -19.63
N GLU G 17 28.20 4.64 -19.16
CA GLU G 17 28.32 6.09 -19.30
C GLU G 17 29.61 6.59 -18.65
N ARG G 18 29.89 6.08 -17.46
CA ARG G 18 31.01 6.52 -16.64
C ARG G 18 32.31 6.02 -17.25
N ILE G 19 32.23 4.83 -17.85
CA ILE G 19 33.38 4.23 -18.52
C ILE G 19 33.77 5.06 -19.74
N ARG G 20 32.76 5.52 -20.49
CA ARG G 20 32.98 6.40 -21.63
C ARG G 20 33.57 7.74 -21.22
N ASN G 21 33.09 8.28 -20.10
CA ASN G 21 33.61 9.54 -19.57
C ASN G 21 35.09 9.43 -19.19
N VAL G 22 35.45 8.30 -18.57
CA VAL G 22 36.83 8.01 -18.21
C VAL G 22 37.68 7.86 -19.47
N ALA G 23 37.14 7.20 -20.49
CA ALA G 23 37.86 7.03 -21.75
C ALA G 23 38.31 8.37 -22.33
N GLU G 24 37.42 9.34 -22.35
CA GLU G 24 37.71 10.62 -22.95
C GLU G 24 38.74 11.35 -22.11
N ARG G 25 38.74 11.05 -20.83
CA ARG G 25 39.71 11.62 -19.90
C ARG G 25 41.09 11.05 -20.16
N ILE G 26 41.13 9.73 -20.36
CA ILE G 26 42.37 9.02 -20.69
C ILE G 26 42.92 9.54 -22.03
N VAL G 27 42.04 9.69 -23.01
CA VAL G 27 42.40 10.16 -24.33
C VAL G 27 42.90 11.61 -24.26
N ALA G 28 42.28 12.42 -23.39
CA ALA G 28 42.66 13.83 -23.24
C ALA G 28 44.04 13.92 -22.64
N THR G 29 44.38 12.98 -21.78
CA THR G 29 45.73 12.92 -21.20
C THR G 29 46.77 12.62 -22.28
N LYS G 30 46.41 11.73 -23.20
CA LYS G 30 47.27 11.41 -24.32
C LYS G 30 47.44 12.61 -25.28
N LYS G 31 46.33 13.26 -25.65
CA LYS G 31 46.40 14.43 -26.53
C LYS G 31 47.35 15.50 -26.01
N ALA G 32 47.33 15.75 -24.72
CA ALA G 32 48.22 16.74 -24.12
C ALA G 32 49.70 16.54 -24.50
N GLY G 33 50.08 15.29 -24.79
CA GLY G 33 51.46 14.92 -25.14
C GLY G 33 52.05 13.81 -24.29
N ASN G 34 51.22 13.20 -23.43
CA ASN G 34 51.69 12.20 -22.49
C ASN G 34 51.53 10.77 -23.00
N ASP G 35 52.41 9.92 -22.49
CA ASP G 35 52.27 8.48 -22.62
C ASP G 35 51.48 8.06 -21.41
N VAL G 36 50.43 7.27 -21.62
CA VAL G 36 49.48 6.96 -20.56
C VAL G 36 49.26 5.45 -20.42
N VAL G 37 49.48 4.96 -19.20
CA VAL G 37 49.17 3.58 -18.84
C VAL G 37 48.08 3.60 -17.77
N VAL G 38 47.05 2.77 -17.96
CA VAL G 38 45.88 2.83 -17.06
C VAL G 38 45.59 1.51 -16.37
N VAL G 39 45.06 1.62 -15.16
CA VAL G 39 44.69 0.47 -14.34
C VAL G 39 43.27 0.71 -13.84
N CYS G 40 42.42 -0.33 -13.92
CA CYS G 40 41.03 -0.23 -13.49
C CYS G 40 40.73 -1.16 -12.32
N SER G 41 39.94 -0.69 -11.37
CA SER G 41 39.27 -1.60 -10.44
C SER G 41 38.13 -2.30 -11.20
N ALA G 42 37.46 -3.21 -10.52
CA ALA G 42 36.21 -3.76 -11.05
C ALA G 42 35.13 -2.69 -11.01
N MET G 43 34.10 -2.85 -11.82
CA MET G 43 33.03 -1.87 -11.93
C MET G 43 32.27 -1.73 -10.64
N GLY G 44 32.01 -0.49 -10.23
CA GLY G 44 31.28 -0.25 -9.00
C GLY G 44 31.77 -1.16 -7.89
N ASP G 45 30.89 -2.02 -7.44
CA ASP G 45 31.12 -2.85 -6.26
C ASP G 45 31.37 -4.31 -6.61
N THR G 46 31.76 -4.60 -7.84
CA THR G 46 31.86 -6.00 -8.24
C THR G 46 32.91 -6.74 -7.41
N THR G 47 33.98 -6.05 -7.02
CA THR G 47 35.03 -6.66 -6.19
C THR G 47 34.49 -7.18 -4.84
N ASP G 48 33.66 -6.38 -4.18
CA ASP G 48 32.98 -6.79 -2.95
C ASP G 48 31.94 -7.86 -3.22
N GLU G 49 31.17 -7.70 -4.29
CA GLU G 49 30.24 -8.75 -4.72
C GLU G 49 31.01 -10.05 -4.92
N LEU G 50 32.23 -9.93 -5.45
CA LEU G 50 33.05 -11.10 -5.76
C LEU G 50 33.68 -11.72 -4.52
N LEU G 51 34.18 -10.88 -3.61
CA LEU G 51 34.70 -11.39 -2.35
C LEU G 51 33.61 -12.13 -1.55
N GLU G 52 32.38 -11.62 -1.58
CA GLU G 52 31.27 -12.24 -0.84
C GLU G 52 30.82 -13.59 -1.41
N LEU G 53 30.84 -13.75 -2.74
CA LEU G 53 30.54 -15.05 -3.36
C LEU G 53 31.64 -16.07 -3.06
N ALA G 54 32.90 -15.62 -3.18
CA ALA G 54 34.06 -16.44 -2.84
C ALA G 54 33.95 -17.07 -1.45
N ALA G 55 33.55 -16.28 -0.47
CA ALA G 55 33.36 -16.76 0.92
C ALA G 55 32.17 -17.70 1.07
N ALA G 56 31.15 -17.53 0.24
CA ALA G 56 29.97 -18.41 0.26
C ALA G 56 30.31 -19.73 -0.42
N VAL G 57 31.29 -19.68 -1.32
CA VAL G 57 31.65 -20.81 -2.17
C VAL G 57 32.68 -21.70 -1.50
N ASN G 58 33.50 -21.10 -0.65
CA ASN G 58 34.56 -21.80 0.08
C ASN G 58 35.02 -20.91 1.23
N PRO G 59 34.69 -21.27 2.47
CA PRO G 59 35.30 -20.50 3.54
C PRO G 59 36.79 -20.84 3.53
N VAL G 60 37.65 -19.87 3.64
CA VAL G 60 39.07 -20.08 3.32
C VAL G 60 39.27 -20.35 1.81
N PRO G 61 38.95 -19.35 0.96
CA PRO G 61 39.19 -19.50 -0.48
C PRO G 61 40.69 -19.47 -0.83
N PRO G 62 41.16 -20.38 -1.69
CA PRO G 62 42.57 -20.34 -2.08
C PRO G 62 43.03 -19.05 -2.80
N ALA G 63 44.31 -18.71 -2.63
CA ALA G 63 44.87 -17.45 -3.09
C ALA G 63 44.99 -17.42 -4.61
N ARG G 64 45.31 -18.55 -5.19
CA ARG G 64 45.47 -18.68 -6.64
C ARG G 64 44.13 -18.37 -7.32
N GLU G 65 43.06 -19.05 -6.89
CA GLU G 65 41.73 -18.84 -7.47
C GLU G 65 41.22 -17.45 -7.13
N MET G 66 41.51 -16.98 -5.92
CA MET G 66 41.10 -15.63 -5.53
C MET G 66 41.67 -14.60 -6.49
N ASP G 67 42.91 -14.79 -6.91
CA ASP G 67 43.54 -13.83 -7.82
C ASP G 67 42.94 -13.93 -9.22
N MET G 68 42.70 -15.16 -9.66
CA MET G 68 41.90 -15.40 -10.86
C MET G 68 40.61 -14.58 -10.80
N LEU G 69 39.89 -14.69 -9.70
CA LEU G 69 38.57 -14.09 -9.58
C LEU G 69 38.66 -12.58 -9.72
N LEU G 70 39.47 -11.93 -8.88
CA LEU G 70 39.50 -10.47 -8.86
C LEU G 70 40.07 -9.89 -10.15
N THR G 71 41.10 -10.54 -10.70
CA THR G 71 41.60 -10.19 -12.02
C THR G 71 40.46 -10.22 -13.05
N ALA G 72 39.69 -11.31 -13.07
CA ALA G 72 38.55 -11.42 -13.97
C ALA G 72 37.64 -10.22 -13.77
N GLY G 73 37.39 -9.88 -12.51
CA GLY G 73 36.67 -8.65 -12.20
C GLY G 73 37.27 -7.42 -12.85
N GLU G 74 38.60 -7.34 -12.83
CA GLU G 74 39.33 -6.19 -13.37
C GLU G 74 39.40 -6.19 -14.89
N ARG G 75 39.48 -7.38 -15.49
CA ARG G 75 39.56 -7.49 -16.95
C ARG G 75 38.24 -7.08 -17.62
N ILE G 76 37.13 -7.26 -16.93
CA ILE G 76 35.86 -6.79 -17.45
C ILE G 76 35.91 -5.29 -17.73
N SER G 77 36.33 -4.50 -16.74
CA SER G 77 36.33 -3.04 -16.96
C SER G 77 37.51 -2.60 -17.82
N ASN G 78 38.62 -3.34 -17.78
CA ASN G 78 39.71 -3.14 -18.75
C ASN G 78 39.27 -3.27 -20.21
N ALA G 79 38.44 -4.27 -20.50
CA ALA G 79 37.95 -4.48 -21.87
C ALA G 79 36.99 -3.38 -22.32
N LEU G 80 36.09 -2.97 -21.43
CA LEU G 80 35.08 -1.95 -21.75
C LEU G 80 35.72 -0.59 -21.96
N VAL G 81 36.69 -0.27 -21.11
CA VAL G 81 37.46 0.96 -21.24
C VAL G 81 38.31 0.96 -22.52
N ALA G 82 38.80 -0.21 -22.90
CA ALA G 82 39.54 -0.32 -24.17
C ALA G 82 38.62 -0.03 -25.34
N MET G 83 37.39 -0.54 -25.28
CA MET G 83 36.38 -0.28 -26.31
C MET G 83 36.06 1.21 -26.37
N ALA G 84 35.87 1.81 -25.21
CA ALA G 84 35.54 3.22 -25.13
C ALA G 84 36.61 4.11 -25.75
N ILE G 85 37.88 3.84 -25.43
CA ILE G 85 39.01 4.59 -25.99
C ILE G 85 39.09 4.49 -27.51
N GLU G 86 38.78 3.31 -28.03
CA GLU G 86 38.93 3.07 -29.46
C GLU G 86 37.90 3.88 -30.24
N SER G 87 36.69 3.96 -29.72
CA SER G 87 35.63 4.71 -30.39
C SER G 87 35.97 6.20 -30.44
N LEU G 88 36.76 6.66 -29.45
CA LEU G 88 37.21 8.05 -29.38
C LEU G 88 38.42 8.39 -30.28
N GLY G 89 39.05 7.37 -30.87
CA GLY G 89 40.12 7.58 -31.86
C GLY G 89 41.54 7.15 -31.51
N ALA G 90 41.77 6.76 -30.25
CA ALA G 90 43.09 6.30 -29.80
C ALA G 90 43.22 4.77 -29.82
N GLU G 91 44.47 4.28 -29.84
CA GLU G 91 44.78 2.86 -29.85
C GLU G 91 45.11 2.41 -28.43
N ALA G 92 44.50 1.30 -28.03
CA ALA G 92 44.73 0.73 -26.71
C ALA G 92 45.16 -0.73 -26.81
N GLN G 93 46.02 -1.13 -25.88
CA GLN G 93 46.50 -2.48 -25.82
C GLN G 93 46.44 -2.89 -24.35
N SER G 94 45.85 -4.04 -24.09
CA SER G 94 45.64 -4.53 -22.73
C SER G 94 46.71 -5.57 -22.38
N PHE G 95 47.18 -5.51 -21.14
CA PHE G 95 48.23 -6.42 -20.65
C PHE G 95 47.78 -7.05 -19.33
N THR G 96 48.05 -8.34 -19.17
CA THR G 96 47.59 -9.06 -18.00
C THR G 96 48.70 -9.93 -17.44
N ARG G 120 57.76 -4.33 -22.18
CA ARG G 120 56.73 -4.78 -23.13
C ARG G 120 55.57 -3.79 -23.23
N VAL G 121 55.09 -3.31 -22.09
CA VAL G 121 54.16 -2.16 -22.07
C VAL G 121 54.89 -0.88 -22.50
N ARG G 122 56.17 -0.75 -22.12
CA ARG G 122 56.99 0.39 -22.58
C ARG G 122 57.10 0.47 -24.12
N GLU G 123 57.19 -0.67 -24.80
CA GLU G 123 57.28 -0.68 -26.28
C GLU G 123 55.97 -0.27 -26.96
N ALA G 124 54.84 -0.80 -26.49
CA ALA G 124 53.52 -0.36 -26.99
C ALA G 124 53.31 1.13 -26.73
N LEU G 125 53.76 1.57 -25.56
CA LEU G 125 53.70 2.99 -25.15
C LEU G 125 54.28 3.91 -26.22
N ASP G 126 55.47 3.62 -26.71
CA ASP G 126 56.11 4.51 -27.69
C ASP G 126 55.82 4.11 -29.17
N GLU G 127 54.90 3.17 -29.36
CA GLU G 127 54.18 3.03 -30.64
C GLU G 127 52.91 3.90 -30.64
N GLY G 128 52.67 4.63 -29.55
CA GLY G 128 51.55 5.58 -29.47
C GLY G 128 50.32 5.02 -28.79
N LYS G 129 50.43 3.81 -28.27
CA LYS G 129 49.27 3.11 -27.76
C LYS G 129 49.06 3.43 -26.29
N ILE G 130 47.79 3.43 -25.89
CA ILE G 130 47.41 3.55 -24.49
C ILE G 130 47.42 2.14 -23.94
N CYS G 131 48.03 1.95 -22.78
CA CYS G 131 48.24 0.63 -22.22
C CYS G 131 47.38 0.41 -20.99
N ILE G 132 46.44 -0.52 -21.10
CA ILE G 132 45.58 -0.90 -20.00
C ILE G 132 46.21 -2.16 -19.38
N VAL G 133 46.40 -2.20 -18.08
CA VAL G 133 46.92 -3.42 -17.45
C VAL G 133 46.22 -3.78 -16.13
N ALA G 134 45.92 -5.07 -15.97
CA ALA G 134 45.19 -5.59 -14.81
C ALA G 134 46.14 -6.06 -13.69
N GLY G 152 47.52 -8.09 -3.60
CA GLY G 152 47.99 -7.27 -4.72
C GLY G 152 46.85 -6.56 -5.41
N GLY G 153 46.40 -5.45 -4.83
CA GLY G 153 45.22 -4.74 -5.30
C GLY G 153 45.53 -3.92 -6.54
N SER G 154 44.50 -3.31 -7.11
CA SER G 154 44.66 -2.50 -8.29
C SER G 154 45.49 -1.24 -7.99
N ASP G 155 45.35 -0.69 -6.79
CA ASP G 155 46.18 0.45 -6.39
C ASP G 155 47.67 0.12 -6.43
N THR G 156 48.05 -1.02 -5.85
CA THR G 156 49.46 -1.40 -5.77
C THR G 156 50.05 -1.72 -7.15
N THR G 157 49.25 -2.32 -8.03
CA THR G 157 49.74 -2.59 -9.39
C THR G 157 50.01 -1.28 -10.13
N ALA G 158 49.17 -0.28 -9.91
CA ALA G 158 49.34 1.04 -10.54
C ALA G 158 50.66 1.65 -10.09
N VAL G 159 50.88 1.68 -8.77
CA VAL G 159 52.17 2.16 -8.24
C VAL G 159 53.32 1.22 -8.62
N ALA G 160 53.07 -0.10 -8.59
CA ALA G 160 54.05 -1.08 -9.06
C ALA G 160 54.51 -0.75 -10.46
N LEU G 161 53.54 -0.62 -11.37
CA LEU G 161 53.82 -0.28 -12.78
C LEU G 161 54.56 1.05 -12.93
N ALA G 162 54.25 1.98 -12.04
CA ALA G 162 54.83 3.32 -12.08
C ALA G 162 56.27 3.31 -11.60
N ALA G 163 56.60 2.40 -10.68
CA ALA G 163 57.99 2.24 -10.23
C ALA G 163 58.81 1.65 -11.37
N ALA G 164 58.31 0.55 -11.91
CA ALA G 164 59.00 -0.21 -12.96
C ALA G 164 59.28 0.61 -14.22
N LEU G 165 58.26 1.31 -14.71
CA LEU G 165 58.38 2.16 -15.90
C LEU G 165 59.05 3.50 -15.57
N ASN G 166 59.28 3.76 -14.28
CA ASN G 166 59.69 5.08 -13.78
C ASN G 166 58.76 6.19 -14.26
N ALA G 167 57.46 6.05 -13.96
CA ALA G 167 56.49 7.07 -14.34
C ALA G 167 56.74 8.34 -13.56
N ASP G 168 56.34 9.46 -14.13
CA ASP G 168 56.51 10.76 -13.48
C ASP G 168 55.40 11.00 -12.45
N VAL G 169 54.22 10.43 -12.70
CA VAL G 169 53.09 10.47 -11.76
C VAL G 169 52.27 9.21 -11.88
N CYS G 170 51.66 8.83 -10.75
CA CYS G 170 50.60 7.83 -10.70
C CYS G 170 49.32 8.47 -10.14
N GLU G 171 48.38 8.78 -11.02
CA GLU G 171 47.10 9.42 -10.64
C GLU G 171 46.12 8.38 -10.15
N ILE G 172 45.53 8.61 -8.98
CA ILE G 172 44.48 7.75 -8.45
C ILE G 172 43.13 8.46 -8.51
N TYR G 173 42.22 7.94 -9.35
CA TYR G 173 40.92 8.59 -9.58
C TYR G 173 39.78 7.95 -8.79
N SER G 174 38.93 8.79 -8.21
CA SER G 174 37.70 8.34 -7.56
C SER G 174 36.69 9.51 -7.58
N ASP G 175 35.62 9.40 -6.79
CA ASP G 175 34.67 10.50 -6.65
C ASP G 175 35.13 11.63 -5.72
N VAL G 176 36.24 11.42 -5.01
CA VAL G 176 36.79 12.49 -4.16
C VAL G 176 37.84 13.27 -4.95
N ASP G 177 37.75 14.60 -4.95
CA ASP G 177 38.64 15.41 -5.78
C ASP G 177 39.98 15.78 -5.14
N GLY G 178 40.26 15.24 -3.96
CA GLY G 178 41.57 15.44 -3.33
C GLY G 178 41.61 14.90 -1.92
N VAL G 179 42.71 15.16 -1.23
CA VAL G 179 42.79 14.83 0.18
C VAL G 179 42.70 16.13 0.98
N TYR G 180 41.68 16.22 1.82
CA TYR G 180 41.35 17.44 2.56
C TYR G 180 41.96 17.49 3.96
N THR G 181 42.01 18.70 4.51
CA THR G 181 42.56 18.95 5.82
C THR G 181 41.65 18.37 6.89
N ALA G 182 40.39 18.17 6.54
CA ALA G 182 39.45 17.44 7.34
C ALA G 182 38.33 17.09 6.39
N ASP G 183 37.46 16.18 6.79
CA ASP G 183 36.28 15.90 5.97
C ASP G 183 35.52 17.22 5.75
N PRO G 184 35.41 17.68 4.49
CA PRO G 184 34.76 18.97 4.25
C PRO G 184 33.26 18.99 4.60
N ARG G 185 32.64 17.81 4.66
CA ARG G 185 31.21 17.70 4.99
C ARG G 185 31.02 18.03 6.47
N ILE G 186 31.99 17.63 7.28
CA ILE G 186 31.95 17.83 8.74
C ILE G 186 32.64 19.13 9.14
N VAL G 187 33.77 19.45 8.49
CA VAL G 187 34.49 20.71 8.72
C VAL G 187 34.42 21.59 7.47
N PRO G 188 33.44 22.53 7.42
CA PRO G 188 33.22 23.33 6.21
C PRO G 188 34.38 24.20 5.76
N ASN G 189 35.23 24.65 6.68
CA ASN G 189 36.44 25.39 6.30
C ASN G 189 37.56 24.46 5.79
N ALA G 190 37.39 23.15 5.98
CA ALA G 190 38.36 22.17 5.51
C ALA G 190 38.72 22.40 4.04
N GLN G 191 40.01 22.54 3.77
CA GLN G 191 40.49 22.80 2.41
C GLN G 191 41.27 21.62 1.79
N LYS G 192 41.25 21.56 0.46
CA LYS G 192 42.00 20.58 -0.29
C LYS G 192 43.49 20.85 -0.14
N LEU G 193 44.25 19.88 0.32
CA LEU G 193 45.69 20.05 0.40
C LEU G 193 46.25 20.10 -1.02
N GLU G 194 47.28 20.90 -1.24
CA GLU G 194 47.96 20.94 -2.53
C GLU G 194 49.05 19.87 -2.57
N LYS G 195 49.74 19.69 -1.46
CA LYS G 195 50.87 18.79 -1.38
C LYS G 195 51.02 18.27 0.05
N LEU G 196 51.55 17.06 0.16
CA LEU G 196 51.99 16.51 1.44
C LEU G 196 52.99 15.39 1.19
N SER G 197 53.70 14.99 2.23
CA SER G 197 54.72 13.97 2.10
C SER G 197 54.10 12.57 2.14
N PHE G 198 54.84 11.61 1.62
CA PHE G 198 54.44 10.20 1.68
C PHE G 198 54.06 9.80 3.11
N GLU G 199 54.93 10.14 4.06
CA GLU G 199 54.78 9.69 5.44
C GLU G 199 53.50 10.25 6.01
N GLU G 200 53.26 11.53 5.78
CA GLU G 200 52.06 12.21 6.23
C GLU G 200 50.79 11.54 5.72
N MET G 201 50.76 11.27 4.41
CA MET G 201 49.66 10.55 3.78
C MET G 201 49.55 9.16 4.37
N LEU G 202 50.69 8.50 4.50
CA LEU G 202 50.80 7.20 5.14
C LEU G 202 50.12 7.23 6.50
N GLU G 203 50.40 8.29 7.25
CA GLU G 203 49.93 8.42 8.62
C GLU G 203 48.41 8.68 8.68
N LEU G 204 47.91 9.56 7.82
CA LEU G 204 46.48 9.77 7.62
C LEU G 204 45.73 8.49 7.26
N ALA G 205 46.19 7.83 6.22
CA ALA G 205 45.58 6.57 5.78
C ALA G 205 45.64 5.49 6.85
N ALA G 206 46.67 5.55 7.69
CA ALA G 206 46.83 4.61 8.79
C ALA G 206 45.80 4.79 9.89
N VAL G 207 45.19 5.98 9.96
CA VAL G 207 44.28 6.25 11.08
C VAL G 207 42.94 6.89 10.71
N GLY G 208 42.51 6.81 9.44
CA GLY G 208 41.14 7.23 9.12
C GLY G 208 40.77 7.43 7.67
N SER G 209 41.70 7.93 6.86
CA SER G 209 41.46 8.14 5.43
C SER G 209 41.41 6.82 4.68
N LYS G 210 40.36 6.61 3.91
CA LYS G 210 40.22 5.40 3.07
C LYS G 210 40.52 5.67 1.59
N ILE G 211 41.08 6.84 1.29
CA ILE G 211 41.25 7.23 -0.10
C ILE G 211 42.32 6.42 -0.85
N LEU G 212 43.42 6.05 -0.18
CA LEU G 212 44.39 5.12 -0.78
C LEU G 212 44.54 3.87 0.04
N VAL G 213 44.84 2.75 -0.62
CA VAL G 213 45.26 1.55 0.09
C VAL G 213 46.66 1.80 0.67
N LEU G 214 46.83 1.51 1.96
CA LEU G 214 48.09 1.81 2.67
C LEU G 214 49.32 1.27 1.96
N ARG G 215 49.23 0.01 1.52
CA ARG G 215 50.36 -0.65 0.90
C ARG G 215 50.82 0.11 -0.33
N SER G 216 49.86 0.54 -1.14
CA SER G 216 50.17 1.25 -2.36
C SER G 216 50.89 2.54 -2.07
N VAL G 217 50.65 3.12 -0.90
CA VAL G 217 51.35 4.35 -0.50
C VAL G 217 52.78 4.06 -0.04
N GLU G 218 52.98 2.96 0.68
CA GLU G 218 54.32 2.56 1.13
C GLU G 218 55.21 2.18 -0.06
N TYR G 219 54.64 1.53 -1.07
CA TYR G 219 55.35 1.31 -2.32
C TYR G 219 55.77 2.64 -2.97
N ALA G 220 54.83 3.59 -3.06
CA ALA G 220 55.09 4.90 -3.66
C ALA G 220 56.22 5.65 -2.96
N ARG G 221 56.20 5.59 -1.65
CA ARG G 221 57.26 6.12 -0.80
C ARG G 221 58.59 5.38 -1.05
N ALA G 222 58.50 4.07 -1.16
CA ALA G 222 59.68 3.21 -1.26
C ALA G 222 60.40 3.38 -2.60
N PHE G 223 59.65 3.39 -3.71
CA PHE G 223 60.21 3.57 -5.05
C PHE G 223 60.06 5.02 -5.54
N ASN G 224 60.05 5.97 -4.60
CA ASN G 224 59.87 7.39 -4.91
C ASN G 224 58.95 7.70 -6.10
N VAL G 225 57.70 7.21 -6.02
CA VAL G 225 56.70 7.46 -7.04
C VAL G 225 55.67 8.48 -6.54
N PRO G 226 55.68 9.71 -7.08
CA PRO G 226 54.64 10.64 -6.68
C PRO G 226 53.25 10.17 -7.11
N LEU G 227 52.27 10.37 -6.23
CA LEU G 227 50.89 10.09 -6.55
C LEU G 227 50.10 11.38 -6.63
N ARG G 228 48.94 11.32 -7.27
CA ARG G 228 48.03 12.45 -7.30
C ARG G 228 46.63 11.91 -7.04
N VAL G 229 45.95 12.41 -6.02
CA VAL G 229 44.57 12.04 -5.76
C VAL G 229 43.67 13.00 -6.51
N ARG G 230 42.97 12.49 -7.52
CA ARG G 230 42.11 13.31 -8.40
C ARG G 230 40.70 12.76 -8.51
N SER G 231 39.76 13.59 -8.92
CA SER G 231 38.40 13.14 -9.17
C SER G 231 38.21 12.85 -10.64
N SER G 232 37.43 11.81 -10.92
CA SER G 232 37.03 11.47 -12.29
C SER G 232 35.75 12.22 -12.73
N TYR G 233 35.25 13.13 -11.88
CA TYR G 233 34.03 13.90 -12.17
C TYR G 233 34.28 15.41 -12.40
N SER G 234 35.54 15.83 -12.28
CA SER G 234 35.91 17.23 -12.43
C SER G 234 37.37 17.37 -12.85
N ASN G 235 37.77 18.55 -13.32
CA ASN G 235 39.09 18.73 -13.90
C ASN G 235 40.13 19.29 -12.93
N ASP G 236 39.74 19.46 -11.67
CA ASP G 236 40.65 19.97 -10.63
C ASP G 236 41.87 19.05 -10.50
N PRO G 237 43.07 19.65 -10.45
CA PRO G 237 44.31 18.84 -10.37
C PRO G 237 44.51 18.02 -9.08
N GLY G 238 43.76 18.31 -8.01
CA GLY G 238 43.79 17.51 -6.77
C GLY G 238 45.07 17.64 -5.93
N THR G 239 45.37 16.60 -5.17
CA THR G 239 46.46 16.65 -4.20
C THR G 239 47.68 15.84 -4.64
N LEU G 240 48.85 16.47 -4.62
CA LEU G 240 50.11 15.76 -4.90
C LEU G 240 50.58 15.09 -3.63
N ILE G 241 50.94 13.81 -3.72
CA ILE G 241 51.76 13.19 -2.67
C ILE G 241 53.09 12.74 -3.27
N ALA G 242 54.18 13.33 -2.79
CA ALA G 242 55.46 13.30 -3.51
C ALA G 242 56.69 13.48 -2.62
N GLY G 243 56.62 14.39 -1.67
CA GLY G 243 57.77 14.60 -0.81
C GLY G 243 58.04 13.41 0.08
N SER G 244 59.31 13.10 0.30
CA SER G 244 59.70 12.39 1.51
C SER G 244 59.95 13.49 2.55
N MET G 245 59.56 13.26 3.80
CA MET G 245 59.47 14.38 4.76
C MET G 245 60.81 14.89 5.31
N GLU G 246 61.89 14.11 5.21
CA GLU G 246 63.21 14.59 5.64
C GLU G 246 63.76 15.65 4.68
N ASP G 247 63.31 15.62 3.43
CA ASP G 247 63.71 16.59 2.41
C ASP G 247 62.95 17.90 2.52
N ILE G 248 61.79 17.91 3.17
CA ILE G 248 61.02 19.16 3.26
C ILE G 248 61.72 20.11 4.22
N PRO G 249 61.90 21.38 3.79
CA PRO G 249 62.51 22.41 4.63
C PRO G 249 61.81 22.60 5.97
N VAL G 250 62.58 22.98 7.00
CA VAL G 250 62.04 23.24 8.34
C VAL G 250 60.77 24.09 8.31
N ALA G 253 58.09 22.06 7.10
CA ALA G 253 57.44 21.15 8.03
C ALA G 253 56.19 21.81 8.64
N VAL G 254 55.01 21.31 8.29
CA VAL G 254 53.76 21.96 8.67
C VAL G 254 52.74 20.92 9.20
N LEU G 255 51.60 21.41 9.69
CA LEU G 255 50.55 20.55 10.21
C LEU G 255 49.49 20.37 9.14
N THR G 256 49.28 19.12 8.76
CA THR G 256 48.73 18.79 7.45
C THR G 256 47.21 18.63 7.48
N GLY G 257 46.70 17.74 8.30
CA GLY G 257 45.26 17.48 8.31
C GLY G 257 44.76 16.70 9.52
N VAL G 258 43.44 16.51 9.56
CA VAL G 258 42.76 15.84 10.64
C VAL G 258 41.93 14.69 10.12
N ALA G 259 42.12 13.51 10.69
CA ALA G 259 41.46 12.29 10.25
C ALA G 259 40.47 11.82 11.29
N THR G 260 39.44 11.13 10.80
CA THR G 260 38.32 10.69 11.60
C THR G 260 38.10 9.21 11.36
N ASP G 261 37.91 8.44 12.42
CA ASP G 261 37.51 7.07 12.30
C ASP G 261 36.44 6.78 13.34
N LYS G 262 35.27 6.32 12.87
CA LYS G 262 34.14 5.92 13.71
C LYS G 262 33.76 4.46 13.49
N SER G 263 34.68 3.69 12.92
CA SER G 263 34.36 2.35 12.42
C SER G 263 34.90 1.24 13.31
N GLU G 264 35.38 1.59 14.50
CA GLU G 264 36.13 0.66 15.32
C GLU G 264 35.65 0.63 16.77
N ALA G 265 35.93 -0.50 17.42
CA ALA G 265 35.61 -0.74 18.83
C ALA G 265 36.87 -0.76 19.69
N LYS G 266 36.73 -0.52 20.98
CA LYS G 266 37.85 -0.59 21.93
C LYS G 266 37.74 -1.84 22.80
N VAL G 267 38.60 -2.82 22.52
CA VAL G 267 38.74 -4.01 23.35
C VAL G 267 39.82 -3.77 24.40
N THR G 268 39.58 -4.24 25.63
CA THR G 268 40.59 -4.12 26.69
C THR G 268 40.72 -5.42 27.44
N VAL G 269 41.93 -5.96 27.48
CA VAL G 269 42.25 -7.11 28.31
C VAL G 269 42.92 -6.59 29.55
N LEU G 270 42.33 -6.81 30.72
CA LEU G 270 42.88 -6.26 31.96
C LEU G 270 43.30 -7.36 32.90
N GLY G 271 44.40 -7.12 33.60
CA GLY G 271 44.98 -8.09 34.54
C GLY G 271 45.86 -9.13 33.87
N ILE G 272 46.62 -8.71 32.86
CA ILE G 272 47.58 -9.59 32.20
C ILE G 272 48.86 -9.68 33.02
N SER G 273 49.41 -10.89 33.11
CA SER G 273 50.67 -11.12 33.84
C SER G 273 51.84 -10.52 33.06
N ASP G 274 52.61 -9.66 33.72
CA ASP G 274 53.73 -8.99 33.07
C ASP G 274 54.94 -9.93 32.97
N LYS G 275 54.87 -10.85 32.00
CA LYS G 275 55.91 -11.86 31.79
C LYS G 275 55.99 -12.25 30.30
N PRO G 276 57.22 -12.44 29.78
CA PRO G 276 57.44 -12.78 28.38
C PRO G 276 56.49 -13.82 27.81
N GLY G 277 55.84 -13.50 26.70
CA GLY G 277 54.99 -14.45 25.99
C GLY G 277 53.49 -14.23 26.15
N GLU G 278 53.10 -13.41 27.11
CA GLU G 278 51.69 -13.19 27.43
C GLU G 278 50.94 -12.41 26.33
N ALA G 279 51.56 -11.34 25.82
CA ALA G 279 51.00 -10.62 24.68
C ALA G 279 50.95 -11.53 23.46
N ALA G 280 51.97 -12.37 23.31
CA ALA G 280 52.01 -13.33 22.22
C ALA G 280 50.74 -14.17 22.24
N LYS G 281 50.43 -14.75 23.40
CA LYS G 281 49.23 -15.58 23.56
C LYS G 281 47.96 -14.77 23.29
N VAL G 282 47.97 -13.51 23.73
CA VAL G 282 46.83 -12.60 23.54
C VAL G 282 46.54 -12.31 22.06
N PHE G 283 47.57 -12.24 21.23
CA PHE G 283 47.42 -11.85 19.82
C PHE G 283 47.48 -13.00 18.81
N ARG G 284 48.03 -14.14 19.22
CA ARG G 284 48.02 -15.34 18.37
C ARG G 284 46.59 -15.84 18.21
N ALA G 285 45.86 -15.88 19.32
CA ALA G 285 44.44 -16.22 19.32
C ALA G 285 43.65 -15.32 18.39
N LEU G 286 43.84 -14.01 18.54
CA LEU G 286 43.14 -13.01 17.73
C LEU G 286 43.57 -13.05 16.27
N ALA G 287 44.85 -13.33 16.02
CA ALA G 287 45.37 -13.46 14.66
C ALA G 287 44.77 -14.67 13.92
N ASP G 288 44.59 -15.78 14.64
CA ASP G 288 44.06 -17.01 14.07
C ASP G 288 42.62 -16.87 13.59
N ALA G 289 41.82 -16.05 14.29
CA ALA G 289 40.43 -15.80 13.91
C ALA G 289 40.27 -14.64 12.90
N GLU G 290 41.31 -14.35 12.12
CA GLU G 290 41.26 -13.31 11.08
C GLU G 290 40.87 -11.90 11.57
N ILE G 291 41.07 -11.63 12.87
CA ILE G 291 40.67 -10.35 13.45
C ILE G 291 41.67 -9.25 13.12
N ASN G 292 41.19 -8.23 12.42
CA ASN G 292 42.02 -7.09 12.04
C ASN G 292 42.34 -6.21 13.26
N ILE G 293 43.52 -6.41 13.85
CA ILE G 293 43.93 -5.65 15.04
C ILE G 293 44.75 -4.43 14.64
N ASP G 294 44.17 -3.26 14.85
CA ASP G 294 44.72 -2.02 14.34
C ASP G 294 45.86 -1.55 15.23
N MET G 295 45.50 -1.15 16.43
CA MET G 295 46.35 -0.36 17.27
C MET G 295 46.30 -1.05 18.62
N VAL G 296 47.46 -1.32 19.19
CA VAL G 296 47.52 -1.90 20.52
C VAL G 296 48.28 -0.98 21.46
N LEU G 297 47.73 -0.80 22.65
CA LEU G 297 48.31 0.05 23.68
C LEU G 297 48.52 -0.74 24.97
N GLN G 298 49.74 -0.65 25.50
CA GLN G 298 50.06 -1.21 26.80
C GLN G 298 51.08 -0.33 27.46
N ASN G 299 51.00 -0.27 28.78
CA ASN G 299 52.03 0.38 29.58
C ASN G 299 52.08 -0.28 30.96
N VAL G 300 53.23 -0.89 31.26
CA VAL G 300 53.41 -1.74 32.45
C VAL G 300 53.30 -0.99 33.77
N PHE G 301 52.99 -1.75 34.83
CA PHE G 301 52.95 -1.27 36.22
C PHE G 301 52.83 -2.40 37.24
N THR G 307 51.29 -7.25 37.37
CA THR G 307 50.36 -7.33 36.25
C THR G 307 50.13 -5.97 35.58
N THR G 308 49.80 -6.01 34.29
CA THR G 308 49.43 -4.80 33.54
C THR G 308 48.19 -5.08 32.70
N ASP G 309 47.78 -4.10 31.90
CA ASP G 309 46.64 -4.26 31.01
C ASP G 309 47.02 -3.94 29.56
N ILE G 310 46.24 -4.47 28.63
CA ILE G 310 46.48 -4.22 27.21
C ILE G 310 45.19 -3.79 26.54
N THR G 311 45.31 -2.76 25.70
CA THR G 311 44.18 -2.15 25.01
C THR G 311 44.44 -2.31 23.52
N PHE G 312 43.42 -2.63 22.75
CA PHE G 312 43.58 -2.64 21.31
C PHE G 312 42.31 -2.31 20.58
N THR G 313 42.46 -2.06 19.29
CA THR G 313 41.38 -1.59 18.45
C THR G 313 41.18 -2.53 17.25
N CYS G 314 39.93 -2.74 16.88
CA CYS G 314 39.56 -3.59 15.74
C CYS G 314 38.24 -3.11 15.12
N PRO G 315 37.94 -3.55 13.88
CA PRO G 315 36.63 -3.27 13.29
C PRO G 315 35.48 -3.73 14.19
N ARG G 316 34.41 -2.93 14.24
CA ARG G 316 33.21 -3.30 14.97
C ARG G 316 32.55 -4.53 14.35
N SER G 317 32.72 -4.69 13.05
CA SER G 317 32.34 -5.93 12.35
C SER G 317 32.96 -7.17 13.02
N ASP G 318 34.23 -7.04 13.42
CA ASP G 318 34.99 -8.15 14.01
C ASP G 318 34.94 -8.15 15.54
N GLY G 319 34.23 -7.20 16.13
CA GLY G 319 34.23 -6.99 17.58
C GLY G 319 33.51 -8.07 18.37
N ARG G 320 32.36 -8.52 17.86
CA ARG G 320 31.58 -9.56 18.53
C ARG G 320 32.32 -10.91 18.49
N ARG G 321 32.86 -11.26 17.33
CA ARG G 321 33.63 -12.50 17.16
C ARG G 321 34.92 -12.50 17.96
N ALA G 322 35.50 -11.32 18.16
CA ALA G 322 36.79 -11.20 18.83
C ALA G 322 36.69 -11.34 20.34
N MET G 323 35.51 -11.11 20.90
CA MET G 323 35.32 -11.15 22.36
C MET G 323 35.07 -12.56 22.89
N GLU G 324 34.41 -13.40 22.11
CA GLU G 324 34.10 -14.79 22.49
C GLU G 324 35.36 -15.66 22.50
N ILE G 325 36.21 -15.47 21.50
CA ILE G 325 37.55 -16.06 21.53
C ILE G 325 38.31 -15.57 22.75
N LEU G 326 38.23 -14.27 23.01
CA LEU G 326 38.97 -13.66 24.12
C LEU G 326 38.32 -13.94 25.48
N LYS G 327 37.05 -14.34 25.49
CA LYS G 327 36.36 -14.73 26.72
C LYS G 327 36.91 -16.06 27.23
N LYS G 328 37.10 -17.00 26.32
CA LYS G 328 37.71 -18.31 26.62
C LYS G 328 39.13 -18.15 27.18
N LEU G 329 39.91 -17.23 26.61
CA LEU G 329 41.30 -17.01 27.02
C LEU G 329 41.47 -16.50 28.45
N GLN G 330 40.40 -15.95 29.03
CA GLN G 330 40.46 -15.34 30.36
C GLN G 330 40.92 -16.31 31.46
N VAL G 331 40.47 -17.56 31.41
CA VAL G 331 40.84 -18.57 32.42
C VAL G 331 42.34 -18.93 32.36
N GLN G 332 43.17 -18.05 32.91
CA GLN G 332 44.62 -18.26 32.93
C GLN G 332 44.98 -19.13 34.13
N TRP G 335 43.19 -14.00 33.43
CA TRP G 335 43.26 -12.60 33.81
C TRP G 335 41.89 -12.07 34.25
N THR G 336 41.85 -10.83 34.74
CA THR G 336 40.68 -10.33 35.48
C THR G 336 39.40 -10.27 34.65
N ASN G 337 39.45 -9.56 33.53
CA ASN G 337 38.28 -9.33 32.68
C ASN G 337 38.70 -8.82 31.29
N VAL G 338 37.79 -8.86 30.34
CA VAL G 338 37.99 -8.24 29.04
C VAL G 338 36.75 -7.44 28.65
N LEU G 339 36.97 -6.27 28.05
CA LEU G 339 35.91 -5.31 27.80
C LEU G 339 35.73 -5.04 26.31
N TYR G 340 34.50 -4.76 25.91
CA TYR G 340 34.19 -4.36 24.55
C TYR G 340 33.47 -3.03 24.62
N ASP G 341 33.98 -2.04 23.90
CA ASP G 341 33.35 -0.72 23.84
C ASP G 341 33.29 -0.29 22.38
N ASP G 342 32.22 -0.62 21.69
CA ASP G 342 31.92 0.07 20.44
C ASP G 342 31.56 1.50 20.85
N GLN G 343 31.17 2.35 19.91
CA GLN G 343 30.99 3.78 20.20
C GLN G 343 32.28 4.52 20.52
N VAL G 344 33.43 3.97 20.15
CA VAL G 344 34.70 4.67 20.29
C VAL G 344 35.01 5.34 18.98
N GLY G 345 35.22 6.65 19.02
CA GLY G 345 35.65 7.40 17.84
C GLY G 345 37.12 7.75 17.99
N LYS G 346 37.84 7.68 16.89
CA LYS G 346 39.23 8.08 16.88
C LYS G 346 39.38 9.39 16.12
N VAL G 347 40.06 10.35 16.73
CA VAL G 347 40.39 11.60 16.03
C VAL G 347 41.89 11.88 16.14
N SER G 348 42.47 12.33 15.03
CA SER G 348 43.91 12.39 14.90
C SER G 348 44.38 13.64 14.16
N LEU G 349 45.60 14.07 14.48
CA LEU G 349 46.28 15.13 13.75
C LEU G 349 47.59 14.56 13.22
N VAL G 350 47.95 14.92 12.00
CA VAL G 350 49.20 14.47 11.42
C VAL G 350 49.88 15.66 10.75
N GLY G 351 51.20 15.74 10.87
CA GLY G 351 51.95 16.81 10.28
C GLY G 351 53.43 16.62 10.54
N ALA G 352 54.24 16.79 9.49
CA ALA G 352 55.68 16.73 9.63
C ALA G 352 56.18 17.78 10.62
N GLY G 353 55.43 18.89 10.73
CA GLY G 353 55.79 19.96 11.63
C GLY G 353 55.74 19.66 13.12
N MET G 354 55.20 18.53 13.54
CA MET G 354 55.20 18.17 14.98
C MET G 354 56.38 17.26 15.42
N LYS G 355 57.34 17.01 14.52
CA LYS G 355 58.48 16.14 14.84
C LYS G 355 59.46 16.80 15.80
N SER G 356 59.87 18.02 15.46
CA SER G 356 60.85 18.78 16.26
C SER G 356 60.24 20.06 16.88
N HIS G 357 58.99 19.98 17.34
CA HIS G 357 58.20 21.17 17.71
C HIS G 357 57.49 20.93 19.05
N PRO G 358 58.01 21.52 20.14
CA PRO G 358 57.52 21.35 21.51
C PRO G 358 56.00 21.51 21.77
N GLY G 359 55.35 22.48 21.17
CA GLY G 359 53.99 22.85 21.63
C GLY G 359 52.81 21.98 21.21
N VAL G 360 53.02 21.13 20.20
CA VAL G 360 51.91 20.56 19.43
C VAL G 360 50.93 19.68 20.23
N THR G 361 51.43 18.71 20.99
CA THR G 361 50.52 17.87 21.81
C THR G 361 49.80 18.72 22.87
N ALA G 362 50.52 19.60 23.57
CA ALA G 362 49.89 20.60 24.45
C ALA G 362 48.72 21.30 23.74
N GLU G 363 48.98 21.84 22.55
CA GLU G 363 47.97 22.56 21.80
C GLU G 363 46.82 21.66 21.35
N PHE G 364 47.16 20.42 20.98
CA PHE G 364 46.13 19.42 20.68
C PHE G 364 45.25 19.27 21.92
N MET G 365 45.89 18.91 23.02
CA MET G 365 45.29 18.84 24.33
C MET G 365 44.36 20.03 24.66
N GLU G 366 44.90 21.24 24.59
CA GLU G 366 44.13 22.43 24.97
C GLU G 366 42.90 22.70 24.08
N ALA G 367 42.95 22.26 22.82
CA ALA G 367 41.84 22.43 21.88
C ALA G 367 40.63 21.54 22.21
N LEU G 368 40.88 20.33 22.69
CA LEU G 368 39.79 19.46 23.13
C LEU G 368 39.31 19.85 24.54
N ARG G 369 40.20 20.38 25.38
CA ARG G 369 39.79 20.94 26.68
C ARG G 369 38.69 21.99 26.51
N ASP G 370 38.83 22.84 25.50
CA ASP G 370 37.96 24.01 25.37
C ASP G 370 36.53 23.63 24.93
N VAL G 371 36.21 22.33 24.99
CA VAL G 371 34.84 21.82 25.12
C VAL G 371 34.92 20.66 26.10
N ASN G 372 33.78 20.16 26.56
CA ASN G 372 33.78 18.89 27.31
C ASN G 372 34.03 17.70 26.37
N VAL G 373 35.18 17.73 25.68
CA VAL G 373 35.66 16.58 24.93
C VAL G 373 36.70 15.85 25.77
N ASN G 374 36.25 14.74 26.39
CA ASN G 374 37.11 13.95 27.25
C ASN G 374 38.02 12.99 26.48
N ILE G 375 39.33 13.06 26.75
CA ILE G 375 40.30 12.11 26.19
C ILE G 375 40.32 10.85 27.07
N GLU G 376 40.24 9.69 26.44
CA GLU G 376 40.20 8.42 27.19
C GLU G 376 41.29 7.42 26.79
N LEU G 377 42.08 7.80 25.79
CA LEU G 377 43.17 6.98 25.29
C LEU G 377 44.01 7.86 24.37
N ILE G 378 45.33 7.74 24.47
CA ILE G 378 46.24 8.49 23.59
C ILE G 378 47.22 7.52 22.95
N SER G 379 47.64 7.87 21.75
CA SER G 379 48.47 7.03 20.93
C SER G 379 49.13 7.97 19.94
N THR G 380 50.43 7.84 19.77
CA THR G 380 51.17 8.78 18.94
C THR G 380 52.11 8.06 18.00
N SER G 381 52.48 8.73 16.91
CA SER G 381 53.72 8.44 16.20
C SER G 381 54.49 9.74 16.19
N GLU G 382 55.66 9.71 15.58
CA GLU G 382 56.52 10.87 15.48
C GLU G 382 55.79 12.09 14.92
N ILE G 383 55.00 11.85 13.88
CA ILE G 383 54.27 12.92 13.21
C ILE G 383 52.73 12.80 13.38
N ARG G 384 52.28 12.12 14.44
CA ARG G 384 50.84 11.99 14.68
C ARG G 384 50.44 11.83 16.13
N ILE G 385 49.30 12.45 16.45
CA ILE G 385 48.67 12.34 17.74
C ILE G 385 47.27 11.81 17.48
N SER G 386 47.00 10.61 17.98
CA SER G 386 45.68 10.00 17.89
C SER G 386 45.11 9.91 19.27
N VAL G 387 43.81 10.11 19.35
CA VAL G 387 43.11 10.08 20.62
C VAL G 387 41.79 9.34 20.42
N LEU G 388 41.46 8.46 21.35
CA LEU G 388 40.12 7.89 21.41
C LEU G 388 39.25 8.81 22.25
N ILE G 389 38.09 9.17 21.71
CA ILE G 389 37.07 9.89 22.46
C ILE G 389 35.72 9.17 22.27
N ARG G 390 34.67 9.75 22.84
CA ARG G 390 33.32 9.26 22.64
C ARG G 390 32.91 9.54 21.18
N GLU G 391 32.33 8.55 20.51
CA GLU G 391 31.94 8.69 19.10
C GLU G 391 31.28 10.03 18.80
N ASP G 392 30.38 10.46 19.68
CA ASP G 392 29.59 11.67 19.45
C ASP G 392 30.31 12.95 19.94
N ASP G 393 31.64 12.89 19.97
CA ASP G 393 32.47 14.08 20.07
C ASP G 393 33.33 14.26 18.82
N LEU G 394 33.31 13.29 17.90
CA LEU G 394 34.14 13.35 16.70
C LEU G 394 34.00 14.69 15.97
N ASP G 395 32.76 15.04 15.62
CA ASP G 395 32.48 16.27 14.87
C ASP G 395 33.11 17.51 15.49
N ALA G 396 32.94 17.63 16.80
CA ALA G 396 33.40 18.80 17.55
C ALA G 396 34.90 18.79 17.72
N ALA G 397 35.46 17.59 17.89
CA ALA G 397 36.88 17.41 18.09
C ALA G 397 37.67 17.78 16.84
N ALA G 398 37.16 17.34 15.69
CA ALA G 398 37.78 17.62 14.40
C ALA G 398 37.63 19.10 14.05
N ARG G 399 36.40 19.59 14.13
CA ARG G 399 36.13 21.01 13.94
C ARG G 399 37.00 21.84 14.89
N ALA G 400 37.14 21.36 16.12
CA ALA G 400 37.91 22.09 17.13
C ALA G 400 39.40 22.05 16.83
N LEU G 401 39.89 20.91 16.37
CA LEU G 401 41.31 20.74 16.10
C LEU G 401 41.73 21.51 14.84
N HIS G 402 40.84 21.56 13.85
CA HIS G 402 41.07 22.25 12.58
C HIS G 402 41.21 23.79 12.73
N GLU G 403 40.32 24.40 13.50
CA GLU G 403 40.38 25.85 13.74
C GLU G 403 41.61 26.22 14.57
N GLN G 404 41.86 25.49 15.65
CA GLN G 404 42.97 25.81 16.56
C GLN G 404 44.33 25.77 15.86
N PHE G 405 44.47 24.86 14.90
CA PHE G 405 45.73 24.71 14.16
C PHE G 405 45.74 25.44 12.81
N GLN G 406 44.66 26.15 12.49
CA GLN G 406 44.63 27.11 11.38
C GLN G 406 44.85 26.45 10.01
N LEU G 407 44.34 25.23 9.83
CA LEU G 407 44.55 24.49 8.59
C LEU G 407 43.62 25.01 7.49
N LEU H 6 55.86 -4.11 5.85
CA LEU H 6 56.99 -4.89 6.44
C LEU H 6 58.28 -4.58 5.67
N THR H 7 58.84 -3.40 5.95
CA THR H 7 60.03 -2.90 5.22
C THR H 7 61.32 -2.84 6.08
N GLY H 8 61.20 -2.75 7.40
CA GLY H 8 62.39 -2.67 8.23
C GLY H 8 62.14 -2.65 9.73
N VAL H 9 63.23 -2.78 10.48
CA VAL H 9 63.18 -2.68 11.94
C VAL H 9 64.20 -1.65 12.39
N ALA H 10 63.75 -0.67 13.16
CA ALA H 10 64.66 0.32 13.75
C ALA H 10 64.75 0.08 15.26
N THR H 11 65.86 0.50 15.84
CA THR H 11 66.09 0.39 17.27
C THR H 11 66.55 1.74 17.80
N ASP H 12 66.19 2.03 19.06
CA ASP H 12 66.54 3.33 19.63
C ASP H 12 66.88 3.21 21.10
N LYS H 13 68.06 3.73 21.45
CA LYS H 13 68.53 3.77 22.83
C LYS H 13 68.71 5.22 23.30
N SER H 14 67.97 6.13 22.66
CA SER H 14 68.15 7.57 22.85
C SER H 14 67.09 8.20 23.76
N GLU H 15 66.15 7.41 24.27
CA GLU H 15 65.01 7.97 24.98
C GLU H 15 64.89 7.67 26.50
N ALA H 16 64.25 8.59 27.22
CA ALA H 16 63.78 8.35 28.58
C ALA H 16 62.26 8.21 28.55
N LYS H 17 61.71 7.39 29.44
CA LYS H 17 60.27 7.36 29.69
C LYS H 17 59.98 8.06 31.02
N VAL H 18 58.89 8.81 31.08
CA VAL H 18 58.43 9.42 32.33
C VAL H 18 56.91 9.22 32.47
N THR H 19 56.46 8.90 33.69
CA THR H 19 55.07 8.53 33.93
C THR H 19 54.42 9.43 34.96
N VAL H 20 53.28 10.00 34.60
CA VAL H 20 52.47 10.80 35.52
C VAL H 20 51.27 9.99 35.99
N LEU H 21 51.15 9.81 37.31
CA LEU H 21 50.13 8.95 37.92
C LEU H 21 49.04 9.74 38.62
N GLY H 22 47.84 9.17 38.69
CA GLY H 22 46.74 9.77 39.46
C GLY H 22 46.12 11.02 38.86
N ILE H 23 45.95 11.03 37.54
CA ILE H 23 45.34 12.15 36.82
C ILE H 23 43.84 11.92 36.76
N SER H 24 43.07 12.98 37.00
CA SER H 24 41.62 12.87 37.00
C SER H 24 41.13 12.70 35.57
N ASP H 25 40.35 11.65 35.34
CA ASP H 25 39.81 11.35 34.02
C ASP H 25 38.66 12.30 33.67
N LYS H 26 39.01 13.57 33.48
CA LYS H 26 38.06 14.60 33.10
C LYS H 26 38.74 15.56 32.13
N PRO H 27 37.93 16.31 31.35
CA PRO H 27 38.49 17.18 30.32
C PRO H 27 39.43 18.28 30.83
N GLY H 28 40.65 18.31 30.30
CA GLY H 28 41.59 19.40 30.52
C GLY H 28 42.87 19.02 31.26
N GLU H 29 42.86 17.82 31.83
CA GLU H 29 43.94 17.39 32.71
C GLU H 29 45.20 17.02 31.90
N ALA H 30 45.00 16.37 30.76
CA ALA H 30 46.10 16.07 29.86
C ALA H 30 46.84 17.35 29.49
N ALA H 31 46.08 18.39 29.15
CA ALA H 31 46.65 19.67 28.74
C ALA H 31 47.63 20.20 29.76
N LYS H 32 47.26 20.07 31.02
CA LYS H 32 48.06 20.61 32.11
C LYS H 32 49.48 20.05 32.00
N VAL H 33 49.56 18.74 31.79
CA VAL H 33 50.84 18.04 31.75
C VAL H 33 51.70 18.50 30.58
N PHE H 34 51.13 18.50 29.38
CA PHE H 34 51.91 18.79 28.17
C PHE H 34 52.13 20.30 27.93
N ARG H 35 51.40 21.15 28.65
CA ARG H 35 51.71 22.59 28.71
C ARG H 35 53.00 22.85 29.47
N ALA H 36 53.15 22.18 30.61
CA ALA H 36 54.34 22.32 31.42
C ALA H 36 55.58 22.00 30.59
N LEU H 37 55.61 20.78 30.05
CA LEU H 37 56.72 20.32 29.20
C LEU H 37 57.02 21.24 28.02
N ALA H 38 55.96 21.72 27.36
CA ALA H 38 56.10 22.61 26.21
C ALA H 38 56.72 23.97 26.56
N ASP H 39 56.34 24.51 27.72
CA ASP H 39 56.91 25.78 28.21
C ASP H 39 58.39 25.68 28.54
N ALA H 40 58.85 24.47 28.85
CA ALA H 40 60.27 24.20 28.99
C ALA H 40 60.91 23.86 27.63
N GLU H 41 60.12 23.94 26.55
CA GLU H 41 60.59 23.68 25.19
C GLU H 41 61.17 22.28 25.04
N ILE H 42 60.58 21.34 25.78
CA ILE H 42 60.95 19.94 25.75
C ILE H 42 60.19 19.29 24.61
N ASN H 43 60.91 18.62 23.70
CA ASN H 43 60.30 17.95 22.55
C ASN H 43 59.91 16.51 22.88
N ILE H 44 58.65 16.16 22.62
CA ILE H 44 58.07 14.87 23.01
C ILE H 44 57.96 13.91 21.82
N ASP H 45 58.10 12.62 22.09
CA ASP H 45 57.81 11.57 21.10
C ASP H 45 56.55 10.80 21.55
N MET H 46 56.74 9.64 22.16
CA MET H 46 55.61 8.77 22.49
C MET H 46 54.79 9.36 23.62
N VAL H 47 53.47 9.28 23.49
CA VAL H 47 52.55 9.52 24.60
C VAL H 47 51.62 8.32 24.67
N LEU H 48 51.29 7.91 25.88
CA LEU H 48 50.40 6.79 26.09
C LEU H 48 49.58 6.97 27.38
N GLN H 49 48.29 6.63 27.30
CA GLN H 49 47.38 6.72 28.45
C GLN H 49 46.78 5.37 28.91
N ASN H 50 46.77 5.17 30.23
CA ASN H 50 46.26 3.95 30.85
C ASN H 50 44.73 3.75 30.67
N VAL H 51 44.25 2.56 31.04
CA VAL H 51 42.82 2.34 31.26
C VAL H 51 42.38 3.19 32.45
N PHE H 52 41.08 3.19 32.71
CA PHE H 52 40.53 3.89 33.88
C PHE H 52 40.52 2.91 35.04
N SER H 53 40.99 3.37 36.19
CA SER H 53 40.91 2.57 37.40
C SER H 53 39.61 2.91 38.13
N VAL H 54 38.75 1.91 38.29
CA VAL H 54 37.56 2.03 39.13
C VAL H 54 38.00 2.37 40.54
N GLU H 55 39.02 1.64 41.00
CA GLU H 55 39.51 1.71 42.37
C GLU H 55 39.99 3.12 42.76
N ASP H 56 40.97 3.63 42.03
CA ASP H 56 41.52 4.95 42.28
C ASP H 56 40.55 6.04 41.81
N GLY H 57 39.73 5.71 40.81
CA GLY H 57 38.85 6.69 40.18
C GLY H 57 39.67 7.67 39.37
N THR H 58 40.69 7.15 38.69
CA THR H 58 41.70 7.98 38.03
C THR H 58 42.45 7.20 36.94
N THR H 59 43.33 7.89 36.21
CA THR H 59 44.14 7.26 35.17
C THR H 59 45.55 7.85 35.16
N ASP H 60 46.44 7.25 34.37
CA ASP H 60 47.85 7.62 34.34
C ASP H 60 48.30 8.00 32.92
N ILE H 61 49.40 8.74 32.80
CA ILE H 61 49.93 9.10 31.48
C ILE H 61 51.45 8.97 31.46
N THR H 62 51.97 8.40 30.38
CA THR H 62 53.39 8.24 30.19
C THR H 62 53.82 8.88 28.89
N PHE H 63 55.01 9.45 28.86
CA PHE H 63 55.57 9.93 27.62
C PHE H 63 57.05 9.62 27.52
N THR H 64 57.61 9.73 26.32
CA THR H 64 59.06 9.69 26.16
C THR H 64 59.58 10.96 25.50
N CYS H 65 60.89 11.16 25.65
CA CYS H 65 61.59 12.34 25.17
C CYS H 65 63.07 11.98 25.23
N PRO H 66 63.95 12.85 24.70
CA PRO H 66 65.37 12.51 24.72
C PRO H 66 65.91 12.40 26.14
N ARG H 67 66.82 11.45 26.36
CA ARG H 67 67.53 11.28 27.64
C ARG H 67 68.26 12.55 28.12
N SER H 68 68.68 13.42 27.20
CA SER H 68 69.28 14.70 27.61
C SER H 68 68.26 15.63 28.29
N ASP H 69 66.97 15.44 27.99
CA ASP H 69 65.90 16.25 28.58
C ASP H 69 65.08 15.53 29.65
N GLY H 70 65.36 14.25 29.86
CA GLY H 70 64.63 13.42 30.82
C GLY H 70 64.47 13.99 32.23
N ARG H 71 65.58 14.22 32.93
CA ARG H 71 65.51 14.71 34.32
C ARG H 71 64.73 16.04 34.39
N ARG H 72 65.10 16.96 33.52
CA ARG H 72 64.42 18.26 33.41
C ARG H 72 62.90 18.12 33.21
N ALA H 73 62.49 17.15 32.41
CA ALA H 73 61.06 16.89 32.23
C ALA H 73 60.43 16.47 33.56
N MET H 74 61.01 15.43 34.17
CA MET H 74 60.57 14.92 35.47
C MET H 74 60.56 16.02 36.54
N GLU H 75 61.64 16.83 36.58
CA GLU H 75 61.77 17.93 37.52
C GLU H 75 60.64 18.96 37.39
N ILE H 76 60.44 19.47 36.18
CA ILE H 76 59.34 20.40 35.89
C ILE H 76 57.95 19.89 36.36
N LEU H 77 57.73 18.58 36.24
CA LEU H 77 56.44 17.96 36.55
C LEU H 77 56.21 17.72 38.05
N LYS H 78 57.26 17.30 38.74
CA LYS H 78 57.19 17.10 40.20
C LYS H 78 57.06 18.46 40.89
N LYS H 79 57.80 19.45 40.38
CA LYS H 79 57.72 20.85 40.84
C LYS H 79 56.57 21.55 40.09
N LEU H 80 55.35 21.34 40.59
CA LEU H 80 54.09 21.61 39.86
C LEU H 80 53.03 20.66 40.42
N GLN H 81 53.49 19.47 40.80
CA GLN H 81 52.72 18.53 41.61
C GLN H 81 52.35 19.17 42.95
N VAL H 82 53.31 19.86 43.56
CA VAL H 82 53.08 20.64 44.77
C VAL H 82 52.09 21.75 44.44
N GLN H 83 50.84 21.54 44.86
CA GLN H 83 49.70 22.33 44.38
C GLN H 83 49.44 21.92 42.94
N GLY H 84 48.91 20.71 42.77
CA GLY H 84 48.79 20.11 41.44
C GLY H 84 47.83 18.95 41.33
N ASN H 85 47.84 18.34 40.15
CA ASN H 85 46.77 17.44 39.70
C ASN H 85 47.24 16.03 39.36
N TRP H 86 48.19 15.51 40.13
CA TRP H 86 48.63 14.12 39.98
C TRP H 86 49.40 13.55 41.18
N THR H 87 49.38 12.23 41.30
CA THR H 87 49.93 11.51 42.46
C THR H 87 51.44 11.62 42.56
N ASN H 88 52.15 11.24 41.51
CA ASN H 88 53.60 11.45 41.44
C ASN H 88 54.13 11.32 40.02
N VAL H 89 55.44 11.48 39.83
CA VAL H 89 56.06 11.28 38.53
C VAL H 89 57.30 10.37 38.62
N LEU H 90 57.19 9.20 38.00
CA LEU H 90 58.28 8.24 37.91
C LEU H 90 59.16 8.55 36.68
N TYR H 91 60.41 8.09 36.73
CA TYR H 91 61.39 8.34 35.66
C TYR H 91 62.18 7.06 35.37
N ASP H 92 62.64 6.91 34.13
CA ASP H 92 63.37 5.72 33.70
C ASP H 92 64.25 6.08 32.50
N ASP H 93 65.57 5.95 32.65
CA ASP H 93 66.51 6.26 31.57
C ASP H 93 67.28 5.02 31.08
N GLN H 94 66.64 3.86 31.18
CA GLN H 94 67.23 2.61 30.72
C GLN H 94 66.28 1.89 29.77
N VAL H 95 65.45 2.64 29.05
CA VAL H 95 64.49 2.04 28.13
C VAL H 95 64.99 2.11 26.69
N GLY H 96 64.73 1.05 25.94
CA GLY H 96 65.06 1.01 24.52
C GLY H 96 63.81 0.79 23.71
N LYS H 97 63.68 1.52 22.60
CA LYS H 97 62.55 1.40 21.72
C LYS H 97 62.90 0.49 20.54
N VAL H 98 62.03 -0.47 20.24
CA VAL H 98 62.19 -1.31 19.06
C VAL H 98 60.93 -1.25 18.22
N SER H 99 61.10 -0.87 16.95
CA SER H 99 59.98 -0.70 16.04
C SER H 99 60.11 -1.59 14.79
N LEU H 100 58.97 -2.05 14.28
CA LEU H 100 58.91 -2.73 12.99
C LEU H 100 58.08 -1.87 12.05
N VAL H 101 58.75 -1.18 11.12
CA VAL H 101 58.08 -0.30 10.15
C VAL H 101 57.43 -1.14 9.06
N GLY H 102 56.21 -0.76 8.67
CA GLY H 102 55.47 -1.46 7.61
C GLY H 102 54.33 -0.61 7.03
N ALA H 103 53.30 -1.30 6.52
CA ALA H 103 52.13 -0.65 5.90
C ALA H 103 51.00 -1.62 5.58
N GLY H 104 49.86 -1.44 6.24
CA GLY H 104 48.65 -2.24 6.02
C GLY H 104 48.51 -3.42 6.96
N MET H 105 48.72 -3.18 8.26
CA MET H 105 48.82 -4.25 9.26
C MET H 105 47.51 -4.67 9.97
N LYS H 106 46.48 -3.82 9.94
CA LYS H 106 45.23 -4.13 10.67
C LYS H 106 44.49 -5.30 10.03
N PRO H 109 48.06 -8.57 11.05
CA PRO H 109 47.62 -9.14 12.33
C PRO H 109 48.53 -10.27 12.79
N GLY H 110 48.86 -11.17 11.87
CA GLY H 110 49.91 -12.15 12.11
C GLY H 110 51.24 -11.48 12.42
N VAL H 111 51.45 -10.31 11.81
CA VAL H 111 52.67 -9.52 12.01
C VAL H 111 52.91 -9.17 13.47
N THR H 112 51.87 -8.68 14.13
CA THR H 112 51.98 -8.19 15.51
C THR H 112 52.11 -9.36 16.47
N ALA H 113 51.30 -10.39 16.31
CA ALA H 113 51.42 -11.62 17.13
C ALA H 113 52.81 -12.25 17.01
N GLU H 114 53.36 -12.22 15.80
CA GLU H 114 54.67 -12.82 15.54
C GLU H 114 55.82 -11.90 16.00
N PHE H 115 55.61 -10.60 15.94
CA PHE H 115 56.49 -9.65 16.61
C PHE H 115 56.59 -10.07 18.07
N MET H 116 55.43 -10.28 18.70
CA MET H 116 55.36 -10.67 20.11
C MET H 116 56.07 -12.01 20.35
N GLU H 117 55.86 -12.96 19.44
CA GLU H 117 56.47 -14.29 19.54
C GLU H 117 57.98 -14.26 19.47
N ALA H 118 58.54 -13.42 18.61
CA ALA H 118 59.99 -13.32 18.50
C ALA H 118 60.62 -12.81 19.80
N LEU H 119 59.94 -11.90 20.50
CA LEU H 119 60.44 -11.36 21.76
C LEU H 119 60.36 -12.39 22.90
N ARG H 120 59.24 -13.10 22.99
CA ARG H 120 59.06 -14.20 23.95
C ARG H 120 60.14 -15.27 23.80
N ASP H 121 60.28 -15.77 22.57
CA ASP H 121 61.23 -16.82 22.22
C ASP H 121 62.70 -16.44 22.46
N VAL H 122 63.00 -15.15 22.50
CA VAL H 122 64.33 -14.66 22.90
C VAL H 122 64.33 -14.17 24.37
N ASN H 123 63.23 -14.42 25.07
CA ASN H 123 63.13 -14.18 26.52
C ASN H 123 63.30 -12.70 26.88
N VAL H 124 62.58 -11.83 26.19
CA VAL H 124 62.58 -10.41 26.50
C VAL H 124 61.16 -9.97 26.85
N ASN H 125 61.06 -9.03 27.78
CA ASN H 125 59.78 -8.59 28.35
C ASN H 125 59.34 -7.28 27.74
N ILE H 126 58.13 -7.28 27.17
CA ILE H 126 57.55 -6.07 26.58
C ILE H 126 56.89 -5.25 27.69
N GLU H 127 57.38 -4.03 27.88
CA GLU H 127 56.88 -3.11 28.92
C GLU H 127 55.83 -2.14 28.41
N LEU H 128 56.15 -1.48 27.30
CA LEU H 128 55.22 -0.57 26.62
C LEU H 128 54.98 -1.06 25.19
N ILE H 129 53.75 -0.88 24.73
CA ILE H 129 53.34 -1.24 23.38
C ILE H 129 52.52 -0.08 22.81
N SER H 130 52.80 0.24 21.56
CA SER H 130 52.06 1.27 20.86
C SER H 130 52.26 1.00 19.41
N THR H 131 51.16 0.69 18.74
CA THR H 131 51.23 0.21 17.38
C THR H 131 50.18 0.90 16.55
N SER H 132 50.36 0.80 15.24
CA SER H 132 49.38 1.30 14.27
C SER H 132 49.45 0.38 13.06
N GLU H 133 48.74 0.73 12.00
CA GLU H 133 48.84 -0.02 10.74
C GLU H 133 50.24 0.06 10.11
N ILE H 134 51.01 1.10 10.41
CA ILE H 134 52.32 1.21 9.77
C ILE H 134 53.52 1.02 10.68
N ARG H 135 53.29 0.81 11.98
CA ARG H 135 54.39 0.70 12.93
C ARG H 135 53.99 -0.10 14.17
N ILE H 136 54.93 -0.91 14.63
CA ILE H 136 54.81 -1.68 15.86
C ILE H 136 55.97 -1.25 16.72
N SER H 137 55.69 -0.43 17.74
CA SER H 137 56.72 0.10 18.61
C SER H 137 56.55 -0.44 20.03
N VAL H 138 57.62 -0.97 20.60
CA VAL H 138 57.62 -1.42 22.01
C VAL H 138 58.75 -0.75 22.76
N LEU H 139 58.56 -0.58 24.07
CA LEU H 139 59.68 -0.27 24.96
C LEU H 139 60.05 -1.54 25.73
N ILE H 140 61.35 -1.80 25.79
CA ILE H 140 61.88 -2.94 26.52
C ILE H 140 63.04 -2.43 27.38
N ARG H 141 63.68 -3.33 28.13
CA ARG H 141 64.96 -3.02 28.74
C ARG H 141 65.99 -2.74 27.64
N GLU H 142 66.79 -1.68 27.82
CA GLU H 142 67.83 -1.34 26.85
C GLU H 142 68.79 -2.51 26.66
N ASP H 143 69.05 -3.24 27.74
CA ASP H 143 69.92 -4.43 27.68
C ASP H 143 69.37 -5.49 26.72
N ASP H 144 68.05 -5.68 26.74
CA ASP H 144 67.38 -6.64 25.87
C ASP H 144 67.32 -6.18 24.41
N LEU H 145 67.71 -4.93 24.14
CA LEU H 145 67.63 -4.33 22.80
C LEU H 145 68.39 -5.16 21.77
N ASP H 146 69.62 -5.50 22.11
CA ASP H 146 70.48 -6.29 21.24
C ASP H 146 69.79 -7.60 20.85
N ALA H 147 69.33 -8.34 21.86
CA ALA H 147 68.77 -9.68 21.65
C ALA H 147 67.41 -9.72 20.91
N ALA H 148 66.68 -8.61 20.90
CA ALA H 148 65.32 -8.59 20.34
C ALA H 148 65.27 -8.14 18.87
N ALA H 149 66.17 -7.22 18.49
CA ALA H 149 66.26 -6.75 17.11
C ALA H 149 66.66 -7.91 16.20
N ARG H 150 67.61 -8.71 16.68
CA ARG H 150 68.07 -9.92 15.98
C ARG H 150 66.92 -10.90 15.75
N ALA H 151 66.08 -11.09 16.77
CA ALA H 151 64.90 -11.96 16.66
C ALA H 151 63.89 -11.42 15.65
N LEU H 152 63.78 -10.09 15.58
CA LEU H 152 62.94 -9.43 14.58
C LEU H 152 63.50 -9.64 13.16
N HIS H 153 64.80 -9.43 12.98
CA HIS H 153 65.43 -9.69 11.67
C HIS H 153 65.16 -11.12 11.24
N GLU H 154 65.30 -12.07 12.17
CA GLU H 154 65.20 -13.50 11.88
C GLU H 154 63.77 -14.04 11.79
N GLN H 155 62.75 -13.21 12.05
CA GLN H 155 61.35 -13.65 11.92
C GLN H 155 60.72 -13.14 10.61
N PHE H 156 61.09 -11.93 10.20
CA PHE H 156 60.50 -11.30 9.02
C PHE H 156 61.44 -11.24 7.81
N GLN H 157 62.72 -11.58 8.04
CA GLN H 157 63.77 -11.55 6.99
C GLN H 157 64.53 -10.22 6.98
N LEU H 158 63.82 -9.11 7.17
CA LEU H 158 64.43 -7.79 7.21
C LEU H 158 65.43 -7.68 8.35
N ALA I 2 -1.75 -38.50 41.84
CA ALA I 2 -0.30 -38.59 41.46
C ALA I 2 0.40 -37.25 41.65
N LEU I 3 1.72 -37.25 41.50
CA LEU I 3 2.48 -36.01 41.46
C LEU I 3 2.92 -35.79 40.02
N VAL I 4 2.25 -34.85 39.33
CA VAL I 4 2.53 -34.60 37.92
C VAL I 4 3.25 -33.26 37.77
N VAL I 5 4.28 -33.23 36.94
CA VAL I 5 5.04 -32.02 36.69
C VAL I 5 4.73 -31.61 35.25
N GLN I 6 4.56 -30.30 35.03
CA GLN I 6 4.13 -29.77 33.76
C GLN I 6 5.05 -28.64 33.41
N LYS I 7 5.39 -28.51 32.13
CA LYS I 7 6.20 -27.43 31.66
C LYS I 7 5.51 -26.77 30.48
N TYR I 8 5.47 -25.45 30.49
CA TYR I 8 4.83 -24.66 29.44
C TYR I 8 5.82 -23.64 28.91
N GLY I 9 5.95 -23.58 27.59
CA GLY I 9 6.88 -22.68 26.91
C GLY I 9 6.27 -21.36 26.47
N GLY I 10 7.10 -20.54 25.81
CA GLY I 10 6.72 -19.18 25.43
C GLY I 10 5.46 -19.06 24.58
N SER I 11 5.34 -19.90 23.56
CA SER I 11 4.17 -19.84 22.66
C SER I 11 2.87 -20.14 23.39
N SER I 12 2.95 -21.04 24.37
CA SER I 12 1.80 -21.38 25.20
C SER I 12 1.44 -20.30 26.22
N LEU I 13 2.34 -19.35 26.44
CA LEU I 13 2.12 -18.28 27.41
C LEU I 13 2.34 -16.91 26.76
N GLU I 14 2.01 -16.81 25.47
CA GLU I 14 2.31 -15.62 24.69
C GLU I 14 1.32 -14.49 24.92
N SER I 15 0.36 -14.73 25.80
CA SER I 15 -0.80 -13.85 25.92
C SER I 15 -1.61 -14.12 27.20
N ALA I 16 -2.39 -13.12 27.62
CA ALA I 16 -3.20 -13.23 28.85
C ALA I 16 -4.32 -14.25 28.68
N GLU I 17 -4.91 -14.27 27.49
CA GLU I 17 -5.94 -15.26 27.18
C GLU I 17 -5.33 -16.67 27.25
N ARG I 18 -4.10 -16.78 26.78
CA ARG I 18 -3.37 -18.05 26.76
C ARG I 18 -3.04 -18.45 28.19
N ILE I 19 -2.53 -17.48 28.96
CA ILE I 19 -2.14 -17.74 30.34
C ILE I 19 -3.31 -18.26 31.17
N ARG I 20 -4.45 -17.57 31.11
CA ARG I 20 -5.68 -18.06 31.76
C ARG I 20 -6.06 -19.47 31.26
N ASN I 21 -5.98 -19.68 29.95
CA ASN I 21 -6.29 -21.00 29.36
C ASN I 21 -5.40 -22.10 29.96
N VAL I 22 -4.10 -21.86 29.99
CA VAL I 22 -3.17 -22.76 30.66
C VAL I 22 -3.46 -22.87 32.14
N ALA I 23 -3.81 -21.75 32.75
CA ALA I 23 -4.12 -21.74 34.19
C ALA I 23 -5.23 -22.75 34.48
N GLU I 24 -6.23 -22.80 33.61
CA GLU I 24 -7.36 -23.71 33.80
C GLU I 24 -6.96 -25.20 33.68
N ARG I 25 -6.07 -25.50 32.73
CA ARG I 25 -5.56 -26.86 32.60
C ARG I 25 -4.83 -27.30 33.86
N ILE I 26 -3.99 -26.41 34.37
CA ILE I 26 -3.20 -26.68 35.58
C ILE I 26 -4.11 -27.00 36.74
N VAL I 27 -5.09 -26.14 36.95
CA VAL I 27 -6.04 -26.32 38.02
C VAL I 27 -6.87 -27.58 37.78
N ALA I 28 -7.19 -27.86 36.51
CA ALA I 28 -7.90 -29.09 36.15
C ALA I 28 -7.10 -30.34 36.51
N THR I 29 -5.77 -30.24 36.40
CA THR I 29 -4.88 -31.34 36.76
C THR I 29 -4.91 -31.60 38.27
N LYS I 30 -5.01 -30.54 39.07
CA LYS I 30 -5.13 -30.67 40.52
C LYS I 30 -6.47 -31.31 40.90
N LYS I 31 -7.58 -30.82 40.32
CA LYS I 31 -8.91 -31.42 40.53
C LYS I 31 -8.84 -32.93 40.42
N ALA I 32 -8.31 -33.40 39.30
CA ALA I 32 -8.27 -34.83 38.98
C ALA I 32 -7.57 -35.68 40.04
N GLY I 33 -7.16 -35.07 41.15
CA GLY I 33 -6.52 -35.79 42.25
C GLY I 33 -5.03 -35.90 41.98
N ASN I 34 -4.37 -34.75 41.90
CA ASN I 34 -2.94 -34.70 41.64
C ASN I 34 -2.33 -33.49 42.33
N ASP I 35 -1.16 -33.68 42.91
CA ASP I 35 -0.33 -32.57 43.37
C ASP I 35 0.49 -32.14 42.17
N VAL I 36 0.48 -30.85 41.84
CA VAL I 36 1.11 -30.39 40.61
C VAL I 36 2.11 -29.26 40.80
N VAL I 37 3.31 -29.44 40.25
CA VAL I 37 4.29 -28.37 40.15
C VAL I 37 4.39 -28.00 38.68
N VAL I 38 4.61 -26.72 38.39
CA VAL I 38 4.78 -26.29 37.00
C VAL I 38 5.94 -25.33 36.76
N VAL I 39 6.67 -25.61 35.68
CA VAL I 39 7.75 -24.76 35.22
C VAL I 39 7.29 -23.98 34.00
N CYS I 40 7.37 -22.66 34.08
CA CYS I 40 7.04 -21.79 32.98
C CYS I 40 8.26 -21.11 32.40
N SER I 41 8.25 -20.98 31.07
CA SER I 41 9.22 -20.17 30.34
C SER I 41 8.65 -18.76 30.28
N ALA I 42 9.39 -17.84 29.68
CA ALA I 42 8.93 -16.46 29.52
C ALA I 42 7.91 -16.39 28.40
N MET I 43 7.09 -15.35 28.38
CA MET I 43 6.02 -15.22 27.39
C MET I 43 6.60 -15.16 25.97
N GLY I 44 5.98 -15.91 25.06
CA GLY I 44 6.48 -16.17 23.71
C GLY I 44 7.41 -15.16 23.07
N ASP I 45 8.70 -15.43 23.17
CA ASP I 45 9.77 -14.62 22.52
C ASP I 45 10.46 -13.59 23.41
N THR I 46 10.00 -13.36 24.63
CA THR I 46 10.64 -12.29 25.41
C THR I 46 12.09 -12.66 25.73
N THR I 47 12.37 -13.95 25.91
CA THR I 47 13.73 -14.39 26.26
C THR I 47 14.69 -14.03 25.14
N ASP I 48 14.32 -14.35 23.90
CA ASP I 48 15.22 -13.98 22.82
C ASP I 48 15.18 -12.45 22.59
N GLU I 49 14.02 -11.83 22.77
CA GLU I 49 13.92 -10.38 22.69
C GLU I 49 14.84 -9.70 23.70
N LEU I 50 14.95 -10.31 24.88
CA LEU I 50 15.86 -9.81 25.92
C LEU I 50 17.30 -10.01 25.50
N LEU I 51 17.62 -11.23 25.07
CA LEU I 51 18.97 -11.56 24.58
C LEU I 51 19.47 -10.56 23.54
N GLU I 52 18.56 -10.04 22.70
CA GLU I 52 18.91 -9.05 21.69
C GLU I 52 19.37 -7.75 22.36
N LEU I 53 18.58 -7.32 23.34
CA LEU I 53 18.88 -6.13 24.13
C LEU I 53 20.24 -6.26 24.81
N ALA I 54 20.46 -7.38 25.48
CA ALA I 54 21.73 -7.60 26.18
C ALA I 54 22.90 -7.53 25.21
N ALA I 55 22.74 -8.17 24.06
CA ALA I 55 23.73 -8.15 23.00
C ALA I 55 23.96 -6.74 22.49
N ALA I 56 22.88 -5.96 22.36
CA ALA I 56 22.97 -4.58 21.91
C ALA I 56 23.88 -3.74 22.81
N VAL I 57 23.93 -4.05 24.10
CA VAL I 57 24.65 -3.22 25.05
C VAL I 57 25.98 -3.83 25.51
N ASN I 58 26.06 -5.16 25.53
CA ASN I 58 27.27 -5.85 26.03
C ASN I 58 27.36 -7.27 25.47
N PRO I 59 28.25 -7.48 24.48
CA PRO I 59 28.50 -8.87 24.12
C PRO I 59 29.36 -9.47 25.21
N VAL I 60 29.19 -10.75 25.50
CA VAL I 60 29.84 -11.38 26.66
C VAL I 60 29.68 -10.53 27.94
N PRO I 61 28.43 -10.47 28.45
CA PRO I 61 28.16 -9.78 29.71
C PRO I 61 28.24 -10.75 30.88
N PRO I 62 28.69 -10.28 32.06
CA PRO I 62 28.86 -11.17 33.22
C PRO I 62 27.66 -12.09 33.49
N ALA I 63 27.92 -13.27 34.05
CA ALA I 63 26.88 -14.27 34.25
C ALA I 63 25.76 -13.72 35.12
N ARG I 64 26.14 -13.13 36.25
CA ARG I 64 25.19 -12.61 37.23
C ARG I 64 24.17 -11.65 36.59
N GLU I 65 24.64 -10.78 35.71
CA GLU I 65 23.78 -9.78 35.08
C GLU I 65 22.89 -10.46 34.07
N MET I 66 23.44 -11.46 33.37
CA MET I 66 22.70 -12.12 32.33
C MET I 66 21.52 -12.93 32.86
N ASP I 67 21.69 -13.64 33.97
CA ASP I 67 20.59 -14.46 34.48
C ASP I 67 19.69 -13.70 35.46
N MET I 68 20.16 -12.53 35.90
CA MET I 68 19.29 -11.52 36.49
C MET I 68 18.27 -11.05 35.44
N LEU I 69 18.72 -10.93 34.19
CA LEU I 69 17.84 -10.52 33.10
C LEU I 69 16.87 -11.63 32.72
N LEU I 70 17.41 -12.80 32.43
CA LEU I 70 16.56 -13.93 32.00
C LEU I 70 15.58 -14.36 33.09
N THR I 71 16.00 -14.33 34.35
CA THR I 71 15.10 -14.62 35.47
C THR I 71 13.92 -13.66 35.53
N ALA I 72 14.19 -12.36 35.38
CA ALA I 72 13.16 -11.33 35.40
C ALA I 72 12.07 -11.61 34.35
N GLY I 73 12.49 -11.93 33.14
CA GLY I 73 11.53 -12.21 32.08
C GLY I 73 10.66 -13.41 32.43
N GLU I 74 11.28 -14.40 33.06
CA GLU I 74 10.58 -15.64 33.44
C GLU I 74 9.70 -15.41 34.68
N ARG I 75 10.10 -14.48 35.54
CA ARG I 75 9.28 -14.08 36.67
C ARG I 75 7.95 -13.44 36.20
N ILE I 76 7.98 -12.70 35.09
CA ILE I 76 6.78 -12.06 34.54
C ILE I 76 5.67 -13.10 34.33
N SER I 77 5.95 -14.15 33.57
CA SER I 77 4.94 -15.18 33.30
C SER I 77 4.65 -16.01 34.56
N ASN I 78 5.67 -16.16 35.40
CA ASN I 78 5.54 -16.83 36.69
C ASN I 78 4.46 -16.13 37.50
N ALA I 79 4.62 -14.81 37.66
CA ALA I 79 3.69 -14.03 38.44
C ALA I 79 2.27 -14.11 37.89
N LEU I 80 2.12 -14.01 36.56
CA LEU I 80 0.80 -13.97 35.93
C LEU I 80 0.06 -15.29 35.98
N VAL I 81 0.77 -16.38 35.70
CA VAL I 81 0.21 -17.70 35.86
C VAL I 81 -0.28 -17.85 37.28
N ALA I 82 0.54 -17.42 38.24
CA ALA I 82 0.16 -17.45 39.64
C ALA I 82 -1.15 -16.69 39.86
N MET I 83 -1.29 -15.51 39.24
CA MET I 83 -2.49 -14.71 39.38
C MET I 83 -3.69 -15.48 38.83
N ALA I 84 -3.50 -16.15 37.70
CA ALA I 84 -4.57 -16.86 37.00
C ALA I 84 -5.07 -18.06 37.82
N ILE I 85 -4.12 -18.92 38.21
CA ILE I 85 -4.36 -20.03 39.14
C ILE I 85 -5.22 -19.56 40.33
N GLU I 86 -4.85 -18.40 40.86
CA GLU I 86 -5.56 -17.82 41.99
C GLU I 86 -7.00 -17.42 41.63
N SER I 87 -7.21 -16.83 40.45
CA SER I 87 -8.56 -16.42 40.04
C SER I 87 -9.41 -17.64 39.86
N LEU I 88 -8.80 -18.70 39.38
CA LEU I 88 -9.50 -19.96 39.17
C LEU I 88 -9.60 -20.83 40.43
N GLY I 89 -9.22 -20.29 41.58
CA GLY I 89 -9.48 -20.96 42.87
C GLY I 89 -8.31 -21.63 43.57
N ALA I 90 -7.34 -22.16 42.83
CA ALA I 90 -6.23 -22.87 43.45
C ALA I 90 -5.28 -21.93 44.18
N GLU I 91 -4.58 -22.47 45.18
CA GLU I 91 -3.52 -21.72 45.86
C GLU I 91 -2.18 -21.98 45.20
N ALA I 92 -1.45 -20.91 44.91
CA ALA I 92 -0.18 -21.02 44.22
C ALA I 92 0.99 -20.69 45.16
N GLN I 93 2.12 -21.33 44.94
CA GLN I 93 3.36 -21.04 45.65
C GLN I 93 4.48 -20.91 44.64
N SER I 94 5.12 -19.74 44.63
CA SER I 94 6.13 -19.41 43.63
C SER I 94 7.53 -19.65 44.18
N PHE I 95 8.39 -20.20 43.33
CA PHE I 95 9.77 -20.46 43.67
C PHE I 95 10.62 -19.90 42.53
N THR I 96 11.34 -18.83 42.82
CA THR I 96 11.97 -18.05 41.76
C THR I 96 13.34 -17.57 42.18
N PRO I 118 13.55 -28.36 46.32
CA PRO I 118 12.97 -29.71 46.24
C PRO I 118 12.17 -30.05 47.50
N GLY I 119 12.83 -29.97 48.66
CA GLY I 119 12.13 -30.02 49.93
C GLY I 119 11.17 -28.86 50.11
N ARG I 120 11.48 -27.71 49.53
CA ARG I 120 10.63 -26.52 49.66
C ARG I 120 9.37 -26.75 48.84
N VAL I 121 9.53 -27.34 47.67
CA VAL I 121 8.41 -27.67 46.80
C VAL I 121 7.49 -28.68 47.49
N ARG I 122 8.07 -29.77 48.00
CA ARG I 122 7.30 -30.80 48.70
C ARG I 122 6.48 -30.21 49.83
N GLU I 123 7.10 -29.34 50.63
CA GLU I 123 6.41 -28.65 51.73
C GLU I 123 5.18 -27.89 51.22
N ALA I 124 5.30 -27.29 50.04
CA ALA I 124 4.18 -26.56 49.45
C ALA I 124 3.10 -27.52 48.96
N LEU I 125 3.51 -28.59 48.31
CA LEU I 125 2.57 -29.58 47.77
C LEU I 125 1.77 -30.32 48.83
N ASP I 126 2.37 -30.53 50.01
CA ASP I 126 1.70 -31.23 51.12
C ASP I 126 0.49 -30.44 51.61
N GLU I 127 0.53 -29.13 51.42
CA GLU I 127 -0.67 -28.32 51.40
C GLU I 127 -1.25 -28.42 49.97
N GLY I 128 -2.46 -27.96 49.76
CA GLY I 128 -3.05 -28.04 48.40
C GLY I 128 -2.49 -27.02 47.41
N LYS I 129 -1.19 -26.75 47.50
CA LYS I 129 -0.60 -25.66 46.74
C LYS I 129 -0.04 -26.13 45.40
N ILE I 130 -0.45 -25.46 44.33
CA ILE I 130 0.14 -25.68 43.02
C ILE I 130 1.44 -24.90 43.03
N CYS I 131 2.56 -25.59 42.85
CA CYS I 131 3.87 -24.95 42.94
C CYS I 131 4.32 -24.48 41.57
N ILE I 132 4.91 -23.29 41.51
CA ILE I 132 5.29 -22.64 40.24
C ILE I 132 6.77 -22.20 40.26
N VAL I 133 7.57 -22.73 39.33
CA VAL I 133 9.02 -22.54 39.38
C VAL I 133 9.65 -22.06 38.04
N ALA I 134 10.75 -21.32 38.14
CA ALA I 134 11.33 -20.61 36.98
C ALA I 134 11.95 -21.49 35.85
N GLY I 135 13.01 -22.22 36.18
CA GLY I 135 13.80 -22.92 35.15
C GLY I 135 14.66 -21.99 34.29
N SER I 154 15.04 -25.30 30.87
CA SER I 154 13.61 -25.15 31.17
C SER I 154 12.89 -26.49 31.11
N ASP I 155 13.03 -27.20 29.99
CA ASP I 155 12.59 -28.60 29.93
C ASP I 155 13.42 -29.40 30.91
N THR I 156 14.74 -29.22 30.83
CA THR I 156 15.68 -30.00 31.62
C THR I 156 15.54 -29.73 33.11
N THR I 157 15.06 -28.53 33.46
CA THR I 157 14.86 -28.18 34.85
C THR I 157 13.52 -28.75 35.31
N ALA I 158 12.51 -28.71 34.45
CA ALA I 158 11.23 -29.37 34.77
C ALA I 158 11.48 -30.83 35.14
N VAL I 159 12.21 -31.52 34.28
CA VAL I 159 12.49 -32.94 34.46
C VAL I 159 13.42 -33.21 35.66
N ALA I 160 14.30 -32.26 35.97
CA ALA I 160 15.18 -32.36 37.14
C ALA I 160 14.37 -32.40 38.42
N LEU I 161 13.44 -31.47 38.52
CA LEU I 161 12.54 -31.38 39.67
C LEU I 161 11.67 -32.63 39.79
N ALA I 162 11.18 -33.15 38.67
CA ALA I 162 10.39 -34.38 38.66
C ALA I 162 11.18 -35.61 39.15
N ALA I 163 12.49 -35.61 38.93
CA ALA I 163 13.36 -36.70 39.39
C ALA I 163 13.69 -36.53 40.87
N ALA I 164 14.14 -35.34 41.26
CA ALA I 164 14.39 -35.03 42.67
C ALA I 164 13.17 -35.39 43.54
N LEU I 165 11.98 -35.00 43.07
CA LEU I 165 10.74 -35.22 43.82
C LEU I 165 10.10 -36.60 43.62
N ASN I 166 10.68 -37.41 42.74
CA ASN I 166 10.13 -38.73 42.41
C ASN I 166 8.70 -38.63 41.84
N ALA I 167 8.49 -37.67 40.96
CA ALA I 167 7.17 -37.45 40.35
C ALA I 167 6.73 -38.65 39.52
N ASP I 168 5.45 -38.69 39.20
CA ASP I 168 4.90 -39.80 38.40
C ASP I 168 5.05 -39.57 36.89
N VAL I 169 4.98 -38.31 36.47
CA VAL I 169 5.17 -37.95 35.05
C VAL I 169 5.45 -36.47 34.88
N CYS I 170 6.44 -36.16 34.04
CA CYS I 170 6.71 -34.79 33.67
C CYS I 170 6.18 -34.57 32.26
N GLU I 171 5.20 -33.68 32.14
CA GLU I 171 4.52 -33.38 30.87
C GLU I 171 5.10 -32.11 30.24
N ILE I 172 5.53 -32.20 28.99
CA ILE I 172 6.03 -31.04 28.26
C ILE I 172 4.98 -30.55 27.29
N TYR I 173 4.36 -29.42 27.64
CA TYR I 173 3.32 -28.82 26.83
C TYR I 173 3.94 -27.82 25.90
N SER I 174 3.57 -27.93 24.64
CA SER I 174 3.90 -26.93 23.64
C SER I 174 2.78 -27.00 22.61
N ASP I 175 3.12 -26.78 21.34
CA ASP I 175 2.16 -26.78 20.25
C ASP I 175 2.15 -28.12 19.51
N VAL I 176 3.17 -28.95 19.70
CA VAL I 176 3.22 -30.28 19.12
C VAL I 176 2.45 -31.25 20.03
N ASP I 177 1.53 -32.02 19.44
CA ASP I 177 0.67 -32.92 20.24
C ASP I 177 1.27 -34.30 20.45
N GLY I 178 2.43 -34.57 19.88
CA GLY I 178 3.12 -35.84 20.13
C GLY I 178 4.42 -35.94 19.38
N VAL I 179 5.02 -37.12 19.43
CA VAL I 179 6.15 -37.42 18.57
C VAL I 179 5.65 -38.41 17.54
N TYR I 180 5.94 -38.13 16.27
CA TYR I 180 5.39 -38.86 15.14
C TYR I 180 6.45 -39.76 14.49
N THR I 181 5.98 -40.69 13.66
CA THR I 181 6.82 -41.67 12.98
C THR I 181 7.73 -41.04 11.92
N ALA I 182 7.32 -39.87 11.44
CA ALA I 182 8.17 -38.99 10.64
C ALA I 182 7.58 -37.60 10.73
N ASP I 183 8.18 -36.63 10.05
CA ASP I 183 7.58 -35.29 9.94
C ASP I 183 6.33 -35.38 9.06
N PRO I 184 5.14 -35.05 9.61
CA PRO I 184 3.90 -35.14 8.81
C PRO I 184 3.90 -34.21 7.60
N ARG I 185 4.64 -33.10 7.69
CA ARG I 185 4.77 -32.18 6.56
C ARG I 185 5.50 -32.87 5.40
N ILE I 186 6.58 -33.59 5.73
CA ILE I 186 7.35 -34.32 4.72
C ILE I 186 6.67 -35.66 4.39
N VAL I 187 6.47 -36.50 5.40
CA VAL I 187 5.80 -37.80 5.23
C VAL I 187 4.34 -37.72 5.65
N PRO I 188 3.40 -37.81 4.69
CA PRO I 188 2.01 -37.43 4.96
C PRO I 188 1.25 -38.37 5.91
N ASN I 189 1.35 -39.69 5.70
CA ASN I 189 0.63 -40.64 6.54
C ASN I 189 1.35 -40.99 7.86
N ALA I 190 2.25 -40.10 8.29
CA ALA I 190 2.96 -40.25 9.56
C ALA I 190 1.97 -40.27 10.73
N GLN I 191 2.20 -41.19 11.67
CA GLN I 191 1.25 -41.43 12.77
C GLN I 191 1.76 -40.88 14.10
N LYS I 192 0.83 -40.61 15.01
CA LYS I 192 1.18 -40.18 16.35
C LYS I 192 1.51 -41.39 17.23
N LEU I 193 2.75 -41.49 17.68
CA LEU I 193 3.18 -42.62 18.52
C LEU I 193 2.43 -42.62 19.84
N GLU I 194 1.98 -43.79 20.27
CA GLU I 194 1.30 -43.92 21.55
C GLU I 194 2.36 -43.87 22.64
N LYS I 195 3.41 -44.66 22.48
CA LYS I 195 4.59 -44.53 23.31
C LYS I 195 5.86 -45.12 22.69
N LEU I 196 6.99 -44.70 23.24
CA LEU I 196 8.29 -45.26 22.91
C LEU I 196 9.17 -45.27 24.17
N SER I 197 10.25 -46.03 24.13
CA SER I 197 11.14 -46.12 25.26
C SER I 197 11.98 -44.87 25.39
N PHE I 198 12.55 -44.65 26.57
CA PHE I 198 13.41 -43.50 26.83
C PHE I 198 14.52 -43.38 25.81
N GLU I 199 15.19 -44.49 25.53
CA GLU I 199 16.39 -44.47 24.71
C GLU I 199 16.06 -44.37 23.20
N GLU I 200 14.86 -44.81 22.80
CA GLU I 200 14.36 -44.56 21.44
C GLU I 200 14.15 -43.07 21.23
N MET I 201 13.61 -42.41 22.25
CA MET I 201 13.41 -40.97 22.21
C MET I 201 14.73 -40.21 22.23
N LEU I 202 15.67 -40.65 23.06
CA LEU I 202 17.03 -40.13 23.07
C LEU I 202 17.66 -40.18 21.69
N GLU I 203 17.41 -41.27 20.98
CA GLU I 203 18.03 -41.49 19.68
C GLU I 203 17.31 -40.69 18.61
N LEU I 204 15.99 -40.59 18.71
CA LEU I 204 15.23 -39.75 17.78
C LEU I 204 15.60 -38.28 17.94
N ALA I 205 15.87 -37.85 19.16
CA ALA I 205 16.20 -36.47 19.45
C ALA I 205 17.63 -36.09 19.04
N ALA I 206 18.51 -37.08 18.95
CA ALA I 206 19.92 -36.83 18.68
C ALA I 206 20.19 -36.60 17.21
N VAL I 207 19.33 -37.17 16.35
CA VAL I 207 19.59 -37.23 14.92
C VAL I 207 18.56 -36.47 14.07
N GLY I 208 17.67 -35.70 14.70
CA GLY I 208 16.72 -34.90 13.92
C GLY I 208 15.64 -34.17 14.69
N SER I 209 14.87 -34.91 15.48
CA SER I 209 13.74 -34.35 16.22
C SER I 209 14.15 -33.20 17.11
N LYS I 210 13.54 -32.04 16.89
CA LYS I 210 13.79 -30.86 17.72
C LYS I 210 12.71 -30.64 18.78
N ILE I 211 11.91 -31.67 19.06
CA ILE I 211 10.75 -31.54 19.95
C ILE I 211 11.17 -31.27 21.39
N LEU I 212 11.69 -32.30 22.05
CA LEU I 212 12.16 -32.19 23.43
C LEU I 212 13.62 -31.77 23.35
N VAL I 213 14.18 -31.22 24.43
CA VAL I 213 15.61 -30.91 24.47
C VAL I 213 16.39 -32.12 24.99
N LEU I 214 17.38 -32.55 24.20
CA LEU I 214 18.11 -33.79 24.43
C LEU I 214 18.44 -34.04 25.91
N ARG I 215 19.01 -33.04 26.58
CA ARG I 215 19.45 -33.16 27.96
C ARG I 215 18.31 -33.50 28.91
N SER I 216 17.12 -32.95 28.66
CA SER I 216 15.97 -33.22 29.52
C SER I 216 15.60 -34.71 29.48
N VAL I 217 15.63 -35.30 28.29
CA VAL I 217 15.31 -36.72 28.14
C VAL I 217 16.44 -37.57 28.74
N GLU I 218 17.66 -37.04 28.75
CA GLU I 218 18.79 -37.71 29.38
C GLU I 218 18.59 -37.94 30.88
N TYR I 219 17.93 -36.98 31.55
CA TYR I 219 17.58 -37.14 32.97
C TYR I 219 16.41 -38.10 33.11
N ALA I 220 15.49 -38.05 32.15
CA ALA I 220 14.29 -38.86 32.20
C ALA I 220 14.60 -40.36 32.27
N ARG I 221 15.54 -40.84 31.47
CA ARG I 221 15.90 -42.27 31.53
C ARG I 221 16.69 -42.58 32.81
N ALA I 222 17.63 -41.70 33.17
CA ALA I 222 18.48 -41.87 34.36
C ALA I 222 17.64 -42.05 35.62
N PHE I 223 16.72 -41.12 35.87
CA PHE I 223 15.73 -41.28 36.93
C PHE I 223 14.44 -41.68 36.23
N ASN I 224 13.96 -42.89 36.52
CA ASN I 224 12.84 -43.47 35.78
C ASN I 224 11.58 -42.59 35.78
N VAL I 225 11.64 -41.51 34.99
CA VAL I 225 10.64 -40.46 35.00
C VAL I 225 9.93 -40.38 33.65
N PRO I 226 8.74 -41.00 33.52
CA PRO I 226 7.99 -40.91 32.29
C PRO I 226 7.79 -39.46 31.84
N LEU I 227 7.88 -39.21 30.54
CA LEU I 227 7.61 -37.90 29.96
C LEU I 227 6.41 -38.01 29.04
N ARG I 228 5.66 -36.92 28.88
CA ARG I 228 4.58 -36.86 27.91
C ARG I 228 4.73 -35.60 27.09
N VAL I 229 4.77 -35.76 25.77
CA VAL I 229 4.78 -34.64 24.85
C VAL I 229 3.32 -34.37 24.56
N ARG I 230 2.84 -33.18 24.94
CA ARG I 230 1.42 -32.84 24.77
C ARG I 230 1.18 -31.43 24.24
N SER I 231 0.04 -31.29 23.56
CA SER I 231 -0.43 -30.01 23.05
C SER I 231 -1.15 -29.22 24.13
N SER I 232 -0.80 -27.93 24.24
CA SER I 232 -1.51 -26.98 25.10
C SER I 232 -2.79 -26.40 24.47
N TYR I 233 -3.13 -26.82 23.26
CA TYR I 233 -4.35 -26.33 22.59
C TYR I 233 -5.44 -27.39 22.45
N SER I 234 -5.12 -28.63 22.82
CA SER I 234 -6.07 -29.74 22.74
C SER I 234 -5.98 -30.56 24.00
N ASN I 235 -7.02 -31.36 24.26
CA ASN I 235 -7.02 -32.27 25.41
C ASN I 235 -6.50 -33.66 25.01
N ASP I 236 -5.85 -33.73 23.84
CA ASP I 236 -5.28 -34.98 23.33
C ASP I 236 -4.21 -35.51 24.29
N PRO I 237 -4.23 -36.83 24.58
CA PRO I 237 -3.31 -37.37 25.60
C PRO I 237 -1.83 -37.32 25.23
N GLY I 238 -1.52 -37.14 23.95
CA GLY I 238 -0.14 -37.00 23.51
C GLY I 238 0.62 -38.31 23.46
N THR I 239 1.94 -38.22 23.55
CA THR I 239 2.81 -39.38 23.46
C THR I 239 3.56 -39.60 24.76
N LEU I 240 3.44 -40.80 25.32
CA LEU I 240 4.18 -41.17 26.51
C LEU I 240 5.58 -41.62 26.09
N ILE I 241 6.58 -41.25 26.89
CA ILE I 241 7.93 -41.81 26.77
C ILE I 241 8.22 -42.54 28.07
N ALA I 242 7.71 -43.75 28.21
CA ALA I 242 7.79 -44.48 29.48
C ALA I 242 9.13 -45.20 29.64
N GLY I 243 9.12 -46.52 29.64
CA GLY I 243 10.23 -47.30 30.20
C GLY I 243 11.41 -47.53 29.29
N SER I 244 12.28 -48.45 29.68
CA SER I 244 13.50 -48.75 28.92
C SER I 244 13.26 -49.90 27.94
N MET I 245 13.89 -49.84 26.78
CA MET I 245 13.74 -50.86 25.74
C MET I 245 14.61 -52.08 25.98
N GLU I 246 15.42 -52.05 27.03
CA GLU I 246 16.06 -53.25 27.57
C GLU I 246 15.00 -54.22 28.14
N ASP I 247 13.91 -53.66 28.65
CA ASP I 247 12.81 -54.44 29.24
C ASP I 247 11.67 -54.77 28.24
N ILE I 248 11.88 -54.48 26.95
CA ILE I 248 10.90 -54.79 25.91
C ILE I 248 11.17 -56.19 25.31
N PRO I 249 10.13 -57.04 25.21
CA PRO I 249 10.33 -58.35 24.60
C PRO I 249 10.37 -58.29 23.06
N VAL I 250 11.44 -58.80 22.46
CA VAL I 250 11.56 -58.89 21.00
C VAL I 250 10.65 -59.99 20.45
N ALA I 253 9.33 -55.39 20.75
CA ALA I 253 10.23 -54.43 20.10
C ALA I 253 9.86 -54.19 18.65
N VAL I 254 9.67 -52.93 18.27
CA VAL I 254 9.30 -52.60 16.89
C VAL I 254 10.10 -51.37 16.41
N LEU I 255 10.02 -51.04 15.13
CA LEU I 255 10.72 -49.86 14.60
C LEU I 255 9.89 -48.60 14.82
N THR I 256 10.52 -47.62 15.45
CA THR I 256 9.80 -46.51 16.07
C THR I 256 9.56 -45.29 15.16
N GLY I 257 10.53 -44.90 14.34
CA GLY I 257 10.33 -43.75 13.46
C GLY I 257 11.52 -43.33 12.62
N VAL I 258 11.25 -42.51 11.60
CA VAL I 258 12.30 -41.93 10.77
C VAL I 258 12.56 -40.50 11.22
N ALA I 259 13.83 -40.12 11.27
CA ALA I 259 14.23 -38.75 11.63
C ALA I 259 15.07 -38.16 10.52
N THR I 260 15.06 -36.84 10.41
CA THR I 260 15.69 -36.12 9.31
C THR I 260 16.33 -34.83 9.82
N ASP I 261 17.38 -34.36 9.14
CA ASP I 261 18.14 -33.19 9.59
C ASP I 261 18.94 -32.57 8.43
N LYS I 262 18.62 -31.32 8.10
CA LYS I 262 19.29 -30.60 7.00
C LYS I 262 20.03 -29.37 7.52
N SER I 263 20.25 -29.32 8.83
CA SER I 263 20.82 -28.13 9.48
C SER I 263 22.33 -28.20 9.67
N GLU I 264 22.97 -29.25 9.15
CA GLU I 264 24.32 -29.61 9.51
C GLU I 264 25.30 -29.48 8.35
N ALA I 265 26.58 -29.44 8.69
CA ALA I 265 27.66 -29.45 7.73
C ALA I 265 28.59 -30.62 8.02
N LYS I 266 29.11 -31.22 6.96
CA LYS I 266 30.11 -32.26 7.08
C LYS I 266 31.46 -31.62 6.84
N VAL I 267 32.39 -31.85 7.76
CA VAL I 267 33.78 -31.42 7.63
C VAL I 267 34.70 -32.63 7.82
N THR I 268 35.67 -32.78 6.92
CA THR I 268 36.54 -33.95 6.93
C THR I 268 38.00 -33.53 6.95
N VAL I 269 38.74 -34.00 7.96
CA VAL I 269 40.18 -33.81 7.97
C VAL I 269 40.83 -35.04 7.35
N LEU I 270 41.56 -34.85 6.25
CA LEU I 270 42.23 -35.95 5.58
C LEU I 270 43.68 -36.06 6.04
N GLY I 271 44.19 -37.29 6.12
CA GLY I 271 45.61 -37.55 6.32
C GLY I 271 46.14 -37.34 7.72
N ILE I 272 45.33 -37.68 8.73
CA ILE I 272 45.79 -37.62 10.12
C ILE I 272 46.57 -38.88 10.42
N SER I 273 47.74 -38.71 11.05
CA SER I 273 48.59 -39.85 11.38
C SER I 273 47.91 -40.74 12.40
N ASP I 274 47.93 -42.05 12.17
CA ASP I 274 47.22 -43.01 13.00
C ASP I 274 47.97 -43.30 14.32
N LYS I 275 48.18 -42.25 15.11
CA LYS I 275 48.89 -42.35 16.38
C LYS I 275 47.97 -41.94 17.51
N PRO I 276 48.24 -42.39 18.74
CA PRO I 276 47.46 -41.93 19.88
C PRO I 276 47.57 -40.41 20.08
N GLY I 277 46.47 -39.81 20.54
CA GLY I 277 46.42 -38.36 20.79
C GLY I 277 45.91 -37.53 19.63
N GLU I 278 46.17 -37.98 18.40
CA GLU I 278 45.96 -37.15 17.21
C GLU I 278 44.52 -36.66 17.05
N ALA I 279 43.54 -37.53 17.31
CA ALA I 279 42.14 -37.12 17.33
C ALA I 279 41.87 -36.10 18.44
N ALA I 280 42.59 -36.23 19.55
CA ALA I 280 42.51 -35.24 20.64
C ALA I 280 43.00 -33.86 20.18
N LYS I 281 43.90 -33.82 19.19
CA LYS I 281 44.39 -32.54 18.64
C LYS I 281 43.27 -31.81 17.91
N VAL I 282 42.55 -32.57 17.08
CA VAL I 282 41.45 -32.03 16.27
C VAL I 282 40.34 -31.46 17.13
N PHE I 283 39.81 -32.28 18.03
CA PHE I 283 38.56 -31.94 18.72
C PHE I 283 38.72 -30.97 19.88
N ARG I 284 39.89 -30.97 20.52
CA ARG I 284 40.20 -29.95 21.53
C ARG I 284 40.28 -28.60 20.82
N ALA I 285 40.98 -28.57 19.69
CA ALA I 285 41.06 -27.38 18.84
C ALA I 285 39.68 -26.87 18.47
N LEU I 286 38.79 -27.79 18.10
CA LEU I 286 37.41 -27.45 17.81
C LEU I 286 36.70 -27.10 19.11
N ALA I 287 36.92 -27.92 20.14
CA ALA I 287 36.31 -27.72 21.46
C ALA I 287 36.67 -26.37 22.07
N ASP I 288 37.91 -25.93 21.89
CA ASP I 288 38.34 -24.59 22.34
C ASP I 288 37.57 -23.44 21.66
N ALA I 289 36.88 -23.71 20.54
CA ALA I 289 36.18 -22.66 19.78
C ALA I 289 34.65 -22.71 19.91
N GLU I 290 34.14 -23.56 20.80
CA GLU I 290 32.70 -23.65 21.08
C GLU I 290 31.90 -24.27 19.93
N ILE I 291 32.58 -25.01 19.06
CA ILE I 291 31.94 -25.62 17.90
C ILE I 291 31.22 -26.88 18.37
N ASN I 292 29.91 -26.80 18.50
CA ASN I 292 29.14 -27.99 18.93
C ASN I 292 29.19 -29.03 17.82
N ILE I 293 29.67 -30.23 18.15
CA ILE I 293 29.88 -31.28 17.18
C ILE I 293 28.84 -32.38 17.39
N ASP I 294 28.15 -32.72 16.32
CA ASP I 294 26.93 -33.52 16.38
C ASP I 294 27.20 -35.00 16.16
N MET I 295 28.10 -35.31 15.22
CA MET I 295 28.44 -36.68 14.86
C MET I 295 29.91 -36.73 14.48
N VAL I 296 30.64 -37.76 14.93
CA VAL I 296 32.01 -37.99 14.47
C VAL I 296 32.23 -39.45 14.04
N LEU I 297 32.92 -39.62 12.92
CA LEU I 297 33.07 -40.91 12.26
C LEU I 297 34.49 -41.10 11.74
N GLN I 298 35.06 -42.27 12.02
CA GLN I 298 36.42 -42.62 11.59
C GLN I 298 36.59 -44.14 11.56
N ASN I 299 37.19 -44.66 10.48
CA ASN I 299 37.59 -46.05 10.38
C ASN I 299 38.90 -46.13 9.61
N VAL I 300 39.90 -46.79 10.20
CA VAL I 300 41.19 -46.95 9.55
C VAL I 300 41.28 -48.28 8.78
N PHE I 301 41.65 -48.19 7.49
CA PHE I 301 41.96 -49.34 6.65
C PHE I 301 43.42 -49.27 6.22
N SER I 302 44.25 -50.16 6.77
CA SER I 302 45.67 -50.23 6.41
C SER I 302 46.32 -51.43 7.07
N THR I 307 48.32 -42.97 8.44
CA THR I 307 47.46 -41.90 7.92
C THR I 307 46.01 -42.35 7.77
N THR I 308 45.09 -41.70 8.50
CA THR I 308 43.63 -41.90 8.33
C THR I 308 42.86 -40.58 8.32
N ASP I 309 41.56 -40.66 8.06
CA ASP I 309 40.69 -39.48 7.92
C ASP I 309 39.58 -39.49 8.96
N ILE I 310 39.22 -38.30 9.45
CA ILE I 310 38.12 -38.16 10.42
C ILE I 310 37.05 -37.21 9.89
N THR I 311 35.81 -37.69 9.89
CA THR I 311 34.67 -36.88 9.51
C THR I 311 33.89 -36.53 10.76
N PHE I 312 33.42 -35.28 10.82
CA PHE I 312 32.56 -34.83 11.90
C PHE I 312 31.46 -33.95 11.37
N THR I 313 30.35 -33.89 12.10
CA THR I 313 29.21 -33.11 11.68
C THR I 313 28.86 -32.06 12.73
N CYS I 314 28.56 -30.84 12.29
CA CYS I 314 28.25 -29.69 13.17
C CYS I 314 27.23 -28.78 12.45
N PRO I 315 26.67 -27.75 13.12
CA PRO I 315 25.73 -26.87 12.41
C PRO I 315 26.39 -26.05 11.31
N ARG I 316 25.62 -25.73 10.27
CA ARG I 316 26.12 -24.91 9.15
C ARG I 316 26.67 -23.56 9.66
N SER I 317 26.02 -23.01 10.67
CA SER I 317 26.46 -21.77 11.31
C SER I 317 27.86 -21.86 11.95
N ASP I 318 28.27 -23.06 12.38
CA ASP I 318 29.65 -23.26 12.87
C ASP I 318 30.60 -23.75 11.79
N GLY I 319 30.06 -24.11 10.64
CA GLY I 319 30.83 -24.76 9.59
C GLY I 319 32.03 -23.97 9.13
N ARG I 320 31.83 -22.67 8.90
CA ARG I 320 32.89 -21.81 8.36
C ARG I 320 34.06 -21.76 9.34
N ARG I 321 33.78 -21.24 10.54
CA ARG I 321 34.76 -21.19 11.64
C ARG I 321 35.41 -22.55 11.84
N ALA I 322 34.60 -23.60 11.91
CA ALA I 322 35.14 -24.96 12.02
C ALA I 322 36.27 -25.16 11.05
N MET I 323 35.99 -24.86 9.78
CA MET I 323 36.95 -25.10 8.70
C MET I 323 38.09 -24.08 8.78
N GLU I 324 37.76 -22.84 9.11
CA GLU I 324 38.79 -21.80 9.26
C GLU I 324 39.83 -22.16 10.31
N ILE I 325 39.38 -22.71 11.45
CA ILE I 325 40.31 -23.04 12.53
C ILE I 325 41.18 -24.24 12.15
N LEU I 326 40.56 -25.29 11.62
CA LEU I 326 41.32 -26.49 11.19
C LEU I 326 42.29 -26.20 10.05
N LYS I 327 41.97 -25.24 9.19
CA LYS I 327 42.84 -24.89 8.07
C LYS I 327 44.17 -24.28 8.52
N LYS I 328 44.19 -23.68 9.71
CA LYS I 328 45.45 -23.20 10.29
C LYS I 328 46.29 -24.35 10.84
N LEU I 329 45.64 -25.37 11.40
CA LEU I 329 46.34 -26.56 11.90
C LEU I 329 46.96 -27.41 10.78
N GLN I 330 46.40 -27.34 9.58
CA GLN I 330 46.98 -27.97 8.40
C GLN I 330 48.26 -27.24 7.99
N VAL I 331 48.17 -25.91 7.97
CA VAL I 331 49.31 -25.06 7.63
C VAL I 331 50.43 -25.25 8.65
N GLN I 332 50.08 -25.23 9.94
CA GLN I 332 51.02 -25.62 11.01
C GLN I 332 51.32 -27.10 10.84
N GLY I 333 52.25 -27.39 9.94
CA GLY I 333 52.56 -28.74 9.49
C GLY I 333 51.90 -29.88 10.23
N ASN I 334 51.13 -30.68 9.52
CA ASN I 334 50.37 -31.74 10.16
C ASN I 334 49.73 -32.71 9.17
N TRP I 335 48.45 -32.50 8.87
CA TRP I 335 47.65 -33.43 8.06
C TRP I 335 47.37 -32.81 6.69
N THR I 336 46.82 -33.61 5.77
CA THR I 336 46.89 -33.28 4.35
C THR I 336 45.85 -32.27 3.85
N ASN I 337 44.58 -32.38 4.27
CA ASN I 337 43.56 -31.42 3.88
C ASN I 337 42.33 -31.46 4.77
N VAL I 338 41.58 -30.36 4.76
CA VAL I 338 40.33 -30.27 5.49
C VAL I 338 39.21 -29.85 4.56
N LEU I 339 38.16 -30.67 4.48
CA LEU I 339 37.10 -30.52 3.50
C LEU I 339 35.83 -30.01 4.16
N TYR I 340 35.00 -29.31 3.38
CA TYR I 340 33.77 -28.70 3.89
C TYR I 340 32.61 -29.00 2.91
N ASP I 341 31.44 -29.23 3.47
CA ASP I 341 30.28 -29.67 2.71
C ASP I 341 29.03 -29.27 3.46
N ASP I 342 28.35 -28.22 3.00
CA ASP I 342 27.16 -27.73 3.69
C ASP I 342 25.85 -27.96 2.94
N GLN I 343 25.79 -29.08 2.21
CA GLN I 343 24.60 -29.49 1.49
C GLN I 343 24.30 -30.96 1.78
N VAL I 344 24.73 -31.40 2.95
CA VAL I 344 24.46 -32.75 3.41
C VAL I 344 23.26 -32.75 4.34
N GLY I 345 22.54 -33.86 4.30
CA GLY I 345 21.41 -34.11 5.17
C GLY I 345 21.55 -35.49 5.75
N LYS I 346 20.93 -35.68 6.92
CA LYS I 346 21.02 -36.92 7.68
C LYS I 346 19.63 -37.53 7.80
N VAL I 347 19.45 -38.76 7.31
CA VAL I 347 18.19 -39.45 7.49
C VAL I 347 18.42 -40.73 8.28
N SER I 348 17.53 -41.00 9.23
CA SER I 348 17.76 -42.08 10.17
C SER I 348 16.52 -42.93 10.46
N LEU I 349 16.77 -44.18 10.83
CA LEU I 349 15.74 -45.06 11.35
C LEU I 349 16.10 -45.38 12.79
N VAL I 350 15.10 -45.34 13.67
CA VAL I 350 15.30 -45.67 15.08
C VAL I 350 14.24 -46.66 15.58
N GLY I 351 14.67 -47.58 16.43
CA GLY I 351 13.78 -48.61 16.95
C GLY I 351 14.48 -49.68 17.77
N ALA I 352 13.88 -50.00 18.91
CA ALA I 352 14.29 -51.15 19.71
C ALA I 352 14.21 -52.44 18.87
N GLY I 353 13.22 -52.49 18.00
CA GLY I 353 13.02 -53.62 17.10
C GLY I 353 14.27 -54.07 16.36
N MET I 354 15.11 -53.14 15.96
CA MET I 354 16.29 -53.47 15.17
C MET I 354 17.47 -54.03 15.98
N LYS I 355 17.43 -53.93 17.30
CA LYS I 355 18.56 -54.37 18.12
C LYS I 355 18.88 -55.87 17.96
N SER I 356 17.86 -56.72 17.93
CA SER I 356 18.06 -58.17 17.78
C SER I 356 17.37 -58.77 16.55
N HIS I 357 17.06 -57.94 15.55
CA HIS I 357 16.45 -58.41 14.29
C HIS I 357 17.45 -58.23 13.15
N PRO I 358 17.85 -59.32 12.48
CA PRO I 358 18.86 -59.19 11.39
C PRO I 358 18.42 -58.46 10.10
N GLY I 359 17.12 -58.44 9.80
CA GLY I 359 16.66 -57.89 8.52
C GLY I 359 16.87 -56.41 8.27
N VAL I 360 16.91 -55.62 9.34
CA VAL I 360 16.65 -54.19 9.24
C VAL I 360 17.64 -53.35 8.41
N THR I 361 18.95 -53.48 8.63
CA THR I 361 19.90 -52.67 7.87
C THR I 361 19.73 -52.93 6.38
N ALA I 362 19.55 -54.20 6.04
CA ALA I 362 19.36 -54.62 4.65
C ALA I 362 18.15 -53.92 4.00
N GLU I 363 17.05 -53.84 4.75
CA GLU I 363 15.82 -53.20 4.24
C GLU I 363 16.00 -51.69 4.13
N PHE I 364 16.75 -51.10 5.05
CA PHE I 364 17.05 -49.66 5.00
C PHE I 364 17.78 -49.32 3.70
N MET I 365 18.87 -50.04 3.42
CA MET I 365 19.65 -49.79 2.23
C MET I 365 18.84 -50.12 0.97
N GLU I 366 18.17 -51.27 0.96
CA GLU I 366 17.28 -51.66 -0.13
C GLU I 366 16.24 -50.58 -0.43
N ALA I 367 15.71 -49.96 0.63
CA ALA I 367 14.77 -48.85 0.50
C ALA I 367 15.45 -47.64 -0.14
N LEU I 368 16.70 -47.39 0.25
CA LEU I 368 17.50 -46.33 -0.35
C LEU I 368 17.75 -46.55 -1.85
N ARG I 369 18.10 -47.79 -2.22
CA ARG I 369 18.36 -48.12 -3.62
C ARG I 369 17.17 -47.81 -4.53
N ASP I 370 16.01 -48.36 -4.18
CA ASP I 370 14.80 -48.30 -5.00
C ASP I 370 14.37 -46.88 -5.41
N VAL I 371 14.86 -45.88 -4.67
CA VAL I 371 14.81 -44.49 -5.09
C VAL I 371 16.25 -44.08 -5.34
N ASN I 372 16.63 -43.84 -6.59
CA ASN I 372 18.02 -43.55 -6.97
C ASN I 372 18.73 -42.59 -5.99
N VAL I 373 19.01 -43.09 -4.80
CA VAL I 373 19.65 -42.33 -3.75
C VAL I 373 20.91 -43.06 -3.32
N ASN I 374 22.06 -42.42 -3.52
CA ASN I 374 23.34 -42.99 -3.14
C ASN I 374 23.66 -42.69 -1.68
N ILE I 375 24.11 -43.71 -0.95
CA ILE I 375 24.54 -43.57 0.46
C ILE I 375 25.99 -43.05 0.49
N GLU I 376 26.30 -42.07 1.34
CA GLU I 376 27.63 -41.44 1.37
C GLU I 376 28.41 -41.76 2.65
N LEU I 377 27.74 -41.60 3.79
CA LEU I 377 28.27 -42.02 5.09
C LEU I 377 27.23 -42.94 5.77
N ILE I 378 27.70 -43.83 6.63
CA ILE I 378 26.81 -44.62 7.49
C ILE I 378 27.21 -44.43 8.96
N SER I 379 26.22 -44.26 9.83
CA SER I 379 26.46 -44.21 11.27
C SER I 379 25.46 -45.09 12.02
N THR I 380 25.76 -45.45 13.26
CA THR I 380 24.96 -46.46 13.96
C THR I 380 25.15 -46.45 15.47
N SER I 381 24.03 -46.46 16.20
CA SER I 381 24.00 -47.02 17.56
C SER I 381 23.38 -48.40 17.48
N GLU I 382 23.21 -49.05 18.63
CA GLU I 382 22.59 -50.37 18.66
C GLU I 382 21.14 -50.37 18.16
N ILE I 383 20.45 -49.22 18.26
CA ILE I 383 19.06 -49.12 17.85
C ILE I 383 18.80 -48.00 16.84
N ARG I 384 19.80 -47.63 16.04
CA ARG I 384 19.64 -46.59 15.02
C ARG I 384 20.52 -46.83 13.80
N ILE I 385 19.96 -46.61 12.61
CA ILE I 385 20.76 -46.50 11.38
C ILE I 385 20.67 -45.07 10.86
N SER I 386 21.82 -44.45 10.64
CA SER I 386 21.90 -43.07 10.15
C SER I 386 22.72 -43.04 8.88
N VAL I 387 22.30 -42.18 7.97
CA VAL I 387 22.89 -42.14 6.64
C VAL I 387 22.94 -40.69 6.13
N LEU I 388 24.14 -40.19 5.85
CA LEU I 388 24.29 -38.88 5.17
C LEU I 388 24.17 -38.99 3.65
N ILE I 389 23.38 -38.09 3.06
CA ILE I 389 23.09 -38.02 1.63
C ILE I 389 22.96 -36.54 1.20
N ARG I 390 22.66 -36.28 -0.07
CA ARG I 390 22.40 -34.91 -0.53
C ARG I 390 21.13 -34.39 0.13
N GLU I 391 21.16 -33.13 0.58
CA GLU I 391 19.96 -32.49 1.12
C GLU I 391 18.76 -32.60 0.17
N ASP I 392 19.01 -32.61 -1.14
CA ASP I 392 17.94 -32.70 -2.14
C ASP I 392 17.19 -34.02 -2.07
N ASP I 393 17.87 -35.07 -1.62
CA ASP I 393 17.28 -36.41 -1.56
C ASP I 393 16.61 -36.75 -0.23
N LEU I 394 16.74 -35.85 0.74
CA LEU I 394 16.29 -36.11 2.09
C LEU I 394 14.83 -36.57 2.16
N ASP I 395 13.99 -35.89 1.40
CA ASP I 395 12.54 -36.04 1.53
C ASP I 395 12.04 -37.38 1.02
N ALA I 396 12.43 -37.72 -0.21
CA ALA I 396 12.16 -39.03 -0.76
C ALA I 396 12.71 -40.09 0.18
N ALA I 397 13.93 -39.85 0.67
CA ALA I 397 14.61 -40.78 1.54
C ALA I 397 13.75 -41.15 2.76
N ALA I 398 13.31 -40.15 3.51
CA ALA I 398 12.42 -40.39 4.65
C ALA I 398 11.13 -41.09 4.19
N ARG I 399 10.64 -40.69 3.02
CA ARG I 399 9.38 -41.17 2.49
C ARG I 399 9.44 -42.65 2.13
N ALA I 400 10.50 -43.03 1.45
CA ALA I 400 10.73 -44.42 1.09
C ALA I 400 11.01 -45.27 2.33
N LEU I 401 11.82 -44.72 3.22
CA LEU I 401 12.20 -45.43 4.46
C LEU I 401 10.96 -45.70 5.30
N HIS I 402 10.06 -44.73 5.33
CA HIS I 402 8.80 -44.85 6.05
C HIS I 402 7.91 -45.96 5.47
N GLU I 403 7.56 -45.86 4.18
CA GLU I 403 6.73 -46.87 3.53
C GLU I 403 7.26 -48.30 3.72
N GLN I 404 8.57 -48.47 3.66
CA GLN I 404 9.16 -49.81 3.70
C GLN I 404 8.90 -50.54 5.03
N PHE I 405 8.98 -49.81 6.15
CA PHE I 405 8.90 -50.41 7.48
C PHE I 405 7.54 -50.29 8.19
N GLN I 406 6.55 -49.61 7.59
CA GLN I 406 5.22 -49.51 8.22
C GLN I 406 4.44 -50.78 7.98
N VAL J 9 29.58 -45.56 31.22
CA VAL J 9 30.70 -46.16 30.43
C VAL J 9 30.62 -47.69 30.40
N ALA J 10 30.79 -48.29 29.23
CA ALA J 10 30.66 -49.75 29.03
C ALA J 10 31.69 -50.31 28.06
N THR J 11 32.06 -51.58 28.26
CA THR J 11 32.99 -52.30 27.38
C THR J 11 32.35 -53.57 26.80
N ASP J 12 32.77 -53.95 25.59
CA ASP J 12 32.29 -55.15 24.90
C ASP J 12 33.44 -55.88 24.17
N LYS J 13 33.57 -57.17 24.44
CA LYS J 13 34.61 -57.99 23.82
C LYS J 13 34.01 -59.19 23.08
N SER J 14 32.84 -59.01 22.48
CA SER J 14 32.10 -60.12 21.84
C SER J 14 31.88 -59.94 20.33
N GLU J 15 32.56 -58.97 19.73
CA GLU J 15 32.34 -58.61 18.33
C GLU J 15 33.53 -58.90 17.44
N ALA J 16 33.27 -59.48 16.27
CA ALA J 16 34.25 -59.53 15.19
C ALA J 16 34.04 -58.32 14.26
N LYS J 17 35.12 -57.85 13.66
CA LYS J 17 35.08 -56.71 12.72
C LYS J 17 35.34 -57.19 11.30
N VAL J 18 34.39 -56.93 10.41
CA VAL J 18 34.57 -57.28 8.99
C VAL J 18 34.37 -56.04 8.09
N THR J 19 35.26 -55.92 7.10
CA THR J 19 35.36 -54.75 6.25
C THR J 19 35.36 -55.14 4.77
N VAL J 20 34.37 -54.68 4.03
CA VAL J 20 34.29 -54.94 2.59
C VAL J 20 34.93 -53.81 1.78
N LEU J 21 36.15 -54.04 1.31
CA LEU J 21 36.90 -53.05 0.52
C LEU J 21 36.51 -53.03 -0.97
N GLY J 22 36.44 -51.83 -1.55
CA GLY J 22 36.25 -51.65 -2.98
C GLY J 22 34.81 -51.84 -3.45
N ILE J 23 33.88 -51.30 -2.67
CA ILE J 23 32.46 -51.33 -3.01
C ILE J 23 32.16 -50.18 -3.96
N SER J 24 31.59 -50.50 -5.12
CA SER J 24 31.16 -49.48 -6.07
C SER J 24 30.26 -48.43 -5.39
N ASP J 25 30.78 -47.21 -5.25
CA ASP J 25 30.03 -46.12 -4.63
C ASP J 25 28.86 -45.73 -5.54
N LYS J 26 27.81 -46.55 -5.49
CA LYS J 26 26.66 -46.42 -6.35
C LYS J 26 25.42 -46.85 -5.59
N PRO J 27 24.27 -46.23 -5.89
CA PRO J 27 23.00 -46.59 -5.25
C PRO J 27 22.75 -48.10 -5.23
N GLY J 28 22.46 -48.63 -4.05
CA GLY J 28 22.03 -50.02 -3.91
C GLY J 28 23.14 -51.06 -3.83
N GLU J 29 24.36 -50.61 -3.62
CA GLU J 29 25.51 -51.50 -3.60
C GLU J 29 25.78 -51.97 -2.18
N ALA J 30 25.66 -51.04 -1.22
CA ALA J 30 25.74 -51.39 0.20
C ALA J 30 24.73 -52.50 0.53
N ALA J 31 23.52 -52.39 -0.04
CA ALA J 31 22.46 -53.38 0.13
C ALA J 31 22.94 -54.81 -0.11
N LYS J 32 23.58 -55.02 -1.26
CA LYS J 32 24.19 -56.29 -1.60
C LYS J 32 24.91 -56.92 -0.41
N VAL J 33 25.72 -56.14 0.29
CA VAL J 33 26.48 -56.64 1.44
C VAL J 33 25.57 -57.16 2.56
N PHE J 34 24.71 -56.29 3.04
CA PHE J 34 23.86 -56.60 4.20
C PHE J 34 22.66 -57.48 3.82
N ARG J 35 22.23 -57.42 2.56
CA ARG J 35 21.26 -58.36 2.00
C ARG J 35 21.74 -59.78 2.29
N ALA J 36 22.99 -60.06 1.90
CA ALA J 36 23.58 -61.39 2.08
C ALA J 36 23.67 -61.80 3.56
N LEU J 37 23.98 -60.84 4.42
CA LEU J 37 24.07 -61.10 5.86
C LEU J 37 22.69 -61.33 6.47
N ALA J 38 21.73 -60.51 6.08
CA ALA J 38 20.33 -60.63 6.52
C ALA J 38 19.81 -62.05 6.26
N ASP J 39 19.88 -62.47 5.01
CA ASP J 39 19.41 -63.80 4.59
C ASP J 39 20.04 -64.94 5.42
N ALA J 40 21.26 -64.71 5.91
CA ALA J 40 21.93 -65.65 6.82
C ALA J 40 21.49 -65.57 8.29
N GLU J 41 20.45 -64.77 8.58
CA GLU J 41 19.97 -64.59 9.97
C GLU J 41 21.10 -64.08 10.89
N ILE J 42 22.00 -63.29 10.30
CA ILE J 42 23.19 -62.77 10.98
C ILE J 42 22.96 -61.32 11.43
N ASN J 43 22.78 -61.14 12.74
CA ASN J 43 22.44 -59.84 13.29
C ASN J 43 23.65 -58.91 13.35
N ILE J 44 23.45 -57.65 12.94
CA ILE J 44 24.51 -56.65 12.86
C ILE J 44 24.39 -55.60 13.95
N ASP J 45 25.55 -55.07 14.37
CA ASP J 45 25.60 -53.95 15.29
C ASP J 45 26.13 -52.71 14.54
N MET J 46 27.45 -52.45 14.61
CA MET J 46 28.02 -51.24 14.01
C MET J 46 28.13 -51.37 12.51
N VAL J 47 28.07 -50.20 11.87
CA VAL J 47 28.35 -50.04 10.45
C VAL J 47 29.00 -48.69 10.28
N LEU J 48 30.10 -48.62 9.53
CA LEU J 48 30.62 -47.35 9.08
C LEU J 48 30.93 -47.43 7.61
N GLN J 49 30.93 -46.27 6.96
CA GLN J 49 31.36 -46.14 5.59
C GLN J 49 32.50 -45.13 5.50
N ASN J 50 33.42 -45.36 4.58
CA ASN J 50 34.47 -44.41 4.26
C ASN J 50 34.04 -42.97 4.44
N VAL J 51 34.74 -42.27 5.31
CA VAL J 51 34.55 -40.84 5.48
C VAL J 51 34.95 -40.09 4.21
N PHE J 52 35.83 -40.68 3.41
CA PHE J 52 36.37 -40.05 2.18
C PHE J 52 36.91 -41.09 1.21
N SER J 53 36.06 -41.50 0.27
CA SER J 53 36.43 -42.47 -0.76
C SER J 53 37.92 -42.37 -1.19
N THR J 58 34.58 -46.39 -6.34
CA THR J 58 34.65 -47.46 -5.36
C THR J 58 34.91 -46.92 -3.94
N THR J 59 34.40 -47.64 -2.94
CA THR J 59 34.62 -47.30 -1.52
C THR J 59 34.57 -48.55 -0.63
N ASP J 60 34.60 -48.36 0.70
CA ASP J 60 34.63 -49.48 1.66
C ASP J 60 33.58 -49.31 2.77
N ILE J 61 33.18 -50.43 3.37
CA ILE J 61 32.28 -50.43 4.54
C ILE J 61 32.80 -51.41 5.59
N THR J 62 32.64 -51.05 6.87
CA THR J 62 32.92 -51.97 7.95
C THR J 62 31.68 -52.19 8.78
N PHE J 63 31.51 -53.42 9.24
CA PHE J 63 30.46 -53.74 10.21
C PHE J 63 31.00 -54.63 11.31
N THR J 64 30.30 -54.62 12.43
CA THR J 64 30.62 -55.52 13.54
C THR J 64 29.46 -56.47 13.73
N CYS J 65 29.77 -57.64 14.26
CA CYS J 65 28.76 -58.67 14.49
C CYS J 65 29.24 -59.56 15.62
N PRO J 66 28.40 -60.50 16.08
CA PRO J 66 28.93 -61.48 17.03
C PRO J 66 30.12 -62.24 16.46
N ARG J 67 31.19 -62.34 17.26
CA ARG J 67 32.37 -63.15 16.89
C ARG J 67 31.96 -64.54 16.41
N SER J 68 31.08 -65.21 17.17
CA SER J 68 30.54 -66.54 16.81
C SER J 68 30.04 -66.62 15.35
N ASP J 69 29.49 -65.51 14.84
CA ASP J 69 29.02 -65.42 13.47
C ASP J 69 30.00 -64.67 12.56
N GLY J 70 31.21 -64.41 13.04
CA GLY J 70 32.17 -63.51 12.36
C GLY J 70 32.83 -64.08 11.12
N ARG J 71 33.31 -65.33 11.23
CA ARG J 71 34.00 -66.00 10.13
C ARG J 71 33.02 -66.28 8.99
N ARG J 72 31.83 -66.75 9.36
CA ARG J 72 30.75 -67.03 8.40
C ARG J 72 30.36 -65.78 7.61
N ALA J 73 30.39 -64.62 8.27
CA ALA J 73 30.08 -63.35 7.63
C ALA J 73 31.11 -63.06 6.54
N MET J 74 32.37 -63.18 6.91
CA MET J 74 33.48 -62.99 5.99
C MET J 74 33.38 -63.96 4.81
N GLU J 75 33.09 -65.23 5.11
CA GLU J 75 33.00 -66.28 4.10
C GLU J 75 31.94 -65.97 3.04
N ILE J 76 30.77 -65.52 3.49
CA ILE J 76 29.68 -65.16 2.58
C ILE J 76 30.10 -64.06 1.58
N LEU J 77 30.76 -63.02 2.10
CA LEU J 77 31.14 -61.84 1.29
C LEU J 77 32.27 -62.11 0.29
N LYS J 78 33.19 -63.02 0.62
CA LYS J 78 34.27 -63.39 -0.31
C LYS J 78 33.74 -64.12 -1.53
N LYS J 79 32.57 -64.75 -1.40
CA LYS J 79 31.94 -65.50 -2.50
C LYS J 79 31.47 -64.58 -3.63
N LEU J 80 30.78 -63.50 -3.25
CA LEU J 80 30.36 -62.47 -4.22
C LEU J 80 31.36 -61.32 -4.33
N GLN J 81 32.63 -61.61 -4.02
CA GLN J 81 33.76 -60.81 -4.50
C GLN J 81 34.37 -61.58 -5.67
N VAL J 82 34.57 -62.89 -5.47
CA VAL J 82 35.12 -63.78 -6.50
C VAL J 82 34.18 -63.91 -7.70
N GLN J 83 32.87 -63.75 -7.45
CA GLN J 83 31.85 -63.79 -8.50
C GLN J 83 30.96 -62.55 -8.42
N TRP J 86 33.19 -56.60 -5.51
CA TRP J 86 34.19 -55.80 -4.82
C TRP J 86 35.54 -56.50 -4.73
N THR J 87 36.57 -55.78 -4.28
CA THR J 87 37.95 -56.26 -4.37
C THR J 87 38.39 -57.14 -3.19
N ASN J 88 38.12 -56.72 -1.96
CA ASN J 88 38.62 -57.41 -0.76
C ASN J 88 37.59 -57.48 0.37
N VAL J 89 37.65 -58.53 1.18
CA VAL J 89 36.92 -58.57 2.47
C VAL J 89 37.93 -58.97 3.56
N LEU J 90 38.05 -58.15 4.60
CA LEU J 90 39.00 -58.40 5.70
C LEU J 90 38.27 -58.76 6.99
N TYR J 91 39.00 -59.35 7.93
CA TYR J 91 38.43 -59.84 9.18
C TYR J 91 39.38 -59.63 10.37
N ASP J 92 38.81 -59.44 11.55
CA ASP J 92 39.57 -59.13 12.74
C ASP J 92 38.67 -59.35 13.94
N ASP J 93 39.00 -60.32 14.78
CA ASP J 93 38.15 -60.72 15.91
C ASP J 93 38.74 -60.40 17.29
N GLN J 94 39.80 -59.61 17.35
CA GLN J 94 40.36 -59.18 18.63
C GLN J 94 40.11 -57.68 18.84
N VAL J 95 38.92 -57.22 18.44
CA VAL J 95 38.50 -55.83 18.62
C VAL J 95 37.60 -55.68 19.85
N GLY J 96 37.83 -54.62 20.61
CA GLY J 96 36.97 -54.25 21.74
C GLY J 96 36.22 -52.97 21.46
N LYS J 97 34.96 -52.90 21.92
CA LYS J 97 34.14 -51.70 21.81
C LYS J 97 33.95 -51.06 23.17
N VAL J 98 34.39 -49.81 23.31
CA VAL J 98 34.07 -49.01 24.50
C VAL J 98 33.21 -47.81 24.11
N SER J 99 32.28 -47.43 24.99
CA SER J 99 31.37 -46.33 24.74
C SER J 99 31.18 -45.47 25.99
N LEU J 100 30.97 -44.17 25.77
CA LEU J 100 30.57 -43.24 26.84
C LEU J 100 29.15 -42.74 26.54
N VAL J 101 28.21 -43.04 27.43
CA VAL J 101 26.79 -42.69 27.25
C VAL J 101 26.35 -41.58 28.21
N GLY J 102 25.42 -40.74 27.76
CA GLY J 102 24.93 -39.62 28.55
C GLY J 102 24.34 -38.51 27.70
N GLY J 110 34.06 -30.28 24.24
CA GLY J 110 34.49 -30.74 25.56
C GLY J 110 34.43 -32.25 25.72
N VAL J 111 33.22 -32.79 25.81
CA VAL J 111 33.01 -34.22 26.06
C VAL J 111 33.80 -35.12 25.10
N THR J 112 33.58 -34.93 23.81
CA THR J 112 34.32 -35.65 22.77
C THR J 112 35.84 -35.49 22.93
N ALA J 113 36.30 -34.26 23.17
CA ALA J 113 37.73 -33.99 23.36
C ALA J 113 38.33 -34.80 24.50
N GLU J 114 37.71 -34.71 25.67
CA GLU J 114 38.18 -35.40 26.87
C GLU J 114 38.19 -36.91 26.68
N PHE J 115 37.15 -37.44 26.04
CA PHE J 115 37.11 -38.86 25.72
C PHE J 115 38.36 -39.22 24.93
N MET J 116 38.66 -38.43 23.91
CA MET J 116 39.86 -38.64 23.10
C MET J 116 41.10 -38.52 24.00
N GLU J 117 41.18 -37.43 24.75
CA GLU J 117 42.37 -37.13 25.55
C GLU J 117 42.65 -38.14 26.66
N ALA J 118 41.60 -38.75 27.20
CA ALA J 118 41.77 -39.72 28.28
C ALA J 118 42.44 -41.01 27.78
N LEU J 119 42.05 -41.45 26.59
CA LEU J 119 42.57 -42.70 26.01
C LEU J 119 43.99 -42.54 25.45
N ARG J 120 44.39 -41.32 25.16
CA ARG J 120 45.73 -41.05 24.63
C ARG J 120 46.78 -40.83 25.72
N ASP J 121 46.33 -40.53 26.94
CA ASP J 121 47.26 -40.43 28.07
C ASP J 121 47.76 -41.83 28.46
N VAL J 122 46.85 -42.81 28.37
CA VAL J 122 47.20 -44.21 28.56
C VAL J 122 47.68 -44.90 27.27
N ASN J 123 47.92 -44.10 26.22
CA ASN J 123 48.49 -44.59 24.95
C ASN J 123 47.68 -45.70 24.27
N VAL J 124 46.36 -45.54 24.26
CA VAL J 124 45.48 -46.45 23.52
C VAL J 124 45.02 -45.78 22.21
N ASN J 125 45.26 -46.49 21.11
CA ASN J 125 44.96 -46.00 19.77
C ASN J 125 43.51 -46.26 19.42
N ILE J 126 42.77 -45.21 19.04
CA ILE J 126 41.42 -45.36 18.54
C ILE J 126 41.45 -45.80 17.08
N GLU J 127 40.78 -46.90 16.77
CA GLU J 127 40.77 -47.47 15.42
C GLU J 127 39.52 -47.04 14.66
N LEU J 128 38.36 -47.27 15.25
CA LEU J 128 37.09 -46.78 14.70
C LEU J 128 36.41 -45.89 15.74
N ILE J 129 35.87 -44.77 15.26
CA ILE J 129 35.05 -43.87 16.07
C ILE J 129 33.67 -43.78 15.44
N SER J 130 32.63 -43.81 16.27
CA SER J 130 31.26 -43.59 15.81
C SER J 130 30.44 -43.01 16.94
N THR J 131 29.98 -41.77 16.76
CA THR J 131 29.35 -41.03 17.84
C THR J 131 28.08 -40.32 17.42
N SER J 132 27.25 -40.03 18.41
CA SER J 132 26.09 -39.14 18.32
C SER J 132 26.17 -38.20 19.50
N GLU J 133 25.15 -37.37 19.68
CA GLU J 133 25.08 -36.46 20.81
C GLU J 133 24.72 -37.16 22.13
N ILE J 134 24.37 -38.45 22.07
CA ILE J 134 24.00 -39.22 23.25
C ILE J 134 24.99 -40.34 23.58
N ARG J 135 26.01 -40.54 22.75
CA ARG J 135 26.94 -41.65 22.96
C ARG J 135 28.21 -41.51 22.15
N ILE J 136 29.36 -41.80 22.77
CA ILE J 136 30.63 -41.90 22.06
C ILE J 136 31.09 -43.36 22.04
N SER J 137 30.94 -44.03 20.89
CA SER J 137 31.42 -45.41 20.71
C SER J 137 32.73 -45.43 19.95
N VAL J 138 33.64 -46.34 20.34
CA VAL J 138 34.92 -46.51 19.66
C VAL J 138 35.35 -47.99 19.62
N LEU J 139 36.19 -48.31 18.63
CA LEU J 139 36.78 -49.62 18.53
C LEU J 139 38.28 -49.53 18.78
N ILE J 140 38.75 -50.48 19.58
CA ILE J 140 40.09 -50.47 20.15
C ILE J 140 40.59 -51.91 20.14
N ARG J 141 41.89 -52.11 20.34
CA ARG J 141 42.41 -53.47 20.54
C ARG J 141 41.79 -54.07 21.78
N GLU J 142 41.36 -55.32 21.69
CA GLU J 142 40.76 -56.00 22.84
C GLU J 142 41.67 -55.92 24.07
N ASP J 143 42.99 -56.05 23.83
CA ASP J 143 44.00 -55.91 24.89
C ASP J 143 43.82 -54.63 25.74
N ASP J 144 43.60 -53.50 25.07
CA ASP J 144 43.57 -52.20 25.73
C ASP J 144 42.18 -51.79 26.28
N LEU J 145 41.32 -52.77 26.55
CA LEU J 145 39.94 -52.49 27.01
C LEU J 145 39.85 -52.03 28.47
N ASP J 146 40.59 -52.69 29.36
CA ASP J 146 40.56 -52.36 30.79
C ASP J 146 41.26 -51.05 31.11
N ALA J 147 42.38 -50.80 30.42
CA ALA J 147 42.94 -49.45 30.35
C ALA J 147 41.97 -48.68 29.47
N ALA J 148 42.10 -47.35 29.41
CA ALA J 148 41.12 -46.54 28.69
C ALA J 148 39.82 -46.46 29.49
N ALA J 149 39.12 -47.59 29.60
CA ALA J 149 37.93 -47.71 30.44
C ALA J 149 38.20 -47.23 31.86
N ARG J 150 39.38 -47.55 32.39
CA ARG J 150 39.83 -47.04 33.69
C ARG J 150 40.08 -45.53 33.62
N ALA J 151 40.84 -45.12 32.61
CA ALA J 151 41.11 -43.71 32.36
C ALA J 151 39.82 -42.89 32.29
N LEU J 152 38.79 -43.45 31.64
CA LEU J 152 37.54 -42.73 31.40
C LEU J 152 36.71 -42.44 32.65
N HIS J 153 36.89 -43.23 33.71
CA HIS J 153 36.26 -42.92 35.00
C HIS J 153 37.06 -41.85 35.73
N ALA K 2 30.96 14.08 45.51
CA ALA K 2 29.81 13.97 46.46
C ALA K 2 29.14 12.57 46.33
N LEU K 3 28.05 12.37 47.06
CA LEU K 3 27.21 11.18 46.95
C LEU K 3 25.91 11.54 46.22
N VAL K 4 25.79 11.10 44.97
CA VAL K 4 24.65 11.48 44.14
C VAL K 4 23.84 10.26 43.76
N VAL K 5 22.55 10.27 44.14
CA VAL K 5 21.61 9.20 43.80
C VAL K 5 20.82 9.61 42.56
N GLN K 6 20.62 8.66 41.63
CA GLN K 6 20.05 8.95 40.32
C GLN K 6 18.92 7.99 39.95
N LYS K 7 17.76 8.52 39.59
CA LYS K 7 16.65 7.71 39.13
C LYS K 7 16.31 8.05 37.70
N TYR K 8 16.17 7.02 36.87
CA TYR K 8 15.83 7.19 35.46
C TYR K 8 14.46 6.59 35.16
N GLY K 9 13.60 7.35 34.50
CA GLY K 9 12.23 6.90 34.20
C GLY K 9 12.17 6.02 32.96
N GLY K 10 10.99 5.46 32.69
CA GLY K 10 10.77 4.56 31.56
C GLY K 10 11.24 5.10 30.23
N SER K 11 10.92 6.35 29.94
CA SER K 11 11.36 6.99 28.68
C SER K 11 12.90 7.05 28.56
N SER K 12 13.57 7.35 29.67
CA SER K 12 15.05 7.37 29.69
C SER K 12 15.68 6.03 29.34
N LEU K 13 14.94 4.94 29.56
CA LEU K 13 15.43 3.59 29.34
C LEU K 13 14.63 2.83 28.30
N GLU K 14 14.06 3.51 27.31
CA GLU K 14 13.13 2.86 26.34
C GLU K 14 13.79 1.96 25.28
N SER K 15 15.11 2.02 25.15
CA SER K 15 15.83 1.31 24.07
C SER K 15 17.29 1.06 24.43
N ALA K 16 17.93 0.14 23.74
CA ALA K 16 19.35 -0.10 23.96
C ALA K 16 20.15 1.21 23.88
N GLU K 17 19.95 1.98 22.81
CA GLU K 17 20.72 3.21 22.61
C GLU K 17 20.49 4.23 23.74
N ARG K 18 19.26 4.33 24.24
CA ARG K 18 18.97 5.23 25.36
C ARG K 18 19.50 4.66 26.68
N ILE K 19 19.53 3.34 26.80
CA ILE K 19 20.12 2.67 27.96
C ILE K 19 21.63 2.90 27.96
N ARG K 20 22.23 2.87 26.78
CA ARG K 20 23.66 3.19 26.64
C ARG K 20 23.91 4.66 26.95
N ASN K 21 22.97 5.52 26.56
CA ASN K 21 23.03 6.95 26.82
C ASN K 21 23.00 7.26 28.31
N VAL K 22 22.26 6.44 29.05
CA VAL K 22 22.18 6.52 30.51
C VAL K 22 23.47 6.02 31.18
N ALA K 23 24.07 4.98 30.61
CA ALA K 23 25.36 4.47 31.11
C ALA K 23 26.42 5.56 31.01
N GLU K 24 26.56 6.11 29.81
CA GLU K 24 27.51 7.18 29.50
C GLU K 24 27.57 8.25 30.58
N ARG K 25 26.39 8.58 31.13
CA ARG K 25 26.23 9.65 32.09
C ARG K 25 26.27 9.17 33.55
N ILE K 26 25.92 7.90 33.79
CA ILE K 26 26.16 7.33 35.12
C ILE K 26 27.68 7.29 35.36
N VAL K 27 28.43 6.93 34.33
CA VAL K 27 29.88 6.88 34.42
C VAL K 27 30.49 8.29 34.42
N ALA K 28 30.02 9.16 33.54
CA ALA K 28 30.52 10.53 33.48
C ALA K 28 30.43 11.16 34.86
N THR K 29 29.32 10.89 35.54
CA THR K 29 29.06 11.36 36.90
C THR K 29 30.07 10.78 37.89
N LYS K 30 30.41 9.50 37.73
CA LYS K 30 31.48 8.90 38.52
C LYS K 30 32.81 9.64 38.28
N LYS K 31 33.18 9.79 37.01
CA LYS K 31 34.43 10.46 36.62
C LYS K 31 34.52 11.93 37.05
N ALA K 32 33.40 12.59 37.30
CA ALA K 32 33.41 13.98 37.78
C ALA K 32 33.96 14.09 39.21
N GLY K 33 33.82 13.01 39.97
CA GLY K 33 34.28 12.96 41.36
C GLY K 33 33.12 12.65 42.29
N ASN K 34 32.34 11.63 41.96
CA ASN K 34 31.13 11.31 42.70
C ASN K 34 30.97 9.83 42.96
N ASP K 35 30.41 9.51 44.12
CA ASP K 35 29.86 8.19 44.36
C ASP K 35 28.44 8.26 43.84
N VAL K 36 28.03 7.23 43.10
CA VAL K 36 26.74 7.25 42.44
C VAL K 36 26.01 5.90 42.56
N VAL K 37 24.77 5.97 43.05
CA VAL K 37 23.85 4.83 43.15
C VAL K 37 22.59 5.14 42.33
N VAL K 38 22.22 4.22 41.46
CA VAL K 38 21.15 4.49 40.50
C VAL K 38 19.96 3.57 40.72
N VAL K 39 18.78 4.12 40.44
CA VAL K 39 17.53 3.38 40.47
C VAL K 39 16.84 3.54 39.13
N CYS K 40 16.39 2.42 38.58
CA CYS K 40 15.84 2.39 37.23
C CYS K 40 14.37 1.99 37.28
N SER K 41 13.57 2.65 36.44
CA SER K 41 12.21 2.23 36.14
C SER K 41 12.27 1.18 35.08
N ALA K 42 11.17 0.44 34.92
CA ALA K 42 11.01 -0.52 33.84
C ALA K 42 11.06 0.22 32.51
N MET K 43 11.48 -0.49 31.45
CA MET K 43 11.78 0.15 30.17
C MET K 43 10.54 0.73 29.53
N GLY K 44 10.64 1.98 29.07
CA GLY K 44 9.56 2.63 28.34
C GLY K 44 8.22 2.57 29.06
N ASP K 45 7.31 1.76 28.52
CA ASP K 45 5.93 1.67 29.01
C ASP K 45 5.68 0.33 29.69
N THR K 46 6.72 -0.48 29.84
CA THR K 46 6.50 -1.86 30.25
C THR K 46 5.65 -1.94 31.53
N THR K 47 5.77 -0.98 32.43
CA THR K 47 4.96 -0.98 33.68
C THR K 47 3.45 -0.93 33.42
N ASP K 48 3.05 -0.08 32.47
CA ASP K 48 1.64 0.04 32.08
C ASP K 48 1.16 -1.23 31.37
N GLU K 49 2.03 -1.81 30.56
CA GLU K 49 1.71 -3.03 29.84
C GLU K 49 1.55 -4.21 30.79
N LEU K 50 2.38 -4.25 31.82
CA LEU K 50 2.33 -5.32 32.84
C LEU K 50 1.06 -5.24 33.68
N LEU K 51 0.73 -4.05 34.15
CA LEU K 51 -0.55 -3.75 34.81
C LEU K 51 -1.76 -4.14 33.95
N GLU K 52 -1.62 -3.98 32.63
CA GLU K 52 -2.66 -4.36 31.68
C GLU K 52 -2.79 -5.88 31.64
N LEU K 53 -1.65 -6.56 31.52
CA LEU K 53 -1.63 -8.02 31.44
C LEU K 53 -2.12 -8.62 32.74
N ALA K 54 -1.70 -8.04 33.85
CA ALA K 54 -2.15 -8.45 35.16
C ALA K 54 -3.67 -8.37 35.23
N ALA K 55 -4.23 -7.24 34.82
CA ALA K 55 -5.67 -7.00 34.86
C ALA K 55 -6.43 -8.06 34.08
N ALA K 56 -5.97 -8.34 32.87
CA ALA K 56 -6.64 -9.30 31.99
C ALA K 56 -6.55 -10.73 32.56
N VAL K 57 -5.45 -11.00 33.25
CA VAL K 57 -5.12 -12.32 33.73
C VAL K 57 -5.88 -12.61 35.04
N ASN K 58 -6.04 -11.55 35.82
CA ASN K 58 -6.77 -11.60 37.06
C ASN K 58 -7.28 -10.19 37.31
N PRO K 59 -8.60 -9.99 37.28
CA PRO K 59 -9.02 -8.67 37.74
C PRO K 59 -8.81 -8.74 39.24
N VAL K 60 -8.47 -7.65 39.89
CA VAL K 60 -8.03 -7.75 41.29
C VAL K 60 -6.75 -8.59 41.48
N PRO K 61 -5.65 -8.22 40.81
CA PRO K 61 -4.38 -8.88 41.10
C PRO K 61 -4.04 -8.88 42.60
N PRO K 62 -3.74 -10.06 43.17
CA PRO K 62 -3.22 -10.06 44.54
C PRO K 62 -1.84 -9.38 44.62
N ALA K 63 -1.64 -8.65 45.72
CA ALA K 63 -0.50 -7.76 45.91
C ALA K 63 0.87 -8.44 45.76
N ARG K 64 0.98 -9.67 46.25
CA ARG K 64 2.25 -10.39 46.24
C ARG K 64 2.72 -10.62 44.80
N GLU K 65 1.84 -11.25 44.01
CA GLU K 65 2.17 -11.59 42.64
C GLU K 65 2.32 -10.32 41.82
N MET K 66 1.57 -9.29 42.18
CA MET K 66 1.75 -7.96 41.57
C MET K 66 3.12 -7.37 41.85
N ASP K 67 3.57 -7.47 43.09
CA ASP K 67 4.88 -6.98 43.46
C ASP K 67 5.95 -7.76 42.73
N MET K 68 5.75 -9.08 42.63
CA MET K 68 6.63 -9.95 41.85
C MET K 68 6.70 -9.47 40.40
N LEU K 69 5.55 -9.15 39.82
CA LEU K 69 5.44 -8.78 38.41
C LEU K 69 6.26 -7.52 38.10
N LEU K 70 6.01 -6.45 38.85
CA LEU K 70 6.65 -5.15 38.59
C LEU K 70 8.14 -5.12 38.98
N THR K 71 8.51 -5.79 40.07
CA THR K 71 9.92 -5.93 40.45
C THR K 71 10.66 -6.51 39.26
N ALA K 72 10.09 -7.55 38.67
CA ALA K 72 10.69 -8.23 37.53
C ALA K 72 10.91 -7.24 36.38
N GLY K 73 9.88 -6.47 36.05
CA GLY K 73 10.02 -5.41 35.04
C GLY K 73 11.15 -4.44 35.36
N GLU K 74 11.27 -4.06 36.64
CA GLU K 74 12.34 -3.18 37.08
C GLU K 74 13.70 -3.85 36.96
N ARG K 75 13.75 -5.15 37.20
CA ARG K 75 15.01 -5.90 37.21
C ARG K 75 15.58 -6.03 35.80
N ILE K 76 14.71 -6.10 34.81
CA ILE K 76 15.16 -6.17 33.43
C ILE K 76 15.92 -4.89 33.15
N SER K 77 15.29 -3.78 33.49
CA SER K 77 15.88 -2.48 33.25
C SER K 77 17.25 -2.33 33.94
N ASN K 78 17.32 -2.73 35.21
CA ASN K 78 18.55 -2.59 35.99
C ASN K 78 19.67 -3.50 35.50
N ALA K 79 19.36 -4.78 35.31
CA ALA K 79 20.32 -5.73 34.76
C ALA K 79 21.02 -5.16 33.52
N LEU K 80 20.23 -4.56 32.62
CA LEU K 80 20.75 -4.00 31.37
C LEU K 80 21.60 -2.75 31.57
N VAL K 81 21.16 -1.89 32.50
CA VAL K 81 21.93 -0.67 32.78
C VAL K 81 23.31 -1.05 33.35
N ALA K 82 23.32 -2.07 34.20
CA ALA K 82 24.56 -2.63 34.74
C ALA K 82 25.46 -3.13 33.61
N MET K 83 24.85 -3.79 32.63
CA MET K 83 25.62 -4.30 31.50
C MET K 83 26.25 -3.16 30.70
N ALA K 84 25.51 -2.07 30.50
CA ALA K 84 26.03 -0.90 29.78
C ALA K 84 27.19 -0.24 30.51
N ILE K 85 27.07 -0.13 31.84
CA ILE K 85 28.15 0.41 32.67
C ILE K 85 29.43 -0.44 32.54
N GLU K 86 29.27 -1.74 32.78
CA GLU K 86 30.40 -2.65 32.88
C GLU K 86 31.22 -2.60 31.58
N SER K 87 30.55 -2.50 30.44
CA SER K 87 31.24 -2.47 29.15
C SER K 87 31.91 -1.12 28.90
N LEU K 88 31.50 -0.10 29.66
CA LEU K 88 31.99 1.26 29.47
C LEU K 88 33.22 1.56 30.33
N GLY K 89 33.73 0.54 31.03
CA GLY K 89 34.97 0.69 31.78
C GLY K 89 34.80 0.88 33.27
N ALA K 90 33.56 1.06 33.73
CA ALA K 90 33.24 1.08 35.16
C ALA K 90 32.73 -0.29 35.55
N GLU K 91 32.47 -0.51 36.84
CA GLU K 91 31.91 -1.80 37.30
C GLU K 91 30.77 -1.56 38.27
N ALA K 92 29.67 -2.26 38.03
CA ALA K 92 28.43 -2.09 38.79
C ALA K 92 28.16 -3.28 39.68
N GLN K 93 27.29 -3.07 40.66
CA GLN K 93 26.80 -4.13 41.54
C GLN K 93 25.32 -3.90 41.78
N SER K 94 24.58 -4.99 41.89
CA SER K 94 23.14 -4.91 42.00
C SER K 94 22.66 -5.30 43.39
N PHE K 95 21.56 -4.68 43.80
CA PHE K 95 20.92 -4.97 45.07
C PHE K 95 19.44 -5.13 44.80
N THR K 96 18.82 -6.09 45.47
CA THR K 96 17.39 -6.35 45.30
C THR K 96 16.86 -7.25 46.41
N GLY K 119 24.07 0.36 54.04
CA GLY K 119 25.28 -0.21 54.66
C GLY K 119 26.05 -1.11 53.70
N ARG K 120 25.37 -2.16 53.26
CA ARG K 120 25.91 -3.08 52.24
C ARG K 120 26.22 -2.30 50.95
N VAL K 121 25.40 -1.28 50.68
CA VAL K 121 25.60 -0.38 49.55
C VAL K 121 26.82 0.54 49.77
N ARG K 122 27.00 1.02 51.00
CA ARG K 122 28.18 1.81 51.36
C ARG K 122 29.45 0.95 51.32
N GLU K 123 29.28 -0.37 51.47
CA GLU K 123 30.38 -1.32 51.28
C GLU K 123 30.83 -1.34 49.81
N ALA K 124 29.89 -1.19 48.89
CA ALA K 124 30.17 -1.19 47.46
C ALA K 124 30.64 0.17 46.96
N LEU K 125 29.97 1.24 47.39
CA LEU K 125 30.36 2.60 47.04
C LEU K 125 31.84 2.78 47.30
N ASP K 126 32.24 2.53 48.54
CA ASP K 126 33.66 2.43 48.89
C ASP K 126 34.18 1.17 48.22
N GLU K 127 35.02 1.35 47.21
CA GLU K 127 35.44 0.33 46.23
C GLU K 127 35.29 0.84 44.79
N GLY K 128 34.64 2.00 44.62
CA GLY K 128 34.42 2.59 43.32
C GLY K 128 33.27 1.99 42.53
N LYS K 129 32.39 1.23 43.19
CA LYS K 129 31.25 0.61 42.51
C LYS K 129 30.14 1.64 42.30
N ILE K 130 29.49 1.53 41.15
CA ILE K 130 28.22 2.18 40.90
C ILE K 130 27.13 1.18 41.29
N CYS K 131 26.32 1.54 42.28
CA CYS K 131 25.35 0.63 42.84
C CYS K 131 23.97 0.85 42.21
N ILE K 132 23.40 -0.21 41.64
CA ILE K 132 22.06 -0.14 41.06
C ILE K 132 21.15 -0.94 41.96
N VAL K 133 19.96 -0.42 42.24
CA VAL K 133 19.13 -0.99 43.28
C VAL K 133 17.64 -0.81 42.98
N ALA K 134 16.93 -1.94 42.94
CA ALA K 134 15.47 -1.95 42.83
C ALA K 134 14.87 -1.91 44.23
N THR K 143 9.12 8.99 60.95
CA THR K 143 8.59 8.15 59.87
C THR K 143 8.17 6.75 60.36
N ARG K 144 8.33 6.47 61.66
CA ARG K 144 7.74 5.26 62.25
C ARG K 144 6.23 5.49 62.39
N ASP K 145 5.87 6.71 62.80
CA ASP K 145 4.49 7.12 62.97
C ASP K 145 3.94 7.66 61.65
N VAL K 146 4.02 6.85 60.60
CA VAL K 146 3.32 7.11 59.35
C VAL K 146 2.66 5.82 58.88
N THR K 147 1.59 5.98 58.11
CA THR K 147 0.85 4.86 57.56
C THR K 147 0.94 4.91 56.06
N THR K 148 1.52 3.86 55.48
CA THR K 148 1.75 3.82 54.05
C THR K 148 0.67 2.97 53.38
N LEU K 149 0.52 3.19 52.08
CA LEU K 149 -0.53 2.58 51.29
C LEU K 149 0.04 2.22 49.93
N GLY K 150 -0.27 1.01 49.46
CA GLY K 150 0.10 0.57 48.13
C GLY K 150 1.58 0.25 47.99
N ARG K 151 1.98 -0.08 46.76
CA ARG K 151 3.34 -0.51 46.48
C ARG K 151 4.28 0.66 46.25
N GLY K 152 5.44 0.59 46.89
CA GLY K 152 6.49 1.57 46.70
C GLY K 152 7.01 1.51 45.27
N GLY K 153 7.26 2.67 44.70
CA GLY K 153 7.83 2.78 43.37
C GLY K 153 9.28 3.22 43.40
N SER K 154 9.82 3.41 42.22
CA SER K 154 11.22 3.72 42.01
C SER K 154 11.59 5.09 42.58
N ASP K 155 10.74 6.09 42.37
CA ASP K 155 10.94 7.42 42.94
C ASP K 155 11.17 7.33 44.43
N THR K 156 10.24 6.66 45.12
CA THR K 156 10.29 6.56 46.58
C THR K 156 11.50 5.76 47.02
N THR K 157 11.81 4.70 46.26
CA THR K 157 13.02 3.95 46.49
C THR K 157 14.25 4.85 46.37
N ALA K 158 14.36 5.62 45.29
CA ALA K 158 15.52 6.51 45.10
C ALA K 158 15.66 7.54 46.23
N VAL K 159 14.53 8.11 46.65
CA VAL K 159 14.50 9.12 47.71
C VAL K 159 14.82 8.52 49.09
N ALA K 160 14.26 7.35 49.38
CA ALA K 160 14.58 6.60 50.61
C ALA K 160 16.07 6.32 50.70
N LEU K 161 16.64 5.92 49.57
CA LEU K 161 18.03 5.53 49.48
C LEU K 161 18.95 6.75 49.52
N ALA K 162 18.44 7.93 49.22
CA ALA K 162 19.20 9.16 49.44
C ALA K 162 19.04 9.62 50.89
N ALA K 163 17.90 9.30 51.49
CA ALA K 163 17.64 9.58 52.92
C ALA K 163 18.66 8.88 53.81
N ALA K 164 18.53 7.55 53.95
CA ALA K 164 19.63 6.74 54.45
C ALA K 164 20.71 6.88 53.40
N LEU K 165 21.96 7.00 53.81
CA LEU K 165 23.09 7.31 52.90
C LEU K 165 23.43 8.80 52.90
N ASN K 166 22.49 9.64 53.30
CA ASN K 166 22.73 11.10 53.38
C ASN K 166 23.24 11.69 52.07
N ALA K 167 22.66 11.27 50.95
CA ALA K 167 23.09 11.74 49.64
C ALA K 167 23.02 13.27 49.57
N ASP K 168 23.88 13.88 48.75
CA ASP K 168 23.89 15.32 48.57
C ASP K 168 22.78 15.81 47.63
N VAL K 169 22.33 14.93 46.75
CA VAL K 169 21.17 15.20 45.89
C VAL K 169 20.62 13.92 45.31
N CYS K 170 19.29 13.85 45.21
CA CYS K 170 18.62 12.78 44.49
C CYS K 170 18.11 13.30 43.14
N GLU K 171 18.83 12.98 42.07
CA GLU K 171 18.47 13.46 40.75
C GLU K 171 17.38 12.57 40.13
N ILE K 172 16.32 13.20 39.62
CA ILE K 172 15.25 12.48 38.93
C ILE K 172 15.34 12.80 37.44
N TYR K 173 15.57 11.77 36.63
CA TYR K 173 15.81 11.96 35.22
C TYR K 173 14.63 11.52 34.42
N SER K 174 14.22 12.39 33.50
CA SER K 174 13.09 12.14 32.61
C SER K 174 13.35 12.83 31.28
N ASP K 175 12.31 12.88 30.43
CA ASP K 175 12.36 13.72 29.24
C ASP K 175 11.96 15.16 29.61
N VAL K 176 11.38 15.31 30.80
CA VAL K 176 11.20 16.62 31.41
C VAL K 176 12.53 17.16 31.91
N ASP K 177 12.84 18.40 31.55
CA ASP K 177 14.15 19.00 31.88
C ASP K 177 14.09 19.93 33.09
N GLY K 178 12.99 19.91 33.82
CA GLY K 178 12.79 20.78 34.99
C GLY K 178 11.31 21.08 35.19
N VAL K 179 10.99 21.79 36.27
CA VAL K 179 9.62 22.21 36.50
C VAL K 179 9.55 23.72 36.24
N TYR K 180 8.49 24.10 35.51
CA TYR K 180 8.33 25.44 34.96
C TYR K 180 7.25 26.23 35.72
N THR K 181 7.15 27.52 35.42
CA THR K 181 6.12 28.38 35.99
C THR K 181 4.74 28.13 35.36
N ALA K 182 4.74 27.66 34.12
CA ALA K 182 3.52 27.18 33.47
C ALA K 182 3.96 26.27 32.33
N ASP K 183 3.04 25.47 31.79
CA ASP K 183 3.34 24.66 30.60
C ASP K 183 3.69 25.57 29.42
N PRO K 184 4.95 25.56 28.97
CA PRO K 184 5.40 26.55 27.97
C PRO K 184 4.75 26.42 26.57
N ARG K 185 4.20 25.25 26.26
CA ARG K 185 3.45 25.05 25.02
C ARG K 185 2.21 25.95 25.01
N ILE K 186 1.67 26.18 26.20
CA ILE K 186 0.52 27.05 26.41
C ILE K 186 0.95 28.48 26.71
N VAL K 187 1.93 28.63 27.61
CA VAL K 187 2.34 29.94 28.10
C VAL K 187 3.69 30.33 27.49
N PRO K 188 3.69 31.17 26.45
CA PRO K 188 4.96 31.54 25.79
C PRO K 188 6.03 32.15 26.72
N ASN K 189 5.63 32.84 27.79
CA ASN K 189 6.59 33.37 28.77
C ASN K 189 6.98 32.38 29.86
N ALA K 190 6.58 31.11 29.73
CA ALA K 190 6.85 30.11 30.77
C ALA K 190 8.35 29.99 31.00
N GLN K 191 8.74 29.92 32.27
CA GLN K 191 10.16 29.95 32.64
C GLN K 191 10.48 28.83 33.62
N LYS K 192 11.66 28.25 33.45
CA LYS K 192 12.11 27.12 34.26
C LYS K 192 12.42 27.60 35.68
N LEU K 193 11.94 26.89 36.70
CA LEU K 193 12.28 27.24 38.10
C LEU K 193 13.70 26.79 38.44
N GLU K 194 14.41 27.63 39.18
CA GLU K 194 15.75 27.27 39.66
C GLU K 194 15.61 26.46 40.93
N LYS K 195 14.71 26.90 41.79
CA LYS K 195 14.51 26.26 43.10
C LYS K 195 13.07 26.46 43.54
N LEU K 196 12.57 25.54 44.34
CA LEU K 196 11.28 25.71 45.02
C LEU K 196 11.25 24.84 46.26
N SER K 197 10.38 25.15 47.21
CA SER K 197 10.26 24.34 48.43
C SER K 197 9.57 23.00 48.17
N PHE K 198 9.77 22.06 49.09
CA PHE K 198 9.12 20.76 49.01
C PHE K 198 7.61 20.92 48.93
N GLU K 199 7.05 21.69 49.84
CA GLU K 199 5.59 21.78 49.87
C GLU K 199 5.03 22.55 48.66
N GLU K 200 5.79 23.50 48.13
CA GLU K 200 5.45 24.13 46.86
C GLU K 200 5.42 23.08 45.74
N MET K 201 6.34 22.13 45.78
CA MET K 201 6.32 21.06 44.79
C MET K 201 5.16 20.08 44.99
N LEU K 202 4.89 19.68 46.24
CA LEU K 202 3.70 18.84 46.53
C LEU K 202 2.44 19.46 45.98
N GLU K 203 2.27 20.76 46.21
CA GLU K 203 1.03 21.43 45.84
C GLU K 203 0.80 21.41 44.33
N LEU K 204 1.81 21.83 43.58
CA LEU K 204 1.78 21.71 42.11
C LEU K 204 1.45 20.28 41.69
N ALA K 205 2.20 19.34 42.26
CA ALA K 205 1.98 17.93 41.97
C ALA K 205 0.56 17.46 42.31
N ALA K 206 -0.07 18.06 43.32
CA ALA K 206 -1.39 17.64 43.78
C ALA K 206 -2.53 18.08 42.87
N VAL K 207 -2.25 19.02 41.97
CA VAL K 207 -3.30 19.64 41.16
C VAL K 207 -2.95 19.77 39.67
N GLY K 208 -2.14 18.84 39.17
CA GLY K 208 -1.94 18.71 37.72
C GLY K 208 -0.60 18.16 37.30
N SER K 209 0.47 18.73 37.87
CA SER K 209 1.84 18.30 37.53
C SER K 209 2.03 16.82 37.86
N LYS K 210 2.60 16.07 36.92
CA LYS K 210 2.75 14.62 37.06
C LYS K 210 4.23 14.20 37.07
N ILE K 211 5.14 15.15 37.22
CA ILE K 211 6.57 14.92 37.07
C ILE K 211 7.05 13.91 38.09
N LEU K 212 6.81 14.20 39.36
CA LEU K 212 7.22 13.34 40.47
C LEU K 212 6.00 12.68 41.07
N VAL K 213 6.14 11.47 41.63
CA VAL K 213 5.02 10.89 42.40
C VAL K 213 4.95 11.56 43.78
N LEU K 214 3.72 11.88 44.16
CA LEU K 214 3.45 12.62 45.39
C LEU K 214 4.11 12.01 46.63
N ARG K 215 3.95 10.70 46.80
CA ARG K 215 4.49 10.04 47.98
C ARG K 215 6.01 10.22 48.10
N SER K 216 6.71 10.18 46.97
CA SER K 216 8.16 10.26 46.97
C SER K 216 8.64 11.65 47.38
N VAL K 217 7.90 12.69 46.98
CA VAL K 217 8.22 14.06 47.37
C VAL K 217 7.89 14.30 48.84
N GLU K 218 6.81 13.72 49.33
CA GLU K 218 6.51 13.77 50.77
C GLU K 218 7.66 13.14 51.58
N TYR K 219 8.15 12.01 51.09
CA TYR K 219 9.27 11.35 51.72
C TYR K 219 10.46 12.31 51.73
N ALA K 220 10.84 12.81 50.56
CA ALA K 220 11.95 13.76 50.45
C ALA K 220 11.84 14.86 51.52
N ARG K 221 10.62 15.31 51.75
CA ARG K 221 10.37 16.41 52.67
C ARG K 221 10.55 16.03 54.14
N ALA K 222 10.15 14.80 54.49
CA ALA K 222 10.30 14.29 55.86
C ALA K 222 11.78 14.15 56.30
N PHE K 223 12.68 13.90 55.33
CA PHE K 223 14.10 13.72 55.65
C PHE K 223 14.96 14.77 55.00
N ASN K 224 14.33 15.81 54.45
CA ASN K 224 15.05 16.89 53.81
C ASN K 224 16.05 16.41 52.76
N VAL K 225 15.57 15.58 51.83
CA VAL K 225 16.37 15.08 50.72
C VAL K 225 16.20 16.02 49.53
N PRO K 226 17.25 16.81 49.17
CA PRO K 226 17.09 17.65 48.00
C PRO K 226 16.87 16.81 46.74
N LEU K 227 15.90 17.22 45.93
CA LEU K 227 15.61 16.57 44.68
C LEU K 227 16.05 17.48 43.54
N ARG K 228 16.43 16.87 42.42
CA ARG K 228 16.77 17.64 41.22
C ARG K 228 16.06 17.04 40.02
N VAL K 229 15.21 17.84 39.37
CA VAL K 229 14.51 17.43 38.16
C VAL K 229 15.35 17.84 36.95
N ARG K 230 15.76 16.86 36.16
CA ARG K 230 16.73 17.06 35.08
C ARG K 230 16.37 16.27 33.83
N SER K 231 16.89 16.74 32.69
CA SER K 231 16.70 16.02 31.44
C SER K 231 17.67 14.85 31.35
N SER K 232 17.23 13.80 30.66
CA SER K 232 18.08 12.65 30.36
C SER K 232 18.80 12.81 29.01
N TYR K 233 18.60 13.97 28.36
CA TYR K 233 19.30 14.31 27.12
C TYR K 233 20.19 15.56 27.21
N SER K 234 20.41 16.13 28.40
CA SER K 234 21.19 17.37 28.47
C SER K 234 22.00 17.49 29.76
N ASN K 235 22.95 18.40 29.78
CA ASN K 235 23.68 18.74 31.00
C ASN K 235 23.14 20.04 31.61
N ASP K 236 21.86 20.31 31.34
CA ASP K 236 21.16 21.40 32.02
C ASP K 236 20.93 20.95 33.45
N PRO K 237 21.31 21.78 34.45
CA PRO K 237 21.20 21.39 35.86
C PRO K 237 19.76 21.18 36.33
N GLY K 238 18.81 21.81 35.65
CA GLY K 238 17.39 21.56 35.92
C GLY K 238 16.81 22.38 37.06
N THR K 239 15.97 21.76 37.88
CA THR K 239 15.32 22.46 38.97
C THR K 239 15.54 21.74 40.29
N LEU K 240 15.89 22.53 41.29
CA LEU K 240 16.19 22.00 42.60
C LEU K 240 14.96 22.14 43.48
N ILE K 241 14.46 21.03 44.00
CA ILE K 241 13.45 21.10 45.04
C ILE K 241 14.12 20.78 46.36
N ALA K 242 14.26 21.80 47.19
CA ALA K 242 14.98 21.71 48.46
C ALA K 242 14.46 22.75 49.46
N GLY K 243 14.61 22.45 50.74
CA GLY K 243 14.22 23.34 51.81
C GLY K 243 12.73 23.33 52.07
N SER K 244 12.36 23.60 53.32
CA SER K 244 10.96 23.80 53.67
C SER K 244 10.63 25.29 53.56
N MET K 245 9.39 25.57 53.16
CA MET K 245 8.89 26.94 52.97
C MET K 245 8.78 27.72 54.27
N GLU K 246 8.71 27.00 55.38
CA GLU K 246 8.70 27.61 56.71
C GLU K 246 9.95 28.45 56.90
N ASP K 247 11.06 27.95 56.38
CA ASP K 247 12.36 28.62 56.53
C ASP K 247 12.62 29.69 55.48
N ILE K 248 11.66 29.90 54.58
CA ILE K 248 11.68 31.05 53.69
C ILE K 248 11.12 32.25 54.45
N PRO K 249 11.91 33.34 54.59
CA PRO K 249 11.40 34.57 55.23
C PRO K 249 10.27 35.24 54.45
N VAL K 250 9.23 35.65 55.17
CA VAL K 250 8.04 36.25 54.54
C VAL K 250 8.35 37.18 53.35
N GLU K 251 9.38 38.02 53.50
CA GLU K 251 9.67 39.07 52.51
C GLU K 251 10.31 38.52 51.23
N GLU K 252 10.91 37.33 51.32
CA GLU K 252 11.58 36.73 50.17
C GLU K 252 10.71 35.66 49.47
N ALA K 253 9.57 35.32 50.06
CA ALA K 253 8.69 34.28 49.53
C ALA K 253 7.96 34.81 48.31
N VAL K 254 8.02 34.05 47.23
CA VAL K 254 7.41 34.45 45.97
C VAL K 254 6.31 33.45 45.61
N LEU K 255 5.63 33.69 44.50
CA LEU K 255 4.69 32.73 43.95
C LEU K 255 5.46 31.89 42.96
N THR K 256 5.10 30.62 42.90
CA THR K 256 5.95 29.61 42.30
C THR K 256 5.51 29.21 40.90
N GLY K 257 4.23 28.86 40.73
CA GLY K 257 3.75 28.50 39.39
C GLY K 257 2.26 28.37 39.19
N VAL K 258 1.88 28.19 37.92
CA VAL K 258 0.49 27.91 37.53
C VAL K 258 0.35 26.53 36.91
N ALA K 259 -0.67 25.80 37.33
CA ALA K 259 -0.90 24.42 36.88
C ALA K 259 -2.32 24.25 36.36
N THR K 260 -2.49 23.34 35.40
CA THR K 260 -3.78 23.09 34.77
C THR K 260 -4.10 21.59 34.73
N ASP K 261 -5.37 21.25 34.96
CA ASP K 261 -5.82 19.87 34.90
C ASP K 261 -7.14 19.78 34.12
N LYS K 262 -7.07 19.12 32.97
CA LYS K 262 -8.24 18.86 32.13
C LYS K 262 -8.59 17.36 32.09
N SER K 263 -8.26 16.64 33.15
CA SER K 263 -8.52 15.20 33.20
C SER K 263 -9.67 14.79 34.13
N GLU K 264 -10.22 15.74 34.89
CA GLU K 264 -11.26 15.44 35.89
C GLU K 264 -12.68 15.67 35.37
N ALA K 265 -13.63 15.06 36.05
CA ALA K 265 -15.03 15.36 35.92
C ALA K 265 -15.50 15.82 37.29
N LYS K 266 -16.68 16.44 37.33
CA LYS K 266 -17.22 16.99 38.54
C LYS K 266 -18.60 16.42 38.77
N VAL K 267 -18.79 15.79 39.93
CA VAL K 267 -20.08 15.24 40.31
C VAL K 267 -20.61 16.06 41.48
N THR K 268 -21.89 16.46 41.43
CA THR K 268 -22.48 17.18 42.55
C THR K 268 -23.67 16.41 43.14
N VAL K 269 -23.66 16.22 44.47
CA VAL K 269 -24.75 15.59 45.18
C VAL K 269 -25.48 16.70 45.91
N LEU K 270 -26.72 16.97 45.47
CA LEU K 270 -27.56 18.02 46.06
C LEU K 270 -28.56 17.47 47.08
N GLY K 271 -28.79 18.22 48.16
CA GLY K 271 -29.85 17.91 49.13
C GLY K 271 -29.57 16.77 50.09
N ILE K 272 -28.31 16.65 50.54
CA ILE K 272 -27.92 15.72 51.60
C ILE K 272 -28.29 16.35 52.94
N SER K 273 -28.94 15.63 53.84
CA SER K 273 -29.28 16.19 55.17
C SER K 273 -28.05 16.34 56.06
N ASP K 274 -27.97 17.47 56.77
CA ASP K 274 -26.77 17.83 57.52
C ASP K 274 -26.79 17.17 58.90
N LYS K 275 -26.17 15.99 58.97
CA LYS K 275 -26.32 15.07 60.09
C LYS K 275 -25.11 14.11 60.05
N PRO K 276 -24.60 13.70 61.22
CA PRO K 276 -23.45 12.79 61.21
C PRO K 276 -23.63 11.53 60.36
N GLY K 277 -22.62 11.21 59.58
CA GLY K 277 -22.59 9.96 58.82
C GLY K 277 -23.20 10.04 57.44
N GLU K 278 -23.69 11.23 57.08
CA GLU K 278 -24.36 11.36 55.80
C GLU K 278 -23.31 11.53 54.69
N ALA K 279 -22.27 12.32 54.91
CA ALA K 279 -21.13 12.34 54.00
C ALA K 279 -20.50 10.95 53.91
N ALA K 280 -20.52 10.21 55.01
CA ALA K 280 -20.00 8.84 55.06
C ALA K 280 -20.69 7.93 54.05
N LYS K 281 -22.02 7.96 54.00
CA LYS K 281 -22.75 7.19 53.02
C LYS K 281 -22.19 7.41 51.60
N VAL K 282 -21.91 8.66 51.24
CA VAL K 282 -21.50 9.00 49.88
C VAL K 282 -20.13 8.43 49.53
N PHE K 283 -19.15 8.68 50.39
CA PHE K 283 -17.77 8.30 50.06
C PHE K 283 -17.47 6.79 50.22
N ARG K 284 -18.32 6.10 50.99
CA ARG K 284 -18.28 4.64 51.06
C ARG K 284 -18.71 3.98 49.77
N ALA K 285 -19.84 4.41 49.25
CA ALA K 285 -20.29 3.97 47.95
C ALA K 285 -19.16 4.09 46.92
N LEU K 286 -18.51 5.25 46.92
CA LEU K 286 -17.52 5.56 45.91
C LEU K 286 -16.27 4.75 46.16
N ALA K 287 -15.80 4.75 47.41
CA ALA K 287 -14.63 3.95 47.76
C ALA K 287 -14.85 2.49 47.33
N ASP K 288 -16.05 1.97 47.56
CA ASP K 288 -16.35 0.58 47.20
C ASP K 288 -16.38 0.38 45.67
N ALA K 289 -16.78 1.40 44.91
CA ALA K 289 -16.64 1.36 43.47
C ALA K 289 -15.24 1.76 43.00
N GLU K 290 -14.33 2.02 43.94
CA GLU K 290 -12.94 2.42 43.63
C GLU K 290 -12.82 3.66 42.74
N ILE K 291 -13.73 4.60 42.92
CA ILE K 291 -13.65 5.87 42.25
C ILE K 291 -12.60 6.76 42.93
N ASN K 292 -11.59 7.17 42.18
CA ASN K 292 -10.54 8.03 42.71
C ASN K 292 -11.01 9.50 42.92
N ILE K 293 -11.07 9.93 44.18
CA ILE K 293 -11.51 11.29 44.56
C ILE K 293 -10.30 12.22 44.63
N ASP K 294 -10.38 13.34 43.90
CA ASP K 294 -9.23 14.25 43.70
C ASP K 294 -9.35 15.48 44.57
N MET K 295 -10.59 15.84 44.89
CA MET K 295 -10.92 17.09 45.57
C MET K 295 -12.37 16.97 45.92
N VAL K 296 -12.72 17.28 47.18
CA VAL K 296 -14.12 17.39 47.57
C VAL K 296 -14.40 18.69 48.33
N LEU K 297 -15.59 19.21 48.11
CA LEU K 297 -16.00 20.51 48.58
C LEU K 297 -17.41 20.45 49.14
N GLN K 298 -17.58 20.91 50.36
CA GLN K 298 -18.91 21.07 50.94
C GLN K 298 -18.91 22.39 51.67
N ASN K 299 -19.88 23.24 51.36
CA ASN K 299 -19.99 24.51 52.03
C ASN K 299 -21.11 24.41 53.08
N VAL K 300 -21.20 25.41 53.94
CA VAL K 300 -22.17 25.45 55.01
C VAL K 300 -23.59 25.27 54.46
N PHE K 301 -24.52 24.83 55.31
CA PHE K 301 -25.97 24.77 54.94
C PHE K 301 -26.70 23.70 55.75
N GLY K 306 -32.02 22.51 56.39
CA GLY K 306 -31.54 21.30 57.07
C GLY K 306 -30.85 20.35 56.11
N THR K 307 -30.23 20.90 55.06
CA THR K 307 -29.50 20.10 54.07
C THR K 307 -28.38 20.87 53.39
N THR K 308 -27.47 20.14 52.76
CA THR K 308 -26.41 20.78 51.98
C THR K 308 -26.05 19.99 50.71
N ASP K 309 -24.95 20.42 50.07
CA ASP K 309 -24.47 19.85 48.82
C ASP K 309 -23.02 19.41 48.97
N ILE K 310 -22.67 18.30 48.31
CA ILE K 310 -21.29 17.86 48.27
C ILE K 310 -20.88 17.72 46.81
N THR K 311 -19.78 18.35 46.46
CA THR K 311 -19.20 18.20 45.17
C THR K 311 -17.87 17.45 45.28
N PHE K 312 -17.54 16.70 44.24
CA PHE K 312 -16.20 16.16 44.16
C PHE K 312 -15.81 16.00 42.70
N THR K 313 -14.51 15.80 42.54
CA THR K 313 -13.87 15.66 41.26
C THR K 313 -13.29 14.23 41.16
N CYS K 314 -13.30 13.67 39.96
CA CYS K 314 -12.73 12.33 39.76
C CYS K 314 -12.25 12.23 38.33
N PRO K 315 -11.30 11.31 38.05
CA PRO K 315 -10.89 11.12 36.67
C PRO K 315 -12.11 10.95 35.81
N ARG K 316 -12.06 11.49 34.59
CA ARG K 316 -13.22 11.44 33.68
C ARG K 316 -13.63 10.02 33.36
N SER K 317 -12.66 9.10 33.34
CA SER K 317 -12.95 7.67 33.21
C SER K 317 -13.70 7.05 34.41
N ASP K 318 -13.77 7.74 35.55
CA ASP K 318 -14.58 7.23 36.68
C ASP K 318 -15.96 7.88 36.78
N GLY K 319 -16.15 8.98 36.06
CA GLY K 319 -17.37 9.79 36.16
C GLY K 319 -18.69 9.05 36.00
N ARG K 320 -18.80 8.22 34.97
CA ARG K 320 -20.06 7.58 34.62
C ARG K 320 -20.46 6.60 35.71
N ARG K 321 -19.52 5.77 36.12
CA ARG K 321 -19.70 4.86 37.26
C ARG K 321 -20.10 5.66 38.50
N ALA K 322 -19.39 6.75 38.78
CA ALA K 322 -19.69 7.59 39.94
C ALA K 322 -21.11 8.13 39.92
N MET K 323 -21.57 8.60 38.75
CA MET K 323 -22.94 9.10 38.63
C MET K 323 -23.96 7.98 38.79
N GLU K 324 -23.73 6.82 38.20
CA GLU K 324 -24.71 5.73 38.32
C GLU K 324 -24.80 5.14 39.73
N ILE K 325 -23.67 4.94 40.38
CA ILE K 325 -23.69 4.50 41.78
C ILE K 325 -24.46 5.47 42.70
N LEU K 326 -24.20 6.77 42.56
CA LEU K 326 -24.89 7.78 43.38
C LEU K 326 -26.35 7.96 43.00
N LYS K 327 -26.69 7.74 41.73
CA LYS K 327 -28.11 7.80 41.30
C LYS K 327 -28.93 6.63 41.85
N LYS K 328 -28.29 5.48 42.03
CA LYS K 328 -28.96 4.28 42.58
C LYS K 328 -29.22 4.47 44.07
N LEU K 329 -28.28 5.13 44.76
CA LEU K 329 -28.47 5.49 46.16
C LEU K 329 -29.48 6.63 46.35
N GLN K 330 -29.94 7.24 45.26
CA GLN K 330 -30.90 8.35 45.36
C GLN K 330 -32.30 7.85 45.65
N VAL K 331 -32.66 6.68 45.09
CA VAL K 331 -33.92 6.01 45.46
C VAL K 331 -33.97 5.82 46.97
N GLN K 332 -32.82 5.48 47.57
CA GLN K 332 -32.71 5.30 49.03
C GLN K 332 -33.38 6.42 49.83
N GLY K 333 -33.55 7.59 49.20
CA GLY K 333 -34.36 8.65 49.77
C GLY K 333 -33.55 9.79 50.34
N ASN K 334 -32.29 9.51 50.70
CA ASN K 334 -31.38 10.57 51.20
C ASN K 334 -31.45 11.86 50.38
N TRP K 335 -30.68 11.92 49.29
CA TRP K 335 -30.50 13.16 48.55
C TRP K 335 -31.41 13.32 47.33
N THR K 336 -31.59 14.57 46.90
CA THR K 336 -32.59 14.94 45.89
C THR K 336 -32.11 14.89 44.44
N ASN K 337 -30.80 14.95 44.19
CA ASN K 337 -30.28 14.93 42.83
C ASN K 337 -28.78 14.71 42.80
N VAL K 338 -28.28 14.23 41.67
CA VAL K 338 -26.83 14.16 41.46
C VAL K 338 -26.51 14.61 40.05
N LEU K 339 -25.52 15.52 39.95
CA LEU K 339 -25.18 16.17 38.69
C LEU K 339 -23.85 15.65 38.21
N TYR K 340 -23.61 15.80 36.91
CA TYR K 340 -22.39 15.32 36.27
C TYR K 340 -21.88 16.33 35.22
N ASP K 341 -20.58 16.60 35.25
CA ASP K 341 -19.97 17.61 34.39
C ASP K 341 -18.56 17.20 33.98
N ASP K 342 -18.38 16.82 32.72
CA ASP K 342 -17.10 16.28 32.28
C ASP K 342 -16.39 17.18 31.31
N GLN K 343 -16.67 18.48 31.41
CA GLN K 343 -15.96 19.49 30.61
C GLN K 343 -15.36 20.60 31.50
N VAL K 344 -15.07 20.25 32.76
CA VAL K 344 -14.45 21.18 33.70
C VAL K 344 -12.92 21.13 33.67
N GLY K 345 -12.30 22.30 33.83
CA GLY K 345 -10.83 22.39 33.91
C GLY K 345 -10.40 23.01 35.23
N LYS K 346 -9.28 22.58 35.79
CA LYS K 346 -8.81 23.13 37.05
C LYS K 346 -7.55 23.91 36.80
N VAL K 347 -7.57 25.20 37.08
CA VAL K 347 -6.34 26.00 37.05
C VAL K 347 -6.00 26.48 38.46
N SER K 348 -4.72 26.44 38.78
CA SER K 348 -4.25 26.72 40.12
C SER K 348 -3.04 27.61 40.06
N LEU K 349 -2.83 28.34 41.15
CA LEU K 349 -1.63 29.08 41.38
C LEU K 349 -1.09 28.58 42.70
N VAL K 350 0.23 28.35 42.75
CA VAL K 350 0.87 27.99 44.00
C VAL K 350 2.09 28.85 44.29
N GLY K 351 2.31 29.12 45.58
CA GLY K 351 3.49 29.82 46.03
C GLY K 351 3.49 30.03 47.54
N ALA K 352 4.65 29.90 48.16
CA ALA K 352 4.77 30.19 49.59
C ALA K 352 4.40 31.66 49.85
N GLY K 353 4.64 32.51 48.87
CA GLY K 353 4.35 33.94 48.95
C GLY K 353 2.89 34.35 49.23
N MET K 354 1.92 33.44 49.09
CA MET K 354 0.52 33.75 49.43
C MET K 354 0.12 33.28 50.84
N LYS K 355 0.97 32.53 51.55
CA LYS K 355 0.62 32.13 52.90
C LYS K 355 0.32 33.37 53.74
N SER K 356 1.19 34.37 53.63
CA SER K 356 1.14 35.55 54.48
C SER K 356 0.93 36.87 53.74
N HIS K 357 0.45 36.81 52.50
CA HIS K 357 0.35 38.00 51.65
C HIS K 357 -1.09 38.27 51.20
N PRO K 358 -1.73 39.27 51.81
CA PRO K 358 -3.07 39.66 51.37
C PRO K 358 -3.09 40.14 49.92
N GLY K 359 -4.12 39.72 49.18
CA GLY K 359 -4.32 40.26 47.83
C GLY K 359 -4.19 39.26 46.71
N VAL K 360 -3.41 38.18 46.93
CA VAL K 360 -3.16 37.27 45.82
C VAL K 360 -4.43 36.56 45.37
N THR K 361 -5.31 36.21 46.30
CA THR K 361 -6.59 35.67 45.82
C THR K 361 -7.50 36.75 45.19
N ALA K 362 -7.42 37.99 45.66
CA ALA K 362 -8.06 39.10 44.94
C ALA K 362 -7.55 39.21 43.49
N GLU K 363 -6.22 39.20 43.36
CA GLU K 363 -5.53 39.36 42.06
C GLU K 363 -5.80 38.19 41.11
N PHE K 364 -5.88 36.99 41.67
CA PHE K 364 -6.21 35.77 40.93
C PHE K 364 -7.59 35.94 40.32
N MET K 365 -8.58 36.26 41.17
CA MET K 365 -9.96 36.48 40.73
C MET K 365 -10.08 37.59 39.66
N GLU K 366 -9.38 38.71 39.85
CA GLU K 366 -9.41 39.82 38.86
C GLU K 366 -8.75 39.43 37.54
N ALA K 367 -7.77 38.53 37.60
CA ALA K 367 -7.10 38.08 36.40
C ALA K 367 -8.10 37.41 35.46
N LEU K 368 -8.91 36.52 36.03
CA LEU K 368 -9.93 35.79 35.29
C LEU K 368 -11.10 36.67 34.93
N ARG K 369 -11.55 37.52 35.85
CA ARG K 369 -12.56 38.52 35.48
C ARG K 369 -12.16 39.31 34.21
N ASP K 370 -10.92 39.78 34.15
CA ASP K 370 -10.48 40.66 33.02
C ASP K 370 -10.31 39.90 31.73
N VAL K 371 -10.41 38.58 31.80
CA VAL K 371 -10.43 37.73 30.62
C VAL K 371 -11.81 37.06 30.50
N ASN K 372 -12.77 37.57 31.26
CA ASN K 372 -14.17 37.13 31.20
C ASN K 372 -14.41 35.64 31.41
N VAL K 373 -13.65 34.99 32.28
CA VAL K 373 -13.95 33.59 32.61
C VAL K 373 -14.65 33.53 33.96
N ASN K 374 -15.70 32.70 34.02
CA ASN K 374 -16.51 32.57 35.24
C ASN K 374 -15.98 31.46 36.14
N ILE K 375 -15.87 31.77 37.43
CA ILE K 375 -15.37 30.83 38.42
C ILE K 375 -16.57 30.03 38.91
N GLU K 376 -16.46 28.70 38.78
CA GLU K 376 -17.54 27.82 39.17
C GLU K 376 -17.30 27.24 40.55
N LEU K 377 -16.06 26.91 40.86
CA LEU K 377 -15.70 26.35 42.16
C LEU K 377 -14.38 26.95 42.63
N ILE K 378 -14.26 27.18 43.93
CA ILE K 378 -12.99 27.62 44.51
C ILE K 378 -12.57 26.62 45.57
N SER K 379 -11.28 26.29 45.56
CA SER K 379 -10.70 25.40 46.55
C SER K 379 -9.32 25.93 46.89
N THR K 380 -8.84 25.67 48.11
CA THR K 380 -7.55 26.18 48.53
C THR K 380 -6.82 25.28 49.54
N SER K 381 -5.49 25.39 49.52
CA SER K 381 -4.66 25.04 50.65
C SER K 381 -4.04 26.37 51.12
N GLU K 382 -3.09 26.30 52.03
CA GLU K 382 -2.48 27.50 52.60
C GLU K 382 -1.60 28.25 51.57
N ILE K 383 -1.02 27.52 50.63
CA ILE K 383 -0.14 28.12 49.65
C ILE K 383 -0.65 27.83 48.24
N ARG K 384 -1.96 27.66 48.10
CA ARG K 384 -2.53 27.30 46.82
C ARG K 384 -3.98 27.73 46.70
N ILE K 385 -4.31 28.29 45.54
CA ILE K 385 -5.69 28.51 45.16
C ILE K 385 -5.97 27.77 43.85
N SER K 386 -7.08 27.04 43.82
CA SER K 386 -7.50 26.25 42.67
C SER K 386 -8.90 26.65 42.31
N VAL K 387 -9.19 26.67 41.02
CA VAL K 387 -10.49 27.08 40.53
C VAL K 387 -10.93 26.12 39.41
N LEU K 388 -12.21 25.75 39.41
CA LEU K 388 -12.78 25.04 38.26
C LEU K 388 -13.46 26.04 37.36
N ILE K 389 -13.29 25.85 36.07
CA ILE K 389 -13.85 26.69 35.02
C ILE K 389 -14.07 25.77 33.83
N ARG K 390 -14.64 26.27 32.75
CA ARG K 390 -14.79 25.47 31.54
C ARG K 390 -13.41 25.12 31.04
N GLU K 391 -13.18 23.86 30.67
CA GLU K 391 -11.92 23.47 30.00
C GLU K 391 -11.70 24.29 28.74
N ASP K 392 -12.78 24.68 28.08
CA ASP K 392 -12.71 25.54 26.89
C ASP K 392 -11.81 26.76 27.16
N ASP K 393 -11.78 27.20 28.42
CA ASP K 393 -11.19 28.44 28.81
C ASP K 393 -9.88 28.33 29.60
N LEU K 394 -9.33 27.13 29.67
CA LEU K 394 -8.22 26.83 30.57
C LEU K 394 -6.93 27.52 30.16
N ASP K 395 -6.68 27.53 28.85
CA ASP K 395 -5.44 28.11 28.30
C ASP K 395 -5.42 29.62 28.51
N ALA K 396 -6.48 30.31 28.12
CA ALA K 396 -6.56 31.74 28.37
C ALA K 396 -6.42 32.00 29.88
N ALA K 397 -7.11 31.20 30.69
CA ALA K 397 -7.02 31.34 32.14
C ALA K 397 -5.57 31.21 32.64
N ALA K 398 -4.85 30.20 32.18
CA ALA K 398 -3.49 30.01 32.61
C ALA K 398 -2.63 31.21 32.22
N ARG K 399 -2.78 31.66 30.98
CA ARG K 399 -2.02 32.78 30.48
C ARG K 399 -2.26 34.05 31.29
N ALA K 400 -3.53 34.32 31.56
CA ALA K 400 -3.90 35.53 32.27
C ALA K 400 -3.31 35.52 33.68
N LEU K 401 -3.38 34.35 34.34
CA LEU K 401 -2.82 34.18 35.68
C LEU K 401 -1.32 34.38 35.69
N HIS K 402 -0.68 33.81 34.67
CA HIS K 402 0.76 33.88 34.54
C HIS K 402 1.23 35.33 34.27
N GLU K 403 0.42 36.11 33.57
CA GLU K 403 0.74 37.51 33.27
C GLU K 403 0.44 38.45 34.46
N GLN K 404 -0.60 38.14 35.25
CA GLN K 404 -1.00 38.95 36.41
C GLN K 404 0.07 38.89 37.49
N PHE K 405 0.42 37.68 37.89
CA PHE K 405 1.56 37.45 38.75
C PHE K 405 2.70 37.33 37.77
N GLN K 406 3.71 38.18 37.87
CA GLN K 406 4.64 38.36 36.74
C GLN K 406 5.60 37.20 36.60
N LEU K 407 5.06 36.02 36.29
CA LEU K 407 5.85 34.81 36.35
C LEU K 407 6.80 34.70 35.15
N GLY K 408 7.87 33.95 35.33
CA GLY K 408 8.98 34.00 34.40
C GLY K 408 9.50 35.43 34.23
N GLU L 2 -1.00 3.78 42.04
CA GLU L 2 -0.38 4.90 42.80
C GLU L 2 -0.28 4.61 44.31
N GLU L 3 0.81 5.10 44.91
CA GLU L 3 1.18 4.82 46.29
C GLU L 3 0.89 6.05 47.17
N ALA L 4 0.46 5.83 48.40
CA ALA L 4 0.09 6.91 49.31
C ALA L 4 0.80 6.82 50.67
N VAL L 5 0.87 7.95 51.36
CA VAL L 5 1.36 8.03 52.73
C VAL L 5 0.53 9.00 53.53
N LEU L 6 0.20 8.61 54.76
CA LEU L 6 -0.48 9.47 55.72
C LEU L 6 0.51 9.85 56.81
N THR L 7 0.72 11.15 57.01
CA THR L 7 1.82 11.64 57.84
C THR L 7 1.41 12.24 59.20
N GLY L 8 0.17 12.70 59.34
CA GLY L 8 -0.31 13.25 60.61
C GLY L 8 -1.72 13.80 60.54
N VAL L 9 -2.27 14.15 61.69
CA VAL L 9 -3.54 14.88 61.76
C VAL L 9 -3.35 16.22 62.52
N ALA L 10 -3.85 17.31 61.94
CA ALA L 10 -3.58 18.67 62.40
C ALA L 10 -4.87 19.38 62.79
N THR L 11 -4.77 20.18 63.86
CA THR L 11 -5.86 20.87 64.50
C THR L 11 -5.65 22.38 64.47
N ASP L 12 -6.75 23.12 64.44
CA ASP L 12 -6.68 24.56 64.51
C ASP L 12 -7.98 25.18 64.98
N LYS L 13 -7.88 26.09 65.96
CA LYS L 13 -9.03 26.88 66.43
C LYS L 13 -8.70 28.38 66.51
N SER L 14 -7.90 28.85 65.57
CA SER L 14 -7.48 30.24 65.52
C SER L 14 -8.27 31.06 64.50
N GLU L 15 -9.21 30.44 63.80
CA GLU L 15 -9.90 31.11 62.69
C GLU L 15 -11.38 31.34 62.94
N ALA L 16 -11.92 32.35 62.25
CA ALA L 16 -13.37 32.49 62.09
C ALA L 16 -13.76 32.07 60.68
N LYS L 17 -15.05 31.74 60.51
CA LYS L 17 -15.58 31.38 59.22
C LYS L 17 -16.54 32.48 58.84
N VAL L 18 -16.47 32.98 57.61
CA VAL L 18 -17.45 33.94 57.12
C VAL L 18 -18.02 33.51 55.76
N THR L 19 -19.35 33.57 55.64
CA THR L 19 -20.06 33.09 54.47
C THR L 19 -20.84 34.23 53.84
N VAL L 20 -20.55 34.52 52.57
CA VAL L 20 -21.34 35.42 51.77
C VAL L 20 -22.40 34.57 51.07
N LEU L 21 -23.66 34.73 51.45
CA LEU L 21 -24.74 33.90 50.94
C LEU L 21 -25.39 34.57 49.75
N GLY L 22 -25.48 33.87 48.64
CA GLY L 22 -26.26 34.33 47.48
C GLY L 22 -25.58 35.39 46.63
N ILE L 23 -24.31 35.18 46.33
CA ILE L 23 -23.57 36.09 45.46
C ILE L 23 -23.88 35.64 44.05
N SER L 24 -24.04 36.57 43.13
CA SER L 24 -24.49 36.19 41.79
C SER L 24 -23.31 35.62 40.98
N ASP L 25 -23.58 34.50 40.31
CA ASP L 25 -22.54 33.70 39.70
C ASP L 25 -22.16 34.22 38.32
N LYS L 26 -21.61 35.42 38.29
CA LYS L 26 -21.12 35.99 37.05
C LYS L 26 -19.73 36.52 37.30
N PRO L 27 -18.94 36.68 36.22
CA PRO L 27 -17.55 37.09 36.37
C PRO L 27 -17.41 38.43 37.05
N GLY L 28 -16.35 38.59 37.84
CA GLY L 28 -16.10 39.81 38.61
C GLY L 28 -16.57 39.78 40.05
N GLU L 29 -17.54 38.93 40.37
CA GLU L 29 -18.21 38.99 41.66
C GLU L 29 -17.34 38.48 42.82
N ALA L 30 -16.65 37.37 42.65
CA ALA L 30 -15.69 36.90 43.66
C ALA L 30 -14.61 37.97 43.89
N ALA L 31 -14.14 38.58 42.79
CA ALA L 31 -13.14 39.65 42.82
C ALA L 31 -13.54 40.83 43.73
N LYS L 32 -14.79 41.26 43.68
CA LYS L 32 -15.26 42.33 44.59
C LYS L 32 -15.00 42.00 46.07
N VAL L 33 -15.41 40.81 46.51
CA VAL L 33 -15.31 40.42 47.90
C VAL L 33 -13.88 40.43 48.39
N PHE L 34 -12.99 39.83 47.61
CA PHE L 34 -11.63 39.58 48.07
C PHE L 34 -10.73 40.83 47.97
N ARG L 35 -10.96 41.66 46.96
CA ARG L 35 -10.26 42.93 46.81
C ARG L 35 -10.44 43.77 48.08
N ALA L 36 -11.70 43.97 48.46
CA ALA L 36 -12.07 44.70 49.67
C ALA L 36 -11.34 44.14 50.89
N LEU L 37 -11.49 42.85 51.14
CA LEU L 37 -10.78 42.22 52.27
C LEU L 37 -9.28 42.42 52.14
N ALA L 38 -8.75 42.24 50.94
CA ALA L 38 -7.32 42.41 50.69
C ALA L 38 -6.87 43.86 50.95
N ASP L 39 -7.67 44.85 50.56
CA ASP L 39 -7.31 46.23 50.81
C ASP L 39 -7.23 46.53 52.29
N ALA L 40 -8.12 45.90 53.07
CA ALA L 40 -8.11 46.00 54.52
C ALA L 40 -6.92 45.25 55.12
N GLU L 41 -6.19 44.53 54.27
CA GLU L 41 -5.04 43.75 54.69
C GLU L 41 -5.40 42.57 55.61
N ILE L 42 -6.56 41.97 55.36
CA ILE L 42 -7.02 40.82 56.12
C ILE L 42 -6.53 39.54 55.43
N ASN L 43 -5.66 38.80 56.08
CA ASN L 43 -5.05 37.63 55.46
C ASN L 43 -5.94 36.38 55.49
N ILE L 44 -6.57 36.11 54.36
CA ILE L 44 -7.49 34.98 54.21
C ILE L 44 -6.74 33.66 54.13
N ASP L 45 -7.37 32.61 54.62
CA ASP L 45 -6.83 31.27 54.45
C ASP L 45 -7.77 30.45 53.52
N MET L 46 -8.73 29.72 54.08
CA MET L 46 -9.54 28.83 53.25
C MET L 46 -10.50 29.65 52.43
N VAL L 47 -10.77 29.18 51.23
CA VAL L 47 -11.82 29.75 50.40
C VAL L 47 -12.56 28.61 49.77
N LEU L 48 -13.88 28.60 49.91
CA LEU L 48 -14.70 27.50 49.39
C LEU L 48 -15.96 28.04 48.74
N GLN L 49 -16.10 27.70 47.46
CA GLN L 49 -17.29 28.03 46.69
C GLN L 49 -17.67 26.72 46.01
N ASN L 50 -18.85 26.21 46.32
CA ASN L 50 -19.39 25.02 45.67
C ASN L 50 -20.31 25.52 44.55
N VAL L 51 -21.06 24.63 43.91
CA VAL L 51 -21.87 24.98 42.75
C VAL L 51 -23.01 25.95 43.03
N PHE L 52 -23.41 26.65 41.99
CA PHE L 52 -24.53 27.57 42.02
C PHE L 52 -25.84 26.82 42.12
N SER L 53 -26.92 27.53 42.43
CA SER L 53 -28.27 27.01 42.33
C SER L 53 -28.91 27.54 41.05
N VAL L 54 -29.36 26.62 40.18
CA VAL L 54 -29.96 26.98 38.89
C VAL L 54 -31.14 27.94 39.07
N GLU L 55 -31.99 27.65 40.07
CA GLU L 55 -33.19 28.45 40.37
C GLU L 55 -32.82 29.93 40.58
N ASP L 56 -31.92 30.16 41.53
CA ASP L 56 -31.55 31.53 41.93
C ASP L 56 -30.57 32.17 40.96
N GLY L 57 -29.65 31.36 40.44
CA GLY L 57 -28.54 31.86 39.65
C GLY L 57 -27.48 32.51 40.53
N THR L 58 -27.30 31.94 41.73
CA THR L 58 -26.34 32.47 42.71
C THR L 58 -25.59 31.33 43.40
N THR L 59 -24.54 31.70 44.09
CA THR L 59 -23.82 30.72 44.87
C THR L 59 -23.38 31.36 46.16
N ASP L 60 -22.62 30.60 46.96
CA ASP L 60 -22.12 31.07 48.23
C ASP L 60 -20.59 30.92 48.28
N ILE L 61 -19.91 31.85 48.92
CA ILE L 61 -18.47 31.76 49.12
C ILE L 61 -18.26 31.84 50.61
N THR L 62 -17.61 30.85 51.21
CA THR L 62 -17.18 30.98 52.57
C THR L 62 -15.66 31.06 52.60
N PHE L 63 -15.13 31.80 53.56
CA PHE L 63 -13.67 31.89 53.70
C PHE L 63 -13.33 31.93 55.17
N THR L 64 -12.13 31.49 55.53
CA THR L 64 -11.66 31.63 56.89
C THR L 64 -10.57 32.68 56.94
N CYS L 65 -10.38 33.25 58.13
CA CYS L 65 -9.33 34.26 58.41
C CYS L 65 -9.03 34.21 59.92
N PRO L 66 -8.00 34.96 60.38
CA PRO L 66 -7.80 34.94 61.84
C PRO L 66 -9.07 35.31 62.58
N ARG L 67 -9.37 34.55 63.62
CA ARG L 67 -10.51 34.81 64.49
C ARG L 67 -10.74 36.31 64.74
N SER L 68 -9.67 37.04 65.04
CA SER L 68 -9.76 38.45 65.42
C SER L 68 -10.32 39.33 64.31
N ASP L 69 -10.13 38.93 63.05
CA ASP L 69 -10.68 39.67 61.91
C ASP L 69 -12.06 39.22 61.47
N GLY L 70 -12.63 38.22 62.13
CA GLY L 70 -13.88 37.61 61.68
C GLY L 70 -15.02 38.59 61.49
N ARG L 71 -15.32 39.35 62.53
CA ARG L 71 -16.41 40.31 62.50
C ARG L 71 -16.07 41.51 61.62
N ARG L 72 -14.79 41.89 61.64
CA ARG L 72 -14.29 43.02 60.83
C ARG L 72 -14.54 42.75 59.34
N ALA L 73 -14.17 41.55 58.91
CA ALA L 73 -14.46 41.06 57.56
C ALA L 73 -15.92 41.25 57.20
N MET L 74 -16.76 40.81 58.11
CA MET L 74 -18.18 40.78 57.88
C MET L 74 -18.72 42.22 57.77
N GLU L 75 -18.16 43.14 58.55
CA GLU L 75 -18.53 44.57 58.44
C GLU L 75 -17.99 45.27 57.18
N ILE L 76 -16.80 44.90 56.75
CA ILE L 76 -16.24 45.43 55.49
C ILE L 76 -17.12 45.06 54.30
N LEU L 77 -17.89 43.97 54.42
CA LEU L 77 -18.69 43.43 53.33
C LEU L 77 -20.15 43.91 53.28
N LYS L 78 -20.65 44.60 54.31
CA LYS L 78 -22.09 44.86 54.37
C LYS L 78 -22.68 45.79 53.31
N LYS L 79 -21.93 46.78 52.82
CA LYS L 79 -22.43 47.62 51.71
C LYS L 79 -22.41 46.84 50.40
N LEU L 80 -21.40 46.00 50.24
CA LEU L 80 -21.30 45.16 49.07
C LEU L 80 -22.44 44.14 49.06
N GLN L 81 -22.91 43.79 50.24
CA GLN L 81 -24.12 42.96 50.39
C GLN L 81 -25.31 43.59 49.67
N VAL L 82 -25.45 44.91 49.74
CA VAL L 82 -26.48 45.66 49.01
C VAL L 82 -25.92 46.24 47.69
N ASN L 85 -29.80 42.07 46.19
CA ASN L 85 -28.48 41.48 45.98
C ASN L 85 -28.22 40.24 46.88
N TRP L 86 -27.17 40.25 47.72
CA TRP L 86 -26.85 39.07 48.54
C TRP L 86 -27.94 38.79 49.57
N THR L 87 -28.22 37.50 49.76
CA THR L 87 -29.15 37.06 50.79
C THR L 87 -28.68 37.48 52.17
N ASN L 88 -27.35 37.44 52.39
CA ASN L 88 -26.77 37.68 53.72
C ASN L 88 -25.23 37.57 53.77
N VAL L 89 -24.65 38.08 54.85
CA VAL L 89 -23.27 37.76 55.22
C VAL L 89 -23.18 37.58 56.73
N LEU L 90 -22.59 36.45 57.13
CA LEU L 90 -22.53 35.99 58.52
C LEU L 90 -21.10 35.67 58.92
N TYR L 91 -20.86 35.52 60.22
CA TYR L 91 -19.58 34.96 60.62
C TYR L 91 -19.72 34.04 61.83
N ASP L 92 -18.72 33.20 61.99
CA ASP L 92 -18.73 32.15 62.99
C ASP L 92 -17.33 32.05 63.55
N ASP L 93 -17.19 32.42 64.83
CA ASP L 93 -15.88 32.44 65.49
C ASP L 93 -15.77 31.36 66.57
N GLN L 94 -16.56 30.30 66.42
CA GLN L 94 -16.51 29.13 67.30
C GLN L 94 -16.31 27.90 66.41
N VAL L 95 -15.39 28.02 65.45
CA VAL L 95 -15.18 27.02 64.43
C VAL L 95 -13.78 26.39 64.56
N GLY L 96 -13.72 25.09 64.30
CA GLY L 96 -12.49 24.31 64.38
C GLY L 96 -12.19 23.62 63.06
N LYS L 97 -10.90 23.43 62.81
CA LYS L 97 -10.41 22.77 61.63
C LYS L 97 -9.62 21.53 62.03
N VAL L 98 -9.99 20.37 61.49
CA VAL L 98 -9.19 19.14 61.60
C VAL L 98 -8.79 18.66 60.19
N SER L 99 -7.58 18.12 60.08
CA SER L 99 -7.08 17.69 58.79
C SER L 99 -6.26 16.42 58.89
N LEU L 100 -6.43 15.53 57.91
CA LEU L 100 -5.53 14.42 57.72
C LEU L 100 -4.51 14.89 56.67
N VAL L 101 -3.23 14.90 57.02
CA VAL L 101 -2.16 15.34 56.14
C VAL L 101 -1.47 14.11 55.60
N GLY L 102 -1.20 14.12 54.29
CA GLY L 102 -0.59 12.98 53.62
C GLY L 102 -0.19 13.33 52.20
N ALA L 103 -0.23 12.32 51.33
CA ALA L 103 0.21 12.48 49.96
C ALA L 103 -0.12 11.24 49.13
N GLY L 104 -0.66 11.43 47.93
CA GLY L 104 -1.07 10.32 47.05
C GLY L 104 -2.47 9.76 47.32
N MET L 105 -3.29 10.51 48.03
CA MET L 105 -4.57 10.00 48.55
C MET L 105 -5.70 9.83 47.53
N LYS L 106 -5.46 10.26 46.29
CA LYS L 106 -6.48 10.27 45.24
C LYS L 106 -6.84 8.86 44.78
N SER L 107 -5.80 8.05 44.60
CA SER L 107 -5.98 6.66 44.18
C SER L 107 -6.46 5.77 45.35
N HIS L 108 -6.63 6.37 46.53
CA HIS L 108 -7.09 5.62 47.71
C HIS L 108 -8.35 6.28 48.32
N PRO L 109 -9.50 6.14 47.64
CA PRO L 109 -10.72 6.79 48.10
C PRO L 109 -11.30 6.20 49.40
N GLY L 110 -10.73 5.08 49.86
CA GLY L 110 -11.01 4.55 51.20
C GLY L 110 -10.60 5.50 52.31
N VAL L 111 -9.50 6.23 52.13
CA VAL L 111 -9.02 7.17 53.14
C VAL L 111 -10.10 8.21 53.45
N THR L 112 -10.65 8.80 52.39
CA THR L 112 -11.74 9.75 52.53
C THR L 112 -12.97 9.11 53.18
N ALA L 113 -13.33 7.92 52.74
CA ALA L 113 -14.47 7.22 53.35
C ALA L 113 -14.24 7.07 54.85
N GLU L 114 -13.12 6.45 55.21
CA GLU L 114 -12.76 6.17 56.62
C GLU L 114 -12.69 7.43 57.47
N PHE L 115 -12.20 8.54 56.87
CA PHE L 115 -12.17 9.85 57.53
C PHE L 115 -13.56 10.31 57.91
N MET L 116 -14.49 10.26 56.96
CA MET L 116 -15.86 10.68 57.23
C MET L 116 -16.45 9.74 58.28
N GLU L 117 -16.17 8.44 58.15
CA GLU L 117 -16.74 7.43 59.04
C GLU L 117 -16.29 7.55 60.49
N ALA L 118 -15.05 7.99 60.71
CA ALA L 118 -14.53 8.15 62.07
C ALA L 118 -15.26 9.28 62.78
N LEU L 119 -15.53 10.37 62.07
CA LEU L 119 -16.31 11.46 62.65
C LEU L 119 -17.78 11.05 62.90
N ARG L 120 -18.38 10.26 62.02
CA ARG L 120 -19.75 9.79 62.32
C ARG L 120 -19.83 8.94 63.60
N ASP L 121 -18.84 8.08 63.81
CA ASP L 121 -18.91 7.10 64.90
C ASP L 121 -18.64 7.69 66.29
N VAL L 122 -18.10 8.92 66.30
CA VAL L 122 -17.97 9.74 67.50
C VAL L 122 -18.93 10.95 67.41
N ASN L 123 -20.07 10.74 66.74
CA ASN L 123 -21.16 11.73 66.63
C ASN L 123 -20.79 13.20 66.44
N VAL L 124 -19.77 13.48 65.64
CA VAL L 124 -19.48 14.85 65.25
C VAL L 124 -19.88 15.10 63.79
N ASN L 125 -20.50 16.25 63.58
CA ASN L 125 -21.09 16.63 62.33
C ASN L 125 -20.14 17.49 61.52
N ILE L 126 -20.06 17.22 60.22
CA ILE L 126 -19.17 17.96 59.34
C ILE L 126 -19.92 19.14 58.72
N GLU L 127 -19.40 20.35 58.96
CA GLU L 127 -20.06 21.55 58.53
C GLU L 127 -19.55 21.94 57.18
N LEU L 128 -18.25 21.72 56.96
CA LEU L 128 -17.60 22.10 55.73
C LEU L 128 -16.52 21.11 55.44
N ILE L 129 -16.30 20.81 54.15
CA ILE L 129 -15.29 19.84 53.72
C ILE L 129 -14.48 20.48 52.61
N SER L 130 -13.18 20.17 52.60
CA SER L 130 -12.30 20.65 51.56
C SER L 130 -11.10 19.76 51.51
N THR L 131 -10.92 19.02 50.41
CA THR L 131 -9.84 18.05 50.30
C THR L 131 -9.06 18.14 49.02
N SER L 132 -7.85 17.57 49.07
CA SER L 132 -6.96 17.43 47.92
C SER L 132 -6.25 16.08 48.06
N GLU L 133 -5.30 15.82 47.18
CA GLU L 133 -4.48 14.61 47.25
C GLU L 133 -3.56 14.56 48.46
N ILE L 134 -3.31 15.70 49.08
CA ILE L 134 -2.38 15.79 50.18
C ILE L 134 -3.01 16.26 51.48
N ARG L 135 -4.34 16.40 51.51
CA ARG L 135 -5.00 16.90 52.71
C ARG L 135 -6.51 16.67 52.67
N ILE L 136 -7.06 16.10 53.74
CA ILE L 136 -8.51 16.02 53.93
C ILE L 136 -8.85 16.96 55.10
N SER L 137 -9.33 18.16 54.82
CA SER L 137 -9.69 19.11 55.89
C SER L 137 -11.19 19.21 56.05
N VAL L 138 -11.65 19.44 57.27
CA VAL L 138 -13.06 19.77 57.50
C VAL L 138 -13.14 20.85 58.56
N LEU L 139 -14.24 21.58 58.54
CA LEU L 139 -14.54 22.53 59.60
C LEU L 139 -15.71 22.01 60.39
N ILE L 140 -15.61 22.12 61.71
CA ILE L 140 -16.69 21.76 62.63
C ILE L 140 -16.71 22.74 63.80
N ARG L 141 -17.67 22.57 64.70
CA ARG L 141 -17.66 23.31 65.96
C ARG L 141 -16.37 22.99 66.69
N GLU L 142 -15.74 24.01 67.26
CA GLU L 142 -14.48 23.79 67.95
C GLU L 142 -14.60 22.83 69.14
N ASP L 143 -15.78 22.78 69.76
CA ASP L 143 -15.97 21.86 70.88
C ASP L 143 -16.09 20.37 70.44
N ASP L 144 -16.10 20.10 69.14
CA ASP L 144 -15.96 18.72 68.64
C ASP L 144 -14.55 18.40 68.15
N LEU L 145 -13.64 19.35 68.30
CA LEU L 145 -12.26 19.16 67.83
C LEU L 145 -11.62 18.00 68.59
N ASP L 146 -11.74 18.00 69.92
CA ASP L 146 -11.11 16.99 70.75
C ASP L 146 -11.45 15.60 70.24
N ALA L 147 -12.73 15.36 69.98
CA ALA L 147 -13.24 14.04 69.63
C ALA L 147 -12.96 13.66 68.16
N ALA L 148 -12.97 14.65 67.26
CA ALA L 148 -12.64 14.37 65.85
C ALA L 148 -11.16 14.00 65.69
N ALA L 149 -10.27 14.80 66.26
CA ALA L 149 -8.82 14.55 66.19
C ALA L 149 -8.50 13.18 66.80
N ARG L 150 -9.05 12.91 67.98
CA ARG L 150 -8.92 11.62 68.65
C ARG L 150 -9.44 10.53 67.73
N ALA L 151 -10.60 10.74 67.12
CA ALA L 151 -11.15 9.76 66.20
C ALA L 151 -10.22 9.53 65.00
N LEU L 152 -9.58 10.57 64.51
CA LEU L 152 -8.73 10.43 63.32
C LEU L 152 -7.37 9.78 63.63
N HIS L 153 -6.82 10.05 64.80
CA HIS L 153 -5.59 9.37 65.25
C HIS L 153 -5.82 7.87 65.37
N GLU L 154 -6.93 7.48 66.00
CA GLU L 154 -7.22 6.08 66.24
C GLU L 154 -7.49 5.34 64.93
N GLN L 155 -8.34 5.90 64.07
CA GLN L 155 -8.75 5.20 62.85
C GLN L 155 -7.61 5.00 61.87
N PHE L 156 -6.70 5.98 61.78
CA PHE L 156 -5.55 5.88 60.87
C PHE L 156 -4.24 5.47 61.59
N GLN L 157 -4.36 4.91 62.80
CA GLN L 157 -3.20 4.51 63.60
C GLN L 157 -2.03 5.52 63.51
N LEU L 158 -2.33 6.80 63.73
CA LEU L 158 -1.37 7.90 63.64
C LEU L 158 -1.24 8.62 64.99
N GLY L 159 -0.21 9.46 65.11
CA GLY L 159 -0.01 10.28 66.31
C GLY L 159 0.79 11.55 66.08
N ALA M 2 -56.92 -11.92 6.48
CA ALA M 2 -56.74 -12.10 7.95
C ALA M 2 -55.98 -10.91 8.54
N LEU M 3 -55.97 -10.79 9.86
CA LEU M 3 -55.27 -9.68 10.50
C LEU M 3 -53.82 -10.12 10.76
N VAL M 4 -52.88 -9.51 10.07
CA VAL M 4 -51.46 -9.84 10.31
C VAL M 4 -50.65 -8.62 10.68
N VAL M 5 -49.94 -8.72 11.79
CA VAL M 5 -49.01 -7.67 12.25
C VAL M 5 -47.59 -8.06 11.85
N GLN M 6 -46.81 -7.08 11.42
CA GLN M 6 -45.45 -7.35 10.96
C GLN M 6 -44.42 -6.41 11.58
N LYS M 7 -43.37 -7.00 12.13
CA LYS M 7 -42.28 -6.25 12.71
C LYS M 7 -41.04 -6.48 11.87
N TYR M 8 -40.42 -5.39 11.44
CA TYR M 8 -39.17 -5.46 10.68
C TYR M 8 -38.02 -4.92 11.51
N GLY M 9 -36.94 -5.68 11.57
CA GLY M 9 -35.76 -5.30 12.35
C GLY M 9 -34.89 -4.29 11.62
N GLY M 10 -33.86 -3.83 12.32
CA GLY M 10 -32.93 -2.84 11.79
C GLY M 10 -32.19 -3.32 10.55
N SER M 11 -31.79 -4.58 10.53
CA SER M 11 -31.03 -5.11 9.40
C SER M 11 -31.90 -5.09 8.16
N SER M 12 -33.18 -5.40 8.37
CA SER M 12 -34.19 -5.35 7.31
C SER M 12 -34.46 -3.94 6.79
N LEU M 13 -34.25 -2.94 7.63
CA LEU M 13 -34.58 -1.56 7.28
C LEU M 13 -33.33 -0.72 7.21
N GLU M 14 -32.27 -1.31 6.72
CA GLU M 14 -30.91 -0.76 6.88
C GLU M 14 -30.53 0.23 5.79
N SER M 15 -31.26 0.19 4.67
CA SER M 15 -31.01 1.13 3.57
C SER M 15 -32.30 1.49 2.84
N ALA M 16 -32.23 2.51 1.99
CA ALA M 16 -33.34 2.87 1.10
C ALA M 16 -33.82 1.66 0.31
N GLU M 17 -32.88 0.84 -0.12
CA GLU M 17 -33.15 -0.34 -0.93
C GLU M 17 -33.97 -1.39 -0.18
N ARG M 18 -33.70 -1.57 1.10
CA ARG M 18 -34.37 -2.64 1.86
C ARG M 18 -35.71 -2.15 2.35
N ILE M 19 -35.80 -0.84 2.58
CA ILE M 19 -37.05 -0.22 2.98
C ILE M 19 -38.08 -0.45 1.87
N ARG M 20 -37.70 -0.14 0.63
CA ARG M 20 -38.57 -0.41 -0.50
C ARG M 20 -38.88 -1.91 -0.68
N ASN M 21 -37.88 -2.76 -0.44
CA ASN M 21 -38.06 -4.21 -0.50
C ASN M 21 -39.06 -4.66 0.56
N VAL M 22 -38.89 -4.15 1.78
CA VAL M 22 -39.85 -4.40 2.84
C VAL M 22 -41.20 -3.85 2.41
N ALA M 23 -41.19 -2.64 1.87
CA ALA M 23 -42.41 -2.00 1.42
C ALA M 23 -43.24 -2.95 0.54
N GLU M 24 -42.60 -3.56 -0.44
CA GLU M 24 -43.27 -4.47 -1.36
C GLU M 24 -43.85 -5.73 -0.67
N ARG M 25 -43.15 -6.25 0.35
CA ARG M 25 -43.68 -7.41 1.08
C ARG M 25 -44.93 -7.06 1.83
N ILE M 26 -44.97 -5.83 2.33
CA ILE M 26 -46.08 -5.36 3.13
C ILE M 26 -47.29 -5.23 2.21
N VAL M 27 -47.10 -4.58 1.08
CA VAL M 27 -48.17 -4.43 0.10
C VAL M 27 -48.58 -5.82 -0.40
N ALA M 28 -47.61 -6.69 -0.65
CA ALA M 28 -47.89 -8.08 -1.09
C ALA M 28 -48.72 -8.83 -0.04
N THR M 29 -48.50 -8.52 1.23
CA THR M 29 -49.27 -9.15 2.31
C THR M 29 -50.71 -8.65 2.30
N LYS M 30 -50.87 -7.36 2.01
CA LYS M 30 -52.20 -6.76 1.94
C LYS M 30 -53.04 -7.39 0.82
N LYS M 31 -52.47 -7.49 -0.38
CA LYS M 31 -53.23 -7.92 -1.58
C LYS M 31 -53.71 -9.38 -1.49
N ALA M 32 -53.04 -10.20 -0.70
CA ALA M 32 -53.54 -11.54 -0.39
C ALA M 32 -54.84 -11.48 0.44
N GLY M 33 -55.29 -10.27 0.75
CA GLY M 33 -56.57 -10.04 1.41
C GLY M 33 -56.41 -9.89 2.91
N ASN M 34 -55.22 -9.50 3.36
CA ASN M 34 -54.96 -9.37 4.79
C ASN M 34 -55.04 -7.92 5.24
N ASP M 35 -55.52 -7.71 6.46
CA ASP M 35 -55.33 -6.44 7.15
C ASP M 35 -53.95 -6.59 7.77
N VAL M 36 -53.14 -5.53 7.67
CA VAL M 36 -51.73 -5.62 8.00
C VAL M 36 -51.27 -4.36 8.70
N VAL M 37 -50.70 -4.53 9.89
CA VAL M 37 -50.15 -3.42 10.63
C VAL M 37 -48.67 -3.69 10.84
N VAL M 38 -47.86 -2.65 10.66
CA VAL M 38 -46.43 -2.81 10.65
C VAL M 38 -45.82 -2.01 11.78
N VAL M 39 -44.75 -2.57 12.33
CA VAL M 39 -44.02 -1.96 13.42
C VAL M 39 -42.57 -2.07 13.04
N CYS M 40 -41.82 -0.98 13.22
CA CYS M 40 -40.46 -0.91 12.72
C CYS M 40 -39.44 -0.66 13.82
N SER M 41 -38.30 -1.31 13.70
CA SER M 41 -37.11 -0.90 14.42
C SER M 41 -36.50 0.31 13.70
N ALA M 42 -35.59 0.99 14.40
CA ALA M 42 -34.74 1.99 13.77
C ALA M 42 -33.79 1.30 12.80
N MET M 43 -33.39 2.01 11.76
CA MET M 43 -32.62 1.44 10.67
C MET M 43 -31.26 0.93 11.12
N GLY M 44 -30.87 -0.23 10.63
CA GLY M 44 -29.58 -0.82 10.98
C GLY M 44 -29.26 -0.77 12.46
N ASP M 45 -28.14 -0.12 12.78
CA ASP M 45 -27.64 -0.03 14.15
C ASP M 45 -28.02 1.26 14.88
N THR M 46 -29.00 2.01 14.38
CA THR M 46 -29.25 3.34 14.97
C THR M 46 -29.72 3.26 16.41
N THR M 47 -30.45 2.22 16.81
CA THR M 47 -30.88 2.10 18.20
C THR M 47 -29.67 1.99 19.14
N ASP M 48 -28.67 1.21 18.76
CA ASP M 48 -27.45 1.10 19.56
C ASP M 48 -26.65 2.40 19.53
N GLU M 49 -26.68 3.11 18.42
CA GLU M 49 -25.94 4.37 18.31
C GLU M 49 -26.56 5.43 19.19
N LEU M 50 -27.88 5.43 19.26
CA LEU M 50 -28.63 6.37 20.08
C LEU M 50 -28.44 6.04 21.55
N LEU M 51 -28.43 4.76 21.89
CA LEU M 51 -28.17 4.36 23.27
C LEU M 51 -26.80 4.82 23.73
N GLU M 52 -25.79 4.68 22.86
CA GLU M 52 -24.42 5.10 23.16
C GLU M 52 -24.37 6.63 23.28
N LEU M 53 -24.99 7.32 22.33
CA LEU M 53 -25.21 8.77 22.41
C LEU M 53 -25.80 9.16 23.77
N ALA M 54 -26.95 8.59 24.12
CA ALA M 54 -27.60 8.92 25.38
C ALA M 54 -26.67 8.76 26.60
N ALA M 55 -26.01 7.63 26.71
CA ALA M 55 -25.11 7.36 27.84
C ALA M 55 -23.91 8.34 27.84
N ALA M 56 -23.54 8.86 26.68
CA ALA M 56 -22.47 9.85 26.56
C ALA M 56 -22.93 11.30 26.81
N VAL M 57 -24.22 11.58 26.66
CA VAL M 57 -24.78 12.91 26.98
C VAL M 57 -25.29 13.00 28.44
N ASN M 58 -25.73 11.88 28.98
CA ASN M 58 -26.08 11.75 30.38
C ASN M 58 -25.84 10.29 30.80
N PRO M 59 -24.81 10.04 31.63
CA PRO M 59 -24.81 8.70 32.20
C PRO M 59 -26.12 8.62 32.96
N VAL M 60 -26.69 7.46 33.16
CA VAL M 60 -28.07 7.44 33.67
C VAL M 60 -29.03 8.40 32.92
N PRO M 61 -29.32 8.11 31.64
CA PRO M 61 -30.33 8.88 30.90
C PRO M 61 -31.71 8.76 31.51
N PRO M 62 -32.42 9.87 31.75
CA PRO M 62 -33.78 9.79 32.27
C PRO M 62 -34.79 9.12 31.33
N ALA M 63 -35.70 8.34 31.92
CA ALA M 63 -36.60 7.48 31.16
C ALA M 63 -37.48 8.26 30.18
N ARG M 64 -37.95 9.43 30.60
CA ARG M 64 -38.82 10.25 29.75
C ARG M 64 -38.19 10.54 28.40
N GLU M 65 -36.96 11.03 28.42
CA GLU M 65 -36.29 11.45 27.20
C GLU M 65 -35.77 10.25 26.40
N MET M 66 -35.34 9.20 27.09
CA MET M 66 -34.97 7.97 26.44
C MET M 66 -36.10 7.38 25.61
N ASP M 67 -37.32 7.47 26.13
CA ASP M 67 -38.48 7.16 25.33
C ASP M 67 -38.55 8.07 24.07
N MET M 68 -38.44 9.39 24.24
CA MET M 68 -38.42 10.31 23.09
C MET M 68 -37.37 9.84 22.09
N LEU M 69 -36.15 9.68 22.59
CA LEU M 69 -35.02 9.31 21.77
C LEU M 69 -35.30 8.08 20.92
N LEU M 70 -35.57 6.95 21.56
CA LEU M 70 -35.74 5.70 20.83
C LEU M 70 -36.98 5.75 19.91
N THR M 71 -38.08 6.33 20.37
CA THR M 71 -39.27 6.53 19.54
C THR M 71 -38.94 7.31 18.26
N ALA M 72 -38.24 8.43 18.41
CA ALA M 72 -37.82 9.27 17.26
C ALA M 72 -36.98 8.51 16.23
N GLY M 73 -36.18 7.56 16.68
CA GLY M 73 -35.39 6.72 15.77
C GLY M 73 -36.28 5.76 14.99
N GLU M 74 -37.24 5.16 15.68
CA GLU M 74 -38.24 4.30 15.05
C GLU M 74 -39.12 5.09 14.08
N ARG M 75 -39.47 6.31 14.46
CA ARG M 75 -40.33 7.14 13.65
C ARG M 75 -39.74 7.48 12.29
N ILE M 76 -38.41 7.55 12.17
CA ILE M 76 -37.84 7.81 10.85
C ILE M 76 -38.02 6.59 9.93
N SER M 77 -37.87 5.38 10.47
CA SER M 77 -38.14 4.17 9.73
C SER M 77 -39.62 4.16 9.30
N ASN M 78 -40.51 4.34 10.28
CA ASN M 78 -41.93 4.50 10.03
C ASN M 78 -42.23 5.44 8.89
N ALA M 79 -41.57 6.59 8.87
CA ALA M 79 -41.84 7.62 7.85
C ALA M 79 -41.36 7.19 6.47
N LEU M 80 -40.17 6.57 6.41
CA LEU M 80 -39.65 6.06 5.15
C LEU M 80 -40.49 4.87 4.62
N VAL M 81 -40.90 3.94 5.48
CA VAL M 81 -41.72 2.82 5.01
C VAL M 81 -43.10 3.28 4.50
N ALA M 82 -43.74 4.18 5.22
CA ALA M 82 -44.94 4.85 4.73
C ALA M 82 -44.71 5.40 3.31
N MET M 83 -43.65 6.19 3.13
CA MET M 83 -43.37 6.78 1.82
C MET M 83 -43.24 5.72 0.74
N ALA M 84 -42.51 4.65 1.06
CA ALA M 84 -42.29 3.53 0.16
C ALA M 84 -43.62 2.85 -0.14
N ILE M 85 -44.41 2.63 0.90
CA ILE M 85 -45.69 1.96 0.73
C ILE M 85 -46.59 2.75 -0.22
N GLU M 86 -46.59 4.07 -0.09
CA GLU M 86 -47.46 4.90 -0.94
C GLU M 86 -46.99 4.89 -2.38
N SER M 87 -45.69 4.78 -2.60
CA SER M 87 -45.19 4.66 -3.97
C SER M 87 -45.64 3.36 -4.65
N LEU M 88 -45.96 2.31 -3.88
CA LEU M 88 -46.52 1.09 -4.45
C LEU M 88 -48.06 1.10 -4.45
N GLY M 89 -48.66 2.25 -4.17
CA GLY M 89 -50.11 2.44 -4.34
C GLY M 89 -50.96 2.09 -3.15
N ALA M 90 -50.34 1.80 -2.01
CA ALA M 90 -51.05 1.50 -0.80
C ALA M 90 -51.18 2.74 0.10
N GLU M 91 -52.32 2.89 0.76
CA GLU M 91 -52.52 3.96 1.73
C GLU M 91 -51.88 3.59 3.07
N ALA M 92 -51.11 4.51 3.63
CA ALA M 92 -50.45 4.28 4.91
C ALA M 92 -50.92 5.30 5.92
N GLN M 93 -51.22 4.83 7.13
CA GLN M 93 -51.46 5.72 8.25
C GLN M 93 -50.52 5.39 9.39
N SER M 94 -49.92 6.44 9.96
CA SER M 94 -48.99 6.30 11.07
C SER M 94 -49.66 6.58 12.41
N PHE M 95 -49.21 5.86 13.43
CA PHE M 95 -49.76 6.03 14.77
C PHE M 95 -48.61 6.18 15.76
N THR M 96 -48.71 7.18 16.63
CA THR M 96 -47.76 7.37 17.71
C THR M 96 -48.52 7.41 19.02
N GLY M 97 -48.26 6.43 19.89
CA GLY M 97 -48.97 6.33 21.16
C GLY M 97 -48.15 5.72 22.27
N ASP M 115 -54.89 3.44 26.36
CA ASP M 115 -54.37 3.54 24.99
C ASP M 115 -55.41 3.03 23.99
N VAL M 116 -56.03 3.95 23.25
CA VAL M 116 -57.03 3.61 22.23
C VAL M 116 -56.42 3.48 20.82
N THR M 117 -55.09 3.33 20.76
CA THR M 117 -54.40 3.03 19.52
C THR M 117 -55.03 1.85 18.80
N PRO M 118 -55.28 0.73 19.52
CA PRO M 118 -55.87 -0.43 18.87
C PRO M 118 -57.20 -0.11 18.22
N GLY M 119 -58.01 0.69 18.90
CA GLY M 119 -59.32 1.11 18.37
C GLY M 119 -59.18 2.02 17.17
N ARG M 120 -58.32 3.02 17.28
CA ARG M 120 -58.03 3.94 16.18
C ARG M 120 -57.52 3.17 14.97
N VAL M 121 -56.72 2.14 15.23
CA VAL M 121 -56.13 1.33 14.16
C VAL M 121 -57.11 0.34 13.50
N ARG M 122 -58.20 -0.03 14.18
CA ARG M 122 -59.25 -0.86 13.53
C ARG M 122 -59.99 -0.03 12.50
N GLU M 123 -60.27 1.22 12.85
CA GLU M 123 -60.97 2.14 11.94
C GLU M 123 -60.14 2.33 10.67
N ALA M 124 -58.87 2.73 10.83
CA ALA M 124 -57.95 2.83 9.70
C ALA M 124 -57.90 1.51 8.92
N LEU M 125 -57.67 0.42 9.63
CA LEU M 125 -57.48 -0.90 9.05
C LEU M 125 -58.62 -1.30 8.13
N ASP M 126 -59.85 -1.23 8.62
CA ASP M 126 -61.00 -1.64 7.80
C ASP M 126 -61.45 -0.52 6.84
N GLU M 127 -60.85 0.66 6.98
CA GLU M 127 -60.87 1.70 5.93
C GLU M 127 -59.93 1.35 4.77
N GLY M 128 -59.15 0.27 4.92
CA GLY M 128 -58.20 -0.17 3.89
C GLY M 128 -56.77 0.37 4.04
N LYS M 129 -56.48 1.04 5.14
CA LYS M 129 -55.15 1.59 5.36
C LYS M 129 -54.25 0.47 5.81
N ILE M 130 -52.97 0.57 5.47
CA ILE M 130 -51.93 -0.22 6.15
C ILE M 130 -51.39 0.64 7.29
N CYS M 131 -51.40 0.11 8.51
CA CYS M 131 -51.14 0.89 9.73
C CYS M 131 -49.76 0.66 10.31
N ILE M 132 -48.98 1.73 10.32
CA ILE M 132 -47.63 1.70 10.83
C ILE M 132 -47.68 2.34 12.21
N VAL M 133 -47.24 1.60 13.22
CA VAL M 133 -47.34 2.05 14.61
C VAL M 133 -46.02 1.87 15.39
N ALA M 134 -45.71 2.86 16.22
CA ALA M 134 -44.53 2.85 17.09
C ALA M 134 -44.93 3.12 18.54
N GLY M 135 -44.28 2.45 19.50
CA GLY M 135 -44.29 2.88 20.92
C GLY M 135 -45.41 2.45 21.88
N PHE M 136 -46.41 1.71 21.40
CA PHE M 136 -47.55 1.28 22.24
C PHE M 136 -47.12 0.34 23.37
N VAL M 146 -49.39 -8.78 36.17
CA VAL M 146 -48.00 -8.73 35.72
C VAL M 146 -47.34 -7.38 36.03
N THR M 147 -46.03 -7.42 36.27
CA THR M 147 -45.24 -6.22 36.56
C THR M 147 -44.18 -6.07 35.47
N THR M 148 -44.08 -4.85 34.90
CA THR M 148 -43.14 -4.58 33.79
C THR M 148 -41.96 -3.71 34.23
N LEU M 149 -40.75 -4.09 33.77
CA LEU M 149 -39.51 -3.37 34.09
C LEU M 149 -38.84 -2.96 32.80
N GLY M 150 -38.43 -1.69 32.71
CA GLY M 150 -37.79 -1.17 31.49
C GLY M 150 -38.82 -0.76 30.46
N ARG M 151 -38.34 -0.38 29.27
CA ARG M 151 -39.19 0.15 28.20
C ARG M 151 -39.49 -0.93 27.16
N GLY M 152 -40.72 -0.94 26.65
CA GLY M 152 -41.10 -1.85 25.57
C GLY M 152 -40.46 -1.43 24.25
N GLY M 153 -39.74 -2.37 23.63
CA GLY M 153 -39.16 -2.16 22.30
C GLY M 153 -40.20 -2.43 21.21
N SER M 154 -39.73 -2.50 19.98
CA SER M 154 -40.60 -2.70 18.83
C SER M 154 -41.24 -4.10 18.82
N ASP M 155 -40.43 -5.12 19.12
CA ASP M 155 -40.95 -6.48 19.14
C ASP M 155 -42.15 -6.61 20.09
N THR M 156 -42.04 -5.98 21.25
CA THR M 156 -43.10 -5.99 22.26
C THR M 156 -44.34 -5.22 21.78
N THR M 157 -44.11 -4.05 21.17
CA THR M 157 -45.24 -3.25 20.65
C THR M 157 -45.97 -4.00 19.56
N ALA M 158 -45.22 -4.75 18.74
CA ALA M 158 -45.83 -5.63 17.73
C ALA M 158 -46.72 -6.68 18.38
N VAL M 159 -46.18 -7.36 19.39
CA VAL M 159 -46.92 -8.43 20.06
C VAL M 159 -48.12 -7.86 20.84
N ALA M 160 -47.93 -6.70 21.46
CA ALA M 160 -49.02 -6.04 22.19
C ALA M 160 -50.19 -5.71 21.28
N LEU M 161 -49.90 -4.98 20.19
CA LEU M 161 -50.92 -4.69 19.17
C LEU M 161 -51.61 -5.96 18.69
N ALA M 162 -50.83 -7.02 18.47
CA ALA M 162 -51.39 -8.29 18.04
C ALA M 162 -52.35 -8.89 19.10
N ALA M 163 -51.96 -8.83 20.37
CA ALA M 163 -52.85 -9.26 21.45
C ALA M 163 -54.11 -8.40 21.43
N ALA M 164 -53.92 -7.09 21.42
CA ALA M 164 -55.00 -6.11 21.46
C ALA M 164 -56.02 -6.28 20.33
N LEU M 165 -55.54 -6.57 19.12
CA LEU M 165 -56.36 -6.54 17.91
C LEU M 165 -56.94 -7.91 17.58
N ASN M 166 -56.63 -8.92 18.39
CA ASN M 166 -56.98 -10.30 18.08
C ASN M 166 -56.39 -10.71 16.73
N ALA M 167 -55.10 -10.44 16.55
CA ALA M 167 -54.41 -10.78 15.32
C ALA M 167 -54.41 -12.29 15.14
N ASP M 168 -54.14 -12.73 13.90
CA ASP M 168 -53.97 -14.16 13.59
C ASP M 168 -52.52 -14.60 13.64
N VAL M 169 -51.61 -13.69 13.30
CA VAL M 169 -50.18 -13.92 13.44
C VAL M 169 -49.51 -12.60 13.70
N CYS M 170 -48.24 -12.68 14.11
CA CYS M 170 -47.40 -11.54 14.28
C CYS M 170 -46.02 -11.94 13.83
N GLU M 171 -45.61 -11.43 12.67
CA GLU M 171 -44.40 -11.91 12.00
C GLU M 171 -43.20 -11.03 12.39
N ILE M 172 -42.15 -11.66 12.89
CA ILE M 172 -40.96 -10.94 13.28
C ILE M 172 -40.00 -11.21 12.18
N TYR M 173 -39.54 -10.14 11.53
CA TYR M 173 -38.67 -10.20 10.35
C TYR M 173 -37.25 -9.74 10.65
N SER M 174 -36.29 -10.46 10.08
CA SER M 174 -34.89 -10.09 10.17
C SER M 174 -34.18 -10.91 9.12
N ASP M 175 -32.83 -10.91 9.18
CA ASP M 175 -32.03 -11.71 8.24
C ASP M 175 -32.01 -13.22 8.53
N VAL M 176 -32.57 -13.65 9.66
CA VAL M 176 -32.63 -15.10 9.95
C VAL M 176 -33.95 -15.66 9.43
N ASP M 177 -33.87 -16.69 8.60
CA ASP M 177 -35.06 -17.22 7.94
C ASP M 177 -35.93 -18.13 8.82
N GLY M 178 -35.46 -18.46 10.01
CA GLY M 178 -36.26 -19.18 10.99
C GLY M 178 -35.49 -19.50 12.26
N VAL M 179 -36.04 -20.36 13.10
CA VAL M 179 -35.31 -20.88 14.26
C VAL M 179 -34.87 -22.29 13.92
N TYR M 180 -33.67 -22.65 14.33
CA TYR M 180 -33.01 -23.87 13.92
C TYR M 180 -32.75 -24.80 15.09
N THR M 181 -32.68 -26.10 14.81
CA THR M 181 -32.38 -27.09 15.83
C THR M 181 -30.97 -26.86 16.42
N ALA M 182 -30.11 -26.22 15.65
CA ALA M 182 -28.81 -25.74 16.13
C ALA M 182 -28.24 -24.77 15.10
N ASP M 183 -27.28 -23.96 15.52
CA ASP M 183 -26.60 -23.05 14.61
C ASP M 183 -26.01 -23.83 13.45
N PRO M 184 -26.53 -23.61 12.23
CA PRO M 184 -26.08 -24.38 11.05
C PRO M 184 -24.62 -24.13 10.65
N ARG M 185 -24.04 -22.99 11.03
CA ARG M 185 -22.61 -22.75 10.83
C ARG M 185 -21.79 -23.85 11.53
N ILE M 186 -22.15 -24.12 12.79
CA ILE M 186 -21.42 -25.05 13.67
C ILE M 186 -21.87 -26.50 13.48
N VAL M 187 -23.15 -26.68 13.20
CA VAL M 187 -23.75 -28.01 13.05
C VAL M 187 -24.44 -28.09 11.70
N PRO M 188 -23.85 -28.82 10.74
CA PRO M 188 -24.32 -28.82 9.35
C PRO M 188 -25.64 -29.57 9.11
N ASN M 189 -25.87 -30.66 9.84
CA ASN M 189 -27.17 -31.36 9.80
C ASN M 189 -28.32 -30.55 10.41
N ALA M 190 -28.00 -29.39 11.00
CA ALA M 190 -28.99 -28.48 11.56
C ALA M 190 -30.12 -28.20 10.59
N GLN M 191 -31.30 -27.93 11.13
CA GLN M 191 -32.54 -27.88 10.35
C GLN M 191 -33.49 -26.82 10.88
N LYS M 192 -34.20 -26.17 9.97
CA LYS M 192 -35.20 -25.17 10.32
C LYS M 192 -36.40 -25.85 10.95
N LEU M 193 -36.82 -25.32 12.08
CA LEU M 193 -38.04 -25.79 12.74
C LEU M 193 -39.27 -25.31 11.97
N GLU M 194 -40.25 -26.19 11.82
CA GLU M 194 -41.55 -25.83 11.26
C GLU M 194 -42.36 -25.14 12.32
N LYS M 195 -42.56 -25.82 13.45
CA LYS M 195 -43.36 -25.31 14.55
C LYS M 195 -42.60 -25.45 15.88
N LEU M 196 -42.96 -24.63 16.85
CA LEU M 196 -42.34 -24.65 18.15
C LEU M 196 -43.33 -23.99 19.14
N SER M 197 -43.30 -24.37 20.40
CA SER M 197 -44.27 -23.85 21.37
C SER M 197 -43.72 -22.59 22.01
N PHE M 198 -44.59 -21.81 22.63
CA PHE M 198 -44.15 -20.59 23.32
C PHE M 198 -43.01 -20.85 24.31
N GLU M 199 -43.17 -21.84 25.18
CA GLU M 199 -42.23 -21.95 26.30
C GLU M 199 -40.90 -22.55 25.83
N GLU M 200 -40.94 -23.42 24.83
CA GLU M 200 -39.72 -23.88 24.17
C GLU M 200 -38.96 -22.70 23.52
N MET M 201 -39.68 -21.71 23.00
CA MET M 201 -39.04 -20.52 22.44
C MET M 201 -38.35 -19.70 23.53
N LEU M 202 -39.09 -19.40 24.59
CA LEU M 202 -38.56 -18.71 25.77
C LEU M 202 -37.29 -19.35 26.27
N GLU M 203 -37.34 -20.68 26.31
CA GLU M 203 -36.27 -21.44 26.90
C GLU M 203 -35.01 -21.38 26.04
N LEU M 204 -35.14 -21.52 24.73
CA LEU M 204 -34.02 -21.30 23.81
C LEU M 204 -33.50 -19.86 23.82
N ALA M 205 -34.41 -18.90 23.81
CA ALA M 205 -34.05 -17.49 23.85
C ALA M 205 -33.34 -17.17 25.16
N ALA M 206 -33.76 -17.84 26.23
CA ALA M 206 -33.15 -17.62 27.55
C ALA M 206 -31.71 -18.11 27.60
N VAL M 207 -31.28 -18.90 26.63
CA VAL M 207 -30.06 -19.67 26.81
C VAL M 207 -29.08 -19.63 25.65
N GLY M 208 -29.36 -18.79 24.66
CA GLY M 208 -28.47 -18.62 23.52
C GLY M 208 -29.05 -17.71 22.45
N SER M 209 -30.19 -18.11 21.88
CA SER M 209 -30.81 -17.39 20.76
C SER M 209 -30.94 -15.89 21.03
N LYS M 210 -30.71 -15.08 19.99
CA LYS M 210 -31.06 -13.65 20.04
C LYS M 210 -32.16 -13.29 19.03
N ILE M 211 -32.92 -14.27 18.55
CA ILE M 211 -33.94 -14.05 17.52
C ILE M 211 -35.01 -13.05 17.96
N LEU M 212 -35.77 -13.39 19.00
CA LEU M 212 -36.76 -12.48 19.58
C LEU M 212 -36.29 -11.91 20.89
N VAL M 213 -36.94 -10.85 21.36
CA VAL M 213 -36.75 -10.36 22.73
C VAL M 213 -37.68 -11.11 23.68
N LEU M 214 -37.11 -11.67 24.74
CA LEU M 214 -37.84 -12.55 25.66
C LEU M 214 -39.15 -11.97 26.12
N ARG M 215 -39.09 -10.70 26.50
CA ARG M 215 -40.28 -9.99 26.94
C ARG M 215 -41.43 -10.20 25.95
N SER M 216 -41.13 -10.13 24.66
CA SER M 216 -42.16 -10.14 23.63
C SER M 216 -42.74 -11.52 23.44
N VAL M 217 -41.88 -12.52 23.50
CA VAL M 217 -42.33 -13.92 23.47
C VAL M 217 -43.23 -14.24 24.68
N GLU M 218 -42.92 -13.68 25.84
CA GLU M 218 -43.72 -13.93 27.05
C GLU M 218 -45.06 -13.22 26.97
N TYR M 219 -45.09 -12.06 26.33
CA TYR M 219 -46.36 -11.40 25.99
C TYR M 219 -47.22 -12.29 25.09
N ALA M 220 -46.62 -12.83 24.04
CA ALA M 220 -47.36 -13.66 23.10
C ALA M 220 -47.95 -14.87 23.82
N ARG M 221 -47.14 -15.45 24.71
CA ARG M 221 -47.50 -16.64 25.45
C ARG M 221 -48.72 -16.45 26.31
N ALA M 222 -48.78 -15.29 26.98
CA ALA M 222 -49.87 -14.94 27.87
C ALA M 222 -51.20 -14.73 27.13
N PHE M 223 -51.13 -14.25 25.89
CA PHE M 223 -52.32 -13.86 25.12
C PHE M 223 -52.62 -14.79 23.94
N ASN M 224 -51.78 -15.80 23.77
CA ASN M 224 -51.95 -16.77 22.72
C ASN M 224 -51.84 -16.09 21.35
N VAL M 225 -50.72 -15.40 21.13
CA VAL M 225 -50.44 -14.76 19.85
C VAL M 225 -49.41 -15.57 19.05
N PRO M 226 -49.85 -16.23 17.97
CA PRO M 226 -48.84 -16.95 17.19
C PRO M 226 -47.82 -16.02 16.56
N LEU M 227 -46.54 -16.36 16.71
CA LEU M 227 -45.46 -15.64 16.07
C LEU M 227 -44.90 -16.44 14.91
N ARG M 228 -44.34 -15.74 13.92
CA ARG M 228 -43.59 -16.38 12.86
C ARG M 228 -42.23 -15.68 12.72
N VAL M 229 -41.13 -16.41 12.93
CA VAL M 229 -39.79 -15.91 12.67
C VAL M 229 -39.46 -16.14 11.19
N ARG M 230 -39.29 -15.06 10.44
CA ARG M 230 -39.20 -15.10 8.97
C ARG M 230 -38.05 -14.28 8.43
N SER M 231 -37.73 -14.47 7.16
CA SER M 231 -36.69 -13.70 6.48
C SER M 231 -37.31 -12.59 5.63
N SER M 232 -36.79 -11.37 5.82
CA SER M 232 -37.09 -10.25 4.94
C SER M 232 -36.23 -10.32 3.66
N TYR M 233 -35.57 -11.45 3.43
CA TYR M 233 -34.74 -11.65 2.24
C TYR M 233 -35.14 -12.81 1.34
N SER M 234 -36.05 -13.67 1.80
CA SER M 234 -36.62 -14.74 0.98
C SER M 234 -38.10 -14.93 1.28
N ASN M 235 -38.77 -15.84 0.60
CA ASN M 235 -40.20 -16.06 0.81
C ASN M 235 -40.44 -17.36 1.59
N ASP M 236 -39.36 -17.89 2.17
CA ASP M 236 -39.44 -19.02 3.10
C ASP M 236 -40.40 -18.67 4.25
N PRO M 237 -41.42 -19.52 4.51
CA PRO M 237 -42.46 -19.19 5.49
C PRO M 237 -42.01 -19.16 6.97
N GLY M 238 -40.76 -19.54 7.24
CA GLY M 238 -40.17 -19.38 8.56
C GLY M 238 -40.54 -20.46 9.56
N THR M 239 -40.44 -20.13 10.85
CA THR M 239 -40.74 -21.04 11.95
C THR M 239 -41.89 -20.45 12.74
N LEU M 240 -42.95 -21.21 12.93
CA LEU M 240 -44.09 -20.74 13.74
C LEU M 240 -43.83 -21.02 15.22
N ILE M 241 -44.05 -20.01 16.07
CA ILE M 241 -44.12 -20.16 17.53
C ILE M 241 -45.59 -20.01 17.94
N ALA M 242 -46.20 -21.09 18.38
CA ALA M 242 -47.62 -21.07 18.69
C ALA M 242 -47.93 -22.22 19.60
N GLY M 243 -49.00 -22.08 20.37
CA GLY M 243 -49.49 -23.15 21.22
C GLY M 243 -48.77 -23.21 22.55
N SER M 244 -49.52 -23.58 23.59
CA SER M 244 -48.95 -23.84 24.90
C SER M 244 -48.54 -25.30 25.02
N MET M 245 -47.39 -25.49 25.65
CA MET M 245 -46.81 -26.82 25.88
C MET M 245 -47.76 -27.76 26.61
N GLU M 246 -48.59 -27.23 27.51
CA GLU M 246 -49.58 -28.05 28.23
C GLU M 246 -50.59 -28.75 27.31
N ASP M 247 -50.78 -28.20 26.11
CA ASP M 247 -51.67 -28.77 25.10
C ASP M 247 -50.98 -29.71 24.10
N ILE M 248 -49.68 -29.94 24.26
CA ILE M 248 -48.96 -30.92 23.45
C ILE M 248 -49.09 -32.29 24.15
N PRO M 249 -49.51 -33.33 23.41
CA PRO M 249 -49.52 -34.67 24.02
C PRO M 249 -48.11 -35.19 24.39
N VAL M 250 -48.09 -36.27 25.17
CA VAL M 250 -46.82 -36.83 25.69
C VAL M 250 -46.12 -37.63 24.59
N GLU M 251 -46.91 -38.39 23.82
CA GLU M 251 -46.40 -39.12 22.67
C GLU M 251 -45.94 -38.16 21.55
N GLU M 252 -46.66 -37.03 21.39
CA GLU M 252 -46.30 -36.01 20.40
C GLU M 252 -45.22 -35.02 20.85
N ALA M 253 -44.86 -35.03 22.13
CA ALA M 253 -43.85 -34.09 22.66
C ALA M 253 -42.44 -34.51 22.24
N VAL M 254 -41.69 -33.56 21.71
CA VAL M 254 -40.43 -33.85 21.03
C VAL M 254 -39.32 -32.95 21.58
N LEU M 255 -38.07 -33.24 21.20
CA LEU M 255 -36.95 -32.35 21.54
C LEU M 255 -36.75 -31.30 20.45
N THR M 256 -36.73 -30.04 20.86
CA THR M 256 -36.77 -28.90 19.95
C THR M 256 -35.44 -28.57 19.35
N GLY M 257 -34.43 -28.38 20.20
CA GLY M 257 -33.14 -27.88 19.72
C GLY M 257 -32.04 -27.74 20.75
N VAL M 258 -30.84 -27.50 20.24
CA VAL M 258 -29.61 -27.30 21.00
C VAL M 258 -29.16 -25.85 20.83
N ALA M 259 -28.85 -25.17 21.92
CA ALA M 259 -28.46 -23.76 21.87
C ALA M 259 -27.15 -23.55 22.59
N THR M 260 -26.44 -22.50 22.19
CA THR M 260 -25.07 -22.31 22.61
C THR M 260 -24.87 -20.84 23.01
N ASP M 261 -23.97 -20.58 23.96
CA ASP M 261 -23.64 -19.20 24.37
C ASP M 261 -22.19 -19.11 24.86
N LYS M 262 -21.38 -18.29 24.19
CA LYS M 262 -19.97 -18.10 24.55
C LYS M 262 -19.66 -16.65 25.01
N SER M 263 -20.69 -15.93 25.41
CA SER M 263 -20.57 -14.52 25.74
C SER M 263 -20.52 -14.22 27.25
N GLU M 264 -20.50 -15.27 28.08
CA GLU M 264 -20.65 -15.10 29.54
C GLU M 264 -19.37 -15.36 30.30
N ALA M 265 -19.28 -14.80 31.49
CA ALA M 265 -18.23 -15.19 32.46
C ALA M 265 -18.93 -15.79 33.66
N LYS M 266 -18.23 -16.64 34.38
CA LYS M 266 -18.75 -17.28 35.57
C LYS M 266 -17.95 -16.75 36.74
N VAL M 267 -18.67 -16.32 37.77
CA VAL M 267 -18.09 -15.83 39.00
C VAL M 267 -18.59 -16.71 40.13
N THR M 268 -17.71 -17.04 41.08
CA THR M 268 -18.10 -17.88 42.21
C THR M 268 -17.71 -17.25 43.54
N VAL M 269 -18.72 -17.06 44.38
CA VAL M 269 -18.52 -16.61 45.75
C VAL M 269 -18.52 -17.85 46.65
N LEU M 270 -17.41 -18.13 47.31
CA LEU M 270 -17.33 -19.35 48.09
C LEU M 270 -17.10 -19.06 49.58
N GLY M 271 -17.79 -19.85 50.41
CA GLY M 271 -17.75 -19.73 51.86
C GLY M 271 -18.86 -18.88 52.48
N ILE M 272 -20.01 -18.76 51.80
CA ILE M 272 -21.13 -17.93 52.31
C ILE M 272 -21.88 -18.71 53.39
N SER M 273 -22.18 -18.07 54.52
CA SER M 273 -22.87 -18.76 55.63
C SER M 273 -24.35 -18.97 55.32
N ASP M 274 -24.83 -20.16 55.67
CA ASP M 274 -26.16 -20.60 55.30
C ASP M 274 -27.15 -20.06 56.32
N LYS M 275 -27.59 -18.83 56.06
CA LYS M 275 -28.39 -18.05 56.98
C LYS M 275 -29.12 -16.95 56.22
N PRO M 276 -30.41 -16.72 56.53
CA PRO M 276 -31.20 -15.78 55.74
C PRO M 276 -30.54 -14.40 55.57
N GLY M 277 -30.72 -13.80 54.40
CA GLY M 277 -30.17 -12.47 54.09
C GLY M 277 -28.82 -12.46 53.41
N GLU M 278 -28.09 -13.58 53.48
CA GLU M 278 -26.71 -13.66 52.96
C GLU M 278 -26.65 -13.67 51.43
N ALA M 279 -27.62 -14.33 50.81
CA ALA M 279 -27.75 -14.28 49.36
C ALA M 279 -28.04 -12.84 48.91
N ALA M 280 -28.91 -12.18 49.68
CA ALA M 280 -29.30 -10.80 49.42
C ALA M 280 -28.13 -9.84 49.44
N LYS M 281 -27.15 -10.10 50.31
CA LYS M 281 -25.96 -9.27 50.36
C LYS M 281 -25.21 -9.31 49.04
N VAL M 282 -25.02 -10.51 48.50
CA VAL M 282 -24.30 -10.67 47.23
C VAL M 282 -24.97 -9.92 46.11
N PHE M 283 -26.28 -10.11 45.95
CA PHE M 283 -26.99 -9.63 44.74
C PHE M 283 -27.48 -8.20 44.78
N ARG M 284 -27.68 -7.67 45.97
CA ARG M 284 -27.91 -6.24 46.11
C ARG M 284 -26.62 -5.54 45.69
N ALA M 285 -25.48 -6.02 46.18
CA ALA M 285 -24.17 -5.50 45.75
C ALA M 285 -24.05 -5.49 44.22
N LEU M 286 -24.43 -6.61 43.59
CA LEU M 286 -24.37 -6.75 42.12
C LEU M 286 -25.41 -5.89 41.41
N ALA M 287 -26.62 -5.83 41.96
CA ALA M 287 -27.70 -5.05 41.38
C ALA M 287 -27.38 -3.56 41.36
N ASP M 288 -26.81 -3.04 42.45
CA ASP M 288 -26.38 -1.64 42.50
C ASP M 288 -25.28 -1.33 41.47
N ALA M 289 -24.32 -2.24 41.29
CA ALA M 289 -23.25 -2.09 40.29
C ALA M 289 -23.73 -2.31 38.86
N GLU M 290 -25.03 -2.62 38.72
CA GLU M 290 -25.66 -2.84 37.42
C GLU M 290 -25.05 -4.04 36.70
N ILE M 291 -24.80 -5.11 37.43
CA ILE M 291 -24.21 -6.30 36.84
C ILE M 291 -25.34 -7.15 36.31
N ASN M 292 -25.43 -7.32 35.00
CA ASN M 292 -26.47 -8.17 34.42
C ASN M 292 -26.25 -9.62 34.87
N ILE M 293 -27.31 -10.32 35.23
CA ILE M 293 -27.19 -11.64 35.83
C ILE M 293 -27.95 -12.68 35.02
N ASP M 294 -27.21 -13.50 34.29
CA ASP M 294 -27.78 -14.50 33.36
C ASP M 294 -28.37 -15.68 34.10
N MET M 295 -27.56 -16.29 34.96
CA MET M 295 -27.97 -17.49 35.69
C MET M 295 -27.28 -17.50 37.07
N VAL M 296 -27.90 -18.11 38.08
CA VAL M 296 -27.25 -18.26 39.38
C VAL M 296 -27.62 -19.60 40.03
N LEU M 297 -26.58 -20.30 40.51
CA LEU M 297 -26.73 -21.62 41.08
C LEU M 297 -26.17 -21.65 42.48
N GLN M 298 -26.94 -22.25 43.38
CA GLN M 298 -26.50 -22.51 44.70
C GLN M 298 -27.00 -23.89 45.09
N ASN M 299 -26.15 -24.68 45.72
CA ASN M 299 -26.46 -26.04 46.08
C ASN M 299 -26.40 -26.24 47.60
N VAL M 300 -26.83 -27.43 48.03
CA VAL M 300 -26.49 -28.10 49.33
C VAL M 300 -27.70 -28.85 49.88
N PHE M 301 -27.51 -29.53 51.02
CA PHE M 301 -28.61 -30.10 51.81
C PHE M 301 -28.49 -29.71 53.28
N GLY M 306 -20.22 -24.72 57.87
CA GLY M 306 -21.66 -24.45 57.77
C GLY M 306 -21.99 -23.41 56.72
N THR M 307 -21.34 -23.53 55.57
CA THR M 307 -21.38 -22.50 54.54
C THR M 307 -21.80 -23.13 53.24
N THR M 308 -21.90 -22.30 52.21
CA THR M 308 -22.11 -22.79 50.86
C THR M 308 -21.54 -21.79 49.86
N ASP M 309 -21.63 -22.14 48.57
CA ASP M 309 -21.09 -21.34 47.49
C ASP M 309 -22.21 -20.87 46.58
N ILE M 310 -22.05 -19.69 45.99
CA ILE M 310 -22.97 -19.18 44.96
C ILE M 310 -22.24 -18.80 43.67
N THR M 311 -22.72 -19.40 42.58
CA THR M 311 -22.18 -19.17 41.27
C THR M 311 -23.21 -18.43 40.44
N PHE M 312 -22.72 -17.56 39.55
CA PHE M 312 -23.59 -16.89 38.64
C PHE M 312 -22.81 -16.54 37.37
N THR M 313 -23.53 -16.41 36.27
CA THR M 313 -22.96 -15.92 35.03
C THR M 313 -23.44 -14.51 34.72
N CYS M 314 -22.52 -13.70 34.21
CA CYS M 314 -22.81 -12.36 33.72
C CYS M 314 -22.13 -12.20 32.36
N PRO M 315 -22.51 -11.17 31.56
CA PRO M 315 -21.75 -10.89 30.33
C PRO M 315 -20.29 -10.68 30.64
N ARG M 316 -19.41 -11.01 29.70
CA ARG M 316 -17.98 -10.83 29.94
C ARG M 316 -17.62 -9.36 30.12
N SER M 317 -18.41 -8.45 29.57
CA SER M 317 -18.17 -7.03 29.80
C SER M 317 -18.42 -6.60 31.27
N ASP M 318 -19.18 -7.40 32.03
CA ASP M 318 -19.48 -7.10 33.45
C ASP M 318 -18.62 -7.90 34.46
N GLY M 319 -17.95 -8.95 34.00
CA GLY M 319 -17.21 -9.84 34.87
C GLY M 319 -16.13 -9.21 35.72
N ARG M 320 -15.40 -8.24 35.16
CA ARG M 320 -14.30 -7.59 35.89
C ARG M 320 -14.85 -6.74 37.05
N ARG M 321 -15.85 -5.91 36.74
CA ARG M 321 -16.57 -5.16 37.74
C ARG M 321 -17.21 -6.12 38.76
N ALA M 322 -17.83 -7.19 38.30
CA ALA M 322 -18.47 -8.16 39.22
C ALA M 322 -17.49 -8.57 40.30
N MET M 323 -16.33 -9.04 39.86
CA MET M 323 -15.29 -9.52 40.76
C MET M 323 -14.71 -8.41 41.69
N GLU M 324 -14.47 -7.23 41.15
CA GLU M 324 -13.97 -6.10 41.96
C GLU M 324 -14.92 -5.82 43.11
N ILE M 325 -16.20 -5.65 42.78
CA ILE M 325 -17.23 -5.39 43.78
C ILE M 325 -17.18 -6.45 44.88
N LEU M 326 -17.31 -7.72 44.48
CA LEU M 326 -17.36 -8.81 45.44
C LEU M 326 -16.06 -8.97 46.24
N LYS M 327 -14.90 -8.82 45.61
CA LYS M 327 -13.63 -8.87 46.34
C LYS M 327 -13.52 -7.71 47.34
N LYS M 328 -13.93 -6.50 46.93
CA LYS M 328 -13.95 -5.32 47.82
C LYS M 328 -14.90 -5.55 49.00
N LEU M 329 -15.92 -6.36 48.75
CA LEU M 329 -16.88 -6.77 49.77
C LEU M 329 -16.45 -8.01 50.57
N GLN M 330 -15.45 -8.74 50.09
CA GLN M 330 -14.99 -9.98 50.74
C GLN M 330 -14.14 -9.63 51.95
N VAL M 331 -13.22 -8.70 51.70
CA VAL M 331 -12.30 -8.21 52.73
C VAL M 331 -13.06 -7.85 54.02
N GLN M 332 -14.34 -7.54 53.88
CA GLN M 332 -15.20 -7.12 54.97
C GLN M 332 -16.08 -8.30 55.55
N GLY M 333 -15.54 -9.52 55.50
CA GLY M 333 -16.11 -10.65 56.28
C GLY M 333 -17.24 -11.45 55.63
N ASN M 334 -17.95 -10.83 54.70
CA ASN M 334 -19.12 -11.42 54.05
C ASN M 334 -18.92 -12.84 53.47
N TRP M 335 -17.68 -13.18 53.12
CA TRP M 335 -17.34 -14.47 52.50
C TRP M 335 -15.81 -14.64 52.40
N THR M 336 -15.33 -15.81 51.98
CA THR M 336 -13.89 -16.14 52.06
C THR M 336 -13.07 -15.94 50.78
N ASN M 337 -13.67 -16.19 49.61
CA ASN M 337 -12.96 -16.01 48.34
C ASN M 337 -13.95 -15.78 47.21
N VAL M 338 -13.46 -15.35 46.06
CA VAL M 338 -14.31 -15.15 44.91
C VAL M 338 -13.52 -15.40 43.63
N LEU M 339 -14.04 -16.30 42.79
CA LEU M 339 -13.35 -16.82 41.63
C LEU M 339 -13.96 -16.21 40.40
N TYR M 340 -13.20 -16.18 39.31
CA TYR M 340 -13.64 -15.59 38.04
C TYR M 340 -13.13 -16.40 36.85
N ASP M 341 -14.03 -16.64 35.90
CA ASP M 341 -13.76 -17.53 34.78
C ASP M 341 -14.43 -16.91 33.56
N ASP M 342 -13.63 -16.43 32.61
CA ASP M 342 -14.16 -15.77 31.41
C ASP M 342 -13.90 -16.57 30.13
N GLN M 343 -13.79 -17.89 30.28
CA GLN M 343 -13.63 -18.79 29.14
C GLN M 343 -14.64 -19.94 29.20
N VAL M 344 -15.80 -19.71 29.81
CA VAL M 344 -16.83 -20.73 29.91
C VAL M 344 -17.77 -20.64 28.72
N GLY M 345 -18.29 -21.78 28.30
CA GLY M 345 -19.31 -21.83 27.27
C GLY M 345 -20.54 -22.45 27.87
N LYS M 346 -21.71 -21.94 27.48
CA LYS M 346 -22.98 -22.56 27.84
C LYS M 346 -23.54 -23.30 26.63
N VAL M 347 -23.81 -24.59 26.80
CA VAL M 347 -24.57 -25.36 25.82
C VAL M 347 -25.78 -26.05 26.48
N SER M 348 -26.93 -26.00 25.81
CA SER M 348 -28.19 -26.45 26.39
C SER M 348 -29.02 -27.22 25.37
N LEU M 349 -29.95 -28.00 25.89
CA LEU M 349 -30.93 -28.70 25.05
C LEU M 349 -32.29 -28.34 25.57
N VAL M 350 -33.18 -27.90 24.70
CA VAL M 350 -34.56 -27.54 25.07
C VAL M 350 -35.52 -28.51 24.43
N GLY M 351 -36.62 -28.83 25.12
CA GLY M 351 -37.66 -29.67 24.55
C GLY M 351 -38.76 -30.09 25.51
N ALA M 352 -40.01 -29.78 25.16
CA ALA M 352 -41.14 -30.20 25.97
C ALA M 352 -41.12 -31.70 26.18
N GLY M 353 -40.56 -32.46 25.24
CA GLY M 353 -40.52 -33.92 25.32
C GLY M 353 -39.80 -34.43 26.55
N MET M 354 -38.79 -33.70 27.02
CA MET M 354 -37.98 -34.15 28.16
C MET M 354 -38.74 -34.10 29.48
N LYS M 355 -39.84 -33.36 29.53
CA LYS M 355 -40.49 -33.15 30.82
C LYS M 355 -41.10 -34.44 31.43
N SER M 356 -41.56 -35.35 30.58
CA SER M 356 -42.14 -36.62 31.03
C SER M 356 -41.39 -37.84 30.48
N HIS M 357 -40.13 -37.67 30.06
CA HIS M 357 -39.35 -38.79 29.52
C HIS M 357 -38.09 -39.02 30.31
N PRO M 358 -38.04 -40.10 31.09
CA PRO M 358 -36.95 -40.39 32.02
C PRO M 358 -35.47 -40.38 31.57
N GLY M 359 -35.17 -40.72 30.33
CA GLY M 359 -33.75 -40.92 29.96
C GLY M 359 -32.94 -39.79 29.32
N VAL M 360 -33.51 -38.59 29.20
CA VAL M 360 -32.89 -37.55 28.37
C VAL M 360 -31.70 -36.82 29.01
N THR M 361 -31.66 -36.64 30.32
CA THR M 361 -30.47 -36.02 30.92
C THR M 361 -29.26 -36.99 30.90
N ALA M 362 -29.52 -38.29 31.11
CA ALA M 362 -28.50 -39.34 30.92
C ALA M 362 -27.91 -39.28 29.52
N GLU M 363 -28.79 -39.29 28.52
CA GLU M 363 -28.39 -39.20 27.13
C GLU M 363 -27.53 -37.96 26.88
N PHE M 364 -27.93 -36.84 27.48
CA PHE M 364 -27.20 -35.57 27.36
C PHE M 364 -25.77 -35.78 27.87
N MET M 365 -25.67 -36.32 29.09
CA MET M 365 -24.39 -36.63 29.73
C MET M 365 -23.50 -37.59 28.95
N GLU M 366 -24.10 -38.63 28.38
CA GLU M 366 -23.34 -39.68 27.71
C GLU M 366 -22.73 -39.19 26.40
N ALA M 367 -23.49 -38.32 25.70
CA ALA M 367 -22.98 -37.67 24.50
C ALA M 367 -21.71 -36.89 24.82
N LEU M 368 -21.73 -36.10 25.89
CA LEU M 368 -20.57 -35.30 26.29
C LEU M 368 -19.41 -36.16 26.79
N ARG M 369 -19.70 -37.23 27.53
CA ARG M 369 -18.66 -38.19 27.87
C ARG M 369 -17.97 -38.77 26.62
N ASP M 370 -18.74 -39.04 25.57
CA ASP M 370 -18.20 -39.80 24.44
C ASP M 370 -17.33 -38.97 23.50
N VAL M 371 -17.48 -37.65 23.55
CA VAL M 371 -16.45 -36.71 23.16
C VAL M 371 -15.66 -36.51 24.46
N ASN M 372 -14.53 -35.84 24.48
CA ASN M 372 -13.73 -35.87 25.72
C ASN M 372 -14.11 -34.74 26.67
N VAL M 373 -15.41 -34.41 26.79
CA VAL M 373 -15.82 -33.13 27.41
C VAL M 373 -16.33 -33.23 28.85
N ASN M 374 -15.73 -32.44 29.73
CA ASN M 374 -16.06 -32.44 31.14
C ASN M 374 -17.14 -31.42 31.46
N ILE M 375 -18.10 -31.83 32.27
CA ILE M 375 -19.24 -31.01 32.67
C ILE M 375 -18.87 -30.28 33.96
N GLU M 376 -18.83 -28.96 33.91
CA GLU M 376 -18.40 -28.19 35.07
C GLU M 376 -19.55 -27.76 35.94
N LEU M 377 -20.67 -27.39 35.31
CA LEU M 377 -21.87 -26.95 36.02
C LEU M 377 -23.10 -27.43 35.27
N ILE M 378 -24.16 -27.76 36.01
CA ILE M 378 -25.42 -28.19 35.43
C ILE M 378 -26.54 -27.33 35.96
N SER M 379 -27.42 -26.90 35.07
CA SER M 379 -28.60 -26.12 35.42
C SER M 379 -29.80 -26.66 34.64
N THR M 380 -31.00 -26.48 35.16
CA THR M 380 -32.19 -26.97 34.49
C THR M 380 -33.41 -26.08 34.70
N SER M 381 -34.31 -26.13 33.74
CA SER M 381 -35.73 -25.91 33.97
C SER M 381 -36.36 -27.25 33.63
N GLU M 382 -37.69 -27.30 33.72
CA GLU M 382 -38.48 -28.50 33.44
C GLU M 382 -38.26 -29.03 32.04
N ILE M 383 -37.84 -28.15 31.13
CA ILE M 383 -37.75 -28.46 29.69
C ILE M 383 -36.38 -28.14 29.11
N ARG M 384 -35.41 -27.88 29.99
CA ARG M 384 -34.08 -27.54 29.53
C ARG M 384 -33.01 -28.14 30.43
N ILE M 385 -32.00 -28.73 29.82
CA ILE M 385 -30.76 -29.02 30.52
C ILE M 385 -29.80 -28.01 29.94
N SER M 386 -29.01 -27.38 30.80
CA SER M 386 -27.91 -26.52 30.34
C SER M 386 -26.63 -26.89 31.09
N VAL M 387 -25.48 -26.72 30.45
CA VAL M 387 -24.25 -27.05 31.13
C VAL M 387 -23.18 -26.04 30.80
N LEU M 388 -22.30 -25.79 31.76
CA LEU M 388 -21.14 -24.99 31.47
C LEU M 388 -19.98 -25.95 31.20
N ILE M 389 -19.28 -25.68 30.12
CA ILE M 389 -18.05 -26.39 29.76
C ILE M 389 -17.00 -25.36 29.29
N ARG M 390 -15.84 -25.83 28.83
CA ARG M 390 -14.84 -24.92 28.23
C ARG M 390 -15.39 -24.46 26.89
N GLU M 391 -15.21 -23.17 26.62
CA GLU M 391 -15.47 -22.55 25.33
C GLU M 391 -14.90 -23.33 24.12
N ASP M 392 -13.68 -23.84 24.25
CA ASP M 392 -13.02 -24.61 23.20
C ASP M 392 -13.75 -25.90 22.85
N ASP M 393 -14.49 -26.45 23.82
CA ASP M 393 -15.23 -27.69 23.59
C ASP M 393 -16.65 -27.46 23.15
N LEU M 394 -17.05 -26.20 23.05
CA LEU M 394 -18.45 -25.83 22.82
C LEU M 394 -19.01 -26.33 21.48
N ASP M 395 -18.24 -26.18 20.40
CA ASP M 395 -18.68 -26.63 19.06
C ASP M 395 -18.87 -28.14 19.00
N ALA M 396 -17.83 -28.86 19.41
CA ALA M 396 -17.90 -30.33 19.48
C ALA M 396 -19.06 -30.81 20.36
N ALA M 397 -19.25 -30.15 21.51
CA ALA M 397 -20.36 -30.47 22.41
C ALA M 397 -21.73 -30.28 21.71
N ALA M 398 -21.85 -29.20 20.94
CA ALA M 398 -23.05 -28.93 20.17
C ALA M 398 -23.33 -30.04 19.15
N ARG M 399 -22.28 -30.55 18.54
CA ARG M 399 -22.39 -31.60 17.53
C ARG M 399 -22.84 -32.93 18.16
N ALA M 400 -22.18 -33.34 19.23
CA ALA M 400 -22.52 -34.57 19.93
C ALA M 400 -23.99 -34.58 20.35
N LEU M 401 -24.42 -33.50 20.99
CA LEU M 401 -25.81 -33.38 21.44
C LEU M 401 -26.80 -33.52 20.29
N HIS M 402 -26.47 -32.85 19.19
CA HIS M 402 -27.35 -32.80 18.05
C HIS M 402 -27.56 -34.18 17.44
N GLU M 403 -26.48 -34.94 17.28
CA GLU M 403 -26.57 -36.27 16.67
C GLU M 403 -27.06 -37.32 17.66
N GLN M 404 -26.69 -37.18 18.93
CA GLN M 404 -27.15 -38.06 20.00
C GLN M 404 -28.67 -38.14 19.95
N PHE M 405 -29.31 -36.99 20.13
CA PHE M 405 -30.73 -36.86 19.88
C PHE M 405 -30.78 -36.72 18.38
N GLN M 406 -31.93 -36.87 17.75
CA GLN M 406 -31.89 -37.04 16.30
C GLN M 406 -32.36 -35.76 15.61
N LEU M 407 -31.76 -34.65 15.99
CA LEU M 407 -32.15 -33.36 15.47
C LEU M 407 -31.71 -33.30 14.00
N GLY M 408 -32.52 -32.66 13.16
CA GLY M 408 -32.22 -32.49 11.72
C GLY M 408 -31.83 -33.73 10.92
N ALA N 4 -38.23 -6.22 30.83
CA ALA N 4 -38.53 -7.46 31.63
C ALA N 4 -39.97 -7.49 32.16
N VAL N 5 -40.56 -8.69 32.21
CA VAL N 5 -41.88 -8.89 32.80
C VAL N 5 -41.88 -9.95 33.89
N LEU N 6 -42.74 -9.77 34.89
CA LEU N 6 -42.88 -10.68 36.03
C LEU N 6 -44.36 -11.11 36.10
N THR N 7 -44.63 -12.33 35.64
CA THR N 7 -45.99 -12.76 35.38
C THR N 7 -46.64 -13.48 36.57
N GLY N 8 -45.82 -14.10 37.42
CA GLY N 8 -46.37 -14.80 38.56
C GLY N 8 -45.39 -15.50 39.47
N VAL N 9 -45.95 -16.24 40.43
CA VAL N 9 -45.15 -17.04 41.34
C VAL N 9 -45.82 -18.39 41.53
N ALA N 10 -45.00 -19.44 41.56
CA ALA N 10 -45.48 -20.82 41.60
C ALA N 10 -44.82 -21.57 42.76
N THR N 11 -45.57 -22.50 43.33
CA THR N 11 -45.08 -23.29 44.43
C THR N 11 -45.23 -24.76 44.11
N ASP N 12 -44.33 -25.58 44.63
CA ASP N 12 -44.43 -27.01 44.48
C ASP N 12 -43.81 -27.70 45.67
N LYS N 13 -44.61 -28.56 46.30
CA LYS N 13 -44.24 -29.33 47.48
C LYS N 13 -44.44 -30.83 47.19
N SER N 14 -44.33 -31.20 45.92
CA SER N 14 -44.57 -32.57 45.50
C SER N 14 -43.27 -33.34 45.29
N GLU N 15 -42.12 -32.70 45.54
CA GLU N 15 -40.84 -33.29 45.17
C GLU N 15 -39.95 -33.68 46.34
N ALA N 16 -39.04 -34.61 46.06
CA ALA N 16 -37.93 -34.92 46.95
C ALA N 16 -36.69 -34.35 46.30
N LYS N 17 -35.68 -34.03 47.08
CA LYS N 17 -34.37 -33.79 46.52
C LYS N 17 -33.35 -34.74 47.09
N VAL N 18 -32.47 -35.20 46.22
CA VAL N 18 -31.38 -36.06 46.63
C VAL N 18 -30.08 -35.45 46.15
N THR N 19 -29.08 -35.48 47.04
CA THR N 19 -27.79 -34.87 46.77
C THR N 19 -26.71 -35.91 46.80
N VAL N 20 -25.93 -35.96 45.73
CA VAL N 20 -24.77 -36.82 45.64
C VAL N 20 -23.58 -35.93 45.94
N LEU N 21 -22.94 -36.18 47.07
CA LEU N 21 -21.79 -35.41 47.52
C LEU N 21 -20.48 -36.03 47.07
N GLY N 22 -19.54 -35.19 46.63
CA GLY N 22 -18.19 -35.64 46.39
C GLY N 22 -18.02 -36.60 45.23
N ILE N 23 -18.73 -36.35 44.13
CA ILE N 23 -18.49 -37.07 42.87
C ILE N 23 -17.17 -36.55 42.27
N SER N 24 -16.37 -37.44 41.68
CA SER N 24 -15.13 -37.04 41.03
C SER N 24 -15.44 -36.24 39.76
N ASP N 25 -14.85 -35.04 39.67
CA ASP N 25 -15.13 -34.14 38.54
C ASP N 25 -14.38 -34.61 37.30
N LYS N 26 -14.88 -35.70 36.74
CA LYS N 26 -14.22 -36.48 35.70
C LYS N 26 -15.29 -36.80 34.64
N PRO N 27 -14.92 -36.79 33.35
CA PRO N 27 -15.97 -37.05 32.35
C PRO N 27 -16.74 -38.36 32.57
N GLY N 28 -18.03 -38.34 32.24
CA GLY N 28 -18.84 -39.58 32.29
C GLY N 28 -19.30 -39.99 33.66
N GLU N 29 -19.06 -39.14 34.64
CA GLU N 29 -19.39 -39.48 36.03
C GLU N 29 -20.84 -39.08 36.35
N ALA N 30 -21.32 -37.98 35.80
CA ALA N 30 -22.74 -37.64 35.91
C ALA N 30 -23.62 -38.63 35.13
N ALA N 31 -23.09 -39.13 34.02
CA ALA N 31 -23.79 -40.11 33.19
C ALA N 31 -24.17 -41.35 34.00
N LYS N 32 -23.21 -41.92 34.72
CA LYS N 32 -23.46 -43.07 35.61
C LYS N 32 -24.66 -42.82 36.51
N VAL N 33 -24.72 -41.64 37.13
CA VAL N 33 -25.80 -41.31 38.08
C VAL N 33 -27.16 -41.33 37.40
N PHE N 34 -27.32 -40.52 36.36
CA PHE N 34 -28.61 -40.29 35.73
C PHE N 34 -29.05 -41.43 34.81
N ARG N 35 -28.10 -42.23 34.34
CA ARG N 35 -28.41 -43.39 33.52
C ARG N 35 -29.12 -44.42 34.40
N ALA N 36 -28.60 -44.60 35.61
CA ALA N 36 -29.17 -45.53 36.59
C ALA N 36 -30.60 -45.13 36.92
N LEU N 37 -30.78 -43.88 37.30
CA LEU N 37 -32.11 -43.31 37.50
C LEU N 37 -33.03 -43.47 36.27
N ALA N 38 -32.49 -43.20 35.08
CA ALA N 38 -33.28 -43.31 33.85
C ALA N 38 -33.75 -44.74 33.62
N ASP N 39 -32.89 -45.71 33.91
CA ASP N 39 -33.20 -47.11 33.65
C ASP N 39 -34.23 -47.72 34.59
N ALA N 40 -34.43 -47.08 35.76
CA ALA N 40 -35.56 -47.39 36.64
C ALA N 40 -36.81 -46.59 36.29
N GLU N 41 -36.72 -45.78 35.23
CA GLU N 41 -37.82 -44.94 34.76
C GLU N 41 -38.22 -43.88 35.78
N ILE N 42 -37.27 -43.44 36.59
CA ILE N 42 -37.47 -42.30 37.49
C ILE N 42 -37.36 -41.03 36.64
N ASN N 43 -38.42 -40.22 36.65
CA ASN N 43 -38.42 -38.96 35.92
C ASN N 43 -37.87 -37.82 36.79
N ILE N 44 -36.76 -37.24 36.34
CA ILE N 44 -36.05 -36.20 37.06
C ILE N 44 -36.60 -34.82 36.68
N ASP N 45 -36.54 -33.88 37.61
CA ASP N 45 -36.82 -32.48 37.27
C ASP N 45 -35.54 -31.63 37.43
N MET N 46 -35.30 -31.08 38.61
CA MET N 46 -34.15 -30.19 38.79
C MET N 46 -32.86 -30.97 38.87
N VAL N 47 -31.82 -30.40 38.30
CA VAL N 47 -30.46 -30.89 38.48
C VAL N 47 -29.59 -29.65 38.70
N LEU N 48 -28.69 -29.77 39.66
CA LEU N 48 -27.84 -28.65 40.02
C LEU N 48 -26.49 -29.23 40.37
N GLN N 49 -25.46 -28.79 39.65
CA GLN N 49 -24.08 -29.03 40.00
C GLN N 49 -23.37 -27.68 39.90
N ASN N 50 -22.80 -27.24 41.00
CA ASN N 50 -22.12 -25.98 41.08
C ASN N 50 -20.62 -26.28 40.96
N VAL N 51 -19.77 -25.27 41.02
CA VAL N 51 -18.32 -25.45 40.84
C VAL N 51 -17.76 -26.51 41.80
N PHE N 52 -16.72 -27.21 41.36
CA PHE N 52 -16.02 -28.24 42.16
C PHE N 52 -15.19 -27.66 43.32
N SER N 53 -14.80 -28.52 44.26
CA SER N 53 -13.95 -28.10 45.37
C SER N 53 -12.49 -28.31 45.01
N VAL N 54 -11.72 -27.22 45.02
CA VAL N 54 -10.29 -27.29 44.76
C VAL N 54 -9.60 -28.33 45.67
N GLU N 55 -9.96 -28.28 46.95
CA GLU N 55 -9.40 -29.17 47.97
C GLU N 55 -9.55 -30.65 47.60
N ASP N 56 -10.79 -31.14 47.55
CA ASP N 56 -11.04 -32.57 47.30
C ASP N 56 -10.91 -32.93 45.83
N GLY N 57 -11.06 -31.93 44.97
CA GLY N 57 -11.16 -32.16 43.53
C GLY N 57 -12.56 -32.54 43.06
N THR N 58 -13.49 -32.74 44.02
CA THR N 58 -14.78 -33.33 43.73
C THR N 58 -15.85 -32.27 43.72
N THR N 59 -17.07 -32.67 43.38
CA THR N 59 -18.20 -31.77 43.33
C THR N 59 -19.43 -32.50 43.83
N ASP N 60 -20.55 -31.80 43.84
CA ASP N 60 -21.83 -32.38 44.25
C ASP N 60 -22.87 -32.18 43.16
N ILE N 61 -23.82 -33.12 43.08
CA ILE N 61 -24.97 -32.99 42.20
C ILE N 61 -26.23 -33.20 43.01
N THR N 62 -27.13 -32.23 42.98
CA THR N 62 -28.48 -32.42 43.53
C THR N 62 -29.48 -32.59 42.41
N PHE N 63 -30.49 -33.44 42.62
CA PHE N 63 -31.61 -33.50 41.71
C PHE N 63 -32.90 -33.65 42.47
N THR N 64 -34.02 -33.43 41.79
CA THR N 64 -35.32 -33.66 42.37
C THR N 64 -36.11 -34.58 41.48
N CYS N 65 -37.05 -35.27 42.09
CA CYS N 65 -37.92 -36.22 41.39
C CYS N 65 -39.20 -36.32 42.22
N PRO N 66 -40.25 -36.97 41.69
CA PRO N 66 -41.44 -37.06 42.52
C PRO N 66 -41.16 -37.71 43.87
N ARG N 67 -41.91 -37.32 44.88
CA ARG N 67 -41.66 -37.69 46.26
C ARG N 67 -41.86 -39.20 46.50
N SER N 68 -42.63 -39.84 45.61
CA SER N 68 -42.88 -41.28 45.71
C SER N 68 -41.85 -42.13 44.98
N ASP N 69 -40.86 -41.50 44.35
CA ASP N 69 -39.73 -42.24 43.78
C ASP N 69 -38.40 -41.91 44.47
N GLY N 70 -38.45 -41.12 45.52
CA GLY N 70 -37.25 -40.66 46.19
C GLY N 70 -36.42 -41.75 46.83
N ARG N 71 -37.08 -42.62 47.57
CA ARG N 71 -36.42 -43.74 48.25
C ARG N 71 -35.87 -44.72 47.22
N ARG N 72 -36.67 -44.97 46.19
CA ARG N 72 -36.29 -45.81 45.08
C ARG N 72 -35.01 -45.29 44.44
N ALA N 73 -34.91 -43.96 44.31
CA ALA N 73 -33.73 -43.30 43.73
C ALA N 73 -32.51 -43.44 44.61
N MET N 74 -32.71 -43.31 45.92
CA MET N 74 -31.62 -43.49 46.89
C MET N 74 -31.07 -44.90 46.82
N GLU N 75 -31.96 -45.88 46.66
CA GLU N 75 -31.55 -47.28 46.62
C GLU N 75 -30.74 -47.59 45.38
N ILE N 76 -31.10 -46.96 44.27
CA ILE N 76 -30.30 -47.06 43.05
C ILE N 76 -28.92 -46.48 43.26
N LEU N 77 -28.83 -45.29 43.87
CA LEU N 77 -27.54 -44.63 44.03
C LEU N 77 -26.76 -45.22 45.20
N LYS N 78 -27.42 -46.05 46.01
CA LYS N 78 -26.81 -46.64 47.21
C LYS N 78 -25.48 -47.35 46.98
N LYS N 79 -25.36 -48.11 45.89
CA LYS N 79 -24.15 -48.91 45.65
C LYS N 79 -23.11 -48.18 44.77
N LEU N 80 -23.58 -47.26 43.93
CA LEU N 80 -22.68 -46.42 43.14
C LEU N 80 -21.85 -45.51 44.03
N GLN N 81 -22.45 -45.10 45.15
CA GLN N 81 -21.78 -44.36 46.22
C GLN N 81 -20.51 -45.07 46.67
N VAL N 82 -20.58 -46.39 46.77
CA VAL N 82 -19.46 -47.20 47.23
C VAL N 82 -18.45 -47.38 46.10
N GLN N 83 -18.89 -47.98 44.99
CA GLN N 83 -17.97 -48.27 43.88
C GLN N 83 -17.39 -46.95 43.36
N GLY N 84 -18.24 -45.94 43.21
CA GLY N 84 -17.78 -44.59 42.96
C GLY N 84 -17.19 -44.04 44.24
N ASN N 85 -16.52 -42.91 44.14
CA ASN N 85 -15.74 -42.41 45.27
C ASN N 85 -16.57 -41.71 46.35
N TRP N 86 -17.90 -41.72 46.23
CA TRP N 86 -18.70 -40.64 46.83
C TRP N 86 -18.60 -40.61 48.36
N THR N 87 -18.77 -39.41 48.92
CA THR N 87 -18.77 -39.21 50.35
C THR N 87 -20.09 -39.72 50.93
N ASN N 88 -21.22 -39.11 50.55
CA ASN N 88 -22.51 -39.78 50.71
C ASN N 88 -23.61 -39.31 49.79
N VAL N 89 -24.80 -39.89 49.99
CA VAL N 89 -25.98 -39.43 49.29
C VAL N 89 -27.02 -39.05 50.36
N LEU N 90 -27.58 -37.85 50.21
CA LEU N 90 -28.55 -37.29 51.15
C LEU N 90 -29.95 -37.25 50.56
N TYR N 91 -30.96 -37.32 51.42
CA TYR N 91 -32.36 -37.40 50.98
C TYR N 91 -33.25 -36.48 51.80
N ASP N 92 -34.02 -35.63 51.11
CA ASP N 92 -34.97 -34.73 51.75
C ASP N 92 -36.30 -34.81 51.02
N ASP N 93 -37.31 -35.31 51.72
CA ASP N 93 -38.65 -35.36 51.19
C ASP N 93 -39.56 -34.37 51.94
N GLN N 94 -38.95 -33.32 52.48
CA GLN N 94 -39.68 -32.19 53.07
C GLN N 94 -39.16 -30.88 52.46
N VAL N 95 -39.00 -30.88 51.15
CA VAL N 95 -38.50 -29.72 50.46
C VAL N 95 -39.62 -29.09 49.67
N GLY N 96 -39.55 -27.76 49.55
CA GLY N 96 -40.51 -27.00 48.76
C GLY N 96 -39.76 -26.18 47.72
N LYS N 97 -40.43 -25.90 46.61
CA LYS N 97 -39.85 -25.14 45.53
C LYS N 97 -40.72 -23.94 45.29
N VAL N 98 -40.13 -22.75 45.32
CA VAL N 98 -40.83 -21.53 44.91
C VAL N 98 -40.10 -20.89 43.74
N SER N 99 -40.87 -20.28 42.84
CA SER N 99 -40.36 -19.69 41.63
C SER N 99 -41.10 -18.42 41.25
N LEU N 100 -40.34 -17.43 40.80
CA LEU N 100 -40.90 -16.22 40.22
C LEU N 100 -40.76 -16.37 38.72
N VAL N 101 -41.87 -16.40 37.99
CA VAL N 101 -41.87 -16.60 36.54
C VAL N 101 -41.87 -15.25 35.82
N GLY N 102 -41.16 -15.17 34.71
CA GLY N 102 -41.23 -13.97 33.88
C GLY N 102 -40.37 -14.11 32.64
N ALA N 103 -39.80 -12.98 32.19
CA ALA N 103 -39.03 -12.96 30.98
C ALA N 103 -38.16 -11.68 30.96
N GLY N 104 -36.86 -11.85 30.70
CA GLY N 104 -35.92 -10.71 30.56
C GLY N 104 -35.31 -10.17 31.85
N MET N 105 -35.15 -11.05 32.84
CA MET N 105 -34.64 -10.66 34.15
C MET N 105 -33.13 -10.32 34.16
N LYS N 106 -32.36 -10.86 33.21
CA LYS N 106 -30.90 -10.65 33.17
C LYS N 106 -30.47 -9.20 33.31
N SER N 107 -31.08 -8.33 32.52
CA SER N 107 -30.68 -6.93 32.46
C SER N 107 -31.28 -6.11 33.59
N HIS N 108 -31.99 -6.79 34.50
CA HIS N 108 -32.57 -6.16 35.69
C HIS N 108 -32.14 -6.96 36.92
N PRO N 109 -30.86 -6.84 37.30
CA PRO N 109 -30.35 -7.61 38.44
C PRO N 109 -31.09 -7.34 39.76
N GLY N 110 -31.76 -6.18 39.85
CA GLY N 110 -32.66 -5.83 40.96
C GLY N 110 -33.73 -6.86 41.26
N VAL N 111 -34.22 -7.52 40.23
CA VAL N 111 -35.21 -8.57 40.41
C VAL N 111 -34.67 -9.71 41.29
N THR N 112 -33.51 -10.24 40.94
CA THR N 112 -32.87 -11.28 41.75
C THR N 112 -32.57 -10.82 43.18
N ALA N 113 -32.03 -9.61 43.31
CA ALA N 113 -31.75 -9.05 44.62
C ALA N 113 -33.03 -8.98 45.45
N GLU N 114 -34.10 -8.48 44.83
CA GLU N 114 -35.37 -8.27 45.54
C GLU N 114 -36.01 -9.60 45.93
N PHE N 115 -35.79 -10.62 45.11
CA PHE N 115 -36.29 -11.96 45.43
C PHE N 115 -35.62 -12.50 46.70
N MET N 116 -34.29 -12.46 46.73
CA MET N 116 -33.49 -12.92 47.86
C MET N 116 -33.86 -12.16 49.14
N GLU N 117 -34.02 -10.85 49.03
CA GLU N 117 -34.25 -10.02 50.23
C GLU N 117 -35.72 -10.03 50.69
N ALA N 118 -36.62 -10.44 49.81
CA ALA N 118 -38.02 -10.72 50.20
C ALA N 118 -38.09 -11.94 51.11
N LEU N 119 -37.36 -13.00 50.77
CA LEU N 119 -37.33 -14.21 51.59
C LEU N 119 -36.57 -13.97 52.89
N ARG N 120 -35.50 -13.17 52.86
CA ARG N 120 -34.79 -12.86 54.13
C ARG N 120 -35.64 -12.03 55.09
N ASP N 121 -36.50 -11.16 54.55
CA ASP N 121 -37.30 -10.26 55.38
C ASP N 121 -38.50 -10.96 56.02
N VAL N 122 -38.82 -12.17 55.55
CA VAL N 122 -39.75 -13.04 56.25
C VAL N 122 -38.98 -14.26 56.81
N ASN N 123 -37.69 -14.05 57.08
CA ASN N 123 -36.82 -15.02 57.76
C ASN N 123 -36.94 -16.48 57.30
N VAL N 124 -36.86 -16.69 55.99
CA VAL N 124 -36.76 -18.03 55.42
C VAL N 124 -35.45 -18.18 54.67
N ASN N 125 -34.81 -19.33 54.89
CA ASN N 125 -33.48 -19.61 54.42
C ASN N 125 -33.57 -20.27 53.06
N ILE N 126 -32.67 -19.86 52.18
CA ILE N 126 -32.62 -20.33 50.81
C ILE N 126 -31.60 -21.47 50.73
N GLU N 127 -32.10 -22.70 50.61
CA GLU N 127 -31.23 -23.87 50.62
C GLU N 127 -30.61 -24.08 49.25
N LEU N 128 -31.38 -23.80 48.20
CA LEU N 128 -30.90 -24.03 46.85
C LEU N 128 -31.35 -22.89 45.92
N ILE N 129 -30.54 -22.55 44.91
CA ILE N 129 -30.94 -21.58 43.89
C ILE N 129 -30.60 -22.06 42.48
N SER N 130 -31.49 -21.83 41.53
CA SER N 130 -31.11 -21.92 40.11
C SER N 130 -32.01 -21.02 39.29
N THR N 131 -31.41 -20.10 38.56
CA THR N 131 -32.19 -19.06 37.91
C THR N 131 -31.87 -19.00 36.45
N SER N 132 -32.65 -18.19 35.73
CA SER N 132 -32.46 -17.92 34.32
C SER N 132 -33.16 -16.60 34.00
N GLU N 133 -33.05 -16.16 32.75
CA GLU N 133 -33.74 -14.97 32.30
C GLU N 133 -35.26 -15.02 32.47
N ILE N 134 -35.81 -16.20 32.68
CA ILE N 134 -37.25 -16.40 32.70
C ILE N 134 -37.79 -17.05 33.97
N ARG N 135 -36.92 -17.35 34.94
CA ARG N 135 -37.38 -18.02 36.15
C ARG N 135 -36.35 -17.93 37.30
N ILE N 136 -36.82 -17.49 38.46
CA ILE N 136 -36.01 -17.55 39.67
C ILE N 136 -36.66 -18.58 40.56
N SER N 137 -36.00 -19.72 40.71
CA SER N 137 -36.51 -20.84 41.49
C SER N 137 -35.61 -21.07 42.68
N VAL N 138 -36.22 -21.42 43.81
CA VAL N 138 -35.46 -21.83 44.98
C VAL N 138 -36.10 -23.05 45.62
N LEU N 139 -35.27 -23.87 46.24
CA LEU N 139 -35.74 -24.94 47.12
C LEU N 139 -35.58 -24.46 48.56
N ILE N 140 -36.61 -24.73 49.36
CA ILE N 140 -36.65 -24.34 50.75
C ILE N 140 -37.35 -25.42 51.56
N ARG N 141 -37.24 -25.32 52.88
CA ARG N 141 -38.06 -26.14 53.75
C ARG N 141 -39.51 -25.99 53.30
N GLU N 142 -40.23 -27.09 53.27
CA GLU N 142 -41.64 -27.10 52.88
C GLU N 142 -42.48 -26.15 53.76
N ASP N 143 -42.17 -26.10 55.07
CA ASP N 143 -42.84 -25.17 56.01
C ASP N 143 -42.70 -23.68 55.66
N ASP N 144 -41.63 -23.33 54.95
CA ASP N 144 -41.37 -21.94 54.56
C ASP N 144 -42.14 -21.53 53.28
N LEU N 145 -42.78 -22.51 52.65
CA LEU N 145 -43.34 -22.33 51.31
C LEU N 145 -44.42 -21.26 51.27
N ASP N 146 -45.39 -21.41 52.17
CA ASP N 146 -46.47 -20.47 52.26
C ASP N 146 -45.97 -19.02 52.51
N ALA N 147 -44.95 -18.88 53.36
CA ALA N 147 -44.40 -17.57 53.72
C ALA N 147 -43.61 -16.96 52.59
N ALA N 148 -42.82 -17.79 51.93
CA ALA N 148 -42.00 -17.34 50.81
C ALA N 148 -42.88 -16.87 49.68
N ALA N 149 -43.79 -17.75 49.25
CA ALA N 149 -44.79 -17.45 48.23
C ALA N 149 -45.45 -16.11 48.49
N ARG N 150 -45.94 -15.95 49.70
CA ARG N 150 -46.63 -14.74 50.08
C ARG N 150 -45.71 -13.52 49.99
N ALA N 151 -44.47 -13.67 50.45
CA ALA N 151 -43.50 -12.58 50.44
C ALA N 151 -43.25 -12.09 49.02
N LEU N 152 -43.22 -13.03 48.08
CA LEU N 152 -42.94 -12.70 46.69
C LEU N 152 -44.11 -11.98 46.05
N HIS N 153 -45.33 -12.40 46.38
CA HIS N 153 -46.54 -11.69 45.96
C HIS N 153 -46.49 -10.21 46.38
N GLU N 154 -46.14 -9.97 47.64
CA GLU N 154 -46.10 -8.60 48.15
C GLU N 154 -45.00 -7.82 47.45
N GLN N 155 -43.78 -8.35 47.46
CA GLN N 155 -42.64 -7.59 46.94
C GLN N 155 -42.75 -7.26 45.45
N PHE N 156 -43.20 -8.20 44.64
CA PHE N 156 -43.36 -7.97 43.21
C PHE N 156 -44.82 -7.65 42.81
N GLN N 157 -45.69 -7.52 43.82
CA GLN N 157 -47.08 -7.07 43.64
C GLN N 157 -47.80 -7.80 42.52
N LEU N 158 -47.90 -9.11 42.68
CA LEU N 158 -48.48 -9.99 41.66
C LEU N 158 -49.59 -10.88 42.25
N ALA O 2 -34.31 38.62 30.77
CA ALA O 2 -34.76 38.71 29.36
C ALA O 2 -35.39 37.40 28.90
N LEU O 3 -36.10 37.47 27.77
CA LEU O 3 -36.61 36.28 27.09
C LEU O 3 -35.77 36.07 25.85
N VAL O 4 -35.04 34.95 25.82
CA VAL O 4 -34.08 34.63 24.74
C VAL O 4 -34.37 33.26 24.14
N VAL O 5 -34.36 33.23 22.80
CA VAL O 5 -34.50 32.00 22.05
C VAL O 5 -33.11 31.71 21.52
N GLN O 6 -32.72 30.44 21.57
CA GLN O 6 -31.43 30.01 21.05
C GLN O 6 -31.61 28.88 20.05
N LYS O 7 -31.05 29.05 18.85
CA LYS O 7 -31.11 28.01 17.81
C LYS O 7 -29.72 27.46 17.63
N TYR O 8 -29.62 26.13 17.66
CA TYR O 8 -28.36 25.43 17.57
C TYR O 8 -28.38 24.52 16.36
N GLY O 9 -27.50 24.82 15.40
CA GLY O 9 -27.43 24.09 14.14
C GLY O 9 -26.78 22.73 14.26
N GLY O 10 -26.74 22.01 13.14
CA GLY O 10 -26.23 20.66 13.11
C GLY O 10 -24.82 20.53 13.61
N SER O 11 -23.96 21.48 13.24
CA SER O 11 -22.54 21.40 13.59
C SER O 11 -22.34 21.66 15.07
N SER O 12 -23.19 22.51 15.65
CA SER O 12 -23.18 22.76 17.08
C SER O 12 -23.62 21.54 17.87
N LEU O 13 -24.36 20.63 17.23
CA LEU O 13 -24.89 19.44 17.90
C LEU O 13 -24.38 18.11 17.27
N GLU O 14 -23.14 18.13 16.76
CA GLU O 14 -22.66 17.06 15.85
C GLU O 14 -22.20 15.83 16.57
N SER O 15 -22.01 15.95 17.89
CA SER O 15 -21.48 14.87 18.74
C SER O 15 -22.00 15.01 20.16
N ALA O 16 -21.76 13.98 20.97
CA ALA O 16 -22.19 13.98 22.36
C ALA O 16 -21.51 15.12 23.13
N GLU O 17 -20.19 15.20 22.98
CA GLU O 17 -19.36 16.24 23.56
C GLU O 17 -19.94 17.63 23.29
N ARG O 18 -20.26 17.91 22.03
CA ARG O 18 -20.76 19.21 21.61
C ARG O 18 -22.16 19.49 22.12
N ILE O 19 -22.97 18.44 22.31
CA ILE O 19 -24.33 18.60 22.83
C ILE O 19 -24.27 19.01 24.29
N ARG O 20 -23.42 18.32 25.07
CA ARG O 20 -23.15 18.70 26.45
C ARG O 20 -22.61 20.12 26.57
N ASN O 21 -21.78 20.55 25.62
CA ASN O 21 -21.27 21.93 25.64
C ASN O 21 -22.38 22.92 25.39
N VAL O 22 -23.26 22.61 24.45
CA VAL O 22 -24.45 23.45 24.24
C VAL O 22 -25.38 23.39 25.46
N ALA O 23 -25.44 22.24 26.13
CA ALA O 23 -26.22 22.09 27.37
C ALA O 23 -25.79 23.11 28.43
N GLU O 24 -24.48 23.17 28.68
CA GLU O 24 -23.94 24.08 29.69
C GLU O 24 -24.22 25.56 29.33
N ARG O 25 -24.06 25.90 28.07
CA ARG O 25 -24.32 27.27 27.60
C ARG O 25 -25.78 27.65 27.82
N ILE O 26 -26.70 26.72 27.52
CA ILE O 26 -28.12 26.95 27.78
C ILE O 26 -28.38 27.20 29.27
N VAL O 27 -27.79 26.39 30.13
CA VAL O 27 -27.96 26.56 31.58
C VAL O 27 -27.30 27.84 32.09
N ALA O 28 -26.22 28.28 31.43
CA ALA O 28 -25.51 29.49 31.81
C ALA O 28 -26.25 30.76 31.36
N THR O 29 -27.09 30.61 30.34
CA THR O 29 -27.92 31.70 29.83
C THR O 29 -29.07 32.02 30.79
N LYS O 30 -29.75 31.00 31.32
CA LYS O 30 -30.83 31.24 32.30
C LYS O 30 -30.34 31.43 33.72
N LYS O 31 -29.08 31.07 33.98
CA LYS O 31 -28.43 31.40 35.24
C LYS O 31 -28.19 32.90 35.33
N ALA O 32 -27.85 33.53 34.20
CA ALA O 32 -27.67 34.99 34.15
C ALA O 32 -28.98 35.78 34.27
N GLY O 33 -30.10 35.09 34.55
CA GLY O 33 -31.39 35.74 34.83
C GLY O 33 -32.42 35.54 33.73
N ASN O 34 -31.95 35.10 32.57
CA ASN O 34 -32.83 34.99 31.40
C ASN O 34 -33.81 33.83 31.52
N ASP O 35 -34.90 33.94 30.80
CA ASP O 35 -35.76 32.81 30.52
C ASP O 35 -35.42 32.38 29.10
N VAL O 36 -35.33 31.09 28.86
CA VAL O 36 -34.81 30.63 27.58
C VAL O 36 -35.58 29.45 26.98
N VAL O 37 -35.85 29.58 25.69
CA VAL O 37 -36.45 28.50 24.92
C VAL O 37 -35.50 28.22 23.77
N VAL O 38 -35.19 26.95 23.54
CA VAL O 38 -34.17 26.61 22.54
C VAL O 38 -34.77 25.76 21.42
N VAL O 39 -34.20 25.91 20.22
CA VAL O 39 -34.61 25.10 19.06
C VAL O 39 -33.39 24.41 18.50
N CYS O 40 -33.50 23.10 18.30
CA CYS O 40 -32.39 22.32 17.80
C CYS O 40 -32.61 21.92 16.34
N SER O 41 -31.51 21.93 15.58
CA SER O 41 -31.44 21.25 14.31
C SER O 41 -31.11 19.80 14.62
N ALA O 42 -31.15 18.96 13.60
CA ALA O 42 -30.75 17.58 13.74
C ALA O 42 -29.23 17.55 13.82
N MET O 43 -28.70 16.45 14.36
CA MET O 43 -27.28 16.33 14.60
C MET O 43 -26.49 16.35 13.29
N GLY O 44 -25.54 17.27 13.19
CA GLY O 44 -24.77 17.54 11.95
C GLY O 44 -25.02 16.72 10.69
N ASP O 45 -25.80 17.25 9.77
CA ASP O 45 -26.01 16.58 8.47
C ASP O 45 -27.07 15.46 8.46
N THR O 46 -27.69 15.13 9.59
CA THR O 46 -28.65 14.03 9.53
C THR O 46 -29.89 14.45 8.75
N THR O 47 -30.23 15.74 8.67
CA THR O 47 -31.38 16.13 7.88
C THR O 47 -31.07 16.02 6.39
N ASP O 48 -29.81 16.29 6.01
CA ASP O 48 -29.38 16.11 4.63
C ASP O 48 -29.35 14.61 4.29
N GLU O 49 -28.84 13.81 5.23
CA GLU O 49 -28.85 12.35 5.11
C GLU O 49 -30.28 11.81 4.97
N LEU O 50 -31.18 12.33 5.81
CA LEU O 50 -32.60 11.92 5.79
C LEU O 50 -33.33 12.32 4.51
N LEU O 51 -32.99 13.46 3.94
CA LEU O 51 -33.62 13.91 2.68
C LEU O 51 -33.21 13.04 1.49
N GLU O 52 -31.95 12.63 1.46
CA GLU O 52 -31.44 11.73 0.44
C GLU O 52 -32.11 10.36 0.54
N LEU O 53 -32.37 9.94 1.77
CA LEU O 53 -32.95 8.66 2.07
C LEU O 53 -34.42 8.68 1.58
N ALA O 54 -35.11 9.77 1.91
CA ALA O 54 -36.47 9.98 1.39
C ALA O 54 -36.50 9.91 -0.13
N ALA O 55 -35.62 10.68 -0.77
CA ALA O 55 -35.51 10.70 -2.23
C ALA O 55 -35.35 9.31 -2.83
N ALA O 56 -34.69 8.41 -2.11
CA ALA O 56 -34.41 7.06 -2.59
C ALA O 56 -35.56 6.10 -2.24
N VAL O 57 -36.36 6.48 -1.26
CA VAL O 57 -37.47 5.63 -0.83
C VAL O 57 -38.76 5.94 -1.62
N ASN O 58 -38.86 7.15 -2.16
CA ASN O 58 -40.00 7.58 -2.96
C ASN O 58 -39.58 8.83 -3.71
N PRO O 59 -39.55 8.78 -5.05
CA PRO O 59 -39.01 9.88 -5.85
C PRO O 59 -39.71 11.22 -5.67
N VAL O 60 -40.97 11.18 -5.23
CA VAL O 60 -41.71 12.39 -4.89
C VAL O 60 -42.28 12.16 -3.50
N PRO O 61 -41.53 12.55 -2.46
CA PRO O 61 -41.95 12.28 -1.08
C PRO O 61 -43.13 13.14 -0.63
N PRO O 62 -44.24 12.51 -0.20
CA PRO O 62 -45.36 13.30 0.29
C PRO O 62 -45.00 14.15 1.51
N ALA O 63 -45.59 15.33 1.63
CA ALA O 63 -45.25 16.27 2.68
C ALA O 63 -45.46 15.69 4.09
N ARG O 64 -46.61 15.04 4.31
CA ARG O 64 -46.96 14.52 5.63
C ARG O 64 -45.89 13.55 6.20
N GLU O 65 -45.35 12.68 5.36
CA GLU O 65 -44.31 11.77 5.81
C GLU O 65 -42.97 12.51 5.92
N MET O 66 -42.76 13.52 5.08
CA MET O 66 -41.50 14.27 5.13
C MET O 66 -41.43 15.09 6.41
N ASP O 67 -42.53 15.76 6.71
CA ASP O 67 -42.75 16.40 8.00
C ASP O 67 -42.43 15.44 9.15
N MET O 68 -42.96 14.23 9.06
CA MET O 68 -42.81 13.22 10.11
C MET O 68 -41.34 12.80 10.24
N LEU O 69 -40.72 12.49 9.10
CA LEU O 69 -39.31 12.17 9.04
C LEU O 69 -38.47 13.24 9.70
N LEU O 70 -38.60 14.50 9.25
CA LEU O 70 -37.69 15.55 9.67
C LEU O 70 -37.84 15.97 11.13
N THR O 71 -39.08 16.01 11.61
CA THR O 71 -39.36 16.18 13.05
C THR O 71 -38.55 15.15 13.86
N ALA O 72 -38.65 13.88 13.50
CA ALA O 72 -38.00 12.80 14.22
C ALA O 72 -36.51 13.04 14.36
N GLY O 73 -35.88 13.55 13.30
CA GLY O 73 -34.46 13.87 13.35
C GLY O 73 -34.17 14.98 14.34
N GLU O 74 -35.08 15.95 14.39
CA GLU O 74 -34.94 17.05 15.34
C GLU O 74 -35.24 16.61 16.75
N ARG O 75 -36.17 15.66 16.90
CA ARG O 75 -36.51 15.13 18.21
C ARG O 75 -35.36 14.30 18.82
N ILE O 76 -34.55 13.66 17.97
CA ILE O 76 -33.32 13.00 18.43
C ILE O 76 -32.45 13.96 19.21
N SER O 77 -32.13 15.11 18.62
CA SER O 77 -31.21 16.05 19.26
C SER O 77 -31.86 16.75 20.46
N ASN O 78 -33.12 17.14 20.29
CA ASN O 78 -33.97 17.65 21.39
C ASN O 78 -33.93 16.76 22.64
N ALA O 79 -34.14 15.45 22.47
CA ALA O 79 -34.06 14.51 23.60
C ALA O 79 -32.66 14.50 24.22
N LEU O 80 -31.62 14.46 23.39
CA LEU O 80 -30.24 14.42 23.87
C LEU O 80 -29.82 15.69 24.61
N VAL O 81 -30.15 16.86 24.05
CA VAL O 81 -29.89 18.13 24.71
C VAL O 81 -30.60 18.16 26.04
N ALA O 82 -31.86 17.70 26.04
CA ALA O 82 -32.67 17.65 27.26
C ALA O 82 -31.97 16.83 28.36
N MET O 83 -31.46 15.66 27.98
CA MET O 83 -30.73 14.81 28.92
C MET O 83 -29.50 15.51 29.47
N ALA O 84 -28.86 16.28 28.62
CA ALA O 84 -27.62 16.97 28.93
C ALA O 84 -27.87 18.08 29.93
N ILE O 85 -28.93 18.85 29.68
CA ILE O 85 -29.38 19.88 30.62
C ILE O 85 -29.69 19.26 31.99
N GLU O 86 -30.43 18.16 31.99
CA GLU O 86 -30.81 17.47 33.23
C GLU O 86 -29.57 16.99 34.00
N SER O 87 -28.54 16.55 33.28
CA SER O 87 -27.29 16.15 33.92
C SER O 87 -26.59 17.30 34.63
N LEU O 88 -26.86 18.52 34.17
CA LEU O 88 -26.22 19.72 34.63
C LEU O 88 -27.06 20.47 35.68
N GLY O 89 -28.23 19.96 36.03
CA GLY O 89 -29.03 20.56 37.11
C GLY O 89 -30.33 21.29 36.76
N ALA O 90 -30.42 21.87 35.58
CA ALA O 90 -31.66 22.54 35.19
C ALA O 90 -32.72 21.50 34.80
N GLU O 91 -33.97 21.94 34.63
CA GLU O 91 -35.05 21.04 34.19
C GLU O 91 -35.65 21.54 32.88
N ALA O 92 -35.86 20.62 31.93
CA ALA O 92 -36.17 20.97 30.54
C ALA O 92 -37.56 20.52 30.13
N GLN O 93 -38.32 21.41 29.49
CA GLN O 93 -39.67 21.07 28.99
C GLN O 93 -39.73 21.00 27.46
N SER O 94 -40.01 19.81 26.95
CA SER O 94 -40.07 19.53 25.51
C SER O 94 -41.45 19.80 24.90
N PHE O 95 -41.46 20.52 23.77
CA PHE O 95 -42.70 20.78 23.04
C PHE O 95 -42.62 20.39 21.56
N THR O 96 -43.79 20.28 20.94
CA THR O 96 -43.87 19.98 19.52
C THR O 96 -44.77 20.99 18.81
N ASP O 115 -48.51 20.42 20.85
CA ASP O 115 -48.17 20.78 22.23
C ASP O 115 -47.89 22.29 22.34
N VAL O 116 -46.92 22.77 21.56
CA VAL O 116 -46.49 24.17 21.62
C VAL O 116 -47.66 25.14 21.63
N THR O 117 -47.71 26.00 22.64
CA THR O 117 -48.67 27.08 22.66
C THR O 117 -48.10 28.20 23.54
N PRO O 118 -48.27 29.47 23.13
CA PRO O 118 -47.56 30.59 23.78
C PRO O 118 -47.78 30.68 25.29
N GLY O 119 -48.90 30.14 25.76
CA GLY O 119 -49.16 30.04 27.19
C GLY O 119 -48.36 28.92 27.83
N ARG O 120 -48.55 27.70 27.33
CA ARG O 120 -47.86 26.50 27.85
C ARG O 120 -46.35 26.71 28.02
N VAL O 121 -45.74 27.45 27.09
CA VAL O 121 -44.32 27.81 27.17
C VAL O 121 -44.10 28.80 28.33
N ARG O 122 -44.89 29.88 28.35
CA ARG O 122 -44.79 30.86 29.43
C ARG O 122 -44.93 30.20 30.79
N GLU O 123 -45.84 29.24 30.91
CA GLU O 123 -46.05 28.50 32.15
C GLU O 123 -44.81 27.73 32.57
N ALA O 124 -44.20 27.03 31.62
CA ALA O 124 -42.95 26.30 31.88
C ALA O 124 -41.81 27.29 32.19
N LEU O 125 -41.82 28.43 31.54
CA LEU O 125 -40.78 29.44 31.73
C LEU O 125 -40.75 29.99 33.16
N ASP O 126 -41.89 30.42 33.68
CA ASP O 126 -41.93 30.94 35.05
C ASP O 126 -41.90 29.82 36.12
N GLU O 127 -42.21 28.57 35.73
CA GLU O 127 -41.92 27.42 36.59
C GLU O 127 -40.41 27.16 36.70
N GLY O 128 -39.61 27.88 35.90
CA GLY O 128 -38.15 27.79 35.92
C GLY O 128 -37.56 26.83 34.89
N LYS O 129 -38.37 26.37 33.94
CA LYS O 129 -37.94 25.31 33.03
C LYS O 129 -37.39 25.88 31.73
N ILE O 130 -36.37 25.22 31.19
CA ILE O 130 -35.88 25.54 29.86
C ILE O 130 -36.76 24.81 28.87
N CYS O 131 -37.21 25.54 27.87
CA CYS O 131 -38.19 25.02 26.93
C CYS O 131 -37.51 24.66 25.62
N ILE O 132 -37.70 23.41 25.22
CA ILE O 132 -37.14 22.93 23.98
C ILE O 132 -38.30 22.58 23.03
N VAL O 133 -38.28 23.18 21.85
CA VAL O 133 -39.38 22.99 20.88
C VAL O 133 -38.86 22.53 19.50
N ALA O 134 -39.66 21.69 18.84
CA ALA O 134 -39.26 20.98 17.63
C ALA O 134 -40.37 21.01 16.58
N ARG O 151 -41.91 23.57 4.09
CA ARG O 151 -41.83 23.34 5.54
C ARG O 151 -40.72 24.18 6.18
N GLY O 152 -41.03 24.73 7.36
CA GLY O 152 -40.16 25.69 8.02
C GLY O 152 -39.06 25.04 8.84
N GLY O 153 -37.81 25.31 8.45
CA GLY O 153 -36.65 24.80 9.16
C GLY O 153 -36.54 25.38 10.55
N SER O 154 -35.57 24.86 11.30
CA SER O 154 -35.29 25.29 12.67
C SER O 154 -35.12 26.81 12.79
N ASP O 155 -34.41 27.41 11.83
CA ASP O 155 -34.17 28.84 11.84
C ASP O 155 -35.50 29.58 11.85
N THR O 156 -36.40 29.23 10.94
CA THR O 156 -37.70 29.90 10.86
C THR O 156 -38.58 29.62 12.07
N THR O 157 -38.58 28.38 12.57
CA THR O 157 -39.38 28.06 13.77
C THR O 157 -38.86 28.79 15.02
N ALA O 158 -37.55 28.97 15.11
CA ALA O 158 -36.93 29.78 16.18
C ALA O 158 -37.40 31.25 16.16
N VAL O 159 -37.33 31.90 15.00
CA VAL O 159 -37.75 33.30 14.88
C VAL O 159 -39.26 33.44 15.08
N ALA O 160 -40.04 32.48 14.59
CA ALA O 160 -41.49 32.43 14.83
C ALA O 160 -41.82 32.32 16.33
N LEU O 161 -40.97 31.63 17.09
CA LEU O 161 -41.08 31.56 18.55
C LEU O 161 -40.66 32.86 19.21
N ALA O 162 -39.56 33.44 18.76
CA ALA O 162 -39.16 34.76 19.22
C ALA O 162 -40.33 35.75 19.08
N ALA O 163 -41.06 35.66 17.96
CA ALA O 163 -42.18 36.54 17.69
C ALA O 163 -43.34 36.28 18.64
N ALA O 164 -43.88 35.06 18.61
CA ALA O 164 -45.06 34.70 19.42
C ALA O 164 -44.89 34.94 20.91
N LEU O 165 -43.64 34.98 21.37
CA LEU O 165 -43.29 35.27 22.75
C LEU O 165 -42.36 36.47 22.76
N ASN O 166 -42.92 37.68 22.75
CA ASN O 166 -42.14 38.93 22.62
C ASN O 166 -40.70 38.80 23.13
N ALA O 167 -39.81 38.33 22.25
CA ALA O 167 -38.44 37.97 22.62
C ALA O 167 -37.51 39.15 22.53
N ASP O 168 -36.53 39.19 23.43
CA ASP O 168 -35.56 40.28 23.45
C ASP O 168 -34.44 40.07 22.43
N VAL O 169 -34.16 38.81 22.10
CA VAL O 169 -33.23 38.43 21.02
C VAL O 169 -33.48 36.98 20.63
N CYS O 170 -33.06 36.62 19.42
CA CYS O 170 -33.11 35.25 18.95
C CYS O 170 -31.71 34.96 18.48
N GLU O 171 -30.96 34.20 19.28
CA GLU O 171 -29.57 33.87 18.98
C GLU O 171 -29.45 32.67 18.05
N ILE O 172 -28.68 32.81 16.97
CA ILE O 172 -28.40 31.69 16.05
C ILE O 172 -26.96 31.23 16.19
N TYR O 173 -26.79 29.99 16.59
CA TYR O 173 -25.48 29.41 16.86
C TYR O 173 -25.04 28.49 15.73
N SER O 174 -23.76 28.58 15.39
CA SER O 174 -23.11 27.65 14.46
C SER O 174 -21.63 27.68 14.78
N ASP O 175 -20.81 27.17 13.85
CA ASP O 175 -19.36 27.08 14.05
C ASP O 175 -18.59 28.37 13.66
N VAL O 176 -19.28 29.52 13.66
CA VAL O 176 -18.64 30.81 13.34
C VAL O 176 -19.05 31.91 14.34
N ASP O 177 -18.15 32.86 14.56
CA ASP O 177 -18.31 33.90 15.57
C ASP O 177 -19.38 34.92 15.20
N GLY O 178 -19.58 35.11 13.90
CA GLY O 178 -20.57 36.05 13.41
C GLY O 178 -20.51 36.15 11.91
N VAL O 179 -20.96 37.29 11.39
CA VAL O 179 -20.86 37.56 9.97
C VAL O 179 -19.60 38.40 9.76
N TYR O 180 -18.87 38.11 8.70
CA TYR O 180 -17.57 38.74 8.47
C TYR O 180 -17.57 39.55 7.18
N THR O 181 -16.70 40.56 7.14
CA THR O 181 -16.53 41.41 5.97
C THR O 181 -16.28 40.59 4.70
N ALA O 182 -15.56 39.49 4.86
CA ALA O 182 -15.31 38.54 3.77
C ALA O 182 -14.89 37.22 4.39
N ASP O 183 -15.22 36.11 3.72
CA ASP O 183 -14.79 34.77 4.17
C ASP O 183 -13.28 34.80 4.41
N PRO O 184 -12.87 34.74 5.70
CA PRO O 184 -11.46 34.96 6.07
C PRO O 184 -10.52 33.82 5.63
N ARG O 185 -11.11 32.67 5.27
CA ARG O 185 -10.34 31.58 4.68
C ARG O 185 -9.61 32.02 3.41
N ILE O 186 -10.24 32.93 2.63
CA ILE O 186 -9.60 33.50 1.44
C ILE O 186 -8.94 34.85 1.73
N VAL O 187 -9.69 35.78 2.30
CA VAL O 187 -9.21 37.16 2.50
C VAL O 187 -8.56 37.31 3.87
N PRO O 188 -7.23 37.53 3.92
CA PRO O 188 -6.55 37.52 5.23
C PRO O 188 -6.97 38.66 6.15
N ASN O 189 -7.06 39.88 5.62
CA ASN O 189 -7.48 41.06 6.41
C ASN O 189 -8.98 41.06 6.79
N ALA O 190 -9.67 39.94 6.57
CA ALA O 190 -11.09 39.80 6.92
C ALA O 190 -11.34 40.05 8.41
N GLN O 191 -12.55 40.53 8.71
CA GLN O 191 -12.87 41.10 10.02
C GLN O 191 -14.32 40.79 10.37
N LYS O 192 -14.57 40.50 11.65
CA LYS O 192 -15.91 40.18 12.14
C LYS O 192 -16.72 41.45 12.32
N LEU O 193 -17.90 41.48 11.73
CA LEU O 193 -18.82 42.60 11.92
C LEU O 193 -19.34 42.62 13.34
N GLU O 194 -19.80 43.79 13.76
CA GLU O 194 -20.45 43.95 15.05
C GLU O 194 -21.96 44.00 14.88
N LYS O 195 -22.41 44.63 13.79
CA LYS O 195 -23.81 44.98 13.61
C LYS O 195 -24.10 45.20 12.14
N LEU O 196 -25.33 44.94 11.74
CA LEU O 196 -25.82 45.31 10.39
C LEU O 196 -27.34 45.28 10.36
N SER O 197 -27.93 45.87 9.31
CA SER O 197 -29.39 45.98 9.23
C SER O 197 -30.07 44.69 8.73
N PHE O 198 -31.37 44.56 8.96
CA PHE O 198 -32.14 43.40 8.49
C PHE O 198 -31.95 43.14 7.00
N GLU O 199 -31.98 44.21 6.19
CA GLU O 199 -31.94 44.04 4.73
C GLU O 199 -30.53 43.94 4.17
N GLU O 200 -29.56 44.52 4.85
CA GLU O 200 -28.15 44.28 4.47
C GLU O 200 -27.85 42.78 4.59
N MET O 201 -28.35 42.13 5.65
CA MET O 201 -28.19 40.68 5.82
C MET O 201 -29.00 39.88 4.81
N LEU O 202 -30.22 40.33 4.50
CA LEU O 202 -30.99 39.70 3.43
C LEU O 202 -30.16 39.63 2.16
N GLU O 203 -29.50 40.75 1.85
CA GLU O 203 -28.82 40.92 0.58
C GLU O 203 -27.66 39.92 0.44
N LEU O 204 -26.77 39.88 1.44
CA LEU O 204 -25.70 38.88 1.48
C LEU O 204 -26.27 37.46 1.46
N ALA O 205 -27.30 37.21 2.27
CA ALA O 205 -27.95 35.89 2.31
C ALA O 205 -28.48 35.45 0.93
N ALA O 206 -28.94 36.41 0.15
CA ALA O 206 -29.45 36.13 -1.21
C ALA O 206 -28.33 35.81 -2.20
N VAL O 207 -27.10 36.18 -1.88
CA VAL O 207 -26.00 36.12 -2.84
C VAL O 207 -24.83 35.21 -2.45
N GLY O 208 -24.72 34.82 -1.17
CA GLY O 208 -23.59 33.99 -0.74
C GLY O 208 -23.61 33.47 0.69
N SER O 209 -23.85 34.35 1.65
CA SER O 209 -23.86 33.94 3.06
C SER O 209 -24.96 32.89 3.30
N LYS O 210 -24.53 31.69 3.67
CA LYS O 210 -25.46 30.62 4.06
C LYS O 210 -25.47 30.49 5.59
N ILE O 211 -25.23 31.59 6.29
CA ILE O 211 -25.25 31.63 7.74
C ILE O 211 -26.69 31.52 8.27
N LEU O 212 -27.61 32.28 7.68
CA LEU O 212 -29.03 32.17 8.02
C LEU O 212 -29.81 31.63 6.82
N VAL O 213 -31.06 31.28 7.05
CA VAL O 213 -31.98 30.88 6.00
C VAL O 213 -32.85 32.09 5.68
N LEU O 214 -33.04 32.38 4.40
CA LEU O 214 -33.68 33.64 3.97
C LEU O 214 -35.06 33.86 4.57
N ARG O 215 -35.90 32.83 4.49
CA ARG O 215 -37.24 32.88 5.07
C ARG O 215 -37.17 33.38 6.51
N SER O 216 -36.18 32.91 7.27
CA SER O 216 -36.05 33.27 8.69
C SER O 216 -35.55 34.70 8.94
N VAL O 217 -34.69 35.22 8.07
CA VAL O 217 -34.28 36.62 8.21
C VAL O 217 -35.42 37.57 7.77
N GLU O 218 -36.19 37.15 6.77
CA GLU O 218 -37.37 37.91 6.36
C GLU O 218 -38.37 38.04 7.52
N TYR O 219 -38.69 36.93 8.17
CA TYR O 219 -39.60 36.93 9.32
C TYR O 219 -39.04 37.80 10.45
N ALA O 220 -37.73 37.77 10.63
CA ALA O 220 -37.07 38.64 11.59
C ALA O 220 -37.32 40.11 11.28
N ARG O 221 -37.15 40.49 10.01
CA ARG O 221 -37.48 41.85 9.55
C ARG O 221 -38.94 42.15 9.80
N ALA O 222 -39.81 41.21 9.45
CA ALA O 222 -41.26 41.41 9.52
C ALA O 222 -41.69 41.83 10.92
N PHE O 223 -41.26 41.07 11.92
CA PHE O 223 -41.68 41.28 13.32
C PHE O 223 -40.63 42.04 14.17
N ASN O 224 -39.61 42.59 13.53
CA ASN O 224 -38.54 43.34 14.21
C ASN O 224 -37.90 42.54 15.36
N VAL O 225 -37.50 41.32 15.04
CA VAL O 225 -36.86 40.41 16.00
C VAL O 225 -35.35 40.45 15.82
N PRO O 226 -34.63 41.13 16.73
CA PRO O 226 -33.19 41.25 16.53
C PRO O 226 -32.48 39.90 16.68
N LEU O 227 -31.70 39.54 15.67
CA LEU O 227 -30.99 38.26 15.64
C LEU O 227 -29.53 38.47 16.01
N ARG O 228 -28.96 37.48 16.69
CA ARG O 228 -27.55 37.50 17.00
C ARG O 228 -26.88 36.22 16.50
N VAL O 229 -26.03 36.33 15.50
CA VAL O 229 -25.28 35.17 15.01
C VAL O 229 -24.03 34.95 15.85
N ARG O 230 -24.00 33.83 16.55
CA ARG O 230 -22.99 33.54 17.55
C ARG O 230 -22.28 32.24 17.30
N SER O 231 -21.13 32.05 17.95
CA SER O 231 -20.39 30.80 17.90
C SER O 231 -20.82 29.88 19.03
N SER O 232 -20.97 28.58 18.76
CA SER O 232 -21.16 27.58 19.81
C SER O 232 -19.81 27.07 20.35
N TYR O 233 -18.71 27.72 19.94
CA TYR O 233 -17.35 27.31 20.28
C TYR O 233 -16.57 28.33 21.12
N SER O 234 -17.14 29.52 21.34
CA SER O 234 -16.50 30.56 22.16
C SER O 234 -17.55 31.53 22.74
N ASN O 235 -17.11 32.51 23.53
CA ASN O 235 -18.03 33.35 24.32
C ASN O 235 -18.28 34.76 23.79
N ASP O 236 -17.71 35.11 22.62
CA ASP O 236 -17.82 36.49 22.15
C ASP O 236 -19.27 36.76 21.68
N PRO O 237 -19.70 38.03 21.72
CA PRO O 237 -21.14 38.32 21.60
C PRO O 237 -21.72 38.08 20.22
N GLY O 238 -20.86 37.92 19.21
CA GLY O 238 -21.33 37.63 17.87
C GLY O 238 -21.85 38.87 17.17
N THR O 239 -22.42 38.69 15.99
CA THR O 239 -22.91 39.80 15.19
C THR O 239 -24.38 40.08 15.44
N LEU O 240 -24.72 41.35 15.65
CA LEU O 240 -26.11 41.77 15.83
C LEU O 240 -26.75 42.09 14.48
N ILE O 241 -28.03 41.76 14.32
CA ILE O 241 -28.78 42.13 13.13
C ILE O 241 -29.75 43.25 13.51
N ALA O 242 -29.32 44.48 13.17
CA ALA O 242 -29.94 45.73 13.62
C ALA O 242 -31.37 45.94 13.15
N GLY O 243 -31.89 47.15 13.36
CA GLY O 243 -33.15 47.59 12.77
C GLY O 243 -32.91 47.92 11.32
N SER O 244 -33.91 48.49 10.65
CA SER O 244 -33.84 48.69 9.20
C SER O 244 -32.86 49.78 8.79
N MET O 245 -32.52 49.79 7.51
CA MET O 245 -31.51 50.69 6.97
C MET O 245 -32.08 52.06 6.61
N GLU O 246 -33.41 52.14 6.49
CA GLU O 246 -34.08 53.43 6.31
C GLU O 246 -33.70 54.36 7.46
N ASP O 247 -33.58 53.78 8.65
CA ASP O 247 -33.27 54.54 9.85
C ASP O 247 -31.78 54.84 9.99
N ILE O 248 -30.93 54.23 9.16
CA ILE O 248 -29.52 54.61 9.16
C ILE O 248 -29.37 55.97 8.49
N PRO O 249 -28.64 56.90 9.14
CA PRO O 249 -28.42 58.20 8.53
C PRO O 249 -27.40 58.10 7.41
N VAL O 250 -27.67 58.82 6.32
CA VAL O 250 -26.72 58.95 5.21
C VAL O 250 -25.27 59.07 5.67
N GLU O 251 -25.05 59.91 6.69
CA GLU O 251 -23.72 60.17 7.24
C GLU O 251 -22.93 58.92 7.59
N GLU O 252 -23.57 57.98 8.30
CA GLU O 252 -22.89 56.83 8.91
C GLU O 252 -23.25 55.49 8.26
N ALA O 253 -23.49 55.51 6.95
CA ALA O 253 -23.84 54.30 6.20
C ALA O 253 -22.57 53.66 5.64
N VAL O 254 -22.29 52.44 6.06
CA VAL O 254 -21.05 51.74 5.71
C VAL O 254 -21.22 50.82 4.50
N LEU O 255 -20.12 50.30 3.99
CA LEU O 255 -20.14 49.17 3.08
C LEU O 255 -20.01 47.88 3.92
N THR O 256 -21.07 47.09 3.97
CA THR O 256 -21.12 45.91 4.82
C THR O 256 -19.98 44.93 4.54
N GLY O 257 -19.99 44.30 3.37
CA GLY O 257 -18.99 43.28 3.06
C GLY O 257 -19.09 42.60 1.71
N VAL O 258 -18.14 41.70 1.44
CA VAL O 258 -18.02 40.99 0.17
C VAL O 258 -18.53 39.54 0.32
N ALA O 259 -19.49 39.17 -0.53
CA ALA O 259 -20.01 37.80 -0.55
C ALA O 259 -19.60 37.14 -1.85
N THR O 260 -19.48 35.82 -1.80
CA THR O 260 -19.01 35.04 -2.93
C THR O 260 -19.83 33.76 -3.11
N ASP O 261 -19.84 33.21 -4.32
CA ASP O 261 -20.62 32.01 -4.60
C ASP O 261 -20.11 31.33 -5.87
N LYS O 262 -19.66 30.07 -5.72
CA LYS O 262 -19.21 29.25 -6.85
C LYS O 262 -20.00 27.94 -6.93
N SER O 263 -21.22 27.97 -6.43
CA SER O 263 -22.11 26.81 -6.45
C SER O 263 -23.15 26.88 -7.56
N GLU O 264 -22.88 27.65 -8.61
CA GLU O 264 -23.91 27.94 -9.62
C GLU O 264 -23.38 27.99 -11.04
N ALA O 265 -24.31 27.78 -11.98
CA ALA O 265 -23.99 27.81 -13.41
C ALA O 265 -24.90 28.78 -14.17
N LYS O 266 -24.31 29.47 -15.16
CA LYS O 266 -24.98 30.47 -15.99
C LYS O 266 -25.65 29.77 -17.17
N VAL O 267 -26.95 30.01 -17.35
CA VAL O 267 -27.68 29.56 -18.53
C VAL O 267 -28.09 30.79 -19.33
N THR O 268 -28.11 30.67 -20.66
CA THR O 268 -28.45 31.81 -21.52
C THR O 268 -29.34 31.40 -22.70
N VAL O 269 -30.56 31.93 -22.73
CA VAL O 269 -31.43 31.75 -23.86
C VAL O 269 -31.19 32.91 -24.81
N LEU O 270 -30.51 32.63 -25.93
CA LEU O 270 -30.15 33.68 -26.89
C LEU O 270 -31.22 33.81 -27.97
N GLY O 271 -31.75 35.01 -28.14
CA GLY O 271 -32.61 35.36 -29.28
C GLY O 271 -34.12 35.21 -29.10
N ILE O 272 -34.61 35.34 -27.88
CA ILE O 272 -36.06 35.24 -27.61
C ILE O 272 -36.79 36.42 -28.24
N SER O 273 -38.03 36.19 -28.68
CA SER O 273 -38.84 37.24 -29.30
C SER O 273 -39.20 38.32 -28.28
N ASP O 274 -39.07 39.59 -28.66
CA ASP O 274 -39.38 40.70 -27.75
C ASP O 274 -40.89 40.99 -27.68
N LYS O 275 -41.70 39.93 -27.69
CA LYS O 275 -43.15 40.06 -27.62
C LYS O 275 -43.59 39.87 -26.18
N PRO O 276 -44.75 40.43 -25.80
CA PRO O 276 -45.30 40.11 -24.47
C PRO O 276 -45.67 38.63 -24.34
N GLY O 277 -45.38 38.05 -23.19
CA GLY O 277 -45.79 36.67 -22.86
C GLY O 277 -44.73 35.60 -23.01
N GLU O 278 -43.63 35.93 -23.69
CA GLU O 278 -42.58 34.95 -24.00
C GLU O 278 -41.78 34.55 -22.75
N ALA O 279 -41.46 35.53 -21.91
CA ALA O 279 -40.68 35.29 -20.69
C ALA O 279 -41.30 34.19 -19.83
N ALA O 280 -42.63 34.22 -19.72
CA ALA O 280 -43.37 33.25 -18.94
C ALA O 280 -43.21 31.86 -19.50
N LYS O 281 -43.27 31.73 -20.82
CA LYS O 281 -43.01 30.45 -21.46
C LYS O 281 -41.69 29.86 -20.96
N VAL O 282 -40.69 30.74 -20.77
CA VAL O 282 -39.38 30.32 -20.29
C VAL O 282 -39.39 29.91 -18.82
N PHE O 283 -39.79 30.85 -17.97
CA PHE O 283 -39.76 30.62 -16.53
C PHE O 283 -40.76 29.55 -16.06
N ARG O 284 -41.96 29.56 -16.62
CA ARG O 284 -42.97 28.54 -16.30
C ARG O 284 -42.41 27.15 -16.54
N ALA O 285 -41.99 26.91 -17.78
CA ALA O 285 -41.39 25.64 -18.16
C ALA O 285 -40.28 25.23 -17.18
N LEU O 286 -39.44 26.19 -16.82
CA LEU O 286 -38.33 25.94 -15.90
C LEU O 286 -38.80 25.56 -14.50
N ALA O 287 -39.91 26.15 -14.06
CA ALA O 287 -40.41 25.97 -12.70
C ALA O 287 -40.87 24.54 -12.43
N ASP O 288 -41.77 24.06 -13.27
CA ASP O 288 -42.33 22.71 -13.10
C ASP O 288 -41.23 21.67 -13.39
N ALA O 289 -40.19 21.67 -12.56
CA ALA O 289 -38.98 20.88 -12.83
C ALA O 289 -38.02 20.68 -11.64
N GLU O 290 -38.33 21.27 -10.49
CA GLU O 290 -37.45 21.19 -9.31
C GLU O 290 -36.03 21.65 -9.67
N ILE O 291 -35.94 22.81 -10.31
CA ILE O 291 -34.67 23.36 -10.78
C ILE O 291 -34.64 24.87 -10.51
N ASN O 292 -33.94 25.24 -9.45
CA ASN O 292 -34.06 26.57 -8.85
C ASN O 292 -33.37 27.69 -9.65
N ILE O 293 -34.07 28.83 -9.75
CA ILE O 293 -33.56 30.03 -10.43
C ILE O 293 -33.06 31.02 -9.39
N ASP O 294 -31.88 31.58 -9.63
CA ASP O 294 -31.30 32.56 -8.70
C ASP O 294 -31.51 34.00 -9.17
N MET O 295 -30.89 34.38 -10.29
CA MET O 295 -30.98 35.78 -10.77
C MET O 295 -31.14 35.86 -12.27
N VAL O 296 -32.37 36.08 -12.72
CA VAL O 296 -32.65 36.22 -14.13
C VAL O 296 -32.29 37.66 -14.59
N LEU O 297 -31.67 37.77 -15.76
CA LEU O 297 -31.29 39.06 -16.34
C LEU O 297 -31.75 39.13 -17.79
N GLN O 298 -32.45 40.20 -18.15
CA GLN O 298 -32.79 40.51 -19.55
C GLN O 298 -32.52 41.98 -19.84
N ASN O 299 -32.13 42.28 -21.07
CA ASN O 299 -31.78 43.65 -21.48
C ASN O 299 -32.24 43.95 -22.89
N ASP O 305 -33.87 44.85 -34.78
CA ASP O 305 -34.54 43.57 -34.84
C ASP O 305 -35.02 43.11 -33.44
N GLY O 306 -36.33 43.20 -33.21
CA GLY O 306 -36.91 43.01 -31.87
C GLY O 306 -36.81 41.61 -31.27
N THR O 307 -35.60 41.25 -30.87
CA THR O 307 -35.34 39.97 -30.19
C THR O 307 -34.46 40.28 -28.99
N THR O 308 -34.42 39.38 -28.02
CA THR O 308 -33.71 39.64 -26.78
C THR O 308 -33.12 38.37 -26.20
N ASP O 309 -32.26 38.53 -25.20
CA ASP O 309 -31.63 37.41 -24.51
C ASP O 309 -31.98 37.40 -23.03
N ILE O 310 -32.21 36.21 -22.49
CA ILE O 310 -32.45 36.03 -21.06
C ILE O 310 -31.37 35.11 -20.51
N THR O 311 -30.70 35.57 -19.45
CA THR O 311 -29.78 34.74 -18.70
C THR O 311 -30.40 34.45 -17.34
N PHE O 312 -30.05 33.31 -16.77
CA PHE O 312 -30.39 33.02 -15.38
C PHE O 312 -29.33 32.09 -14.81
N THR O 313 -29.30 32.01 -13.49
CA THR O 313 -28.38 31.10 -12.84
C THR O 313 -29.15 30.01 -12.13
N CYS O 314 -28.61 28.79 -12.18
CA CYS O 314 -29.10 27.68 -11.36
C CYS O 314 -27.90 27.03 -10.69
N PRO O 315 -28.13 26.18 -9.67
CA PRO O 315 -27.01 25.44 -9.07
C PRO O 315 -26.25 24.60 -10.09
N ARG O 316 -24.91 24.54 -9.98
CA ARG O 316 -24.09 23.76 -10.91
C ARG O 316 -24.56 22.31 -11.05
N SER O 317 -25.24 21.80 -10.01
CA SER O 317 -25.80 20.44 -10.01
C SER O 317 -26.86 20.22 -11.09
N ASP O 318 -27.63 21.27 -11.41
CA ASP O 318 -28.73 21.15 -12.37
C ASP O 318 -28.32 21.59 -13.79
N GLY O 319 -27.13 21.18 -14.22
CA GLY O 319 -26.58 21.62 -15.51
C GLY O 319 -27.14 20.88 -16.71
N ARG O 320 -27.10 19.55 -16.64
CA ARG O 320 -27.59 18.69 -17.72
C ARG O 320 -29.13 18.70 -17.83
N ARG O 321 -29.80 18.90 -16.70
CA ARG O 321 -31.27 18.87 -16.62
C ARG O 321 -31.91 20.19 -17.10
N ALA O 322 -31.24 21.30 -16.83
CA ALA O 322 -31.70 22.61 -17.28
C ALA O 322 -31.51 22.77 -18.78
N MET O 323 -30.46 22.14 -19.31
CA MET O 323 -30.11 22.25 -20.72
C MET O 323 -30.96 21.28 -21.54
N GLU O 324 -31.09 20.05 -21.06
CA GLU O 324 -31.95 19.06 -21.69
C GLU O 324 -33.38 19.58 -21.85
N ILE O 325 -33.85 20.30 -20.84
CA ILE O 325 -35.21 20.85 -20.83
C ILE O 325 -35.34 22.10 -21.73
N LEU O 326 -34.23 22.82 -21.92
CA LEU O 326 -34.20 24.02 -22.76
C LEU O 326 -34.08 23.71 -24.25
N LYS O 327 -33.83 22.44 -24.58
CA LYS O 327 -33.86 21.97 -25.97
C LYS O 327 -35.24 22.26 -26.57
N LYS O 328 -36.28 21.72 -25.93
CA LYS O 328 -37.65 21.92 -26.38
C LYS O 328 -38.11 23.36 -26.13
N GLN O 332 -37.66 23.41 -31.65
CA GLN O 332 -39.00 23.35 -31.09
C GLN O 332 -39.30 24.61 -30.27
N GLY O 333 -39.26 25.75 -30.95
CA GLY O 333 -39.52 27.01 -30.29
C GLY O 333 -39.46 28.19 -31.25
N ASN O 334 -38.84 29.28 -30.78
CA ASN O 334 -38.73 30.54 -31.54
C ASN O 334 -37.28 31.04 -31.61
N TRP O 335 -36.62 31.05 -30.45
CA TRP O 335 -35.26 31.56 -30.31
C TRP O 335 -34.20 30.75 -31.05
N THR O 336 -32.98 31.26 -31.04
CA THR O 336 -31.86 30.69 -31.79
C THR O 336 -31.16 29.55 -31.04
N ASN O 337 -30.65 29.83 -29.85
CA ASN O 337 -29.82 28.85 -29.10
C ASN O 337 -29.90 29.03 -27.56
N VAL O 338 -29.30 28.10 -26.82
CA VAL O 338 -29.26 28.17 -25.36
C VAL O 338 -27.91 27.64 -24.83
N LEU O 339 -27.25 28.44 -23.99
CA LEU O 339 -25.84 28.17 -23.58
C LEU O 339 -25.72 27.63 -22.13
N TYR O 340 -24.52 27.20 -21.76
CA TYR O 340 -24.23 26.65 -20.40
C TYR O 340 -22.75 26.80 -19.98
N ASP O 341 -22.47 27.71 -19.04
CA ASP O 341 -21.10 27.92 -18.53
C ASP O 341 -21.03 27.59 -17.04
N ASP O 342 -20.45 26.43 -16.70
CA ASP O 342 -20.40 25.96 -15.31
C ASP O 342 -19.26 26.56 -14.49
N GLN O 343 -18.31 27.26 -15.13
CA GLN O 343 -17.19 27.84 -14.40
C GLN O 343 -17.41 29.29 -13.94
N VAL O 344 -18.65 29.65 -13.59
CA VAL O 344 -19.00 31.02 -13.21
C VAL O 344 -18.94 31.29 -11.70
N GLY O 345 -17.94 32.07 -11.29
CA GLY O 345 -17.93 32.67 -9.96
C GLY O 345 -18.95 33.78 -9.86
N LYS O 346 -19.25 34.16 -8.61
CA LYS O 346 -20.19 35.22 -8.31
C LYS O 346 -19.72 35.95 -7.07
N VAL O 347 -19.21 37.16 -7.26
CA VAL O 347 -18.76 37.98 -6.14
C VAL O 347 -19.61 39.23 -6.06
N SER O 348 -20.04 39.56 -4.85
CA SER O 348 -20.90 40.72 -4.61
C SER O 348 -20.35 41.60 -3.51
N LEU O 349 -20.71 42.88 -3.57
CA LEU O 349 -20.48 43.83 -2.49
C LEU O 349 -21.87 44.27 -2.05
N VAL O 350 -22.11 44.34 -0.73
CA VAL O 350 -23.37 44.88 -0.22
C VAL O 350 -23.15 45.93 0.87
N GLY O 351 -24.05 46.90 0.91
CA GLY O 351 -23.94 48.00 1.86
C GLY O 351 -24.91 49.12 1.57
N ALA O 352 -25.64 49.56 2.60
CA ALA O 352 -26.51 50.72 2.48
C ALA O 352 -25.68 51.96 2.15
N GLY O 353 -24.39 51.94 2.50
CA GLY O 353 -23.46 52.99 2.12
C GLY O 353 -23.48 53.33 0.64
N MET O 354 -23.74 52.34 -0.21
CA MET O 354 -23.76 52.56 -1.65
C MET O 354 -25.06 53.22 -2.13
N LYS O 355 -26.12 53.17 -1.33
CA LYS O 355 -27.44 53.61 -1.78
C LYS O 355 -27.43 55.01 -2.37
N SER O 356 -26.74 55.94 -1.72
CA SER O 356 -26.69 57.33 -2.19
C SER O 356 -25.27 57.92 -2.18
N HIS O 357 -24.26 57.07 -2.33
CA HIS O 357 -22.87 57.50 -2.40
C HIS O 357 -22.36 57.21 -3.80
N PRO O 358 -22.27 58.23 -4.66
CA PRO O 358 -21.85 57.94 -6.03
C PRO O 358 -20.40 57.46 -6.13
N GLY O 359 -20.14 56.62 -7.12
CA GLY O 359 -18.79 56.19 -7.44
C GLY O 359 -18.39 54.84 -6.89
N VAL O 360 -19.29 54.21 -6.14
CA VAL O 360 -19.02 52.89 -5.58
C VAL O 360 -18.84 51.86 -6.69
N THR O 361 -19.76 51.87 -7.65
CA THR O 361 -19.70 50.90 -8.74
C THR O 361 -18.46 51.17 -9.59
N ALA O 362 -18.11 52.44 -9.74
CA ALA O 362 -16.85 52.82 -10.38
C ALA O 362 -15.69 52.14 -9.67
N GLU O 363 -15.67 52.22 -8.34
CA GLU O 363 -14.62 51.61 -7.53
C GLU O 363 -14.70 50.08 -7.49
N PHE O 364 -15.87 49.52 -7.82
CA PHE O 364 -16.03 48.07 -7.94
C PHE O 364 -15.36 47.61 -9.24
N MET O 365 -15.77 48.22 -10.36
CA MET O 365 -15.14 47.99 -11.66
C MET O 365 -13.64 48.32 -11.70
N GLU O 366 -13.25 49.43 -11.09
CA GLU O 366 -11.85 49.83 -11.01
C GLU O 366 -11.03 48.81 -10.21
N ALA O 367 -11.66 48.21 -9.21
CA ALA O 367 -10.99 47.22 -8.38
C ALA O 367 -10.66 45.96 -9.16
N LEU O 368 -11.64 45.42 -9.88
CA LEU O 368 -11.45 44.22 -10.70
C LEU O 368 -10.64 44.51 -11.97
N ARG O 369 -10.51 45.78 -12.33
CA ARG O 369 -9.66 46.21 -13.45
C ARG O 369 -8.19 46.21 -13.05
N ASP O 370 -7.90 46.72 -11.87
CA ASP O 370 -6.53 46.78 -11.36
C ASP O 370 -5.97 45.38 -11.06
N VAL O 371 -6.84 44.38 -11.13
CA VAL O 371 -6.41 42.99 -11.27
C VAL O 371 -6.86 42.51 -12.66
N ASN O 372 -6.26 41.44 -13.16
CA ASN O 372 -6.74 40.84 -14.41
C ASN O 372 -7.98 40.02 -14.09
N VAL O 373 -9.15 40.62 -14.27
CA VAL O 373 -10.42 39.91 -14.12
C VAL O 373 -11.54 40.66 -14.87
N ASN O 374 -12.33 39.89 -15.62
CA ASN O 374 -13.28 40.45 -16.56
C ASN O 374 -14.69 40.32 -16.03
N ILE O 375 -15.46 41.41 -16.09
CA ILE O 375 -16.87 41.38 -15.71
C ILE O 375 -17.67 40.86 -16.90
N GLU O 376 -18.37 39.74 -16.70
CA GLU O 376 -19.16 39.09 -17.76
C GLU O 376 -20.64 39.39 -17.63
N LEU O 377 -21.13 39.52 -16.39
CA LEU O 377 -22.51 39.97 -16.14
C LEU O 377 -22.59 40.90 -14.93
N ILE O 378 -23.56 41.82 -14.96
CA ILE O 378 -23.83 42.72 -13.82
C ILE O 378 -25.30 42.64 -13.38
N SER O 379 -25.50 42.54 -12.07
CA SER O 379 -26.81 42.45 -11.43
C SER O 379 -26.76 43.33 -10.21
N THR O 380 -27.89 43.89 -9.81
CA THR O 380 -27.90 44.95 -8.84
C THR O 380 -29.17 44.97 -8.00
N SER O 381 -29.05 45.48 -6.78
CA SER O 381 -30.22 45.99 -6.04
C SER O 381 -29.85 47.37 -5.51
N GLU O 382 -30.71 47.96 -4.68
CA GLU O 382 -30.43 49.27 -4.08
C GLU O 382 -29.07 49.30 -3.38
N ILE O 383 -28.76 48.22 -2.65
CA ILE O 383 -27.58 48.18 -1.80
C ILE O 383 -26.66 47.00 -2.12
N ARG O 384 -26.63 46.57 -3.38
CA ARG O 384 -25.76 45.47 -3.78
C ARG O 384 -25.31 45.58 -5.22
N ILE O 385 -24.01 45.41 -5.44
CA ILE O 385 -23.45 45.18 -6.78
C ILE O 385 -23.01 43.71 -6.88
N SER O 386 -23.57 42.96 -7.82
CA SER O 386 -23.14 41.59 -8.10
C SER O 386 -22.65 41.47 -9.53
N VAL O 387 -21.59 40.69 -9.70
CA VAL O 387 -20.91 40.53 -10.98
C VAL O 387 -20.58 39.06 -11.21
N LEU O 388 -20.67 38.59 -12.44
CA LEU O 388 -20.24 37.23 -12.78
C LEU O 388 -18.87 37.24 -13.45
N ILE O 389 -17.88 36.61 -12.80
CA ILE O 389 -16.55 36.41 -13.38
C ILE O 389 -16.17 34.92 -13.32
N ARG O 390 -15.02 34.57 -13.88
CA ARG O 390 -14.61 33.17 -13.95
C ARG O 390 -14.09 32.70 -12.60
N GLU O 391 -14.57 31.53 -12.18
CA GLU O 391 -14.34 31.04 -10.83
C GLU O 391 -12.88 31.04 -10.39
N ASP O 392 -11.95 30.82 -11.31
CA ASP O 392 -10.52 30.91 -10.96
C ASP O 392 -10.18 32.29 -10.40
N ASP O 393 -10.60 33.34 -11.12
CA ASP O 393 -10.37 34.73 -10.69
C ASP O 393 -11.21 35.17 -9.48
N LEU O 394 -12.12 34.32 -9.01
CA LEU O 394 -13.03 34.66 -7.92
C LEU O 394 -12.32 35.10 -6.64
N ASP O 395 -11.55 34.19 -6.03
CA ASP O 395 -10.75 34.50 -4.84
C ASP O 395 -10.00 35.83 -4.94
N ALA O 396 -9.37 36.08 -6.09
CA ALA O 396 -8.62 37.32 -6.33
C ALA O 396 -9.53 38.55 -6.41
N ALA O 397 -10.75 38.36 -6.92
CA ALA O 397 -11.74 39.44 -7.00
C ALA O 397 -12.19 39.88 -5.60
N ALA O 398 -12.54 38.90 -4.77
CA ALA O 398 -12.90 39.16 -3.37
C ALA O 398 -11.83 40.00 -2.67
N ARG O 399 -10.56 39.61 -2.88
CA ARG O 399 -9.39 40.28 -2.32
C ARG O 399 -9.39 41.78 -2.63
N ALA O 400 -9.37 42.10 -3.92
CA ALA O 400 -9.26 43.50 -4.37
C ALA O 400 -10.42 44.31 -3.82
N LEU O 401 -11.63 43.77 -3.94
CA LEU O 401 -12.83 44.40 -3.41
C LEU O 401 -12.66 44.74 -1.93
N HIS O 402 -12.15 43.78 -1.17
CA HIS O 402 -11.92 43.96 0.26
C HIS O 402 -10.92 45.08 0.55
N GLU O 403 -9.83 45.13 -0.20
CA GLU O 403 -8.81 46.16 0.01
C GLU O 403 -9.30 47.51 -0.50
N GLN O 404 -10.03 47.50 -1.62
CA GLN O 404 -10.52 48.74 -2.21
C GLN O 404 -11.45 49.50 -1.27
N PHE O 405 -12.47 48.82 -0.72
CA PHE O 405 -13.46 49.50 0.13
C PHE O 405 -13.08 49.57 1.62
N GLN O 406 -11.93 49.01 1.96
CA GLN O 406 -11.33 49.17 3.28
C GLN O 406 -9.85 49.52 3.13
N LEU O 407 -9.55 50.81 3.07
CA LEU O 407 -8.19 51.32 2.98
C LEU O 407 -7.58 51.08 1.60
N VAL P 5 -42.55 33.63 1.32
CA VAL P 5 -43.74 34.51 1.06
C VAL P 5 -43.32 35.76 0.30
N LEU P 6 -44.30 36.62 -0.01
CA LEU P 6 -44.06 37.89 -0.68
C LEU P 6 -44.59 39.03 0.17
N THR P 7 -43.74 40.01 0.48
CA THR P 7 -44.05 41.04 1.49
C THR P 7 -44.72 42.33 0.96
N GLY P 8 -44.53 42.65 -0.31
CA GLY P 8 -45.16 43.86 -0.87
C GLY P 8 -44.57 44.29 -2.20
N VAL P 9 -45.39 44.91 -3.04
CA VAL P 9 -44.97 45.31 -4.40
C VAL P 9 -44.67 46.81 -4.46
N ALA P 10 -43.61 47.18 -5.18
CA ALA P 10 -43.15 48.57 -5.24
C ALA P 10 -43.05 49.09 -6.67
N THR P 11 -43.30 50.39 -6.85
CA THR P 11 -43.16 51.05 -8.16
C THR P 11 -42.35 52.35 -8.09
N ASP P 12 -41.71 52.70 -9.20
CA ASP P 12 -40.94 53.94 -9.30
C ASP P 12 -41.06 54.56 -10.70
N LYS P 13 -41.15 55.89 -10.74
CA LYS P 13 -41.28 56.65 -12.00
C LYS P 13 -40.30 57.83 -12.04
N SER P 14 -39.20 57.71 -11.30
CA SER P 14 -38.30 58.83 -11.06
C SER P 14 -36.94 58.68 -11.73
N GLU P 15 -36.68 57.55 -12.35
CA GLU P 15 -35.33 57.29 -12.88
C GLU P 15 -35.30 57.29 -14.40
N ALA P 16 -34.11 57.54 -14.93
CA ALA P 16 -33.80 57.42 -16.34
C ALA P 16 -33.13 56.09 -16.56
N LYS P 17 -33.34 55.53 -17.76
CA LYS P 17 -32.63 54.34 -18.23
C LYS P 17 -31.73 54.78 -19.38
N VAL P 18 -30.42 54.65 -19.20
CA VAL P 18 -29.45 54.98 -20.25
C VAL P 18 -28.58 53.77 -20.59
N THR P 19 -28.54 53.42 -21.88
CA THR P 19 -27.80 52.25 -22.35
C THR P 19 -26.55 52.65 -23.14
N VAL P 20 -25.44 51.95 -22.87
CA VAL P 20 -24.26 52.06 -23.70
C VAL P 20 -24.20 50.79 -24.52
N LEU P 21 -24.18 50.94 -25.84
CA LEU P 21 -24.18 49.79 -26.74
C LEU P 21 -22.80 49.58 -27.35
N GLY P 22 -22.42 48.31 -27.49
CA GLY P 22 -21.19 47.94 -28.17
C GLY P 22 -19.92 48.30 -27.44
N ILE P 23 -19.88 47.95 -26.16
CA ILE P 23 -18.67 48.08 -25.33
C ILE P 23 -17.79 46.85 -25.53
N SER P 24 -16.49 47.06 -25.67
CA SER P 24 -15.56 45.93 -25.71
C SER P 24 -15.68 45.13 -24.40
N ASP P 25 -15.75 43.80 -24.50
CA ASP P 25 -15.90 42.96 -23.33
C ASP P 25 -14.52 42.61 -22.82
N LYS P 26 -13.84 43.65 -22.34
CA LYS P 26 -12.41 43.66 -22.05
C LYS P 26 -12.28 44.19 -20.63
N PRO P 27 -11.32 43.68 -19.84
CA PRO P 27 -11.15 44.25 -18.51
C PRO P 27 -10.91 45.76 -18.54
N GLY P 28 -11.63 46.49 -17.68
CA GLY P 28 -11.41 47.94 -17.54
C GLY P 28 -12.42 48.85 -18.22
N GLU P 29 -13.25 48.29 -19.09
CA GLU P 29 -14.17 49.11 -19.87
C GLU P 29 -15.41 49.58 -19.08
N ALA P 30 -15.92 48.75 -18.18
CA ALA P 30 -17.05 49.15 -17.36
C ALA P 30 -16.65 50.27 -16.39
N ALA P 31 -15.39 50.26 -15.95
CA ALA P 31 -14.87 51.32 -15.08
C ALA P 31 -14.86 52.67 -15.76
N LYS P 32 -14.56 52.71 -17.06
CA LYS P 32 -14.60 53.95 -17.84
C LYS P 32 -15.99 54.59 -17.80
N VAL P 33 -17.01 53.78 -18.04
CA VAL P 33 -18.38 54.26 -18.01
C VAL P 33 -18.70 54.84 -16.66
N PHE P 34 -18.37 54.08 -15.61
CA PHE P 34 -18.83 54.44 -14.28
C PHE P 34 -17.94 55.46 -13.59
N ARG P 35 -16.64 55.46 -13.91
CA ARG P 35 -15.72 56.52 -13.44
C ARG P 35 -16.24 57.84 -13.97
N ALA P 36 -16.54 57.89 -15.27
CA ALA P 36 -17.05 59.09 -15.91
C ALA P 36 -18.25 59.61 -15.14
N LEU P 37 -19.21 58.71 -14.89
CA LEU P 37 -20.42 59.08 -14.13
C LEU P 37 -20.13 59.45 -12.66
N ALA P 38 -19.17 58.77 -12.04
CA ALA P 38 -18.70 59.11 -10.68
C ALA P 38 -18.02 60.48 -10.71
N ASP P 39 -16.95 60.63 -11.48
CA ASP P 39 -16.34 61.93 -11.75
C ASP P 39 -17.37 62.80 -12.49
N ALA P 40 -18.24 63.45 -11.72
CA ALA P 40 -19.49 64.04 -12.21
C ALA P 40 -20.60 63.97 -11.17
N GLU P 41 -20.43 63.11 -10.16
CA GLU P 41 -21.35 62.99 -9.03
C GLU P 41 -22.79 62.68 -9.42
N ILE P 42 -22.95 61.57 -10.15
CA ILE P 42 -24.26 61.07 -10.55
C ILE P 42 -24.50 59.75 -9.82
N ASN P 43 -25.35 59.79 -8.81
CA ASN P 43 -25.79 58.58 -8.12
C ASN P 43 -26.62 57.76 -9.11
N ILE P 44 -26.39 56.45 -9.15
CA ILE P 44 -27.08 55.57 -10.09
C ILE P 44 -27.65 54.36 -9.34
N ASP P 45 -28.69 53.76 -9.88
CA ASP P 45 -29.37 52.66 -9.20
C ASP P 45 -29.12 51.32 -9.90
N MET P 46 -30.01 50.93 -10.81
CA MET P 46 -29.90 49.67 -11.50
C MET P 46 -28.69 49.67 -12.44
N VAL P 47 -28.03 48.51 -12.53
CA VAL P 47 -27.01 48.28 -13.53
C VAL P 47 -27.25 46.86 -14.03
N LEU P 48 -26.96 46.65 -15.30
CA LEU P 48 -27.28 45.41 -15.95
C LEU P 48 -26.34 45.18 -17.13
N GLN P 49 -25.85 43.95 -17.25
CA GLN P 49 -25.05 43.55 -18.40
C GLN P 49 -25.29 42.06 -18.61
N ASN P 50 -25.90 41.72 -19.73
CA ASN P 50 -26.23 40.31 -19.97
C ASN P 50 -25.06 39.57 -20.66
N VAL P 51 -25.12 39.26 -21.95
CA VAL P 51 -24.06 38.50 -22.58
C VAL P 51 -23.55 39.15 -23.86
N PHE P 52 -22.31 38.84 -24.19
CA PHE P 52 -21.68 39.34 -25.39
C PHE P 52 -22.33 38.76 -26.66
N SER P 53 -22.22 39.51 -27.74
CA SER P 53 -22.83 39.14 -29.02
C SER P 53 -21.79 38.51 -29.92
N VAL P 54 -22.21 37.49 -30.68
CA VAL P 54 -21.28 36.65 -31.42
C VAL P 54 -20.43 37.44 -32.40
N GLU P 55 -21.04 38.35 -33.16
CA GLU P 55 -20.35 38.99 -34.28
C GLU P 55 -19.27 40.00 -33.86
N ASP P 56 -19.64 40.99 -33.05
CA ASP P 56 -18.71 42.04 -32.65
C ASP P 56 -17.86 41.54 -31.46
N GLY P 57 -18.37 40.52 -30.75
CA GLY P 57 -17.77 40.05 -29.51
C GLY P 57 -18.07 41.01 -28.38
N THR P 58 -18.86 42.03 -28.70
CA THR P 58 -19.02 43.22 -27.89
C THR P 58 -20.29 43.07 -27.04
N THR P 59 -20.36 43.79 -25.92
CA THR P 59 -21.53 43.69 -25.05
C THR P 59 -22.14 45.06 -24.77
N ASP P 60 -23.27 45.07 -24.06
CA ASP P 60 -23.98 46.30 -23.73
C ASP P 60 -24.09 46.48 -22.23
N ILE P 61 -24.13 47.74 -21.79
CA ILE P 61 -24.43 48.04 -20.40
C ILE P 61 -25.56 49.04 -20.30
N THR P 62 -26.56 48.70 -19.50
CA THR P 62 -27.65 49.60 -19.17
C THR P 62 -27.54 50.01 -17.70
N PHE P 63 -27.78 51.28 -17.40
CA PHE P 63 -27.95 51.70 -16.02
C PHE P 63 -29.13 52.63 -15.82
N THR P 64 -29.48 52.80 -14.56
CA THR P 64 -30.60 53.63 -14.18
C THR P 64 -30.12 54.67 -13.16
N CYS P 65 -30.61 55.91 -13.29
CA CYS P 65 -30.29 57.00 -12.35
C CYS P 65 -31.49 57.95 -12.22
N PRO P 66 -31.42 58.94 -11.32
CA PRO P 66 -32.52 59.91 -11.24
C PRO P 66 -32.72 60.67 -12.56
N ARG P 67 -33.98 60.81 -12.99
CA ARG P 67 -34.30 61.51 -14.24
C ARG P 67 -33.63 62.87 -14.33
N SER P 68 -33.46 63.53 -13.19
CA SER P 68 -32.70 64.78 -13.09
C SER P 68 -31.34 64.68 -13.77
N ASP P 69 -30.60 63.62 -13.45
CA ASP P 69 -29.25 63.41 -13.98
C ASP P 69 -29.21 62.59 -15.27
N GLY P 70 -30.36 62.08 -15.72
CA GLY P 70 -30.43 61.21 -16.89
C GLY P 70 -29.89 61.80 -18.19
N ARG P 71 -30.41 62.97 -18.57
CA ARG P 71 -29.93 63.67 -19.75
C ARG P 71 -28.45 64.01 -19.62
N ARG P 72 -27.98 64.28 -18.41
CA ARG P 72 -26.56 64.58 -18.18
C ARG P 72 -25.69 63.32 -18.27
N ALA P 73 -26.24 62.18 -17.87
CA ALA P 73 -25.55 60.90 -17.96
C ALA P 73 -25.25 60.54 -19.42
N MET P 74 -26.28 60.64 -20.26
CA MET P 74 -26.13 60.47 -21.71
C MET P 74 -24.96 61.30 -22.27
N GLU P 75 -25.01 62.61 -22.02
CA GLU P 75 -24.00 63.57 -22.51
C GLU P 75 -22.56 63.21 -22.13
N ILE P 76 -22.37 62.87 -20.86
CA ILE P 76 -21.08 62.44 -20.34
C ILE P 76 -20.54 61.26 -21.17
N LEU P 77 -21.43 60.34 -21.52
CA LEU P 77 -21.09 59.12 -22.27
C LEU P 77 -21.24 59.32 -23.79
N LYS P 78 -22.03 60.30 -24.21
CA LYS P 78 -22.08 60.69 -25.61
C LYS P 78 -20.71 61.26 -25.98
N LYS P 79 -20.09 61.93 -25.01
CA LYS P 79 -18.75 62.49 -25.17
C LYS P 79 -17.71 61.38 -25.39
N LEU P 80 -17.80 60.32 -24.59
CA LEU P 80 -16.83 59.23 -24.64
C LEU P 80 -17.02 58.31 -25.85
N GLN P 81 -18.23 58.27 -26.42
CA GLN P 81 -18.46 57.48 -27.64
C GLN P 81 -17.71 58.11 -28.81
N VAL P 82 -17.45 59.42 -28.73
CA VAL P 82 -16.65 60.13 -29.73
C VAL P 82 -15.15 59.79 -29.62
N GLN P 83 -14.77 59.02 -28.60
CA GLN P 83 -13.44 58.40 -28.53
C GLN P 83 -13.51 56.94 -28.97
N GLY P 84 -14.55 56.60 -29.74
CA GLY P 84 -14.74 55.26 -30.29
C GLY P 84 -14.81 54.14 -29.25
N ASN P 85 -15.04 54.50 -27.99
CA ASN P 85 -15.03 53.52 -26.91
C ASN P 85 -16.18 52.53 -27.10
N TRP P 86 -17.34 53.07 -27.49
CA TRP P 86 -18.56 52.29 -27.70
C TRP P 86 -19.27 52.78 -28.96
N THR P 87 -20.28 52.05 -29.42
CA THR P 87 -20.96 52.40 -30.67
C THR P 87 -21.90 53.59 -30.48
N ASN P 88 -22.93 53.45 -29.62
CA ASN P 88 -23.75 54.60 -29.25
C ASN P 88 -24.40 54.48 -27.87
N VAL P 89 -24.98 55.60 -27.42
CA VAL P 89 -25.64 55.68 -26.11
C VAL P 89 -27.15 55.89 -26.31
N LEU P 90 -27.94 55.28 -25.44
CA LEU P 90 -29.40 55.44 -25.48
C LEU P 90 -29.88 56.10 -24.20
N TYR P 91 -30.95 56.88 -24.32
CA TYR P 91 -31.52 57.61 -23.19
C TYR P 91 -33.04 57.46 -23.22
N ASP P 92 -33.59 56.95 -22.13
CA ASP P 92 -35.02 56.75 -22.00
C ASP P 92 -35.42 57.29 -20.64
N ASP P 93 -36.19 58.38 -20.64
CA ASP P 93 -36.73 58.96 -19.41
C ASP P 93 -38.24 58.73 -19.29
N GLN P 94 -38.69 57.58 -19.81
CA GLN P 94 -40.09 57.18 -19.71
C GLN P 94 -40.18 55.75 -19.20
N VAL P 95 -39.41 55.49 -18.14
CA VAL P 95 -39.17 54.14 -17.62
C VAL P 95 -39.87 53.92 -16.29
N GLY P 96 -40.61 52.82 -16.19
CA GLY P 96 -41.29 52.45 -14.97
C GLY P 96 -40.68 51.20 -14.38
N LYS P 97 -40.19 51.31 -13.15
CA LYS P 97 -39.65 50.15 -12.45
C LYS P 97 -40.74 49.55 -11.59
N VAL P 98 -40.99 48.25 -11.77
CA VAL P 98 -41.95 47.52 -10.93
C VAL P 98 -41.16 46.45 -10.17
N SER P 99 -41.55 46.20 -8.93
CA SER P 99 -40.85 45.22 -8.11
C SER P 99 -41.78 44.43 -7.17
N LEU P 100 -41.55 43.13 -7.07
CA LEU P 100 -42.17 42.28 -6.06
C LEU P 100 -41.11 41.94 -5.00
N VAL P 101 -41.47 42.06 -3.73
CA VAL P 101 -40.53 41.81 -2.63
C VAL P 101 -40.98 40.63 -1.79
N GLY P 102 -40.02 39.73 -1.53
CA GLY P 102 -40.26 38.54 -0.72
C GLY P 102 -38.95 37.88 -0.32
N ALA P 103 -39.04 36.60 0.05
CA ALA P 103 -37.89 35.81 0.50
C ALA P 103 -37.60 34.66 -0.47
N HIS P 108 -38.80 26.35 -3.56
CA HIS P 108 -39.87 26.99 -4.33
C HIS P 108 -39.32 28.04 -5.31
N PRO P 109 -38.89 27.61 -6.50
CA PRO P 109 -38.50 28.54 -7.56
C PRO P 109 -39.62 28.93 -8.54
N GLY P 110 -40.86 28.60 -8.20
CA GLY P 110 -42.01 28.85 -9.07
C GLY P 110 -42.56 30.27 -9.04
N VAL P 111 -42.07 31.09 -8.11
CA VAL P 111 -42.54 32.47 -7.96
C VAL P 111 -42.11 33.35 -9.14
N THR P 112 -40.84 33.25 -9.53
CA THR P 112 -40.32 34.01 -10.67
C THR P 112 -41.19 33.81 -11.91
N ALA P 113 -41.69 32.59 -12.10
CA ALA P 113 -42.54 32.29 -13.26
C ALA P 113 -43.83 33.13 -13.26
N GLU P 114 -44.59 33.03 -12.17
CA GLU P 114 -45.90 33.69 -12.09
C GLU P 114 -45.82 35.22 -12.15
N PHE P 115 -44.66 35.79 -11.79
CA PHE P 115 -44.43 37.23 -11.95
C PHE P 115 -44.67 37.65 -13.40
N MET P 116 -44.29 36.78 -14.33
CA MET P 116 -44.38 37.05 -15.75
C MET P 116 -45.83 36.92 -16.23
N GLU P 117 -46.51 35.88 -15.77
CA GLU P 117 -47.92 35.65 -16.11
C GLU P 117 -48.81 36.86 -15.86
N ALA P 118 -48.64 37.49 -14.69
CA ALA P 118 -49.43 38.66 -14.31
C ALA P 118 -49.29 39.79 -15.33
N LEU P 119 -48.07 39.99 -15.82
CA LEU P 119 -47.78 41.04 -16.79
C LEU P 119 -48.28 40.64 -18.18
N ARG P 120 -48.10 39.37 -18.54
CA ARG P 120 -48.65 38.82 -19.78
C ARG P 120 -50.15 39.07 -19.85
N ASP P 121 -50.85 38.69 -18.77
CA ASP P 121 -52.31 38.80 -18.71
C ASP P 121 -52.82 40.22 -18.96
N VAL P 122 -52.11 41.23 -18.46
CA VAL P 122 -52.47 42.64 -18.67
C VAL P 122 -51.91 43.22 -19.98
N ASN P 123 -51.19 42.41 -20.75
CA ASN P 123 -50.62 42.82 -22.03
C ASN P 123 -49.65 43.99 -21.85
N VAL P 124 -48.54 43.72 -21.17
CA VAL P 124 -47.46 44.69 -20.99
C VAL P 124 -46.11 44.00 -21.17
N ASN P 125 -45.20 44.68 -21.86
CA ASN P 125 -43.92 44.10 -22.27
C ASN P 125 -42.86 44.28 -21.19
N ILE P 126 -42.30 43.17 -20.72
CA ILE P 126 -41.11 43.21 -19.86
C ILE P 126 -39.90 43.58 -20.70
N GLU P 127 -39.35 44.77 -20.46
CA GLU P 127 -38.21 45.27 -21.23
C GLU P 127 -36.88 44.83 -20.61
N LEU P 128 -36.66 45.22 -19.35
CA LEU P 128 -35.49 44.80 -18.60
C LEU P 128 -35.96 44.03 -17.38
N ILE P 129 -35.23 42.98 -17.02
CA ILE P 129 -35.53 42.25 -15.79
C ILE P 129 -34.24 42.03 -15.01
N SER P 130 -34.38 41.97 -13.69
CA SER P 130 -33.25 41.71 -12.83
C SER P 130 -33.84 41.17 -11.54
N THR P 131 -33.47 39.95 -11.19
CA THR P 131 -34.00 39.33 -10.00
C THR P 131 -32.90 38.92 -9.03
N SER P 132 -33.34 38.40 -7.89
CA SER P 132 -32.50 37.73 -6.92
C SER P 132 -33.40 36.91 -5.99
N GLU P 133 -32.78 36.16 -5.08
CA GLU P 133 -33.49 35.39 -4.04
C GLU P 133 -34.61 36.18 -3.35
N ILE P 134 -34.41 37.48 -3.13
CA ILE P 134 -35.34 38.31 -2.36
C ILE P 134 -36.03 39.43 -3.13
N ARG P 135 -35.83 39.50 -4.45
CA ARG P 135 -36.44 40.59 -5.22
C ARG P 135 -36.57 40.28 -6.69
N ILE P 136 -37.69 40.70 -7.25
CA ILE P 136 -37.91 40.66 -8.67
C ILE P 136 -38.20 42.10 -9.07
N SER P 137 -37.44 42.60 -10.04
CA SER P 137 -37.68 43.90 -10.59
C SER P 137 -37.77 43.79 -12.10
N VAL P 138 -38.64 44.60 -12.71
CA VAL P 138 -38.67 44.76 -14.15
C VAL P 138 -38.81 46.24 -14.49
N LEU P 139 -38.27 46.66 -15.63
CA LEU P 139 -38.53 47.98 -16.18
C LEU P 139 -39.55 47.84 -17.28
N ILE P 140 -40.51 48.75 -17.35
CA ILE P 140 -41.42 48.88 -18.49
C ILE P 140 -41.79 50.35 -18.74
N ARG P 141 -42.56 50.58 -19.81
CA ARG P 141 -43.21 51.87 -20.07
C ARG P 141 -43.90 52.33 -18.80
N GLU P 142 -43.70 53.60 -18.44
CA GLU P 142 -44.31 54.16 -17.23
C GLU P 142 -45.84 54.19 -17.25
N ASP P 143 -46.44 54.28 -18.44
CA ASP P 143 -47.90 54.24 -18.59
C ASP P 143 -48.50 52.87 -18.34
N ASP P 144 -47.67 51.82 -18.41
CA ASP P 144 -48.11 50.45 -18.15
C ASP P 144 -47.75 49.99 -16.72
N LEU P 145 -47.48 50.95 -15.83
CA LEU P 145 -47.04 50.65 -14.47
C LEU P 145 -48.20 50.17 -13.59
N ASP P 146 -49.23 51.01 -13.44
CA ASP P 146 -50.39 50.70 -12.58
C ASP P 146 -51.01 49.37 -12.94
N ALA P 147 -51.21 49.15 -14.24
CA ALA P 147 -51.75 47.90 -14.77
C ALA P 147 -50.93 46.71 -14.25
N ALA P 148 -49.61 46.87 -14.25
CA ALA P 148 -48.70 45.88 -13.68
C ALA P 148 -48.88 45.81 -12.16
N ALA P 149 -48.80 46.97 -11.51
CA ALA P 149 -48.94 47.08 -10.06
C ALA P 149 -50.21 46.39 -9.57
N ARG P 150 -51.29 46.52 -10.33
CA ARG P 150 -52.57 45.87 -10.01
C ARG P 150 -52.49 44.34 -10.09
N ALA P 151 -51.91 43.83 -11.17
CA ALA P 151 -51.82 42.39 -11.41
C ALA P 151 -50.87 41.69 -10.44
N LEU P 152 -49.82 42.39 -10.02
CA LEU P 152 -48.90 41.88 -9.01
C LEU P 152 -49.58 41.86 -7.65
N HIS P 153 -50.43 42.86 -7.38
CA HIS P 153 -51.24 42.88 -6.16
C HIS P 153 -52.14 41.64 -6.05
N GLU P 154 -52.62 41.14 -7.19
CA GLU P 154 -53.51 39.98 -7.23
C GLU P 154 -52.76 38.64 -7.36
N GLN P 155 -51.49 38.67 -7.77
CA GLN P 155 -50.67 37.46 -7.75
C GLN P 155 -50.54 36.98 -6.30
N PHE P 156 -50.42 35.67 -6.11
CA PHE P 156 -50.43 35.07 -4.76
C PHE P 156 -49.72 35.95 -3.72
N GLN P 157 -50.50 36.55 -2.83
CA GLN P 157 -49.98 37.38 -1.73
C GLN P 157 -49.06 38.51 -2.23
N THR Q . -58.50 4.80 -24.29
CA THR Q . -57.63 5.90 -23.89
C THR Q . -57.07 6.65 -25.09
O THR Q . -57.28 6.24 -26.24
CB THR Q . -56.43 5.38 -23.12
OG1 THR Q . -55.76 4.40 -23.92
CG2 THR Q . -56.86 4.78 -21.78
OXT THR Q . -56.40 7.67 -24.93
N LYS R . -49.00 -19.70 -29.01
CA LYS R . -48.04 -19.96 -27.90
C LYS R . -48.78 -20.54 -26.71
O LYS R . -49.96 -20.90 -26.84
CB LYS R . -47.30 -18.68 -27.53
CG LYS R . -47.94 -17.83 -26.44
CD LYS R . -48.16 -16.40 -26.82
CE LYS R . -46.90 -15.65 -27.18
NZ LYS R . -47.24 -14.65 -28.25
OXT LYS R . -48.21 -20.65 -25.62
N THR S . -49.53 -13.93 -9.72
CA THR S . -50.13 -14.77 -10.75
C THR S . -49.22 -15.96 -11.06
O THR S . -48.00 -15.88 -10.87
CB THR S . -50.40 -13.91 -12.00
OG1 THR S . -51.79 -13.55 -12.02
CG2 THR S . -50.07 -14.61 -13.24
OXT THR S . -49.70 -17.03 -11.45
N THR T . 37.10 18.09 -51.18
CA THR T . 35.96 17.37 -50.63
C THR T . 34.76 17.60 -51.53
O THR T . 34.68 18.65 -52.18
CB THR T . 35.70 17.83 -49.18
OG1 THR T . 36.77 17.38 -48.35
CG2 THR T . 34.38 17.30 -48.66
OXT THR T . 33.86 16.75 -51.67
N LYS U . 31.63 40.21 -34.93
CA LYS U . 32.05 39.16 -33.96
C LYS U . 33.48 39.41 -33.46
O LYS U . 34.25 40.19 -34.02
CB LYS U . 31.99 37.79 -34.62
CG LYS U . 31.52 36.65 -33.74
CD LYS U . 31.54 35.33 -34.48
CE LYS U . 30.22 35.09 -35.23
NZ LYS U . 30.22 35.53 -36.66
OXT LYS U . 33.88 38.79 -32.49
N THR V . 40.36 24.05 -26.54
CA THR V . 41.03 25.34 -26.76
C THR V . 40.48 26.46 -25.86
O THR V . 39.58 26.23 -25.05
CB THR V . 40.93 25.78 -28.22
OG1 THR V . 41.76 26.92 -28.42
CG2 THR V . 39.54 26.16 -28.58
OXT THR V . 40.94 27.60 -25.92
N THR W . 17.79 -15.75 -59.85
CA THR W . 18.21 -14.54 -59.14
C THR W . 19.69 -14.57 -58.77
O THR W . 20.53 -14.96 -59.58
CB THR W . 17.36 -14.31 -57.85
OG1 THR W . 17.62 -15.33 -56.89
CG2 THR W . 15.88 -14.29 -58.19
OXT THR W . 20.08 -14.20 -57.67
N LYS X . 10.84 -38.35 -48.31
CA LYS X . 9.57 -38.16 -47.57
C LYS X . 8.36 -38.13 -48.50
O LYS X . 8.41 -38.51 -49.67
CB LYS X . 9.63 -36.89 -46.75
CG LYS X . 10.01 -35.64 -47.52
CD LYS X . 9.94 -34.43 -46.62
CE LYS X . 11.08 -33.48 -46.82
NZ LYS X . 12.38 -34.12 -46.57
OXT LYS X . 7.28 -37.70 -48.09
N THR Y . -2.69 -23.66 -47.54
CA THR Y . -2.84 -24.69 -48.56
C THR Y . -3.10 -26.05 -47.91
O THR Y . -3.23 -26.16 -46.68
CB THR Y . -1.55 -24.74 -49.45
OG1 THR Y . -1.90 -25.18 -50.77
CG2 THR Y . -0.50 -25.64 -48.85
OXT THR Y . -3.16 -27.07 -48.56
N THR Z . 55.34 -8.21 29.57
CA THR Z . 54.46 -8.94 28.68
C THR Z . 55.21 -9.60 27.51
O THR Z . 56.43 -9.42 27.40
CB THR Z . 53.32 -8.02 28.15
OG1 THR Z . 52.15 -8.17 28.96
CG2 THR Z . 52.96 -8.35 26.72
OXT THR Z . 54.64 -10.32 26.68
N LYS AA . 56.97 17.15 19.15
CA LYS AA . 55.52 17.04 19.49
C LYS AA . 55.23 17.81 20.78
O LYS AA . 56.14 18.06 21.57
CB LYS AA . 55.18 15.55 19.65
CG LYS AA . 53.71 15.24 19.71
CD LYS AA . 53.47 13.76 19.90
CE LYS AA . 53.82 12.95 18.66
NZ LYS AA . 55.08 12.17 18.83
OXT LYS AA . 54.08 18.20 21.07
N THR BA . 40.26 12.75 29.84
CA THR BA . 41.48 13.34 30.33
C THR BA . 41.75 14.69 29.65
O THR BA . 41.02 15.12 28.74
CB THR BA . 42.68 12.35 30.18
OG1 THR BA . 43.06 11.84 31.49
CG2 THR BA . 43.88 13.00 29.53
OXT THR BA . 42.68 15.43 30.01
N THR CA . 44.80 -43.23 15.98
CA THR CA . 44.12 -41.99 16.29
C THR CA . 44.00 -41.79 17.80
O THR CA . 43.92 -42.75 18.58
CB THR CA . 42.72 -41.93 15.63
OG1 THR CA . 42.84 -41.45 14.28
CG2 THR CA . 41.79 -41.02 16.40
OXT THR CA . 44.01 -40.66 18.28
N THR DA . 26.90 -45.49 -1.87
CA THR DA . 26.78 -46.94 -1.86
C THR DA . 25.32 -47.39 -1.77
O THR DA . 24.38 -46.60 -1.81
CB THR DA . 27.60 -47.57 -0.72
OG1 THR DA . 26.96 -47.31 0.53
CG2 THR DA . 28.99 -46.99 -0.69
OXT THR DA . 25.05 -48.57 -1.68
N THR EA . -23.20 16.71 58.22
CA THR EA . -22.83 15.77 57.19
C THR EA . -21.92 14.66 57.75
O THR EA . -21.23 14.86 58.78
CB THR EA . -22.20 16.53 55.99
OG1 THR EA . -23.09 16.48 54.86
CG2 THR EA . -20.85 16.01 55.63
OXT THR EA . -21.86 13.54 57.25
N LYS FA . -5.38 35.75 52.13
CA LYS FA . -4.25 35.84 51.18
C LYS FA . -4.81 36.33 49.90
O LYS FA . -5.98 36.62 49.86
CB LYS FA . -3.54 34.51 50.99
CG LYS FA . -4.15 33.53 49.96
CD LYS FA . -5.40 32.80 50.44
CE LYS FA . -5.54 31.40 49.77
NZ LYS FA . -4.98 30.29 50.63
OXT LYS FA . -4.15 36.43 48.87
N THR GA . -18.69 33.14 39.55
CA THR GA . -18.31 34.35 40.26
C THR GA . -17.02 34.96 39.70
O THR GA . -16.52 34.57 38.64
CB THR GA . -18.13 34.05 41.74
OG1 THR GA . -16.98 33.22 41.92
CG2 THR GA . -19.37 33.34 42.28
OXT THR GA . -16.47 35.89 40.28
N THR HA . -29.08 -19.40 52.77
CA THR HA . -28.65 -18.04 52.42
C THR HA . -29.85 -17.11 52.30
O THR HA . -30.97 -17.50 52.60
CB THR HA . -27.90 -18.04 51.08
OG1 THR HA . -28.72 -18.63 50.08
CG2 THR HA . -26.58 -18.82 51.18
OXT THR HA . -29.73 -15.96 51.90
N LYS IA . -37.24 -35.34 33.14
CA LYS IA . -36.20 -35.71 32.13
C LYS IA . -35.22 -36.74 32.68
O LYS IA . -35.47 -37.46 33.65
CB LYS IA . -35.48 -34.43 31.64
CG LYS IA . -34.32 -33.92 32.49
CD LYS IA . -34.68 -32.94 33.54
CE LYS IA . -34.82 -31.53 33.03
NZ LYS IA . -35.68 -30.77 34.02
OXT LYS IA . -34.12 -36.90 32.18
N THR JA . -17.78 -33.43 35.64
CA THR JA . -18.41 -34.74 35.73
C THR JA . -18.90 -35.26 34.38
O THR JA . -18.77 -34.60 33.33
CB THR JA . -19.57 -34.70 36.72
OG1 THR JA . -20.57 -33.77 36.27
CG2 THR JA . -19.08 -34.31 38.11
OXT THR JA . -19.43 -36.39 34.32
N THR KA . -41.05 41.36 -22.54
CA THR KA . -40.91 39.97 -22.86
C THR KA . -41.96 39.17 -22.11
O THR KA . -42.46 39.62 -21.08
CB THR KA . -39.49 39.49 -22.52
OG1 THR KA . -38.58 40.02 -23.48
CG2 THR KA . -39.41 37.97 -22.55
OXT THR KA . -42.37 38.09 -22.52
N LYS LA . -25.54 54.53 -5.98
CA LYS LA . -24.43 53.62 -6.38
C LYS LA . -23.40 54.39 -7.21
O LYS LA . -23.69 55.41 -7.85
CB LYS LA . -25.00 52.48 -7.20
CG LYS LA . -24.56 51.12 -6.79
CD LYS LA . -25.25 50.06 -7.63
CE LYS LA . -26.50 49.52 -6.95
NZ LYS LA . -27.66 50.42 -7.07
OXT LYS LA . -22.23 53.99 -7.27
N THR MA . -16.09 43.01 -19.26
CA THR MA . -15.96 44.46 -19.26
C THR MA . -15.12 44.96 -18.09
O THR MA . -14.61 44.20 -17.26
CB THR MA . -17.34 45.15 -19.20
OG1 THR MA . -18.05 44.68 -18.05
CG2 THR MA . -18.16 44.87 -20.47
OXT THR MA . -14.89 46.15 -17.95
#